data_7EQI
#
_entry.id   7EQI
#
_cell.length_a   99.473
_cell.length_b   186.583
_cell.length_c   189.750
_cell.angle_alpha   90.000
_cell.angle_beta   90.000
_cell.angle_gamma   90.000
#
_symmetry.space_group_name_H-M   'P 21 21 21'
#
loop_
_entity.id
_entity.type
_entity.pdbx_description
1 polymer ChlB3
2 water water
#
_entity_poly.entity_id   1
_entity_poly.type   'polypeptide(L)'
_entity_poly.pdbx_seq_one_letter_code
;MRTPDIFIKATGRFLPETVSVEWAVEQGHYSAEDAELHELGGAAVAGDTPAPDMALWAAQQAVKRCGHRPEDLGLLLYVD
SWHQGPDGWQPQYYLQRHLVGGDVLAVEIQQGCNGMFSALELAAAHLRAGPRPGSALVVAADNFGTPLFDRWTTGPGYIA
GDGAGAVVLTTEPGFARLLAVRSLAVPEAEQMHRGAEPLFPPGATIGRPLNFTSRNAAFRELSLTEGLGTGALMRVHQRT
LEVVEKTLSEAGITLGDITRVAYMNFSREIVEQRCMAALGLPMSASTWEFGRKLGHLGASDQVVALDELVTTGELGPGDH
LLMLGMGPGVTLSCAVVKVLTPAPWSD
;
_entity_poly.pdbx_strand_id   A,B,C,D,E,F,G,H
#
# COMPACT_ATOMS: atom_id res chain seq x y z
N PRO A 4 -9.09 -27.55 12.48
CA PRO A 4 -9.24 -28.82 11.75
C PRO A 4 -7.90 -29.37 11.27
N ASP A 5 -7.59 -30.61 11.64
CA ASP A 5 -6.33 -31.25 11.28
C ASP A 5 -6.43 -31.96 9.93
N ILE A 6 -5.36 -31.87 9.14
CA ILE A 6 -5.29 -32.53 7.83
C ILE A 6 -4.15 -33.55 7.85
N PHE A 7 -4.49 -34.83 7.86
CA PHE A 7 -3.51 -35.91 7.97
C PHE A 7 -3.19 -36.52 6.61
N ILE A 8 -1.92 -36.89 6.43
CA ILE A 8 -1.49 -37.61 5.24
C ILE A 8 -1.66 -39.11 5.50
N LYS A 9 -2.66 -39.71 4.87
CA LYS A 9 -2.98 -41.12 5.08
C LYS A 9 -1.90 -42.04 4.49
N ALA A 10 -1.44 -41.71 3.29
CA ALA A 10 -0.39 -42.50 2.63
C ALA A 10 0.26 -41.70 1.49
N THR A 11 1.39 -42.21 1.01
CA THR A 11 2.09 -41.61 -0.12
C THR A 11 2.72 -42.70 -1.00
N GLY A 12 2.79 -42.44 -2.30
CA GLY A 12 3.33 -43.39 -3.28
C GLY A 12 3.99 -42.69 -4.45
N ARG A 13 4.77 -43.44 -5.22
CA ARG A 13 5.44 -42.89 -6.40
C ARG A 13 5.71 -43.94 -7.47
N PHE A 14 6.15 -43.47 -8.64
CA PHE A 14 6.62 -44.33 -9.72
C PHE A 14 7.89 -43.75 -10.32
N LEU A 15 8.98 -44.51 -10.26
CA LEU A 15 10.27 -44.08 -10.79
C LEU A 15 10.82 -45.12 -11.76
N PRO A 16 11.01 -44.73 -13.05
CA PRO A 16 11.55 -45.66 -14.03
C PRO A 16 13.07 -45.85 -13.88
N GLU A 17 13.66 -46.65 -14.77
CA GLU A 17 15.09 -46.94 -14.73
C GLU A 17 15.94 -45.68 -14.90
N THR A 18 16.97 -45.56 -14.07
CA THR A 18 17.82 -44.37 -14.05
C THR A 18 18.97 -44.46 -15.03
N VAL A 19 19.19 -43.38 -15.79
CA VAL A 19 20.33 -43.26 -16.70
C VAL A 19 21.37 -42.37 -16.03
N SER A 20 22.59 -42.89 -15.89
CA SER A 20 23.68 -42.17 -15.21
C SER A 20 24.25 -41.06 -16.08
N VAL A 21 25.01 -40.16 -15.46
CA VAL A 21 25.65 -39.03 -16.16
C VAL A 21 26.84 -39.47 -17.00
N GLU A 22 27.49 -40.56 -16.59
CA GLU A 22 28.62 -41.12 -17.35
C GLU A 22 28.18 -41.62 -18.73
N TRP A 23 26.96 -42.14 -18.81
CA TRP A 23 26.36 -42.55 -20.08
C TRP A 23 26.08 -41.34 -20.96
N ALA A 24 25.48 -40.30 -20.36
CA ALA A 24 25.13 -39.07 -21.08
C ALA A 24 26.36 -38.33 -21.62
N VAL A 25 27.46 -38.40 -20.89
CA VAL A 25 28.71 -37.77 -21.30
C VAL A 25 29.35 -38.46 -22.50
N GLU A 26 29.16 -39.77 -22.62
CA GLU A 26 29.73 -40.55 -23.72
C GLU A 26 29.06 -40.25 -25.05
N GLN A 27 27.73 -40.22 -25.06
CA GLN A 27 26.96 -39.94 -26.28
C GLN A 27 27.05 -38.47 -26.72
N GLY A 28 27.34 -37.58 -25.78
CA GLY A 28 27.47 -36.15 -26.07
C GLY A 28 26.22 -35.35 -25.80
N HIS A 29 25.33 -35.88 -24.95
CA HIS A 29 24.12 -35.15 -24.55
C HIS A 29 24.46 -34.16 -23.45
N TYR A 30 25.09 -34.67 -22.39
CA TYR A 30 25.49 -33.86 -21.24
C TYR A 30 26.99 -33.55 -21.33
N SER A 31 27.37 -32.37 -20.84
CA SER A 31 28.77 -31.92 -20.90
C SER A 31 29.60 -32.56 -19.78
N ALA A 32 30.89 -32.71 -20.03
CA ALA A 32 31.83 -33.27 -19.05
C ALA A 32 32.11 -32.27 -17.94
N GLU A 33 32.24 -31.00 -18.30
CA GLU A 33 32.44 -29.92 -17.32
C GLU A 33 31.23 -29.77 -16.40
N ASP A 34 30.03 -29.92 -16.94
CA ASP A 34 28.80 -29.83 -16.15
C ASP A 34 28.64 -31.01 -15.19
N ALA A 35 29.16 -32.17 -15.59
CA ALA A 35 29.18 -33.36 -14.73
C ALA A 35 30.13 -33.17 -13.53
N GLU A 36 31.18 -32.39 -13.74
CA GLU A 36 32.11 -32.04 -12.66
C GLU A 36 31.60 -30.86 -11.84
N LEU A 37 30.95 -29.90 -12.51
CA LEU A 37 30.41 -28.70 -11.86
C LEU A 37 29.21 -29.08 -10.99
N HIS A 38 28.26 -29.80 -11.58
CA HIS A 38 27.11 -30.34 -10.86
C HIS A 38 27.38 -31.82 -10.59
N GLU A 39 27.54 -32.18 -9.31
CA GLU A 39 27.88 -33.55 -8.93
C GLU A 39 26.64 -34.46 -8.90
N LEU A 40 25.99 -34.59 -10.05
CA LEU A 40 24.73 -35.35 -10.15
C LEU A 40 25.00 -36.83 -10.33
N GLY A 41 23.98 -37.65 -10.02
CA GLY A 41 24.07 -39.09 -10.15
C GLY A 41 23.51 -39.59 -11.47
N GLY A 42 22.27 -39.19 -11.77
CA GLY A 42 21.62 -39.59 -13.02
C GLY A 42 20.23 -39.00 -13.17
N ALA A 43 19.47 -39.54 -14.12
CA ALA A 43 18.11 -39.08 -14.39
C ALA A 43 17.21 -40.26 -14.73
N ALA A 44 16.01 -40.29 -14.13
CA ALA A 44 15.05 -41.36 -14.37
C ALA A 44 14.33 -41.14 -15.70
N VAL A 45 14.54 -42.05 -16.64
CA VAL A 45 13.97 -41.94 -17.99
C VAL A 45 12.91 -43.00 -18.23
N ALA A 46 11.69 -42.55 -18.54
CA ALA A 46 10.57 -43.44 -18.83
C ALA A 46 10.61 -43.90 -20.28
N GLY A 47 10.77 -42.95 -21.19
CA GLY A 47 10.88 -43.23 -22.62
C GLY A 47 9.58 -43.03 -23.37
N ASP A 48 8.82 -44.12 -23.53
CA ASP A 48 7.56 -44.10 -24.28
C ASP A 48 6.32 -44.25 -23.39
N THR A 49 6.52 -44.34 -22.08
CA THR A 49 5.41 -44.46 -21.14
C THR A 49 4.78 -43.09 -20.89
N PRO A 50 3.47 -42.95 -21.17
CA PRO A 50 2.80 -41.66 -20.92
C PRO A 50 2.80 -41.24 -19.45
N ALA A 51 2.76 -39.93 -19.22
CA ALA A 51 2.73 -39.39 -17.85
C ALA A 51 1.44 -39.70 -17.09
N PRO A 52 0.29 -39.74 -17.78
CA PRO A 52 -0.95 -40.19 -17.13
C PRO A 52 -0.88 -41.60 -16.57
N ASP A 53 -0.18 -42.50 -17.28
CA ASP A 53 0.05 -43.86 -16.81
C ASP A 53 0.96 -43.89 -15.59
N MET A 54 2.00 -43.06 -15.59
CA MET A 54 2.92 -42.96 -14.45
C MET A 54 2.20 -42.41 -13.21
N ALA A 55 1.28 -41.48 -13.41
CA ALA A 55 0.44 -40.96 -12.33
C ALA A 55 -0.49 -42.04 -11.78
N LEU A 56 -1.01 -42.89 -12.67
CA LEU A 56 -1.88 -43.99 -12.29
C LEU A 56 -1.16 -45.03 -11.42
N TRP A 57 0.12 -45.28 -11.70
CA TRP A 57 0.91 -46.23 -10.91
C TRP A 57 1.18 -45.67 -9.51
N ALA A 58 1.51 -44.38 -9.45
CA ALA A 58 1.79 -43.70 -8.18
C ALA A 58 0.54 -43.57 -7.32
N ALA A 59 -0.61 -43.31 -7.96
CA ALA A 59 -1.89 -43.19 -7.26
C ALA A 59 -2.35 -44.53 -6.69
N GLN A 60 -2.18 -45.60 -7.47
CA GLN A 60 -2.55 -46.95 -7.04
C GLN A 60 -1.77 -47.42 -5.82
N GLN A 61 -0.49 -47.08 -5.75
CA GLN A 61 0.36 -47.46 -4.62
C GLN A 61 -0.04 -46.73 -3.35
N ALA A 62 -0.35 -45.44 -3.47
CA ALA A 62 -0.77 -44.63 -2.33
C ALA A 62 -2.12 -45.09 -1.77
N VAL A 63 -3.04 -45.47 -2.66
CA VAL A 63 -4.36 -45.97 -2.27
C VAL A 63 -4.25 -47.38 -1.67
N LYS A 64 -3.47 -48.24 -2.31
CA LYS A 64 -3.30 -49.63 -1.86
C LYS A 64 -2.47 -49.76 -0.58
N ARG A 65 -1.65 -48.75 -0.29
CA ARG A 65 -0.80 -48.77 0.90
C ARG A 65 -1.61 -48.74 2.20
N CYS A 66 -2.49 -47.75 2.31
CA CYS A 66 -3.32 -47.57 3.51
C CYS A 66 -4.65 -48.35 3.44
N GLY A 67 -4.96 -48.90 2.27
CA GLY A 67 -6.20 -49.66 2.08
C GLY A 67 -7.40 -48.74 1.95
N HIS A 68 -7.25 -47.68 1.15
CA HIS A 68 -8.29 -46.68 0.95
C HIS A 68 -9.20 -47.08 -0.21
N ARG A 69 -10.43 -46.56 -0.19
CA ARG A 69 -11.38 -46.79 -1.27
C ARG A 69 -11.34 -45.61 -2.25
N PRO A 70 -10.99 -45.87 -3.52
CA PRO A 70 -10.96 -44.81 -4.54
C PRO A 70 -12.24 -44.00 -4.67
N GLU A 71 -13.39 -44.65 -4.48
CA GLU A 71 -14.69 -43.98 -4.57
C GLU A 71 -14.95 -42.99 -3.43
N ASP A 72 -14.31 -43.23 -2.28
CA ASP A 72 -14.49 -42.38 -1.11
C ASP A 72 -13.82 -41.00 -1.23
N LEU A 73 -12.87 -40.86 -2.16
CA LEU A 73 -12.21 -39.58 -2.43
C LEU A 73 -13.23 -38.50 -2.82
N GLY A 74 -12.99 -37.28 -2.36
CA GLY A 74 -13.85 -36.14 -2.69
C GLY A 74 -13.15 -35.08 -3.54
N LEU A 75 -11.90 -35.34 -3.93
CA LEU A 75 -11.12 -34.40 -4.73
C LEU A 75 -9.94 -35.10 -5.40
N LEU A 76 -9.63 -34.67 -6.62
CA LEU A 76 -8.47 -35.18 -7.35
C LEU A 76 -7.73 -33.98 -7.97
N LEU A 77 -6.47 -33.81 -7.57
CA LEU A 77 -5.64 -32.71 -8.06
C LEU A 77 -4.42 -33.22 -8.82
N TYR A 78 -4.49 -33.19 -10.15
CA TYR A 78 -3.40 -33.62 -11.02
C TYR A 78 -2.53 -32.41 -11.34
N VAL A 79 -1.26 -32.45 -10.92
CA VAL A 79 -0.34 -31.34 -11.15
C VAL A 79 0.75 -31.73 -12.16
N ASP A 80 1.25 -30.75 -12.91
CA ASP A 80 2.30 -30.99 -13.90
C ASP A 80 2.93 -29.69 -14.42
N SER A 81 4.16 -29.79 -14.90
CA SER A 81 4.90 -28.64 -15.46
C SER A 81 5.19 -28.78 -16.95
N TRP A 82 4.75 -29.87 -17.57
CA TRP A 82 5.00 -30.13 -19.00
C TRP A 82 3.82 -30.88 -19.62
N HIS A 83 3.71 -30.79 -20.94
CA HIS A 83 2.61 -31.43 -21.69
C HIS A 83 2.44 -32.90 -21.32
N GLN A 84 1.19 -33.31 -21.13
CA GLN A 84 0.84 -34.66 -20.69
C GLN A 84 0.41 -35.54 -21.84
N GLY A 85 -0.53 -35.05 -22.65
CA GLY A 85 -1.06 -35.79 -23.78
C GLY A 85 -1.63 -34.89 -24.86
N PRO A 86 -2.65 -35.37 -25.60
CA PRO A 86 -3.30 -34.59 -26.64
C PRO A 86 -3.92 -33.28 -26.13
N ASP A 87 -3.90 -32.25 -26.97
CA ASP A 87 -4.45 -30.94 -26.61
C ASP A 87 -5.98 -30.98 -26.65
N GLY A 88 -6.60 -30.21 -25.76
CA GLY A 88 -8.05 -30.25 -25.57
C GLY A 88 -8.48 -31.50 -24.81
N TRP A 89 -7.57 -32.02 -23.99
CA TRP A 89 -7.85 -33.21 -23.17
C TRP A 89 -6.92 -33.19 -21.96
N GLN A 90 -7.52 -33.31 -20.77
CA GLN A 90 -6.77 -33.22 -19.51
C GLN A 90 -6.52 -34.61 -18.93
N PRO A 91 -5.40 -34.78 -18.19
CA PRO A 91 -4.94 -36.10 -17.76
C PRO A 91 -5.73 -36.73 -16.60
N GLN A 92 -6.37 -35.91 -15.77
CA GLN A 92 -7.09 -36.41 -14.58
C GLN A 92 -8.25 -37.36 -14.92
N TYR A 93 -8.79 -37.27 -16.13
CA TYR A 93 -9.86 -38.17 -16.57
C TYR A 93 -9.38 -39.60 -16.73
N TYR A 94 -8.08 -39.77 -17.01
CA TYR A 94 -7.47 -41.09 -17.13
C TYR A 94 -7.47 -41.82 -15.79
N LEU A 95 -7.13 -41.11 -14.72
CA LEU A 95 -7.19 -41.65 -13.35
C LEU A 95 -8.63 -41.78 -12.89
N GLN A 96 -9.49 -40.88 -13.35
CA GLN A 96 -10.93 -40.93 -13.04
C GLN A 96 -11.59 -42.18 -13.65
N ARG A 97 -11.08 -42.61 -14.80
CA ARG A 97 -11.60 -43.81 -15.48
C ARG A 97 -11.07 -45.11 -14.86
N HIS A 98 -9.76 -45.15 -14.61
CA HIS A 98 -9.10 -46.39 -14.18
C HIS A 98 -8.79 -46.47 -12.68
N LEU A 99 -9.45 -45.66 -11.85
CA LEU A 99 -9.19 -45.66 -10.42
C LEU A 99 -10.29 -45.01 -9.58
N VAL A 100 -10.38 -43.69 -9.64
CA VAL A 100 -11.19 -42.92 -8.69
C VAL A 100 -12.69 -43.05 -8.96
N GLY A 101 -13.09 -42.78 -10.20
CA GLY A 101 -14.50 -42.78 -10.59
C GLY A 101 -15.03 -41.38 -10.77
N GLY A 102 -16.15 -41.25 -11.47
CA GLY A 102 -16.70 -39.95 -11.85
C GLY A 102 -17.64 -39.29 -10.85
N ASP A 103 -17.40 -39.52 -9.56
CA ASP A 103 -18.18 -38.87 -8.50
C ASP A 103 -17.28 -37.99 -7.63
N VAL A 104 -16.25 -37.40 -8.24
CA VAL A 104 -15.30 -36.54 -7.54
C VAL A 104 -15.01 -35.28 -8.35
N LEU A 105 -14.40 -34.29 -7.70
CA LEU A 105 -13.98 -33.06 -8.37
C LEU A 105 -12.56 -33.24 -8.92
N ALA A 106 -12.46 -33.63 -10.19
CA ALA A 106 -11.17 -33.81 -10.85
C ALA A 106 -10.80 -32.54 -11.60
N VAL A 107 -9.56 -32.08 -11.41
CA VAL A 107 -9.10 -30.81 -11.98
C VAL A 107 -7.58 -30.74 -12.05
N GLU A 108 -7.06 -30.22 -13.17
CA GLU A 108 -5.63 -30.13 -13.41
C GLU A 108 -5.05 -28.85 -12.83
N ILE A 109 -4.03 -28.99 -11.99
CA ILE A 109 -3.31 -27.85 -11.42
C ILE A 109 -2.02 -27.63 -12.22
N GLN A 110 -1.61 -26.37 -12.36
CA GLN A 110 -0.35 -26.02 -13.01
C GLN A 110 0.30 -24.80 -12.36
N GLN A 111 1.45 -25.01 -11.72
CA GLN A 111 2.24 -23.91 -11.16
C GLN A 111 3.74 -24.27 -11.19
N GLY A 112 4.18 -24.85 -12.30
CA GLY A 112 5.57 -25.27 -12.45
C GLY A 112 5.93 -26.41 -11.51
N CYS A 113 7.09 -26.30 -10.86
CA CYS A 113 7.55 -27.30 -9.90
C CYS A 113 6.90 -27.13 -8.52
N ASN A 114 6.29 -25.98 -8.28
CA ASN A 114 5.58 -25.71 -7.02
C ASN A 114 4.08 -26.04 -7.06
N GLY A 115 3.65 -26.72 -8.12
CA GLY A 115 2.25 -27.12 -8.26
C GLY A 115 1.75 -28.07 -7.19
N MET A 116 2.66 -28.88 -6.66
CA MET A 116 2.34 -29.82 -5.58
C MET A 116 1.99 -29.06 -4.29
N PHE A 117 2.75 -28.01 -4.00
CA PHE A 117 2.51 -27.19 -2.80
C PHE A 117 1.14 -26.50 -2.85
N SER A 118 0.80 -25.94 -4.00
CA SER A 118 -0.50 -25.28 -4.20
C SER A 118 -1.65 -26.27 -4.12
N ALA A 119 -1.43 -27.49 -4.63
CA ALA A 119 -2.43 -28.55 -4.55
C ALA A 119 -2.68 -28.96 -3.09
N LEU A 120 -1.63 -29.00 -2.29
CA LEU A 120 -1.75 -29.29 -0.86
C LEU A 120 -2.55 -28.22 -0.11
N GLU A 121 -2.41 -26.96 -0.53
CA GLU A 121 -3.20 -25.86 0.05
C GLU A 121 -4.68 -25.98 -0.32
N LEU A 122 -4.95 -26.18 -1.60
CA LEU A 122 -6.32 -26.31 -2.10
C LEU A 122 -7.01 -27.57 -1.57
N ALA A 123 -6.25 -28.66 -1.48
CA ALA A 123 -6.78 -29.93 -0.96
C ALA A 123 -7.10 -29.83 0.53
N ALA A 124 -6.19 -29.21 1.29
CA ALA A 124 -6.38 -29.02 2.73
C ALA A 124 -7.59 -28.12 3.03
N ALA A 125 -7.77 -27.09 2.20
CA ALA A 125 -8.92 -26.19 2.32
C ALA A 125 -10.23 -26.86 1.90
N HIS A 126 -10.15 -27.73 0.89
CA HIS A 126 -11.32 -28.46 0.40
C HIS A 126 -11.83 -29.47 1.43
N LEU A 127 -10.90 -30.15 2.11
CA LEU A 127 -11.25 -31.13 3.14
C LEU A 127 -11.83 -30.46 4.39
N ARG A 128 -11.28 -29.32 4.77
CA ARG A 128 -11.74 -28.58 5.94
C ARG A 128 -13.15 -28.03 5.74
N ALA A 129 -13.43 -27.51 4.55
CA ALA A 129 -14.73 -26.95 4.21
C ALA A 129 -15.79 -28.04 3.97
N GLY A 130 -15.34 -29.21 3.50
CA GLY A 130 -16.24 -30.31 3.16
C GLY A 130 -16.82 -31.05 4.37
N PRO A 131 -17.33 -32.27 4.16
CA PRO A 131 -17.93 -33.05 5.25
C PRO A 131 -16.91 -33.58 6.25
N ARG A 132 -17.39 -34.29 7.28
CA ARG A 132 -16.53 -34.76 8.38
C ARG A 132 -15.52 -35.81 7.93
N PRO A 133 -15.98 -36.95 7.39
CA PRO A 133 -15.04 -37.94 6.87
C PRO A 133 -14.66 -37.66 5.42
N GLY A 134 -13.57 -36.93 5.22
CA GLY A 134 -13.12 -36.52 3.89
C GLY A 134 -11.78 -37.12 3.51
N SER A 135 -11.50 -37.12 2.21
CA SER A 135 -10.23 -37.62 1.68
C SER A 135 -9.98 -37.09 0.28
N ALA A 136 -8.74 -36.70 0.00
CA ALA A 136 -8.37 -36.11 -1.28
C ALA A 136 -7.07 -36.69 -1.81
N LEU A 137 -7.00 -36.88 -3.12
CA LEU A 137 -5.82 -37.41 -3.79
C LEU A 137 -5.11 -36.31 -4.56
N VAL A 138 -3.82 -36.15 -4.30
CA VAL A 138 -2.98 -35.18 -5.02
C VAL A 138 -1.84 -35.95 -5.69
N VAL A 139 -1.64 -35.70 -6.99
CA VAL A 139 -0.66 -36.45 -7.77
C VAL A 139 0.10 -35.55 -8.75
N ALA A 140 1.37 -35.89 -8.96
CA ALA A 140 2.23 -35.21 -9.94
C ALA A 140 2.81 -36.25 -10.89
N ALA A 141 3.02 -35.86 -12.14
CA ALA A 141 3.60 -36.75 -13.15
C ALA A 141 4.01 -35.98 -14.40
N ASP A 142 5.18 -36.30 -14.93
CA ASP A 142 5.71 -35.67 -16.14
C ASP A 142 6.65 -36.60 -16.90
N ASN A 143 6.63 -36.50 -18.23
CA ASN A 143 7.58 -37.20 -19.08
C ASN A 143 8.27 -36.19 -19.99
N PHE A 144 9.52 -35.86 -19.66
CA PHE A 144 10.28 -34.85 -20.39
C PHE A 144 10.93 -35.38 -21.67
N GLY A 145 10.87 -36.68 -21.89
CA GLY A 145 11.37 -37.28 -23.13
C GLY A 145 10.47 -36.95 -24.29
N THR A 146 10.63 -35.74 -24.84
CA THR A 146 9.79 -35.24 -25.92
C THR A 146 10.61 -34.42 -26.92
N PRO A 147 10.00 -34.07 -28.08
CA PRO A 147 10.69 -33.27 -29.10
C PRO A 147 11.15 -31.88 -28.64
N LEU A 148 10.27 -31.16 -27.95
CA LEU A 148 10.55 -29.78 -27.53
C LEU A 148 11.05 -29.68 -26.09
N PHE A 149 11.94 -30.60 -25.69
CA PHE A 149 12.52 -30.60 -24.35
C PHE A 149 13.75 -31.50 -24.30
N ASP A 150 14.90 -30.92 -23.97
CA ASP A 150 16.13 -31.68 -23.77
C ASP A 150 16.41 -31.74 -22.27
N ARG A 151 16.23 -32.93 -21.68
CA ARG A 151 16.35 -33.12 -20.23
C ARG A 151 17.71 -32.70 -19.66
N TRP A 152 18.77 -32.80 -20.46
CA TRP A 152 20.13 -32.56 -20.00
C TRP A 152 20.54 -31.08 -20.07
N THR A 153 20.09 -30.37 -21.11
CA THR A 153 20.55 -29.00 -21.37
C THR A 153 19.47 -27.90 -21.24
N THR A 154 18.22 -28.29 -20.98
CA THR A 154 17.13 -27.31 -20.86
C THR A 154 17.27 -26.50 -19.57
N GLY A 155 17.25 -27.18 -18.43
CA GLY A 155 17.32 -26.52 -17.14
C GLY A 155 18.75 -26.28 -16.68
N PRO A 156 19.06 -25.05 -16.23
CA PRO A 156 20.39 -24.76 -15.71
C PRO A 156 20.55 -25.19 -14.26
N GLY A 157 21.55 -26.02 -13.98
CA GLY A 157 21.82 -26.49 -12.62
C GLY A 157 21.04 -27.73 -12.21
N TYR A 158 20.34 -28.36 -13.16
CA TYR A 158 19.62 -29.60 -12.88
C TYR A 158 19.32 -30.39 -14.16
N ILE A 159 19.14 -31.69 -14.01
CA ILE A 159 18.75 -32.57 -15.10
C ILE A 159 17.30 -33.00 -14.87
N ALA A 160 16.46 -32.84 -15.89
CA ALA A 160 15.06 -33.21 -15.80
C ALA A 160 14.91 -34.73 -15.75
N GLY A 161 13.91 -35.20 -15.01
CA GLY A 161 13.67 -36.63 -14.84
C GLY A 161 12.21 -36.98 -14.95
N ASP A 162 11.94 -38.19 -15.44
CA ASP A 162 10.57 -38.69 -15.57
C ASP A 162 10.17 -39.48 -14.33
N GLY A 163 8.88 -39.48 -14.03
CA GLY A 163 8.35 -40.18 -12.87
C GLY A 163 7.01 -39.63 -12.44
N ALA A 164 6.62 -39.94 -11.21
CA ALA A 164 5.34 -39.47 -10.67
C ALA A 164 5.31 -39.61 -9.15
N GLY A 165 4.72 -38.61 -8.49
CA GLY A 165 4.56 -38.62 -7.03
C GLY A 165 3.09 -38.56 -6.66
N ALA A 166 2.74 -39.14 -5.51
CA ALA A 166 1.36 -39.19 -5.04
C ALA A 166 1.28 -39.00 -3.52
N VAL A 167 0.10 -38.56 -3.06
CA VAL A 167 -0.14 -38.39 -1.63
C VAL A 167 -1.65 -38.35 -1.35
N VAL A 168 -2.08 -39.02 -0.29
CA VAL A 168 -3.49 -39.12 0.07
C VAL A 168 -3.78 -38.37 1.37
N LEU A 169 -4.34 -37.17 1.23
CA LEU A 169 -4.75 -36.38 2.39
C LEU A 169 -6.09 -36.87 2.93
N THR A 170 -6.36 -36.58 4.21
CA THR A 170 -7.59 -37.00 4.85
C THR A 170 -7.86 -36.24 6.14
N THR A 171 -9.14 -36.12 6.50
CA THR A 171 -9.56 -35.46 7.73
C THR A 171 -9.34 -36.35 8.95
N GLU A 172 -9.59 -37.65 8.79
CA GLU A 172 -9.39 -38.62 9.86
C GLU A 172 -7.91 -38.85 10.15
N PRO A 173 -7.58 -39.33 11.36
CA PRO A 173 -6.18 -39.54 11.76
C PRO A 173 -5.40 -40.47 10.82
N GLY A 174 -4.11 -40.18 10.64
CA GLY A 174 -3.22 -41.01 9.81
C GLY A 174 -1.85 -41.15 10.46
N PHE A 175 -0.88 -41.63 9.67
CA PHE A 175 0.48 -41.84 10.17
C PHE A 175 1.25 -40.52 10.27
N ALA A 176 0.97 -39.60 9.35
CA ALA A 176 1.61 -38.29 9.33
C ALA A 176 0.58 -37.17 9.37
N ARG A 177 1.04 -35.94 9.53
CA ARG A 177 0.16 -34.77 9.62
C ARG A 177 0.77 -33.57 8.89
N LEU A 178 -0.03 -32.92 8.05
CA LEU A 178 0.37 -31.69 7.38
C LEU A 178 0.10 -30.51 8.31
N LEU A 179 1.16 -30.04 8.97
CA LEU A 179 1.03 -28.95 9.95
C LEU A 179 0.75 -27.61 9.29
N ALA A 180 1.51 -27.29 8.23
CA ALA A 180 1.34 -26.04 7.52
C ALA A 180 1.89 -26.11 6.10
N VAL A 181 1.42 -25.21 5.24
CA VAL A 181 1.90 -25.09 3.88
C VAL A 181 1.57 -23.70 3.33
N ARG A 182 2.58 -23.02 2.80
CA ARG A 182 2.46 -21.63 2.34
C ARG A 182 2.90 -21.48 0.89
N SER A 183 2.68 -20.30 0.32
CA SER A 183 3.07 -19.99 -1.05
C SER A 183 3.18 -18.49 -1.29
N LEU A 184 4.40 -17.97 -1.17
CA LEU A 184 4.70 -16.57 -1.49
C LEU A 184 5.29 -16.48 -2.89
N ALA A 185 5.31 -15.28 -3.45
CA ALA A 185 5.84 -15.07 -4.80
C ALA A 185 6.46 -13.69 -5.01
N VAL A 186 7.46 -13.64 -5.87
CA VAL A 186 8.05 -12.38 -6.33
C VAL A 186 7.66 -12.21 -7.80
N PRO A 187 6.53 -11.52 -8.07
CA PRO A 187 6.03 -11.40 -9.43
C PRO A 187 6.85 -10.49 -10.35
N GLU A 188 7.75 -9.69 -9.77
CA GLU A 188 8.64 -8.83 -10.57
C GLU A 188 9.63 -9.64 -11.40
N ALA A 189 9.98 -10.84 -10.93
CA ALA A 189 10.89 -11.74 -11.65
C ALA A 189 10.14 -12.82 -12.44
N GLU A 190 8.98 -12.47 -12.99
CA GLU A 190 8.18 -13.40 -13.79
C GLU A 190 8.75 -13.63 -15.19
N GLN A 191 9.59 -12.70 -15.66
CA GLN A 191 10.25 -12.82 -16.96
C GLN A 191 11.47 -13.77 -16.93
N MET A 192 11.84 -14.26 -15.75
CA MET A 192 12.95 -15.19 -15.60
C MET A 192 12.73 -16.50 -16.39
N HIS A 193 11.47 -16.93 -16.49
CA HIS A 193 11.14 -18.19 -17.16
C HIS A 193 10.41 -17.99 -18.51
N ARG A 194 10.70 -16.89 -19.20
CA ARG A 194 10.16 -16.67 -20.56
C ARG A 194 10.97 -15.65 -21.35
N GLY A 195 10.70 -15.61 -22.66
CA GLY A 195 11.37 -14.68 -23.56
C GLY A 195 10.87 -14.81 -24.98
N ALA A 196 9.72 -14.20 -25.25
CA ALA A 196 9.08 -14.26 -26.57
C ALA A 196 8.62 -12.87 -27.00
N PRO A 202 4.93 -13.53 -26.35
CA PRO A 202 3.66 -14.04 -25.83
C PRO A 202 2.50 -13.98 -26.85
N GLY A 203 2.78 -13.53 -28.08
CA GLY A 203 1.78 -13.48 -29.13
C GLY A 203 1.42 -14.88 -29.62
N ALA A 204 2.44 -15.63 -30.01
CA ALA A 204 2.28 -17.03 -30.40
C ALA A 204 2.80 -17.93 -29.30
N THR A 205 1.97 -18.89 -28.88
CA THR A 205 2.29 -19.75 -27.73
C THR A 205 3.27 -20.86 -28.10
N ILE A 206 2.80 -21.84 -28.87
CA ILE A 206 3.59 -23.03 -29.20
C ILE A 206 4.45 -22.82 -30.44
N GLY A 207 5.37 -23.76 -30.66
CA GLY A 207 6.26 -23.73 -31.83
C GLY A 207 7.72 -23.87 -31.44
N ARG A 208 8.21 -22.93 -30.64
CA ARG A 208 9.61 -22.90 -30.23
C ARG A 208 9.90 -23.92 -29.12
N PRO A 209 11.16 -24.39 -29.02
CA PRO A 209 11.55 -25.33 -27.97
C PRO A 209 11.79 -24.64 -26.63
N LEU A 210 11.98 -25.44 -25.59
CA LEU A 210 12.19 -24.90 -24.23
C LEU A 210 13.67 -24.88 -23.87
N ASN A 211 14.10 -23.80 -23.24
CA ASN A 211 15.48 -23.67 -22.75
C ASN A 211 15.55 -22.60 -21.65
N PHE A 212 15.50 -23.03 -20.40
CA PHE A 212 15.50 -22.12 -19.25
C PHE A 212 16.82 -21.37 -19.08
N THR A 213 17.93 -21.97 -19.53
CA THR A 213 19.25 -21.35 -19.42
C THR A 213 19.33 -20.04 -20.22
N SER A 214 18.81 -20.07 -21.44
CA SER A 214 18.77 -18.88 -22.30
C SER A 214 17.78 -17.84 -21.79
N ARG A 215 16.66 -18.31 -21.26
CA ARG A 215 15.63 -17.42 -20.69
C ARG A 215 16.11 -16.73 -19.41
N ASN A 216 16.88 -17.46 -18.60
CA ASN A 216 17.50 -16.88 -17.40
C ASN A 216 18.62 -15.90 -17.79
N ALA A 217 19.35 -16.24 -18.85
CA ALA A 217 20.42 -15.38 -19.37
C ALA A 217 19.85 -14.09 -19.96
N ALA A 218 18.71 -14.19 -20.64
CA ALA A 218 18.04 -13.03 -21.21
C ALA A 218 17.47 -12.12 -20.12
N PHE A 219 16.95 -12.72 -19.06
CA PHE A 219 16.42 -11.97 -17.91
C PHE A 219 17.53 -11.27 -17.12
N ARG A 220 18.65 -11.95 -16.95
CA ARG A 220 19.80 -11.40 -16.22
C ARG A 220 20.50 -10.27 -17.00
N GLU A 221 20.35 -10.27 -18.32
CA GLU A 221 20.97 -9.25 -19.17
C GLU A 221 20.38 -7.84 -18.97
N LEU A 222 19.09 -7.78 -18.61
CA LEU A 222 18.41 -6.49 -18.42
C LEU A 222 17.35 -6.56 -17.34
N SER A 223 17.49 -5.68 -16.35
CA SER A 223 16.49 -5.51 -15.28
C SER A 223 16.23 -4.02 -15.08
N LEU A 224 15.00 -3.70 -14.69
CA LEU A 224 14.58 -2.29 -14.53
C LEU A 224 15.40 -1.57 -13.47
N GLY A 229 14.03 -2.22 -10.67
CA GLY A 229 15.38 -2.53 -10.24
C GLY A 229 15.75 -4.00 -10.48
N THR A 230 17.05 -4.29 -10.38
CA THR A 230 17.54 -5.67 -10.50
C THR A 230 17.66 -6.36 -9.13
N GLY A 231 17.02 -5.79 -8.10
CA GLY A 231 16.97 -6.41 -6.78
C GLY A 231 15.86 -7.44 -6.65
N ALA A 232 15.59 -8.17 -7.74
CA ALA A 232 14.62 -9.25 -7.72
C ALA A 232 15.24 -10.46 -7.05
N LEU A 233 16.38 -10.91 -7.57
CA LEU A 233 17.10 -12.06 -7.02
C LEU A 233 17.31 -11.98 -5.51
N MET A 234 17.62 -10.79 -4.99
CA MET A 234 17.81 -10.62 -3.55
C MET A 234 16.49 -10.68 -2.80
N ARG A 235 15.42 -10.15 -3.41
CA ARG A 235 14.07 -10.22 -2.82
C ARG A 235 13.54 -11.66 -2.89
N VAL A 236 13.98 -12.40 -3.92
CA VAL A 236 13.68 -13.83 -4.02
C VAL A 236 14.33 -14.60 -2.88
N HIS A 237 15.58 -14.25 -2.56
CA HIS A 237 16.29 -14.87 -1.44
C HIS A 237 15.71 -14.45 -0.08
N GLN A 238 15.21 -13.20 0.00
CA GLN A 238 14.48 -12.73 1.17
C GLN A 238 13.19 -13.53 1.37
N ARG A 239 12.46 -13.74 0.28
CA ARG A 239 11.17 -14.40 0.32
C ARG A 239 11.29 -15.92 0.47
N THR A 240 12.49 -16.45 0.22
CA THR A 240 12.80 -17.86 0.51
C THR A 240 12.81 -18.10 2.01
N LEU A 241 13.45 -17.20 2.74
CA LEU A 241 13.54 -17.29 4.20
C LEU A 241 12.25 -16.80 4.88
N GLU A 242 11.52 -15.92 4.21
CA GLU A 242 10.26 -15.38 4.75
C GLU A 242 9.17 -16.45 4.79
N VAL A 243 9.01 -17.18 3.70
CA VAL A 243 7.99 -18.23 3.60
C VAL A 243 8.28 -19.39 4.56
N VAL A 244 9.56 -19.68 4.80
CA VAL A 244 9.97 -20.71 5.75
C VAL A 244 9.67 -20.25 7.19
N GLU A 245 9.94 -18.98 7.46
CA GLU A 245 9.63 -18.37 8.76
C GLU A 245 8.11 -18.37 9.01
N LYS A 246 7.33 -18.13 7.96
CA LYS A 246 5.88 -18.11 8.06
C LYS A 246 5.28 -19.52 8.25
N THR A 247 5.84 -20.50 7.54
CA THR A 247 5.36 -21.88 7.62
C THR A 247 5.66 -22.51 8.99
N LEU A 248 6.87 -22.27 9.49
CA LEU A 248 7.26 -22.75 10.82
C LEU A 248 6.43 -22.10 11.92
N SER A 249 6.08 -20.82 11.73
CA SER A 249 5.25 -20.08 12.68
C SER A 249 3.82 -20.61 12.72
N GLU A 250 3.26 -20.92 11.55
CA GLU A 250 1.90 -21.47 11.45
C GLU A 250 1.86 -22.91 11.98
N ALA A 251 2.88 -23.69 11.65
CA ALA A 251 2.99 -25.08 12.11
C ALA A 251 3.16 -25.18 13.63
N GLY A 252 3.77 -24.16 14.23
CA GLY A 252 3.98 -24.11 15.68
C GLY A 252 5.25 -24.80 16.10
N ILE A 253 6.32 -24.60 15.32
CA ILE A 253 7.62 -25.19 15.60
C ILE A 253 8.75 -24.22 15.25
N THR A 254 9.97 -24.58 15.64
CA THR A 254 11.17 -23.82 15.30
C THR A 254 12.01 -24.61 14.29
N LEU A 255 13.10 -24.01 13.82
CA LEU A 255 14.01 -24.67 12.88
C LEU A 255 14.78 -25.82 13.54
N GLY A 256 14.94 -25.77 14.86
CA GLY A 256 15.56 -26.86 15.61
C GLY A 256 14.77 -28.15 15.60
N ASP A 257 13.45 -28.04 15.48
CA ASP A 257 12.56 -29.21 15.42
C ASP A 257 12.64 -29.95 14.08
N ILE A 258 13.14 -29.29 13.05
CA ILE A 258 13.27 -29.89 11.72
C ILE A 258 14.34 -30.98 11.71
N THR A 259 13.98 -32.16 11.20
CA THR A 259 14.89 -33.30 11.14
C THR A 259 15.58 -33.36 9.78
N ARG A 260 14.77 -33.36 8.72
CA ARG A 260 15.29 -33.39 7.35
C ARG A 260 14.72 -32.23 6.53
N VAL A 261 15.35 -31.96 5.38
CA VAL A 261 14.93 -30.91 4.46
C VAL A 261 14.77 -31.49 3.05
N ALA A 262 13.64 -31.20 2.41
CA ALA A 262 13.34 -31.73 1.07
C ALA A 262 13.30 -30.63 0.02
N TYR A 263 14.48 -30.28 -0.49
CA TYR A 263 14.63 -29.32 -1.58
C TYR A 263 14.68 -30.07 -2.90
N MET A 264 14.43 -29.37 -4.01
CA MET A 264 14.49 -29.98 -5.34
C MET A 264 15.89 -30.50 -5.67
N ASN A 265 15.95 -31.41 -6.63
CA ASN A 265 17.19 -32.10 -6.99
C ASN A 265 18.03 -31.30 -7.98
N PHE A 266 18.50 -30.14 -7.52
CA PHE A 266 19.35 -29.25 -8.30
C PHE A 266 20.81 -29.56 -7.95
N SER A 267 21.74 -28.90 -8.63
CA SER A 267 23.17 -29.16 -8.44
C SER A 267 23.61 -29.02 -6.98
N ARG A 268 24.67 -29.75 -6.62
CA ARG A 268 25.19 -29.76 -5.25
C ARG A 268 25.53 -28.38 -4.73
N GLU A 269 26.03 -27.52 -5.60
CA GLU A 269 26.34 -26.13 -5.24
C GLU A 269 25.07 -25.33 -4.96
N ILE A 270 24.07 -25.47 -5.83
CA ILE A 270 22.80 -24.76 -5.67
C ILE A 270 22.03 -25.22 -4.43
N VAL A 271 21.98 -26.53 -4.21
CA VAL A 271 21.28 -27.09 -3.05
C VAL A 271 21.96 -26.67 -1.74
N GLU A 272 23.29 -26.56 -1.76
CA GLU A 272 24.04 -26.15 -0.57
C GLU A 272 23.85 -24.66 -0.27
N GLN A 273 24.12 -23.81 -1.26
CA GLN A 273 24.09 -22.36 -1.06
C GLN A 273 22.68 -21.79 -0.84
N ARG A 274 21.77 -22.05 -1.77
CA ARG A 274 20.45 -21.43 -1.75
C ARG A 274 19.54 -21.96 -0.62
N CYS A 275 19.59 -23.26 -0.36
CA CYS A 275 18.69 -23.88 0.61
C CYS A 275 19.34 -24.11 1.97
N MET A 276 20.34 -24.99 2.03
CA MET A 276 20.89 -25.47 3.31
C MET A 276 21.78 -24.45 4.01
N ALA A 277 22.63 -23.75 3.25
CA ALA A 277 23.50 -22.72 3.82
C ALA A 277 22.72 -21.48 4.24
N ALA A 278 21.61 -21.22 3.56
CA ALA A 278 20.74 -20.10 3.89
C ALA A 278 20.03 -20.33 5.23
N LEU A 279 19.49 -21.54 5.41
CA LEU A 279 18.82 -21.91 6.65
C LEU A 279 19.80 -22.17 7.80
N GLY A 280 21.04 -22.49 7.46
CA GLY A 280 22.07 -22.77 8.46
C GLY A 280 22.00 -24.20 8.95
N LEU A 281 21.90 -25.14 8.01
CA LEU A 281 21.81 -26.56 8.30
C LEU A 281 22.82 -27.32 7.43
N PRO A 282 23.28 -28.49 7.89
CA PRO A 282 24.27 -29.27 7.13
C PRO A 282 23.66 -29.96 5.91
N MET A 283 24.50 -30.31 4.95
CA MET A 283 24.06 -31.00 3.73
C MET A 283 23.64 -32.45 3.98
N SER A 284 24.06 -33.02 5.12
CA SER A 284 23.62 -34.36 5.53
C SER A 284 22.11 -34.41 5.82
N ALA A 285 21.54 -33.28 6.25
CA ALA A 285 20.12 -33.19 6.56
C ALA A 285 19.22 -32.99 5.32
N SER A 286 19.83 -32.81 4.15
CA SER A 286 19.08 -32.66 2.90
C SER A 286 18.82 -34.02 2.26
N THR A 287 17.90 -34.04 1.29
CA THR A 287 17.61 -35.23 0.50
C THR A 287 18.29 -35.10 -0.86
N TRP A 288 19.62 -34.94 -0.82
CA TRP A 288 20.43 -34.70 -2.02
C TRP A 288 21.04 -35.99 -2.56
N GLU A 289 21.55 -36.84 -1.67
CA GLU A 289 22.14 -38.12 -2.05
C GLU A 289 21.15 -39.01 -2.80
N PHE A 290 19.91 -39.06 -2.30
CA PHE A 290 18.85 -39.81 -2.95
C PHE A 290 18.33 -39.10 -4.19
N GLY A 291 18.12 -37.79 -4.09
CA GLY A 291 17.58 -36.99 -5.18
C GLY A 291 18.49 -36.84 -6.38
N ARG A 292 19.80 -36.94 -6.17
CA ARG A 292 20.79 -36.77 -7.24
C ARG A 292 20.65 -37.82 -8.35
N LYS A 293 20.38 -39.07 -7.95
CA LYS A 293 20.23 -40.17 -8.90
C LYS A 293 18.93 -40.09 -9.72
N LEU A 294 17.92 -39.42 -9.16
CA LEU A 294 16.60 -39.32 -9.81
C LEU A 294 16.50 -38.09 -10.72
N GLY A 295 17.10 -36.98 -10.30
CA GLY A 295 17.03 -35.72 -11.05
C GLY A 295 15.77 -34.93 -10.70
N HIS A 296 15.56 -33.83 -11.40
CA HIS A 296 14.40 -32.97 -11.16
C HIS A 296 13.14 -33.59 -11.78
N LEU A 297 12.25 -34.09 -10.93
CA LEU A 297 11.04 -34.79 -11.38
C LEU A 297 9.84 -33.84 -11.46
N GLY A 298 10.00 -32.74 -12.19
CA GLY A 298 8.95 -31.75 -12.35
C GLY A 298 8.54 -31.13 -11.02
N ALA A 299 7.42 -31.60 -10.48
CA ALA A 299 6.90 -31.12 -9.19
C ALA A 299 6.75 -32.29 -8.22
N SER A 300 7.67 -33.24 -8.28
CA SER A 300 7.60 -34.46 -7.46
C SER A 300 8.85 -34.67 -6.59
N ASP A 301 9.71 -33.66 -6.50
CA ASP A 301 11.01 -33.80 -5.80
C ASP A 301 10.89 -33.95 -4.29
N GLN A 302 9.90 -33.28 -3.71
CA GLN A 302 9.74 -33.26 -2.24
C GLN A 302 8.81 -34.35 -1.73
N VAL A 303 7.82 -34.74 -2.53
CA VAL A 303 6.91 -35.83 -2.17
C VAL A 303 7.58 -37.20 -2.33
N VAL A 304 8.40 -37.35 -3.37
CA VAL A 304 9.18 -38.58 -3.54
C VAL A 304 10.28 -38.68 -2.48
N ALA A 305 10.78 -37.53 -2.04
CA ALA A 305 11.75 -37.47 -0.95
C ALA A 305 11.07 -37.83 0.37
N LEU A 306 9.85 -37.32 0.56
CA LEU A 306 9.04 -37.67 1.73
C LEU A 306 8.72 -39.17 1.73
N ASP A 307 8.40 -39.71 0.55
CA ASP A 307 8.12 -41.14 0.40
C ASP A 307 9.33 -41.99 0.79
N GLU A 308 10.51 -41.62 0.27
CA GLU A 308 11.74 -42.36 0.54
C GLU A 308 12.14 -42.31 2.02
N LEU A 309 11.98 -41.13 2.64
CA LEU A 309 12.28 -40.97 4.06
C LEU A 309 11.29 -41.73 4.95
N VAL A 310 10.02 -41.74 4.54
CA VAL A 310 8.97 -42.43 5.29
C VAL A 310 9.08 -43.96 5.13
N THR A 311 9.23 -44.43 3.89
CA THR A 311 9.22 -45.86 3.60
C THR A 311 10.41 -46.62 4.18
N THR A 312 11.59 -46.00 4.19
CA THR A 312 12.81 -46.63 4.68
C THR A 312 12.91 -46.62 6.21
N GLY A 313 12.18 -45.69 6.84
CA GLY A 313 12.18 -45.57 8.30
C GLY A 313 13.23 -44.58 8.83
N GLU A 314 13.73 -43.72 7.96
CA GLU A 314 14.68 -42.68 8.37
C GLU A 314 13.96 -41.55 9.11
N LEU A 315 12.73 -41.25 8.69
CA LEU A 315 11.91 -40.23 9.32
C LEU A 315 10.84 -40.87 10.20
N GLY A 316 11.21 -41.18 11.43
CA GLY A 316 10.34 -41.88 12.38
C GLY A 316 9.39 -40.96 13.13
N PRO A 317 8.63 -41.52 14.09
CA PRO A 317 7.68 -40.77 14.92
C PRO A 317 8.32 -39.57 15.65
N GLY A 318 7.64 -38.43 15.60
CA GLY A 318 8.10 -37.21 16.26
C GLY A 318 8.95 -36.29 15.40
N ASP A 319 9.43 -36.79 14.26
CA ASP A 319 10.31 -36.02 13.38
C ASP A 319 9.50 -35.06 12.49
N HIS A 320 10.19 -34.05 11.98
CA HIS A 320 9.58 -33.06 11.09
C HIS A 320 10.37 -32.94 9.79
N LEU A 321 9.67 -32.90 8.67
CA LEU A 321 10.29 -32.69 7.36
C LEU A 321 9.98 -31.29 6.86
N LEU A 322 11.00 -30.59 6.38
CA LEU A 322 10.84 -29.22 5.86
C LEU A 322 10.91 -29.24 4.34
N MET A 323 9.74 -29.34 3.70
CA MET A 323 9.65 -29.33 2.25
C MET A 323 9.71 -27.90 1.73
N LEU A 324 10.69 -27.62 0.88
CA LEU A 324 10.90 -26.28 0.31
C LEU A 324 11.02 -26.38 -1.20
N GLY A 325 10.59 -25.33 -1.91
CA GLY A 325 10.65 -25.32 -3.37
C GLY A 325 10.45 -23.94 -4.00
N MET A 326 11.40 -23.55 -4.85
CA MET A 326 11.30 -22.33 -5.66
C MET A 326 10.98 -22.70 -7.10
N GLY A 327 10.03 -21.98 -7.71
CA GLY A 327 9.62 -22.25 -9.09
C GLY A 327 9.31 -20.99 -9.87
N PRO A 328 8.76 -21.13 -11.10
CA PRO A 328 8.36 -20.00 -11.93
C PRO A 328 7.38 -19.05 -11.25
N GLY A 329 7.54 -17.75 -11.50
CA GLY A 329 6.75 -16.71 -10.81
C GLY A 329 7.53 -15.44 -10.53
N VAL A 330 8.62 -15.53 -9.75
CA VAL A 330 9.05 -16.77 -9.11
C VAL A 330 8.26 -17.00 -7.83
N THR A 331 7.71 -18.21 -7.69
CA THR A 331 6.91 -18.57 -6.51
C THR A 331 7.73 -19.47 -5.59
N LEU A 332 7.70 -19.16 -4.29
CA LEU A 332 8.45 -19.91 -3.29
C LEU A 332 7.48 -20.49 -2.27
N SER A 333 7.37 -21.82 -2.27
CA SER A 333 6.44 -22.52 -1.40
C SER A 333 7.19 -23.39 -0.40
N CYS A 334 6.68 -23.43 0.83
CA CYS A 334 7.27 -24.23 1.90
C CYS A 334 6.19 -24.96 2.68
N ALA A 335 6.48 -26.19 3.10
CA ALA A 335 5.53 -27.03 3.81
C ALA A 335 6.22 -27.81 4.92
N VAL A 336 5.46 -28.14 5.97
CA VAL A 336 5.97 -28.89 7.11
C VAL A 336 5.10 -30.11 7.37
N VAL A 337 5.71 -31.30 7.26
CA VAL A 337 5.02 -32.57 7.52
C VAL A 337 5.59 -33.21 8.78
N LYS A 338 4.70 -33.64 9.67
CA LYS A 338 5.08 -34.26 10.93
C LYS A 338 4.66 -35.72 10.94
N VAL A 339 5.61 -36.61 11.25
CA VAL A 339 5.34 -38.04 11.35
C VAL A 339 4.88 -38.37 12.77
N LEU A 340 3.64 -38.84 12.90
CA LEU A 340 3.05 -39.16 14.20
C LEU A 340 3.36 -40.60 14.60
N THR A 341 3.08 -41.54 13.69
CA THR A 341 3.34 -42.96 13.91
C THR A 341 4.14 -43.52 12.72
N PRO A 342 4.67 -44.75 12.86
CA PRO A 342 5.31 -45.38 11.70
C PRO A 342 4.31 -45.69 10.59
N ALA A 343 4.78 -45.71 9.34
CA ALA A 343 3.91 -45.95 8.20
C ALA A 343 3.32 -47.37 8.23
N PRO A 344 2.06 -47.54 7.78
CA PRO A 344 1.47 -48.89 7.73
C PRO A 344 2.00 -49.80 6.62
N TRP A 345 3.09 -49.40 5.95
CA TRP A 345 3.64 -50.16 4.82
C TRP A 345 5.17 -50.07 4.85
N SER A 346 5.75 -50.29 6.03
CA SER A 346 7.20 -50.23 6.21
C SER A 346 7.66 -51.21 7.29
N PRO B 4 -21.94 -21.36 5.64
CA PRO B 4 -21.28 -20.13 5.19
C PRO B 4 -21.73 -19.72 3.78
N ASP B 5 -22.13 -18.45 3.64
CA ASP B 5 -22.62 -17.93 2.36
C ASP B 5 -21.47 -17.43 1.50
N ILE B 6 -21.51 -17.76 0.21
CA ILE B 6 -20.50 -17.32 -0.74
C ILE B 6 -21.14 -16.35 -1.73
N PHE B 7 -20.84 -15.06 -1.58
CA PHE B 7 -21.43 -14.00 -2.40
C PHE B 7 -20.51 -13.63 -3.55
N ILE B 8 -21.12 -13.31 -4.70
CA ILE B 8 -20.40 -12.77 -5.85
C ILE B 8 -20.34 -11.25 -5.71
N LYS B 9 -19.15 -10.74 -5.38
CA LYS B 9 -18.94 -9.30 -5.19
C LYS B 9 -19.20 -8.54 -6.49
N ALA B 10 -18.58 -9.01 -7.57
CA ALA B 10 -18.74 -8.41 -8.89
C ALA B 10 -18.28 -9.36 -9.99
N THR B 11 -18.56 -8.98 -11.24
CA THR B 11 -18.14 -9.75 -12.40
C THR B 11 -17.69 -8.80 -13.52
N GLY B 12 -16.76 -9.27 -14.35
CA GLY B 12 -16.22 -8.48 -15.45
C GLY B 12 -15.78 -9.35 -16.61
N ARG B 13 -15.67 -8.75 -17.79
CA ARG B 13 -15.23 -9.48 -18.98
C ARG B 13 -14.50 -8.59 -19.98
N PHE B 14 -13.94 -9.23 -21.01
CA PHE B 14 -13.37 -8.53 -22.15
C PHE B 14 -13.75 -9.26 -23.43
N LEU B 15 -14.34 -8.52 -24.37
CA LEU B 15 -14.76 -9.08 -25.65
C LEU B 15 -14.26 -8.19 -26.79
N PRO B 16 -13.36 -8.73 -27.63
CA PRO B 16 -12.85 -7.95 -28.76
C PRO B 16 -13.89 -7.80 -29.89
N GLU B 17 -13.51 -7.13 -30.98
CA GLU B 17 -14.41 -6.86 -32.09
C GLU B 17 -14.91 -8.16 -32.73
N THR B 18 -16.23 -8.27 -32.90
CA THR B 18 -16.87 -9.48 -33.40
C THR B 18 -16.83 -9.57 -34.92
N VAL B 19 -16.24 -10.64 -35.43
CA VAL B 19 -16.23 -10.92 -36.86
C VAL B 19 -17.51 -11.69 -37.20
N SER B 20 -18.26 -11.20 -38.18
CA SER B 20 -19.54 -11.79 -38.56
C SER B 20 -19.37 -13.11 -39.31
N VAL B 21 -20.41 -13.93 -39.28
CA VAL B 21 -20.41 -15.22 -39.99
C VAL B 21 -20.47 -15.04 -41.51
N GLU B 22 -21.14 -13.98 -41.95
CA GLU B 22 -21.25 -13.66 -43.38
C GLU B 22 -19.89 -13.31 -43.98
N TRP B 23 -19.03 -12.70 -43.18
CA TRP B 23 -17.65 -12.40 -43.59
C TRP B 23 -16.84 -13.68 -43.77
N ALA B 24 -17.00 -14.62 -42.84
CA ALA B 24 -16.27 -15.88 -42.87
C ALA B 24 -16.60 -16.74 -44.09
N VAL B 25 -17.85 -16.69 -44.53
CA VAL B 25 -18.29 -17.44 -45.71
C VAL B 25 -17.73 -16.83 -46.99
N GLU B 26 -17.61 -15.51 -47.02
CA GLU B 26 -17.06 -14.80 -48.18
C GLU B 26 -15.58 -15.11 -48.42
N GLN B 27 -14.81 -15.17 -47.33
CA GLN B 27 -13.37 -15.44 -47.42
C GLN B 27 -13.08 -16.92 -47.67
N GLY B 28 -14.01 -17.80 -47.25
CA GLY B 28 -13.86 -19.24 -47.44
C GLY B 28 -13.33 -19.99 -46.23
N HIS B 29 -13.52 -19.42 -45.04
CA HIS B 29 -13.13 -20.06 -43.79
C HIS B 29 -14.24 -20.98 -43.29
N TYR B 30 -15.45 -20.44 -43.24
CA TYR B 30 -16.63 -21.15 -42.74
C TYR B 30 -17.57 -21.48 -43.89
N SER B 31 -18.06 -22.72 -43.92
CA SER B 31 -18.91 -23.19 -45.01
C SER B 31 -20.33 -22.60 -44.92
N ALA B 32 -21.00 -22.49 -46.06
CA ALA B 32 -22.35 -21.93 -46.13
C ALA B 32 -23.40 -22.89 -45.55
N GLU B 33 -23.13 -24.20 -45.63
CA GLU B 33 -24.03 -25.21 -45.09
C GLU B 33 -24.10 -25.12 -43.56
N ASP B 34 -22.95 -24.97 -42.92
CA ASP B 34 -22.87 -24.85 -41.47
C ASP B 34 -23.45 -23.52 -40.97
N ALA B 35 -23.38 -22.49 -41.80
CA ALA B 35 -23.95 -21.18 -41.48
C ALA B 35 -25.48 -21.23 -41.38
N GLU B 36 -26.09 -21.92 -42.34
CA GLU B 36 -27.55 -22.09 -42.35
C GLU B 36 -28.02 -23.08 -41.29
N LEU B 37 -27.25 -24.15 -41.10
CA LEU B 37 -27.62 -25.21 -40.16
C LEU B 37 -27.53 -24.76 -38.70
N HIS B 38 -26.36 -24.24 -38.33
CA HIS B 38 -26.11 -23.84 -36.93
C HIS B 38 -26.72 -22.50 -36.56
N GLU B 39 -26.87 -21.61 -37.54
CA GLU B 39 -27.50 -20.30 -37.36
C GLU B 39 -26.76 -19.40 -36.36
N LEU B 40 -25.43 -19.50 -36.36
CA LEU B 40 -24.60 -18.69 -35.46
C LEU B 40 -24.42 -17.28 -36.03
N GLY B 41 -24.20 -16.31 -35.14
CA GLY B 41 -24.05 -14.92 -35.53
C GLY B 41 -22.65 -14.59 -36.01
N GLY B 42 -21.67 -14.92 -35.19
CA GLY B 42 -20.27 -14.66 -35.52
C GLY B 42 -19.31 -15.16 -34.44
N ALA B 43 -18.21 -14.43 -34.25
CA ALA B 43 -17.22 -14.80 -33.24
C ALA B 43 -16.34 -13.61 -32.89
N ALA B 44 -16.02 -13.48 -31.60
CA ALA B 44 -15.12 -12.43 -31.12
C ALA B 44 -13.68 -12.80 -31.46
N VAL B 45 -12.98 -11.92 -32.17
CA VAL B 45 -11.62 -12.20 -32.64
C VAL B 45 -10.62 -11.15 -32.15
N ALA B 46 -9.62 -11.61 -31.40
CA ALA B 46 -8.49 -10.77 -31.01
C ALA B 46 -7.36 -11.02 -32.01
N GLY B 47 -6.62 -9.96 -32.34
CA GLY B 47 -5.53 -10.06 -33.31
C GLY B 47 -4.34 -10.85 -32.79
N ASP B 48 -3.41 -10.13 -32.16
CA ASP B 48 -2.25 -10.74 -31.52
C ASP B 48 -2.19 -10.40 -30.02
N THR B 49 -3.36 -10.12 -29.45
CA THR B 49 -3.47 -9.78 -28.03
C THR B 49 -3.37 -11.07 -27.19
N PRO B 50 -2.38 -11.15 -26.29
CA PRO B 50 -2.26 -12.35 -25.45
C PRO B 50 -3.47 -12.58 -24.54
N ALA B 51 -3.71 -13.85 -24.20
CA ALA B 51 -4.82 -14.21 -23.31
C ALA B 51 -4.61 -13.72 -21.87
N PRO B 52 -3.37 -13.72 -21.36
CA PRO B 52 -3.09 -13.11 -20.05
C PRO B 52 -3.48 -11.63 -19.97
N ASP B 53 -3.27 -10.89 -21.06
CA ASP B 53 -3.71 -9.50 -21.14
C ASP B 53 -5.24 -9.39 -21.12
N MET B 54 -5.91 -10.27 -21.85
CA MET B 54 -7.39 -10.30 -21.87
C MET B 54 -7.96 -10.61 -20.50
N ALA B 55 -7.29 -11.49 -19.75
CA ALA B 55 -7.66 -11.77 -18.36
C ALA B 55 -7.43 -10.56 -17.46
N LEU B 56 -6.35 -9.82 -17.72
CA LEU B 56 -6.02 -8.62 -16.96
C LEU B 56 -7.07 -7.52 -17.13
N TRP B 57 -7.71 -7.43 -18.29
CA TRP B 57 -8.78 -6.45 -18.52
C TRP B 57 -10.03 -6.85 -17.75
N ALA B 58 -10.40 -8.13 -17.83
CA ALA B 58 -11.57 -8.66 -17.15
C ALA B 58 -11.41 -8.65 -15.63
N ALA B 59 -10.19 -8.90 -15.16
CA ALA B 59 -9.88 -8.89 -13.73
C ALA B 59 -10.00 -7.48 -13.14
N GLN B 60 -9.40 -6.51 -13.81
CA GLN B 60 -9.47 -5.11 -13.38
C GLN B 60 -10.88 -4.54 -13.41
N GLN B 61 -11.67 -4.95 -14.39
CA GLN B 61 -13.05 -4.49 -14.51
C GLN B 61 -13.89 -4.98 -13.33
N ALA B 62 -13.77 -6.28 -13.02
CA ALA B 62 -14.49 -6.87 -11.89
C ALA B 62 -14.06 -6.28 -10.55
N VAL B 63 -12.77 -6.00 -10.41
CA VAL B 63 -12.22 -5.42 -9.19
C VAL B 63 -12.65 -3.95 -9.02
N LYS B 64 -12.53 -3.18 -10.11
CA LYS B 64 -12.85 -1.75 -10.08
C LYS B 64 -14.34 -1.46 -9.94
N ARG B 65 -15.18 -2.40 -10.39
CA ARG B 65 -16.64 -2.22 -10.35
C ARG B 65 -17.20 -2.19 -8.92
N CYS B 66 -16.70 -3.08 -8.06
CA CYS B 66 -17.17 -3.17 -6.67
C CYS B 66 -16.33 -2.34 -5.69
N GLY B 67 -15.20 -1.81 -6.15
CA GLY B 67 -14.31 -1.02 -5.30
C GLY B 67 -13.48 -1.88 -4.36
N HIS B 68 -13.04 -3.03 -4.86
CA HIS B 68 -12.21 -3.96 -4.09
C HIS B 68 -10.75 -3.61 -4.31
N ARG B 69 -9.90 -3.88 -3.30
CA ARG B 69 -8.46 -3.70 -3.45
C ARG B 69 -7.82 -5.06 -3.74
N PRO B 70 -7.08 -5.17 -4.87
CA PRO B 70 -6.47 -6.44 -5.30
C PRO B 70 -5.67 -7.21 -4.25
N GLU B 71 -5.00 -6.50 -3.34
CA GLU B 71 -4.13 -7.14 -2.35
C GLU B 71 -4.87 -7.93 -1.28
N ASP B 72 -6.15 -7.59 -1.04
CA ASP B 72 -6.97 -8.29 -0.06
C ASP B 72 -7.42 -9.69 -0.50
N LEU B 73 -7.30 -9.98 -1.80
CA LEU B 73 -7.61 -11.33 -2.32
C LEU B 73 -6.75 -12.40 -1.64
N GLY B 74 -7.36 -13.55 -1.37
CA GLY B 74 -6.66 -14.69 -0.77
C GLY B 74 -6.48 -15.86 -1.71
N LEU B 75 -6.91 -15.70 -2.97
CA LEU B 75 -6.83 -16.77 -3.97
C LEU B 75 -6.98 -16.21 -5.37
N LEU B 76 -6.25 -16.80 -6.32
CA LEU B 76 -6.36 -16.45 -7.73
C LEU B 76 -6.42 -17.73 -8.56
N LEU B 77 -7.54 -17.95 -9.25
CA LEU B 77 -7.73 -19.15 -10.07
C LEU B 77 -7.87 -18.79 -11.54
N TYR B 78 -6.77 -18.96 -12.29
CA TYR B 78 -6.75 -18.70 -13.72
C TYR B 78 -7.10 -19.98 -14.48
N VAL B 79 -8.24 -19.98 -15.16
CA VAL B 79 -8.69 -21.16 -15.90
C VAL B 79 -8.52 -20.95 -17.41
N ASP B 80 -8.30 -22.03 -18.15
CA ASP B 80 -8.17 -21.97 -19.61
C ASP B 80 -8.25 -23.35 -20.25
N SER B 81 -8.70 -23.37 -21.51
CA SER B 81 -8.83 -24.61 -22.28
C SER B 81 -7.70 -24.84 -23.29
N TRP B 82 -6.99 -23.77 -23.67
CA TRP B 82 -5.93 -23.85 -24.67
C TRP B 82 -4.68 -23.08 -24.21
N HIS B 83 -3.61 -23.18 -24.99
CA HIS B 83 -2.33 -22.53 -24.68
C HIS B 83 -2.47 -21.03 -24.48
N GLN B 84 -1.68 -20.49 -23.56
CA GLN B 84 -1.74 -19.08 -23.17
C GLN B 84 -0.55 -18.30 -23.68
N GLY B 85 0.65 -18.77 -23.37
CA GLY B 85 1.89 -18.11 -23.79
C GLY B 85 3.05 -19.08 -23.88
N PRO B 86 4.27 -18.63 -23.50
CA PRO B 86 5.43 -19.52 -23.49
C PRO B 86 5.27 -20.71 -22.54
N ASP B 87 5.81 -21.87 -22.94
CA ASP B 87 5.77 -23.06 -22.10
C ASP B 87 6.74 -22.91 -20.93
N GLY B 88 6.52 -23.68 -19.88
CA GLY B 88 7.29 -23.54 -18.64
C GLY B 88 7.03 -22.21 -17.95
N TRP B 89 5.85 -21.65 -18.18
CA TRP B 89 5.45 -20.36 -17.61
C TRP B 89 3.92 -20.29 -17.60
N GLN B 90 3.37 -19.98 -16.42
CA GLN B 90 1.92 -19.97 -16.23
C GLN B 90 1.40 -18.53 -16.24
N PRO B 91 0.15 -18.33 -16.72
CA PRO B 91 -0.38 -17.00 -16.98
C PRO B 91 -0.76 -16.18 -15.74
N GLN B 92 -1.07 -16.85 -14.62
CA GLN B 92 -1.48 -16.16 -13.39
C GLN B 92 -0.42 -15.19 -12.82
N TYR B 93 0.84 -15.44 -13.14
CA TYR B 93 1.93 -14.55 -12.69
C TYR B 93 1.87 -13.19 -13.35
N TYR B 94 1.29 -13.12 -14.54
CA TYR B 94 1.09 -11.86 -15.26
C TYR B 94 0.10 -10.96 -14.52
N LEU B 95 -1.01 -11.56 -14.07
CA LEU B 95 -1.99 -10.84 -13.24
C LEU B 95 -1.43 -10.57 -11.84
N GLN B 96 -0.55 -11.45 -11.37
CA GLN B 96 0.09 -11.31 -10.06
C GLN B 96 0.98 -10.07 -9.99
N ARG B 97 1.63 -9.72 -11.10
CA ARG B 97 2.46 -8.52 -11.16
C ARG B 97 1.62 -7.25 -11.34
N HIS B 98 0.75 -7.26 -12.35
CA HIS B 98 0.03 -6.05 -12.77
C HIS B 98 -1.33 -5.85 -12.10
N LEU B 99 -1.60 -6.55 -10.99
CA LEU B 99 -2.89 -6.40 -10.31
C LEU B 99 -2.87 -6.88 -8.86
N VAL B 100 -2.87 -8.20 -8.67
CA VAL B 100 -3.14 -8.80 -7.36
C VAL B 100 -1.97 -8.62 -6.38
N GLY B 101 -0.78 -9.02 -6.80
CA GLY B 101 0.41 -8.99 -5.93
C GLY B 101 0.80 -10.40 -5.52
N GLY B 102 2.03 -10.54 -5.04
CA GLY B 102 2.59 -11.85 -4.68
C GLY B 102 2.38 -12.28 -3.25
N ASP B 103 1.20 -11.96 -2.69
CA ASP B 103 0.84 -12.38 -1.33
C ASP B 103 -0.39 -13.31 -1.35
N VAL B 104 -0.68 -13.88 -2.51
CA VAL B 104 -1.87 -14.74 -2.68
C VAL B 104 -1.48 -16.09 -3.27
N LEU B 105 -2.42 -17.04 -3.21
CA LEU B 105 -2.24 -18.35 -3.81
C LEU B 105 -2.70 -18.31 -5.27
N ALA B 106 -1.75 -18.09 -6.18
CA ALA B 106 -2.04 -18.07 -7.62
C ALA B 106 -1.76 -19.44 -8.22
N VAL B 107 -2.71 -19.94 -9.01
CA VAL B 107 -2.63 -21.30 -9.55
C VAL B 107 -3.52 -21.45 -10.79
N GLU B 108 -3.01 -22.13 -11.80
CA GLU B 108 -3.71 -22.34 -13.07
C GLU B 108 -4.61 -23.58 -13.00
N ILE B 109 -5.87 -23.41 -13.37
CA ILE B 109 -6.85 -24.49 -13.42
C ILE B 109 -7.05 -24.89 -14.89
N GLN B 110 -7.27 -26.19 -15.12
CA GLN B 110 -7.56 -26.68 -16.47
C GLN B 110 -8.54 -27.86 -16.43
N GLN B 111 -9.74 -27.65 -16.96
CA GLN B 111 -10.75 -28.70 -17.09
C GLN B 111 -11.65 -28.43 -18.29
N GLY B 112 -11.04 -28.04 -19.41
CA GLY B 112 -11.78 -27.73 -20.63
C GLY B 112 -12.64 -26.49 -20.49
N CYS B 113 -13.88 -26.57 -20.98
CA CYS B 113 -14.84 -25.46 -20.88
C CYS B 113 -15.52 -25.39 -19.51
N ASN B 114 -15.42 -26.46 -18.72
CA ASN B 114 -15.99 -26.50 -17.37
C ASN B 114 -14.98 -26.15 -16.27
N GLY B 115 -13.83 -25.58 -16.66
CA GLY B 115 -12.82 -25.16 -15.71
C GLY B 115 -13.28 -24.05 -14.78
N MET B 116 -14.18 -23.20 -15.26
CA MET B 116 -14.77 -22.13 -14.46
C MET B 116 -15.61 -22.69 -13.32
N PHE B 117 -16.38 -23.75 -13.60
CA PHE B 117 -17.23 -24.38 -12.60
C PHE B 117 -16.42 -25.02 -11.48
N SER B 118 -15.33 -25.68 -11.84
CA SER B 118 -14.42 -26.30 -10.86
C SER B 118 -13.70 -25.24 -10.03
N ALA B 119 -13.36 -24.12 -10.65
CA ALA B 119 -12.75 -22.99 -9.95
C ALA B 119 -13.70 -22.38 -8.92
N LEU B 120 -14.97 -22.30 -9.27
CA LEU B 120 -16.02 -21.83 -8.34
C LEU B 120 -16.17 -22.75 -7.13
N GLU B 121 -16.00 -24.05 -7.33
CA GLU B 121 -16.04 -25.02 -6.22
C GLU B 121 -14.83 -24.87 -5.30
N LEU B 122 -13.64 -24.81 -5.90
CA LEU B 122 -12.39 -24.67 -5.14
C LEU B 122 -12.29 -23.32 -4.44
N ALA B 123 -12.76 -22.27 -5.10
CA ALA B 123 -12.77 -20.92 -4.52
C ALA B 123 -13.75 -20.81 -3.36
N ALA B 124 -14.94 -21.39 -3.54
CA ALA B 124 -15.95 -21.40 -2.48
C ALA B 124 -15.49 -22.20 -1.26
N ALA B 125 -14.80 -23.31 -1.50
CA ALA B 125 -14.24 -24.13 -0.43
C ALA B 125 -13.07 -23.45 0.27
N HIS B 126 -12.27 -22.71 -0.50
CA HIS B 126 -11.12 -21.97 0.03
C HIS B 126 -11.55 -20.83 0.95
N LEU B 127 -12.61 -20.11 0.56
CA LEU B 127 -13.14 -19.01 1.35
C LEU B 127 -13.82 -19.49 2.64
N ARG B 128 -14.51 -20.61 2.55
CA ARG B 128 -15.20 -21.19 3.72
C ARG B 128 -14.21 -21.69 4.76
N ALA B 129 -13.15 -22.36 4.31
CA ALA B 129 -12.12 -22.90 5.20
C ALA B 129 -11.18 -21.82 5.74
N GLY B 130 -11.00 -20.73 4.97
CA GLY B 130 -10.11 -19.64 5.35
C GLY B 130 -10.66 -18.75 6.45
N PRO B 131 -10.09 -17.54 6.61
CA PRO B 131 -10.55 -16.61 7.64
C PRO B 131 -11.94 -16.04 7.37
N ARG B 132 -12.48 -15.30 8.34
CA ARG B 132 -13.84 -14.75 8.24
C ARG B 132 -13.99 -13.76 7.09
N PRO B 133 -13.16 -12.70 7.06
CA PRO B 133 -13.19 -11.81 5.91
C PRO B 133 -12.27 -12.31 4.80
N GLY B 134 -12.86 -12.79 3.70
CA GLY B 134 -12.11 -13.37 2.60
C GLY B 134 -12.64 -12.97 1.24
N SER B 135 -11.82 -13.15 0.21
CA SER B 135 -12.19 -12.82 -1.16
C SER B 135 -11.27 -13.55 -2.15
N ALA B 136 -11.86 -14.05 -3.24
CA ALA B 136 -11.13 -14.82 -4.24
C ALA B 136 -11.48 -14.36 -5.65
N LEU B 137 -10.47 -14.33 -6.53
CA LEU B 137 -10.65 -13.94 -7.92
C LEU B 137 -10.55 -15.17 -8.82
N VAL B 138 -11.59 -15.39 -9.62
CA VAL B 138 -11.61 -16.48 -10.61
C VAL B 138 -11.73 -15.85 -11.99
N VAL B 139 -10.84 -16.23 -12.90
CA VAL B 139 -10.79 -15.65 -14.25
C VAL B 139 -10.55 -16.70 -15.33
N ALA B 140 -11.15 -16.48 -16.49
CA ALA B 140 -10.95 -17.31 -17.67
C ALA B 140 -10.52 -16.43 -18.83
N ALA B 141 -9.68 -16.98 -19.71
CA ALA B 141 -9.20 -16.25 -20.88
C ALA B 141 -8.51 -17.18 -21.88
N ASP B 142 -8.84 -17.03 -23.16
CA ASP B 142 -8.23 -17.82 -24.22
C ASP B 142 -8.20 -17.06 -25.55
N ASN B 143 -7.19 -17.37 -26.37
CA ASN B 143 -7.06 -16.81 -27.71
C ASN B 143 -6.89 -17.94 -28.72
N PHE B 144 -7.94 -18.21 -29.50
CA PHE B 144 -7.97 -19.30 -30.46
C PHE B 144 -7.65 -18.82 -31.88
N GLY B 145 -6.55 -18.08 -32.02
CA GLY B 145 -6.18 -17.48 -33.30
C GLY B 145 -5.03 -18.18 -33.99
N THR B 146 -5.13 -19.50 -34.14
CA THR B 146 -4.11 -20.33 -34.80
C THR B 146 -2.76 -20.24 -34.04
N PRO B 147 -1.68 -20.89 -34.54
CA PRO B 147 -1.50 -21.80 -35.69
C PRO B 147 -2.31 -23.09 -35.63
N LEU B 148 -2.24 -23.80 -34.50
CA LEU B 148 -2.79 -25.15 -34.39
C LEU B 148 -4.24 -25.18 -33.89
N PHE B 149 -5.07 -24.26 -34.40
CA PHE B 149 -6.47 -24.20 -34.01
C PHE B 149 -7.27 -23.32 -34.97
N ASP B 150 -8.07 -23.94 -35.82
CA ASP B 150 -8.98 -23.20 -36.71
C ASP B 150 -10.30 -22.97 -36.00
N ARG B 151 -10.54 -21.72 -35.60
CA ARG B 151 -11.72 -21.36 -34.82
C ARG B 151 -13.06 -21.75 -35.46
N TRP B 152 -13.09 -21.80 -36.78
CA TRP B 152 -14.33 -22.04 -37.53
C TRP B 152 -14.63 -23.53 -37.70
N THR B 153 -13.60 -24.34 -37.94
CA THR B 153 -13.78 -25.76 -38.28
C THR B 153 -13.32 -26.77 -37.22
N THR B 154 -12.65 -26.31 -36.17
CA THR B 154 -12.13 -27.21 -35.12
C THR B 154 -13.26 -27.87 -34.34
N GLY B 155 -14.08 -27.06 -33.69
CA GLY B 155 -15.18 -27.55 -32.86
C GLY B 155 -16.43 -27.85 -33.67
N PRO B 156 -17.03 -29.04 -33.48
CA PRO B 156 -18.27 -29.36 -34.18
C PRO B 156 -19.48 -28.73 -33.50
N GLY B 157 -20.21 -27.91 -34.25
CA GLY B 157 -21.42 -27.26 -33.73
C GLY B 157 -21.19 -25.97 -32.98
N TYR B 158 -19.97 -25.43 -33.04
CA TYR B 158 -19.66 -24.13 -32.44
C TYR B 158 -18.42 -23.49 -33.06
N ILE B 159 -18.41 -22.16 -33.07
CA ILE B 159 -17.27 -21.38 -33.52
C ILE B 159 -16.55 -20.85 -32.29
N ALA B 160 -15.23 -21.08 -32.22
CA ALA B 160 -14.42 -20.60 -31.11
C ALA B 160 -14.27 -19.08 -31.17
N GLY B 161 -14.22 -18.46 -29.99
CA GLY B 161 -14.10 -17.01 -29.88
C GLY B 161 -13.11 -16.61 -28.81
N ASP B 162 -12.45 -15.47 -29.03
CA ASP B 162 -11.47 -14.95 -28.08
C ASP B 162 -12.16 -14.02 -27.08
N GLY B 163 -11.57 -13.89 -25.90
CA GLY B 163 -12.11 -13.03 -24.85
C GLY B 163 -11.66 -13.47 -23.47
N ALA B 164 -12.38 -13.01 -22.46
CA ALA B 164 -12.07 -13.35 -21.07
C ALA B 164 -13.26 -13.06 -20.16
N GLY B 165 -13.44 -13.91 -19.14
CA GLY B 165 -14.49 -13.72 -18.13
C GLY B 165 -13.90 -13.69 -16.74
N ALA B 166 -14.52 -12.92 -15.85
CA ALA B 166 -14.03 -12.75 -14.48
C ALA B 166 -15.17 -12.73 -13.47
N VAL B 167 -14.85 -13.05 -12.22
CA VAL B 167 -15.81 -13.02 -11.12
C VAL B 167 -15.09 -12.95 -9.77
N VAL B 168 -15.60 -12.11 -8.87
CA VAL B 168 -14.98 -11.90 -7.56
C VAL B 168 -15.86 -12.47 -6.46
N LEU B 169 -15.49 -13.65 -5.96
CA LEU B 169 -16.20 -14.27 -4.85
C LEU B 169 -15.77 -13.66 -3.52
N THR B 170 -16.62 -13.78 -2.51
CA THR B 170 -16.34 -13.21 -1.19
C THR B 170 -17.23 -13.79 -0.10
N THR B 171 -16.76 -13.72 1.14
CA THR B 171 -17.52 -14.18 2.30
C THR B 171 -18.54 -13.14 2.76
N GLU B 172 -18.17 -11.86 2.68
CA GLU B 172 -19.05 -10.77 3.07
C GLU B 172 -20.17 -10.57 2.04
N PRO B 173 -21.29 -9.93 2.45
CA PRO B 173 -22.43 -9.73 1.55
C PRO B 173 -22.10 -9.01 0.24
N GLY B 174 -22.83 -9.37 -0.82
CA GLY B 174 -22.66 -8.75 -2.13
C GLY B 174 -24.00 -8.58 -2.84
N PHE B 175 -23.95 -8.29 -4.14
CA PHE B 175 -25.16 -8.09 -4.92
C PHE B 175 -25.82 -9.43 -5.29
N ALA B 176 -25.00 -10.45 -5.50
CA ALA B 176 -25.49 -11.79 -5.87
C ALA B 176 -24.96 -12.84 -4.90
N ARG B 177 -25.50 -14.05 -5.00
CA ARG B 177 -25.14 -15.15 -4.10
C ARG B 177 -24.96 -16.45 -4.89
N LEU B 178 -23.85 -17.13 -4.64
CA LEU B 178 -23.61 -18.46 -5.23
C LEU B 178 -24.27 -19.51 -4.35
N LEU B 179 -25.49 -19.91 -4.71
CA LEU B 179 -26.26 -20.87 -3.92
C LEU B 179 -25.65 -22.26 -3.92
N ALA B 180 -25.31 -22.76 -5.11
CA ALA B 180 -24.74 -24.10 -5.24
C ALA B 180 -23.95 -24.24 -6.53
N VAL B 181 -23.03 -25.21 -6.54
CA VAL B 181 -22.23 -25.54 -7.72
C VAL B 181 -21.64 -26.95 -7.56
N ARG B 182 -21.85 -27.78 -8.59
CA ARG B 182 -21.40 -29.18 -8.55
C ARG B 182 -20.79 -29.60 -9.89
N SER B 183 -20.17 -30.78 -9.90
CA SER B 183 -19.53 -31.30 -11.10
C SER B 183 -19.50 -32.83 -11.11
N LEU B 184 -20.40 -33.44 -11.88
CA LEU B 184 -20.41 -34.87 -12.10
C LEU B 184 -19.62 -35.21 -13.37
N ALA B 185 -19.31 -36.49 -13.55
CA ALA B 185 -18.51 -36.92 -14.70
C ALA B 185 -18.84 -38.33 -15.15
N VAL B 186 -18.74 -38.54 -16.47
CA VAL B 186 -18.88 -39.87 -17.06
C VAL B 186 -17.51 -40.23 -17.67
N PRO B 187 -16.62 -40.85 -16.87
CA PRO B 187 -15.25 -41.11 -17.31
C PRO B 187 -15.11 -42.22 -18.37
N GLU B 188 -16.19 -42.96 -18.61
CA GLU B 188 -16.18 -43.98 -19.68
C GLU B 188 -16.11 -43.33 -21.07
N ALA B 189 -16.62 -42.11 -21.18
CA ALA B 189 -16.58 -41.35 -22.43
C ALA B 189 -15.48 -40.27 -22.42
N GLU B 190 -14.34 -40.59 -21.80
CA GLU B 190 -13.20 -39.66 -21.75
C GLU B 190 -12.42 -39.64 -23.07
N GLN B 191 -12.59 -40.68 -23.88
CA GLN B 191 -11.93 -40.78 -25.18
C GLN B 191 -12.70 -40.05 -26.29
N MET B 192 -13.80 -39.37 -25.93
CA MET B 192 -14.55 -38.56 -26.89
C MET B 192 -13.72 -37.40 -27.41
N HIS B 193 -13.00 -36.73 -26.52
CA HIS B 193 -12.18 -35.58 -26.88
C HIS B 193 -10.73 -35.97 -27.19
N ARG B 194 -10.35 -37.19 -26.83
CA ARG B 194 -9.01 -37.71 -27.15
C ARG B 194 -8.96 -38.26 -28.57
N GLY B 195 -9.96 -39.08 -28.92
CA GLY B 195 -10.05 -39.69 -30.24
C GLY B 195 -8.98 -40.74 -30.46
N ALA B 196 -8.66 -40.97 -31.73
CA ALA B 196 -7.60 -41.91 -32.11
C ALA B 196 -6.26 -41.17 -32.18
N GLU B 197 -5.70 -40.89 -30.99
CA GLU B 197 -4.43 -40.17 -30.87
C GLU B 197 -4.55 -38.74 -31.38
N PRO B 202 -0.88 -40.02 -27.91
CA PRO B 202 -0.80 -40.24 -26.47
C PRO B 202 0.64 -40.31 -25.95
N GLY B 203 1.52 -40.98 -26.71
CA GLY B 203 2.94 -41.05 -26.36
C GLY B 203 3.61 -39.71 -26.61
N ALA B 204 3.55 -39.25 -27.86
CA ALA B 204 4.01 -37.92 -28.23
C ALA B 204 2.90 -36.90 -27.94
N THR B 205 3.29 -35.76 -27.39
CA THR B 205 2.33 -34.77 -26.90
C THR B 205 1.90 -33.74 -27.95
N ILE B 206 2.88 -33.19 -28.68
CA ILE B 206 2.63 -32.04 -29.56
C ILE B 206 3.11 -32.29 -31.00
N GLY B 207 2.68 -31.41 -31.90
CA GLY B 207 3.02 -31.50 -33.32
C GLY B 207 1.79 -31.40 -34.22
N ARG B 208 0.75 -32.14 -33.86
CA ARG B 208 -0.48 -32.21 -34.65
C ARG B 208 -1.48 -31.12 -34.24
N PRO B 209 -2.38 -30.73 -35.16
CA PRO B 209 -3.40 -29.74 -34.86
C PRO B 209 -4.60 -30.32 -34.10
N LEU B 210 -5.43 -29.43 -33.55
CA LEU B 210 -6.61 -29.85 -32.80
C LEU B 210 -7.84 -29.82 -33.69
N ASN B 211 -8.61 -30.91 -33.70
CA ASN B 211 -9.81 -31.02 -34.51
C ASN B 211 -10.86 -31.91 -33.84
N PHE B 212 -11.69 -31.31 -32.99
CA PHE B 212 -12.67 -32.05 -32.19
C PHE B 212 -13.70 -32.85 -33.00
N THR B 213 -13.96 -32.42 -34.23
CA THR B 213 -14.90 -33.12 -35.11
C THR B 213 -14.45 -34.54 -35.43
N SER B 214 -13.18 -34.67 -35.82
CA SER B 214 -12.59 -35.98 -36.12
C SER B 214 -12.35 -36.81 -34.84
N ARG B 215 -12.18 -36.13 -33.72
CA ARG B 215 -11.94 -36.78 -32.42
C ARG B 215 -13.25 -37.38 -31.90
N ASN B 216 -14.34 -36.64 -32.06
CA ASN B 216 -15.68 -37.12 -31.72
C ASN B 216 -16.13 -38.20 -32.71
N ALA B 217 -15.82 -38.01 -33.99
CA ALA B 217 -16.17 -38.97 -35.04
C ALA B 217 -15.49 -40.33 -34.80
N ALA B 218 -14.24 -40.31 -34.37
CA ALA B 218 -13.49 -41.53 -34.07
C ALA B 218 -14.06 -42.28 -32.87
N PHE B 219 -14.58 -41.52 -31.90
CA PHE B 219 -15.18 -42.11 -30.69
C PHE B 219 -16.50 -42.84 -30.97
N ARG B 220 -17.27 -42.32 -31.93
CA ARG B 220 -18.57 -42.94 -32.28
C ARG B 220 -18.37 -44.31 -32.95
N GLU B 221 -17.25 -44.50 -33.64
CA GLU B 221 -16.87 -45.82 -34.16
C GLU B 221 -16.56 -46.79 -33.03
N LEU B 222 -15.84 -46.30 -32.01
CA LEU B 222 -15.54 -47.09 -30.82
C LEU B 222 -16.80 -47.38 -29.99
N SER B 223 -17.71 -46.40 -29.96
CA SER B 223 -18.98 -46.55 -29.24
C SER B 223 -19.92 -47.54 -29.92
N LEU B 224 -19.84 -47.64 -31.25
CA LEU B 224 -20.71 -48.52 -32.04
C LEU B 224 -20.04 -49.85 -32.38
N THR B 225 -19.40 -50.47 -31.39
CA THR B 225 -18.74 -51.77 -31.56
C THR B 225 -18.86 -52.59 -30.29
N THR B 230 -20.86 -50.15 -24.37
CA THR B 230 -21.68 -49.74 -23.24
C THR B 230 -22.37 -48.41 -23.55
N GLY B 231 -23.53 -48.19 -22.93
CA GLY B 231 -24.29 -46.96 -23.11
C GLY B 231 -23.61 -45.76 -22.49
N ALA B 232 -22.64 -45.21 -23.22
CA ALA B 232 -21.87 -44.06 -22.75
C ALA B 232 -22.67 -42.76 -22.90
N LEU B 233 -23.22 -42.55 -24.09
CA LEU B 233 -23.96 -41.32 -24.40
C LEU B 233 -25.23 -41.15 -23.57
N MET B 234 -25.90 -42.26 -23.22
CA MET B 234 -27.11 -42.18 -22.40
C MET B 234 -26.77 -41.83 -20.95
N ARG B 235 -25.63 -42.34 -20.46
CA ARG B 235 -25.11 -41.94 -19.15
C ARG B 235 -24.86 -40.44 -19.10
N VAL B 236 -24.30 -39.90 -20.18
CA VAL B 236 -24.05 -38.46 -20.28
C VAL B 236 -25.35 -37.68 -20.18
N HIS B 237 -26.38 -38.14 -20.88
CA HIS B 237 -27.70 -37.50 -20.85
C HIS B 237 -28.38 -37.67 -19.49
N GLN B 238 -28.17 -38.83 -18.87
CA GLN B 238 -28.68 -39.08 -17.51
C GLN B 238 -28.02 -38.16 -16.49
N ARG B 239 -26.70 -38.07 -16.54
CA ARG B 239 -25.94 -37.26 -15.59
C ARG B 239 -26.02 -35.76 -15.87
N THR B 240 -26.49 -35.38 -17.06
CA THR B 240 -26.77 -33.97 -17.38
C THR B 240 -27.95 -33.47 -16.56
N LEU B 241 -29.00 -34.28 -16.48
CA LEU B 241 -30.20 -33.95 -15.71
C LEU B 241 -30.01 -34.22 -14.21
N GLU B 242 -29.10 -35.14 -13.89
CA GLU B 242 -28.81 -35.50 -12.50
C GLU B 242 -28.11 -34.35 -11.76
N VAL B 243 -27.07 -33.79 -12.37
CA VAL B 243 -26.32 -32.69 -11.77
C VAL B 243 -27.17 -31.42 -11.61
N VAL B 244 -28.10 -31.21 -12.53
CA VAL B 244 -29.04 -30.08 -12.43
C VAL B 244 -30.03 -30.32 -11.29
N GLU B 245 -30.50 -31.55 -11.16
CA GLU B 245 -31.41 -31.92 -10.07
C GLU B 245 -30.77 -31.73 -8.70
N LYS B 246 -29.53 -32.18 -8.57
CA LYS B 246 -28.80 -32.10 -7.29
C LYS B 246 -28.33 -30.69 -6.95
N THR B 247 -27.98 -29.89 -7.96
CA THR B 247 -27.58 -28.50 -7.75
C THR B 247 -28.76 -27.64 -7.33
N LEU B 248 -29.92 -27.88 -7.95
CA LEU B 248 -31.16 -27.21 -7.56
C LEU B 248 -31.59 -27.63 -6.14
N SER B 249 -31.40 -28.90 -5.82
CA SER B 249 -31.71 -29.44 -4.50
C SER B 249 -30.76 -28.88 -3.44
N GLU B 250 -29.49 -28.73 -3.79
CA GLU B 250 -28.49 -28.15 -2.89
C GLU B 250 -28.72 -26.66 -2.69
N ALA B 251 -29.10 -25.97 -3.77
CA ALA B 251 -29.41 -24.54 -3.72
C ALA B 251 -30.67 -24.25 -2.91
N GLY B 252 -31.61 -25.20 -2.91
CA GLY B 252 -32.86 -25.06 -2.17
C GLY B 252 -33.94 -24.39 -3.01
N ILE B 253 -34.00 -24.75 -4.29
CA ILE B 253 -34.98 -24.20 -5.21
C ILE B 253 -35.46 -25.26 -6.21
N THR B 254 -36.50 -24.92 -6.97
CA THR B 254 -37.02 -25.78 -8.03
C THR B 254 -36.70 -25.17 -9.40
N LEU B 255 -37.03 -25.88 -10.46
CA LEU B 255 -36.80 -25.40 -11.83
C LEU B 255 -37.69 -24.21 -12.18
N GLY B 256 -38.84 -24.10 -11.52
CA GLY B 256 -39.74 -22.96 -11.69
C GLY B 256 -39.14 -21.63 -11.23
N ASP B 257 -38.24 -21.69 -10.26
CA ASP B 257 -37.57 -20.49 -9.73
C ASP B 257 -36.51 -19.94 -10.69
N ILE B 258 -36.05 -20.77 -11.63
CA ILE B 258 -35.03 -20.37 -12.60
C ILE B 258 -35.61 -19.37 -13.60
N THR B 259 -34.98 -18.20 -13.71
CA THR B 259 -35.42 -17.16 -14.63
C THR B 259 -34.75 -17.32 -15.99
N ARG B 260 -33.42 -17.38 -16.00
CA ARG B 260 -32.65 -17.57 -17.22
C ARG B 260 -31.71 -18.78 -17.08
N VAL B 261 -31.24 -19.29 -18.23
CA VAL B 261 -30.32 -20.42 -18.27
C VAL B 261 -29.11 -20.05 -19.13
N ALA B 262 -27.92 -20.36 -18.63
CA ALA B 262 -26.66 -20.04 -19.33
C ALA B 262 -25.93 -21.30 -19.76
N TYR B 263 -26.20 -21.72 -21.00
CA TYR B 263 -25.49 -22.84 -21.62
C TYR B 263 -24.38 -22.27 -22.51
N MET B 264 -23.48 -23.14 -23.00
CA MET B 264 -22.41 -22.70 -23.89
C MET B 264 -22.98 -22.17 -25.21
N ASN B 265 -22.14 -21.43 -25.94
CA ASN B 265 -22.55 -20.80 -27.19
C ASN B 265 -22.38 -21.75 -28.39
N PHE B 266 -23.10 -22.86 -28.34
CA PHE B 266 -23.09 -23.86 -29.40
C PHE B 266 -24.25 -23.58 -30.35
N SER B 267 -24.33 -24.34 -31.44
CA SER B 267 -25.39 -24.15 -32.44
C SER B 267 -26.78 -24.26 -31.83
N ARG B 268 -27.76 -23.59 -32.44
CA ARG B 268 -29.13 -23.58 -31.94
C ARG B 268 -29.67 -24.99 -31.75
N GLU B 269 -29.46 -25.86 -32.73
CA GLU B 269 -29.89 -27.26 -32.65
C GLU B 269 -29.34 -27.96 -31.41
N ILE B 270 -28.08 -27.70 -31.10
CA ILE B 270 -27.43 -28.28 -29.92
C ILE B 270 -27.92 -27.63 -28.63
N VAL B 271 -28.02 -26.31 -28.62
CA VAL B 271 -28.47 -25.57 -27.42
C VAL B 271 -29.93 -25.89 -27.10
N GLU B 272 -30.76 -26.00 -28.14
CA GLU B 272 -32.18 -26.29 -27.97
C GLU B 272 -32.42 -27.73 -27.50
N GLN B 273 -31.85 -28.69 -28.23
CA GLN B 273 -32.11 -30.11 -27.97
C GLN B 273 -31.50 -30.62 -26.67
N ARG B 274 -30.20 -30.39 -26.48
CA ARG B 274 -29.47 -30.97 -25.35
C ARG B 274 -29.76 -30.29 -24.02
N CYS B 275 -29.97 -28.98 -24.03
CA CYS B 275 -30.16 -28.22 -22.79
C CYS B 275 -31.60 -27.78 -22.55
N MET B 276 -32.14 -26.96 -23.45
CA MET B 276 -33.44 -26.31 -23.23
C MET B 276 -34.62 -27.26 -23.37
N ALA B 277 -34.57 -28.11 -24.39
CA ALA B 277 -35.61 -29.13 -24.61
C ALA B 277 -35.52 -30.24 -23.56
N ALA B 278 -34.30 -30.51 -23.07
CA ALA B 278 -34.09 -31.50 -22.03
C ALA B 278 -34.68 -31.05 -20.70
N LEU B 279 -34.44 -29.79 -20.34
CA LEU B 279 -34.97 -29.22 -19.10
C LEU B 279 -36.45 -28.85 -19.19
N GLY B 280 -36.97 -28.73 -20.41
CA GLY B 280 -38.38 -28.37 -20.62
C GLY B 280 -38.61 -26.89 -20.45
N LEU B 281 -37.71 -26.08 -21.02
CA LEU B 281 -37.80 -24.62 -20.96
C LEU B 281 -37.66 -24.05 -22.37
N PRO B 282 -38.24 -22.85 -22.60
CA PRO B 282 -38.19 -22.25 -23.93
C PRO B 282 -36.81 -21.69 -24.29
N MET B 283 -36.57 -21.49 -25.59
CA MET B 283 -35.30 -20.94 -26.08
C MET B 283 -35.17 -19.44 -25.78
N SER B 284 -36.28 -18.78 -25.47
CA SER B 284 -36.26 -17.38 -25.04
C SER B 284 -35.59 -17.20 -23.68
N ALA B 285 -35.66 -18.23 -22.84
CA ALA B 285 -35.04 -18.19 -21.51
C ALA B 285 -33.54 -18.48 -21.52
N SER B 286 -32.99 -18.85 -22.68
CA SER B 286 -31.56 -19.10 -22.83
C SER B 286 -30.80 -17.80 -23.07
N THR B 287 -29.47 -17.89 -23.06
CA THR B 287 -28.59 -16.78 -23.42
C THR B 287 -27.96 -17.08 -24.78
N TRP B 288 -28.82 -17.36 -25.75
CA TRP B 288 -28.40 -17.75 -27.10
C TRP B 288 -28.29 -16.54 -28.03
N GLU B 289 -29.25 -15.62 -27.93
CA GLU B 289 -29.24 -14.39 -28.73
C GLU B 289 -27.99 -13.55 -28.50
N PHE B 290 -27.51 -13.53 -27.25
CA PHE B 290 -26.28 -12.83 -26.90
C PHE B 290 -25.05 -13.67 -27.20
N GLY B 291 -25.10 -14.95 -26.85
CA GLY B 291 -23.97 -15.85 -27.00
C GLY B 291 -23.58 -16.19 -28.44
N ARG B 292 -24.56 -16.22 -29.33
CA ARG B 292 -24.32 -16.55 -30.74
C ARG B 292 -23.40 -15.56 -31.45
N LYS B 293 -23.43 -14.29 -31.02
CA LYS B 293 -22.58 -13.25 -31.58
C LYS B 293 -21.12 -13.45 -31.17
N LEU B 294 -20.90 -13.87 -29.93
CA LEU B 294 -19.56 -14.00 -29.35
C LEU B 294 -18.89 -15.32 -29.70
N GLY B 295 -19.68 -16.39 -29.80
CA GLY B 295 -19.14 -17.73 -30.04
C GLY B 295 -18.68 -18.39 -28.75
N HIS B 296 -18.08 -19.57 -28.87
CA HIS B 296 -17.60 -20.31 -27.70
C HIS B 296 -16.30 -19.70 -27.18
N LEU B 297 -16.36 -19.10 -26.00
CA LEU B 297 -15.24 -18.40 -25.39
C LEU B 297 -14.47 -19.29 -24.41
N GLY B 298 -14.10 -20.48 -24.87
CA GLY B 298 -13.38 -21.44 -24.04
C GLY B 298 -14.19 -21.89 -22.83
N ALA B 299 -13.95 -21.24 -21.69
CA ALA B 299 -14.67 -21.52 -20.45
C ALA B 299 -15.26 -20.24 -19.85
N SER B 300 -15.69 -19.33 -20.73
CA SER B 300 -16.21 -18.02 -20.31
C SER B 300 -17.64 -17.77 -20.77
N ASP B 301 -18.30 -18.80 -21.31
CA ASP B 301 -19.64 -18.64 -21.89
C ASP B 301 -20.72 -18.34 -20.85
N GLN B 302 -20.59 -18.95 -19.67
CA GLN B 302 -21.61 -18.85 -18.62
C GLN B 302 -21.43 -17.59 -17.78
N VAL B 303 -20.17 -17.22 -17.51
CA VAL B 303 -19.87 -16.04 -16.70
C VAL B 303 -20.08 -14.74 -17.48
N VAL B 304 -19.74 -14.74 -18.77
CA VAL B 304 -20.02 -13.58 -19.63
C VAL B 304 -21.53 -13.41 -19.83
N ALA B 305 -22.27 -14.52 -19.82
CA ALA B 305 -23.72 -14.50 -19.88
C ALA B 305 -24.28 -14.00 -18.54
N LEU B 306 -23.65 -14.40 -17.45
CA LEU B 306 -23.99 -13.88 -16.12
C LEU B 306 -23.77 -12.36 -16.09
N ASP B 307 -22.62 -11.93 -16.61
CA ASP B 307 -22.26 -10.51 -16.63
C ASP B 307 -23.28 -9.69 -17.42
N GLU B 308 -23.53 -10.09 -18.66
CA GLU B 308 -24.43 -9.37 -19.56
C GLU B 308 -25.83 -9.21 -18.97
N LEU B 309 -26.37 -10.28 -18.40
CA LEU B 309 -27.69 -10.27 -17.80
C LEU B 309 -27.77 -9.36 -16.56
N VAL B 310 -26.66 -9.28 -15.82
CA VAL B 310 -26.60 -8.48 -14.60
C VAL B 310 -26.58 -6.97 -14.91
N THR B 311 -25.64 -6.55 -15.75
CA THR B 311 -25.47 -5.12 -16.06
C THR B 311 -26.62 -4.49 -16.86
N THR B 312 -27.22 -5.27 -17.76
CA THR B 312 -28.30 -4.77 -18.60
C THR B 312 -29.62 -4.62 -17.82
N GLY B 313 -29.74 -5.34 -16.70
CA GLY B 313 -30.92 -5.26 -15.85
C GLY B 313 -31.99 -6.29 -16.18
N GLU B 314 -31.64 -7.27 -17.01
CA GLU B 314 -32.56 -8.35 -17.38
C GLU B 314 -32.72 -9.35 -16.22
N LEU B 315 -31.67 -9.51 -15.42
CA LEU B 315 -31.69 -10.40 -14.26
C LEU B 315 -31.65 -9.58 -12.97
N GLY B 316 -32.83 -9.13 -12.53
CA GLY B 316 -32.96 -8.27 -11.36
C GLY B 316 -33.04 -9.03 -10.05
N PRO B 317 -33.28 -8.30 -8.93
CA PRO B 317 -33.41 -8.89 -7.59
C PRO B 317 -34.46 -10.01 -7.51
N GLY B 318 -34.10 -11.12 -6.88
CA GLY B 318 -34.99 -12.26 -6.71
C GLY B 318 -34.87 -13.33 -7.78
N ASP B 319 -34.27 -12.99 -8.91
CA ASP B 319 -34.14 -13.93 -10.04
C ASP B 319 -33.01 -14.92 -9.81
N HIS B 320 -33.05 -16.02 -10.55
CA HIS B 320 -32.04 -17.07 -10.47
C HIS B 320 -31.50 -17.40 -11.85
N LEU B 321 -30.21 -17.73 -11.92
CA LEU B 321 -29.55 -18.09 -13.18
C LEU B 321 -29.00 -19.52 -13.09
N LEU B 322 -29.44 -20.38 -14.00
CA LEU B 322 -28.97 -21.77 -14.05
C LEU B 322 -27.83 -21.91 -15.05
N MET B 323 -26.60 -21.90 -14.54
CA MET B 323 -25.41 -22.09 -15.39
C MET B 323 -25.15 -23.58 -15.56
N LEU B 324 -25.25 -24.06 -16.80
CA LEU B 324 -25.08 -25.48 -17.13
C LEU B 324 -23.93 -25.63 -18.13
N GLY B 325 -23.06 -26.61 -17.90
CA GLY B 325 -21.92 -26.86 -18.79
C GLY B 325 -21.68 -28.32 -19.10
N MET B 326 -21.05 -28.58 -20.25
CA MET B 326 -20.64 -29.93 -20.66
C MET B 326 -19.30 -29.86 -21.36
N GLY B 327 -18.28 -30.52 -20.80
CA GLY B 327 -16.93 -30.47 -21.34
C GLY B 327 -16.25 -31.83 -21.36
N PRO B 328 -14.92 -31.85 -21.61
CA PRO B 328 -14.10 -33.07 -21.59
C PRO B 328 -14.20 -33.85 -20.28
N GLY B 329 -14.19 -35.18 -20.38
CA GLY B 329 -14.40 -36.05 -19.22
C GLY B 329 -15.20 -37.31 -19.53
N VAL B 330 -16.46 -37.17 -19.98
CA VAL B 330 -17.11 -35.88 -20.14
C VAL B 330 -17.60 -35.37 -18.78
N THR B 331 -17.22 -34.14 -18.45
CA THR B 331 -17.57 -33.55 -17.15
C THR B 331 -18.82 -32.68 -17.31
N LEU B 332 -19.77 -32.87 -16.39
CA LEU B 332 -21.06 -32.18 -16.43
C LEU B 332 -21.20 -31.32 -15.19
N SER B 333 -21.10 -30.02 -15.36
CA SER B 333 -21.14 -29.07 -14.24
C SER B 333 -22.38 -28.19 -14.32
N CYS B 334 -22.96 -27.91 -13.15
CA CYS B 334 -24.11 -27.03 -13.03
C CYS B 334 -23.97 -26.12 -11.82
N ALA B 335 -24.44 -24.89 -11.95
CA ALA B 335 -24.35 -23.90 -10.87
C ALA B 335 -25.57 -22.98 -10.87
N VAL B 336 -25.88 -22.45 -9.68
CA VAL B 336 -27.04 -21.56 -9.50
C VAL B 336 -26.58 -20.26 -8.84
N VAL B 337 -26.90 -19.13 -9.49
CA VAL B 337 -26.57 -17.81 -8.97
C VAL B 337 -27.84 -16.99 -8.77
N LYS B 338 -28.06 -16.52 -7.53
CA LYS B 338 -29.23 -15.72 -7.19
C LYS B 338 -28.83 -14.26 -7.04
N VAL B 339 -29.57 -13.37 -7.71
CA VAL B 339 -29.34 -11.93 -7.59
C VAL B 339 -30.17 -11.39 -6.41
N LEU B 340 -29.48 -10.84 -5.41
CA LEU B 340 -30.13 -10.33 -4.21
C LEU B 340 -30.52 -8.86 -4.37
N THR B 341 -29.56 -8.05 -4.83
CA THR B 341 -29.78 -6.63 -5.08
C THR B 341 -29.29 -6.26 -6.48
N PRO B 342 -29.63 -5.06 -6.97
CA PRO B 342 -29.06 -4.62 -8.25
C PRO B 342 -27.56 -4.40 -8.17
N ALA B 343 -26.87 -4.53 -9.30
CA ALA B 343 -25.41 -4.39 -9.34
C ALA B 343 -24.98 -2.97 -8.98
N PRO B 344 -23.86 -2.83 -8.25
CA PRO B 344 -23.33 -1.50 -7.93
C PRO B 344 -22.68 -0.73 -9.10
N TRP B 345 -22.86 -1.21 -10.33
CA TRP B 345 -22.20 -0.64 -11.51
C TRP B 345 -23.15 -0.59 -12.71
N SER B 346 -24.43 -0.33 -12.45
CA SER B 346 -25.44 -0.20 -13.50
C SER B 346 -26.70 0.48 -12.96
N PRO C 4 2.79 -1.67 -36.79
CA PRO C 4 3.73 -1.25 -35.76
C PRO C 4 3.04 -0.51 -34.60
N ASP C 5 3.25 -0.98 -33.38
CA ASP C 5 2.63 -0.39 -32.19
C ASP C 5 3.50 0.72 -31.61
N ILE C 6 2.85 1.79 -31.14
CA ILE C 6 3.54 2.91 -30.50
C ILE C 6 3.07 3.02 -29.05
N PHE C 7 3.97 2.69 -28.11
CA PHE C 7 3.63 2.67 -26.69
C PHE C 7 4.11 3.92 -25.97
N ILE C 8 3.28 4.44 -25.07
CA ILE C 8 3.66 5.55 -24.21
C ILE C 8 4.42 4.97 -23.00
N LYS C 9 5.72 5.16 -22.99
CA LYS C 9 6.58 4.63 -21.93
C LYS C 9 6.34 5.31 -20.59
N ALA C 10 6.20 6.64 -20.61
CA ALA C 10 5.95 7.42 -19.41
C ALA C 10 5.41 8.81 -19.72
N THR C 11 4.98 9.51 -18.68
CA THR C 11 4.49 10.88 -18.78
C THR C 11 4.88 11.67 -17.54
N GLY C 12 4.92 13.01 -17.69
CA GLY C 12 5.29 13.90 -16.60
C GLY C 12 4.81 15.31 -16.85
N ARG C 13 4.78 16.12 -15.79
CA ARG C 13 4.37 17.52 -15.91
C ARG C 13 4.99 18.41 -14.83
N PHE C 14 4.83 19.71 -15.02
CA PHE C 14 5.21 20.71 -14.02
C PHE C 14 4.09 21.73 -13.89
N LEU C 15 3.52 21.85 -12.69
CA LEU C 15 2.44 22.79 -12.42
C LEU C 15 2.81 23.70 -11.25
N PRO C 16 2.90 25.02 -11.48
CA PRO C 16 3.24 25.96 -10.41
C PRO C 16 2.07 26.22 -9.46
N GLU C 17 2.28 27.10 -8.49
CA GLU C 17 1.27 27.41 -7.47
C GLU C 17 -0.01 27.98 -8.11
N THR C 18 -1.15 27.48 -7.64
CA THR C 18 -2.45 27.86 -8.19
C THR C 18 -2.97 29.15 -7.57
N VAL C 19 -3.36 30.09 -8.42
CA VAL C 19 -4.02 31.33 -7.99
C VAL C 19 -5.52 31.16 -8.17
N SER C 20 -6.27 31.35 -7.09
CA SER C 20 -7.72 31.14 -7.11
C SER C 20 -8.46 32.23 -7.88
N VAL C 21 -9.66 31.90 -8.34
CA VAL C 21 -10.51 32.85 -9.07
C VAL C 21 -11.06 33.94 -8.15
N GLU C 22 -11.29 33.59 -6.88
CA GLU C 22 -11.77 34.55 -5.89
C GLU C 22 -10.75 35.64 -5.62
N TRP C 23 -9.48 35.28 -5.68
CA TRP C 23 -8.38 36.25 -5.55
C TRP C 23 -8.37 37.24 -6.72
N ALA C 24 -8.57 36.72 -7.93
CA ALA C 24 -8.56 37.54 -9.14
C ALA C 24 -9.68 38.60 -9.17
N VAL C 25 -10.83 38.27 -8.59
CA VAL C 25 -11.98 39.18 -8.56
C VAL C 25 -11.75 40.34 -7.57
N GLU C 26 -11.14 40.04 -6.42
CA GLU C 26 -10.85 41.05 -5.41
C GLU C 26 -9.81 42.08 -5.88
N GLN C 27 -8.84 41.62 -6.65
CA GLN C 27 -7.78 42.49 -7.18
C GLN C 27 -8.30 43.35 -8.34
N GLY C 28 -9.28 42.83 -9.09
CA GLY C 28 -9.87 43.55 -10.22
C GLY C 28 -9.30 43.13 -11.57
N HIS C 29 -8.79 41.90 -11.66
CA HIS C 29 -8.29 41.37 -12.92
C HIS C 29 -9.40 40.66 -13.68
N TYR C 30 -10.06 39.73 -12.99
CA TYR C 30 -11.14 38.92 -13.56
C TYR C 30 -12.49 39.41 -13.04
N SER C 31 -13.45 39.58 -13.93
CA SER C 31 -14.76 40.12 -13.57
C SER C 31 -15.60 39.12 -12.77
N ALA C 32 -16.52 39.65 -11.97
CA ALA C 32 -17.38 38.83 -11.12
C ALA C 32 -18.45 38.08 -11.94
N GLU C 33 -18.88 38.69 -13.05
CA GLU C 33 -19.87 38.08 -13.93
C GLU C 33 -19.35 36.80 -14.59
N ASP C 34 -18.11 36.85 -15.07
CA ASP C 34 -17.48 35.69 -15.71
C ASP C 34 -17.10 34.59 -14.72
N ALA C 35 -16.90 34.96 -13.45
CA ALA C 35 -16.55 33.99 -12.40
C ALA C 35 -17.66 33.00 -12.15
N GLU C 36 -18.89 33.49 -11.98
CA GLU C 36 -20.06 32.65 -11.73
C GLU C 36 -20.69 32.10 -13.01
N LEU C 37 -20.38 32.72 -14.15
CA LEU C 37 -20.88 32.26 -15.45
C LEU C 37 -20.11 31.03 -15.93
N HIS C 38 -18.79 31.15 -15.94
CA HIS C 38 -17.91 30.08 -16.41
C HIS C 38 -17.65 29.00 -15.35
N GLU C 39 -17.71 29.40 -14.07
CA GLU C 39 -17.53 28.49 -12.94
C GLU C 39 -16.13 27.85 -12.89
N LEU C 40 -15.11 28.62 -13.28
CA LEU C 40 -13.73 28.15 -13.25
C LEU C 40 -13.16 28.24 -11.84
N GLY C 41 -12.20 27.37 -11.53
CA GLY C 41 -11.59 27.32 -10.21
C GLY C 41 -10.50 28.36 -10.03
N GLY C 42 -9.57 28.40 -10.97
CA GLY C 42 -8.47 29.36 -10.92
C GLY C 42 -7.51 29.19 -12.09
N ALA C 43 -6.21 29.38 -11.82
CA ALA C 43 -5.17 29.24 -12.84
C ALA C 43 -3.81 29.05 -12.21
N ALA C 44 -2.99 28.17 -12.79
CA ALA C 44 -1.63 27.94 -12.32
C ALA C 44 -0.73 29.08 -12.84
N VAL C 45 -0.07 29.77 -11.93
CA VAL C 45 0.73 30.95 -12.26
C VAL C 45 2.20 30.77 -11.86
N ALA C 46 3.08 30.88 -12.85
CA ALA C 46 4.52 30.93 -12.62
C ALA C 46 4.96 32.39 -12.59
N GLY C 47 5.88 32.72 -11.68
CA GLY C 47 6.32 34.10 -11.51
C GLY C 47 7.15 34.60 -12.68
N ASP C 48 8.45 34.33 -12.65
CA ASP C 48 9.35 34.70 -13.74
C ASP C 48 10.16 33.48 -14.22
N THR C 49 9.61 32.28 -13.99
CA THR C 49 10.26 31.04 -14.40
C THR C 49 10.05 30.83 -15.90
N PRO C 50 11.14 30.75 -16.68
CA PRO C 50 11.00 30.54 -18.13
C PRO C 50 10.27 29.25 -18.50
N ALA C 51 9.60 29.26 -19.64
CA ALA C 51 8.87 28.08 -20.14
C ALA C 51 9.79 26.90 -20.47
N PRO C 52 10.99 27.17 -21.01
CA PRO C 52 11.97 26.09 -21.22
C PRO C 52 12.37 25.36 -19.93
N ASP C 53 12.48 26.11 -18.82
CA ASP C 53 12.74 25.50 -17.52
C ASP C 53 11.58 24.64 -17.05
N MET C 54 10.35 25.10 -17.28
CA MET C 54 9.16 24.32 -16.94
C MET C 54 9.07 23.05 -17.77
N ALA C 55 9.45 23.14 -19.05
CA ALA C 55 9.54 21.97 -19.91
C ALA C 55 10.64 21.01 -19.45
N LEU C 56 11.75 21.58 -18.98
CA LEU C 56 12.87 20.81 -18.46
C LEU C 56 12.50 20.02 -17.20
N TRP C 57 11.65 20.60 -16.35
CA TRP C 57 11.19 19.90 -15.15
C TRP C 57 10.27 18.73 -15.51
N ALA C 58 9.36 18.98 -16.47
CA ALA C 58 8.42 17.96 -16.92
C ALA C 58 9.11 16.82 -17.68
N ALA C 59 10.10 17.17 -18.50
CA ALA C 59 10.85 16.17 -19.26
C ALA C 59 11.69 15.28 -18.34
N GLN C 60 12.30 15.87 -17.33
CA GLN C 60 13.09 15.12 -16.35
C GLN C 60 12.24 14.12 -15.55
N GLN C 61 10.99 14.49 -15.25
CA GLN C 61 10.08 13.62 -14.51
C GLN C 61 9.67 12.42 -15.35
N ALA C 62 9.28 12.67 -16.59
CA ALA C 62 8.85 11.60 -17.51
C ALA C 62 9.98 10.59 -17.78
N VAL C 63 11.21 11.09 -17.91
CA VAL C 63 12.38 10.24 -18.13
C VAL C 63 12.74 9.46 -16.87
N LYS C 64 12.74 10.13 -15.72
CA LYS C 64 13.12 9.52 -14.45
C LYS C 64 12.12 8.49 -13.93
N ARG C 65 10.86 8.62 -14.31
CA ARG C 65 9.79 7.72 -13.84
C ARG C 65 9.96 6.30 -14.38
N CYS C 66 10.17 6.18 -15.70
CA CYS C 66 10.35 4.86 -16.33
C CYS C 66 11.80 4.37 -16.30
N GLY C 67 12.73 5.25 -15.95
CA GLY C 67 14.15 4.90 -15.91
C GLY C 67 14.75 4.82 -17.30
N HIS C 68 14.47 5.85 -18.11
CA HIS C 68 14.92 5.90 -19.50
C HIS C 68 16.23 6.68 -19.62
N ARG C 69 16.99 6.37 -20.67
CA ARG C 69 18.24 7.08 -20.95
C ARG C 69 17.94 8.25 -21.89
N PRO C 70 18.22 9.49 -21.46
CA PRO C 70 17.99 10.67 -22.31
C PRO C 70 18.66 10.62 -23.68
N GLU C 71 19.86 10.03 -23.74
CA GLU C 71 20.63 9.95 -24.98
C GLU C 71 20.07 8.92 -25.97
N ASP C 72 19.32 7.95 -25.47
CA ASP C 72 18.72 6.91 -26.32
C ASP C 72 17.56 7.42 -27.19
N LEU C 73 17.01 8.58 -26.84
CA LEU C 73 15.96 9.23 -27.64
C LEU C 73 16.43 9.48 -29.07
N GLY C 74 15.49 9.39 -30.01
CA GLY C 74 15.77 9.67 -31.43
C GLY C 74 15.00 10.87 -31.97
N LEU C 75 14.30 11.58 -31.09
CA LEU C 75 13.48 12.73 -31.49
C LEU C 75 13.10 13.57 -30.29
N LEU C 76 13.01 14.89 -30.49
CA LEU C 76 12.55 15.82 -29.47
C LEU C 76 11.59 16.82 -30.13
N LEU C 77 10.33 16.82 -29.69
CA LEU C 77 9.32 17.72 -30.23
C LEU C 77 8.81 18.68 -29.16
N TYR C 78 9.35 19.90 -29.16
CA TYR C 78 8.95 20.95 -28.24
C TYR C 78 7.79 21.73 -28.85
N VAL C 79 6.60 21.63 -28.24
CA VAL C 79 5.43 22.34 -28.76
C VAL C 79 5.07 23.52 -27.86
N ASP C 80 4.44 24.55 -28.45
CA ASP C 80 4.02 25.74 -27.71
C ASP C 80 3.06 26.60 -28.52
N SER C 81 2.18 27.32 -27.82
CA SER C 81 1.21 28.21 -28.45
C SER C 81 1.60 29.69 -28.36
N TRP C 82 2.69 30.00 -27.64
CA TRP C 82 3.11 31.39 -27.44
C TRP C 82 4.63 31.48 -27.26
N HIS C 83 5.14 32.71 -27.20
CA HIS C 83 6.58 32.99 -27.08
C HIS C 83 7.23 32.26 -25.91
N GLN C 84 8.51 31.93 -26.07
CA GLN C 84 9.28 31.15 -25.10
C GLN C 84 10.47 31.93 -24.56
N GLY C 85 11.37 32.32 -25.46
CA GLY C 85 12.58 33.07 -25.09
C GLY C 85 13.00 34.05 -26.17
N PRO C 86 14.28 34.44 -26.18
CA PRO C 86 14.82 35.40 -27.16
C PRO C 86 14.53 35.02 -28.61
N ASP C 87 14.32 36.02 -29.46
CA ASP C 87 14.06 35.81 -30.88
C ASP C 87 15.34 35.37 -31.58
N GLY C 88 15.20 34.51 -32.57
CA GLY C 88 16.35 33.88 -33.23
C GLY C 88 16.96 32.79 -32.35
N TRP C 89 16.13 32.20 -31.50
CA TRP C 89 16.55 31.12 -30.62
C TRP C 89 15.34 30.28 -30.21
N GLN C 90 15.46 28.96 -30.35
CA GLN C 90 14.38 28.04 -30.08
C GLN C 90 14.60 27.32 -28.74
N PRO C 91 13.50 26.94 -28.06
CA PRO C 91 13.58 26.42 -26.69
C PRO C 91 14.11 24.99 -26.54
N GLN C 92 13.98 24.18 -27.58
CA GLN C 92 14.40 22.76 -27.51
C GLN C 92 15.90 22.57 -27.24
N TYR C 93 16.72 23.57 -27.58
CA TYR C 93 18.17 23.50 -27.33
C TYR C 93 18.49 23.57 -25.84
N TYR C 94 17.59 24.18 -25.06
CA TYR C 94 17.74 24.23 -23.61
C TYR C 94 17.61 22.84 -22.99
N LEU C 95 16.63 22.07 -23.46
CA LEU C 95 16.47 20.67 -23.04
C LEU C 95 17.56 19.78 -23.65
N GLN C 96 18.00 20.15 -24.85
CA GLN C 96 19.08 19.41 -25.53
C GLN C 96 20.41 19.51 -24.77
N ARG C 97 20.64 20.62 -24.09
CA ARG C 97 21.84 20.82 -23.28
C ARG C 97 21.75 20.05 -21.96
N HIS C 98 20.71 20.35 -21.18
CA HIS C 98 20.60 19.88 -19.80
C HIS C 98 19.90 18.53 -19.63
N LEU C 99 19.66 17.79 -20.71
CA LEU C 99 18.96 16.51 -20.61
C LEU C 99 19.27 15.55 -21.76
N VAL C 100 18.74 15.84 -22.94
CA VAL C 100 18.71 14.87 -24.04
C VAL C 100 20.10 14.65 -24.67
N GLY C 101 20.72 15.75 -25.12
CA GLY C 101 22.00 15.68 -25.82
C GLY C 101 21.84 15.99 -27.29
N GLY C 102 22.94 16.33 -27.95
CA GLY C 102 22.92 16.78 -29.34
C GLY C 102 23.04 15.71 -30.41
N ASP C 103 22.61 14.49 -30.10
CA ASP C 103 22.61 13.39 -31.06
C ASP C 103 21.22 13.13 -31.66
N VAL C 104 20.21 13.85 -31.17
CA VAL C 104 18.82 13.64 -31.58
C VAL C 104 18.34 14.73 -32.55
N LEU C 105 17.15 14.54 -33.10
CA LEU C 105 16.48 15.56 -33.90
C LEU C 105 15.60 16.41 -33.00
N ALA C 106 16.05 17.65 -32.75
CA ALA C 106 15.30 18.59 -31.92
C ALA C 106 14.66 19.67 -32.80
N VAL C 107 13.35 19.86 -32.65
CA VAL C 107 12.60 20.76 -33.51
C VAL C 107 11.35 21.29 -32.80
N GLU C 108 11.09 22.58 -32.97
CA GLU C 108 9.94 23.25 -32.34
C GLU C 108 8.69 23.11 -33.19
N ILE C 109 7.62 22.61 -32.57
CA ILE C 109 6.32 22.48 -33.22
C ILE C 109 5.39 23.62 -32.75
N GLN C 110 4.54 24.10 -33.65
CA GLN C 110 3.56 25.14 -33.31
C GLN C 110 2.26 24.96 -34.09
N GLN C 111 1.19 24.62 -33.37
CA GLN C 111 -0.15 24.52 -33.95
C GLN C 111 -1.22 24.91 -32.91
N GLY C 112 -0.95 25.97 -32.16
CA GLY C 112 -1.85 26.43 -31.11
C GLY C 112 -1.94 25.44 -29.96
N CYS C 113 -3.16 25.19 -29.49
CA CYS C 113 -3.42 24.22 -28.41
C CYS C 113 -3.41 22.77 -28.91
N ASN C 114 -3.54 22.58 -30.22
CA ASN C 114 -3.49 21.24 -30.82
C ASN C 114 -2.08 20.81 -31.27
N GLY C 115 -1.05 21.55 -30.86
CA GLY C 115 0.33 21.23 -31.20
C GLY C 115 0.80 19.90 -30.64
N MET C 116 0.26 19.51 -29.49
CA MET C 116 0.57 18.22 -28.87
C MET C 116 0.06 17.06 -29.72
N PHE C 117 -1.14 17.20 -30.26
CA PHE C 117 -1.73 16.16 -31.12
C PHE C 117 -0.92 15.95 -32.39
N SER C 118 -0.46 17.03 -33.00
CA SER C 118 0.37 16.96 -34.20
C SER C 118 1.74 16.35 -33.91
N ALA C 119 2.29 16.66 -32.75
CA ALA C 119 3.58 16.10 -32.32
C ALA C 119 3.48 14.58 -32.12
N LEU C 120 2.35 14.13 -31.58
CA LEU C 120 2.09 12.69 -31.41
C LEU C 120 2.01 11.95 -32.75
N GLU C 121 1.47 12.61 -33.78
CA GLU C 121 1.44 12.03 -35.13
C GLU C 121 2.83 11.95 -35.75
N LEU C 122 3.57 13.06 -35.67
CA LEU C 122 4.93 13.12 -36.22
C LEU C 122 5.89 12.21 -35.47
N ALA C 123 5.74 12.12 -34.15
CA ALA C 123 6.57 11.25 -33.32
C ALA C 123 6.28 9.77 -33.58
N ALA C 124 5.00 9.43 -33.68
CA ALA C 124 4.58 8.05 -33.96
C ALA C 124 5.08 7.58 -35.33
N ALA C 125 5.03 8.47 -36.32
CA ALA C 125 5.52 8.18 -37.66
C ALA C 125 7.04 8.09 -37.71
N HIS C 126 7.72 8.91 -36.91
CA HIS C 126 9.18 8.91 -36.82
C HIS C 126 9.71 7.61 -36.21
N LEU C 127 9.02 7.09 -35.20
CA LEU C 127 9.39 5.84 -34.55
C LEU C 127 9.13 4.63 -35.45
N ARG C 128 8.02 4.67 -36.19
CA ARG C 128 7.66 3.58 -37.10
C ARG C 128 8.64 3.47 -38.26
N ALA C 129 9.03 4.61 -38.82
CA ALA C 129 9.97 4.66 -39.95
C ALA C 129 11.42 4.39 -39.51
N GLY C 130 11.74 4.72 -38.26
CA GLY C 130 13.10 4.57 -37.75
C GLY C 130 13.49 3.13 -37.43
N PRO C 131 14.55 2.95 -36.61
CA PRO C 131 15.03 1.61 -36.26
C PRO C 131 14.09 0.86 -35.31
N ARG C 132 14.47 -0.37 -34.95
CA ARG C 132 13.62 -1.23 -34.12
C ARG C 132 13.43 -0.69 -32.71
N PRO C 133 14.53 -0.53 -31.94
CA PRO C 133 14.39 0.05 -30.60
C PRO C 133 14.45 1.58 -30.65
N GLY C 134 13.28 2.22 -30.74
CA GLY C 134 13.18 3.67 -30.84
C GLY C 134 12.47 4.30 -29.66
N SER C 135 12.68 5.60 -29.48
CA SER C 135 12.04 6.36 -28.41
C SER C 135 12.07 7.86 -28.72
N ALA C 136 10.97 8.55 -28.41
CA ALA C 136 10.84 9.97 -28.71
C ALA C 136 10.22 10.73 -27.53
N LEU C 137 10.68 11.96 -27.32
CA LEU C 137 10.18 12.82 -26.26
C LEU C 137 9.36 13.96 -26.85
N VAL C 138 8.11 14.08 -26.40
CA VAL C 138 7.24 15.18 -26.81
C VAL C 138 6.87 15.99 -25.57
N VAL C 139 7.08 17.30 -25.64
CA VAL C 139 6.85 18.18 -24.50
C VAL C 139 6.15 19.49 -24.89
N ALA C 140 5.38 20.02 -23.95
CA ALA C 140 4.68 21.30 -24.12
C ALA C 140 4.97 22.19 -22.91
N ALA C 141 5.06 23.49 -23.15
CA ALA C 141 5.29 24.46 -22.07
C ALA C 141 5.04 25.89 -22.54
N ASP C 142 4.37 26.67 -21.70
CA ASP C 142 4.07 28.08 -21.98
C ASP C 142 3.97 28.89 -20.69
N ASN C 143 4.45 30.13 -20.74
CA ASN C 143 4.34 31.06 -19.62
C ASN C 143 3.60 32.33 -20.08
N PHE C 144 2.37 32.48 -19.61
CA PHE C 144 1.55 33.64 -19.93
C PHE C 144 1.59 34.65 -18.78
N GLY C 145 2.80 35.11 -18.45
CA GLY C 145 3.03 35.97 -17.28
C GLY C 145 2.91 37.48 -17.53
N THR C 146 2.05 37.85 -18.46
CA THR C 146 1.74 39.26 -18.75
C THR C 146 2.88 40.10 -19.37
N PRO C 147 3.52 39.58 -20.44
CA PRO C 147 4.30 40.49 -21.28
C PRO C 147 3.39 41.23 -22.27
N LEU C 148 2.62 40.46 -23.04
CA LEU C 148 1.62 41.00 -23.97
C LEU C 148 0.42 40.04 -24.01
N PHE C 149 -0.02 39.61 -22.82
CA PHE C 149 -1.05 38.57 -22.71
C PHE C 149 -1.69 38.59 -21.33
N ASP C 150 -2.95 39.04 -21.27
CA ASP C 150 -3.72 39.02 -20.02
C ASP C 150 -4.37 37.65 -19.86
N ARG C 151 -3.85 36.85 -18.93
CA ARG C 151 -4.33 35.47 -18.72
C ARG C 151 -5.84 35.38 -18.43
N TRP C 152 -6.38 36.42 -17.82
CA TRP C 152 -7.78 36.41 -17.37
C TRP C 152 -8.77 36.86 -18.46
N THR C 153 -8.38 37.84 -19.27
CA THR C 153 -9.29 38.45 -20.24
C THR C 153 -8.95 38.23 -21.72
N THR C 154 -7.81 37.59 -22.01
CA THR C 154 -7.40 37.36 -23.40
C THR C 154 -8.30 36.35 -24.09
N GLY C 155 -8.34 35.13 -23.55
CA GLY C 155 -9.13 34.04 -24.13
C GLY C 155 -10.58 34.08 -23.67
N PRO C 156 -11.53 33.99 -24.62
CA PRO C 156 -12.95 33.95 -24.26
C PRO C 156 -13.38 32.57 -23.80
N GLY C 157 -13.87 32.48 -22.56
CA GLY C 157 -14.37 31.22 -22.01
C GLY C 157 -13.31 30.36 -21.34
N TYR C 158 -12.12 30.91 -21.10
CA TYR C 158 -11.07 30.18 -20.39
C TYR C 158 -10.02 31.13 -19.80
N ILE C 159 -9.44 30.73 -18.67
CA ILE C 159 -8.34 31.46 -18.06
C ILE C 159 -7.03 30.74 -18.41
N ALA C 160 -6.08 31.49 -18.95
CA ALA C 160 -4.78 30.92 -19.34
C ALA C 160 -3.97 30.55 -18.09
N GLY C 161 -3.21 29.47 -18.20
CA GLY C 161 -2.40 28.96 -17.10
C GLY C 161 -1.01 28.59 -17.53
N ASP C 162 -0.06 28.67 -16.60
CA ASP C 162 1.34 28.33 -16.85
C ASP C 162 1.61 26.91 -16.40
N GLY C 163 2.62 26.29 -17.00
CA GLY C 163 3.00 24.91 -16.67
C GLY C 163 3.70 24.22 -17.83
N ALA C 164 3.71 22.90 -17.79
CA ALA C 164 4.34 22.10 -18.85
C ALA C 164 3.88 20.65 -18.80
N GLY C 165 3.70 20.04 -19.97
CA GLY C 165 3.34 18.63 -20.09
C GLY C 165 4.44 17.86 -20.81
N ALA C 166 4.50 16.55 -20.56
CA ALA C 166 5.52 15.70 -21.16
C ALA C 166 5.00 14.28 -21.39
N VAL C 167 5.57 13.60 -22.38
CA VAL C 167 5.22 12.22 -22.68
C VAL C 167 6.34 11.54 -23.48
N VAL C 168 6.65 10.30 -23.10
CA VAL C 168 7.74 9.54 -23.74
C VAL C 168 7.17 8.38 -24.55
N LEU C 169 7.17 8.54 -25.87
CA LEU C 169 6.74 7.48 -26.79
C LEU C 169 7.89 6.51 -27.05
N THR C 170 7.53 5.28 -27.43
CA THR C 170 8.54 4.25 -27.70
C THR C 170 7.96 3.08 -28.52
N THR C 171 8.83 2.41 -29.26
CA THR C 171 8.45 1.25 -30.07
C THR C 171 8.28 0.00 -29.22
N GLU C 172 9.14 -0.16 -28.21
CA GLU C 172 9.07 -1.31 -27.30
C GLU C 172 7.86 -1.20 -26.37
N PRO C 173 7.41 -2.33 -25.80
CA PRO C 173 6.24 -2.34 -24.90
C PRO C 173 6.35 -1.37 -23.72
N GLY C 174 5.22 -0.78 -23.34
CA GLY C 174 5.15 0.14 -22.21
C GLY C 174 3.89 -0.09 -21.38
N PHE C 175 3.59 0.86 -20.49
CA PHE C 175 2.42 0.75 -19.63
C PHE C 175 1.13 1.11 -20.38
N ALA C 176 1.23 2.02 -21.34
CA ALA C 176 0.09 2.45 -22.15
C ALA C 176 0.41 2.35 -23.64
N ARG C 177 -0.62 2.52 -24.47
CA ARG C 177 -0.48 2.40 -25.92
C ARG C 177 -1.28 3.48 -26.64
N LEU C 178 -0.64 4.16 -27.59
CA LEU C 178 -1.31 5.14 -28.44
C LEU C 178 -1.96 4.40 -29.62
N LEU C 179 -3.27 4.15 -29.49
CA LEU C 179 -4.00 3.39 -30.51
C LEU C 179 -4.18 4.18 -31.81
N ALA C 180 -4.57 5.44 -31.68
CA ALA C 180 -4.79 6.30 -32.85
C ALA C 180 -4.73 7.78 -32.48
N VAL C 181 -4.45 8.61 -33.49
CA VAL C 181 -4.43 10.06 -33.33
C VAL C 181 -4.60 10.73 -34.70
N ARG C 182 -5.59 11.61 -34.80
CA ARG C 182 -5.96 12.25 -36.07
C ARG C 182 -5.91 13.76 -35.96
N SER C 183 -6.10 14.45 -37.09
CA SER C 183 -6.10 15.91 -37.13
C SER C 183 -6.80 16.43 -38.38
N LEU C 184 -8.09 16.70 -38.26
CA LEU C 184 -8.88 17.32 -39.35
C LEU C 184 -8.90 18.83 -39.15
N ALA C 185 -9.34 19.55 -40.19
CA ALA C 185 -9.35 21.01 -40.15
C ALA C 185 -10.42 21.63 -41.03
N VAL C 186 -10.94 22.78 -40.58
CA VAL C 186 -11.86 23.60 -41.37
C VAL C 186 -11.14 24.93 -41.66
N PRO C 187 -10.41 24.99 -42.80
CA PRO C 187 -9.59 26.15 -43.10
C PRO C 187 -10.37 27.39 -43.59
N GLU C 188 -11.68 27.26 -43.76
CA GLU C 188 -12.53 28.41 -44.10
C GLU C 188 -12.67 29.35 -42.90
N ALA C 189 -12.56 28.80 -41.69
CA ALA C 189 -12.65 29.58 -40.45
C ALA C 189 -11.27 29.88 -39.85
N GLU C 190 -10.29 30.15 -40.70
CA GLU C 190 -8.93 30.46 -40.25
C GLU C 190 -8.79 31.90 -39.75
N GLN C 191 -9.74 32.76 -40.11
CA GLN C 191 -9.77 34.15 -39.62
C GLN C 191 -10.38 34.28 -38.21
N MET C 192 -10.84 33.16 -37.64
CA MET C 192 -11.39 33.17 -36.28
C MET C 192 -10.36 33.63 -35.24
N HIS C 193 -9.09 33.29 -35.45
CA HIS C 193 -8.02 33.64 -34.52
C HIS C 193 -7.14 34.78 -35.04
N ARG C 194 -7.69 35.62 -35.91
CA ARG C 194 -6.99 36.82 -36.40
C ARG C 194 -8.00 37.85 -36.94
N GLY C 195 -7.56 38.73 -37.84
CA GLY C 195 -8.38 39.83 -38.33
C GLY C 195 -7.55 41.09 -38.55
N ALA C 196 -6.53 41.26 -37.70
CA ALA C 196 -5.60 42.38 -37.81
C ALA C 196 -4.61 42.17 -38.96
N GLU C 197 -3.76 43.17 -39.18
CA GLU C 197 -2.75 43.13 -40.24
C GLU C 197 -3.38 43.14 -41.63
N PRO C 202 4.33 43.76 -44.38
CA PRO C 202 3.54 42.69 -43.78
C PRO C 202 2.73 43.15 -42.56
N GLY C 203 3.34 43.96 -41.70
CA GLY C 203 2.70 44.41 -40.47
C GLY C 203 2.58 43.28 -39.46
N ALA C 204 3.71 42.65 -39.17
CA ALA C 204 3.75 41.55 -38.19
C ALA C 204 3.43 42.08 -36.79
N THR C 205 2.95 41.20 -35.92
CA THR C 205 2.44 41.61 -34.61
C THR C 205 3.52 42.06 -33.64
N ILE C 206 4.06 43.24 -33.87
CA ILE C 206 4.95 43.92 -32.90
C ILE C 206 4.55 45.40 -32.85
N GLY C 207 4.27 45.95 -31.67
CA GLY C 207 4.17 45.23 -30.40
C GLY C 207 2.73 45.20 -29.92
N ARG C 208 1.84 44.67 -30.77
CA ARG C 208 0.40 44.63 -30.48
C ARG C 208 0.08 43.49 -29.51
N PRO C 209 -0.80 43.75 -28.51
CA PRO C 209 -1.19 42.71 -27.56
C PRO C 209 -2.14 41.68 -28.15
N LEU C 210 -2.28 40.54 -27.48
CA LEU C 210 -3.10 39.43 -27.97
C LEU C 210 -4.44 39.41 -27.23
N ASN C 211 -5.53 39.36 -27.99
CA ASN C 211 -6.89 39.33 -27.44
C ASN C 211 -7.84 38.53 -28.33
N PHE C 212 -7.98 37.24 -28.03
CA PHE C 212 -8.80 36.32 -28.82
C PHE C 212 -10.29 36.69 -28.85
N THR C 213 -10.77 37.32 -27.79
CA THR C 213 -12.19 37.71 -27.69
C THR C 213 -12.59 38.71 -28.77
N SER C 214 -11.71 39.67 -29.05
CA SER C 214 -11.95 40.69 -30.08
C SER C 214 -11.83 40.11 -31.49
N ARG C 215 -10.86 39.22 -31.69
CA ARG C 215 -10.61 38.59 -32.99
C ARG C 215 -11.75 37.63 -33.37
N ASN C 216 -12.36 37.00 -32.38
CA ASN C 216 -13.51 36.12 -32.61
C ASN C 216 -14.76 36.89 -32.99
N ALA C 217 -14.92 38.08 -32.42
CA ALA C 217 -16.06 38.96 -32.72
C ALA C 217 -15.99 39.52 -34.15
N ALA C 218 -14.78 39.77 -34.63
CA ALA C 218 -14.56 40.25 -35.99
C ALA C 218 -14.90 39.16 -37.02
N PHE C 219 -14.49 37.93 -36.73
CA PHE C 219 -14.84 36.78 -37.57
C PHE C 219 -16.34 36.46 -37.52
N ARG C 220 -16.96 36.74 -36.38
CA ARG C 220 -18.40 36.52 -36.18
C ARG C 220 -19.28 37.35 -37.11
N GLU C 221 -18.72 38.40 -37.72
CA GLU C 221 -19.45 39.25 -38.66
C GLU C 221 -19.44 38.71 -40.10
N LEU C 222 -19.62 37.40 -40.25
CA LEU C 222 -19.74 36.78 -41.57
C LEU C 222 -21.16 36.95 -42.10
N SER C 223 -22.14 36.70 -41.23
CA SER C 223 -23.55 36.87 -41.58
C SER C 223 -23.94 38.35 -41.61
N THR C 230 -21.31 31.30 -45.45
CA THR C 230 -20.13 30.44 -45.42
C THR C 230 -20.47 29.05 -44.91
N GLY C 231 -21.15 29.00 -43.76
CA GLY C 231 -21.47 27.74 -43.10
C GLY C 231 -20.22 27.13 -42.48
N ALA C 232 -19.41 27.98 -41.84
CA ALA C 232 -18.14 27.57 -41.27
C ALA C 232 -18.34 26.87 -39.93
N LEU C 233 -19.01 27.56 -39.01
CA LEU C 233 -19.21 27.06 -37.64
C LEU C 233 -19.97 25.74 -37.63
N MET C 234 -20.90 25.57 -38.57
CA MET C 234 -21.60 24.30 -38.77
C MET C 234 -20.61 23.20 -39.12
N ARG C 235 -19.72 23.48 -40.07
CA ARG C 235 -18.75 22.50 -40.54
C ARG C 235 -17.74 22.15 -39.45
N VAL C 236 -17.43 23.12 -38.59
CA VAL C 236 -16.56 22.89 -37.43
C VAL C 236 -17.18 21.84 -36.50
N HIS C 237 -18.48 21.97 -36.26
CA HIS C 237 -19.21 21.03 -35.39
C HIS C 237 -19.35 19.66 -36.06
N GLN C 238 -19.48 19.65 -37.39
CA GLN C 238 -19.51 18.40 -38.16
C GLN C 238 -18.18 17.67 -38.10
N ARG C 239 -17.09 18.39 -38.29
CA ARG C 239 -15.75 17.80 -38.28
C ARG C 239 -15.25 17.47 -36.87
N THR C 240 -15.89 18.03 -35.85
CA THR C 240 -15.60 17.68 -34.45
C THR C 240 -16.03 16.24 -34.17
N LEU C 241 -17.21 15.87 -34.66
CA LEU C 241 -17.73 14.51 -34.50
C LEU C 241 -17.14 13.55 -35.53
N GLU C 242 -16.71 14.09 -36.68
CA GLU C 242 -16.11 13.29 -37.75
C GLU C 242 -14.75 12.72 -37.34
N VAL C 243 -13.89 13.57 -36.77
CA VAL C 243 -12.56 13.15 -36.35
C VAL C 243 -12.60 12.12 -35.21
N VAL C 244 -13.60 12.24 -34.34
CA VAL C 244 -13.79 11.27 -33.24
C VAL C 244 -14.21 9.91 -33.82
N GLU C 245 -15.11 9.95 -34.79
CA GLU C 245 -15.57 8.74 -35.47
C GLU C 245 -14.41 8.04 -36.19
N LYS C 246 -13.54 8.81 -36.82
CA LYS C 246 -12.39 8.27 -37.54
C LYS C 246 -11.26 7.81 -36.62
N THR C 247 -11.09 8.48 -35.48
CA THR C 247 -10.07 8.08 -34.49
C THR C 247 -10.47 6.78 -33.81
N LEU C 248 -11.73 6.69 -33.40
CA LEU C 248 -12.27 5.47 -32.80
C LEU C 248 -12.27 4.30 -33.78
N SER C 249 -12.50 4.58 -35.06
CA SER C 249 -12.48 3.57 -36.10
C SER C 249 -11.07 3.03 -36.36
N GLU C 250 -10.09 3.92 -36.37
CA GLU C 250 -8.68 3.53 -36.54
C GLU C 250 -8.17 2.77 -35.32
N ALA C 251 -8.53 3.24 -34.14
CA ALA C 251 -8.14 2.60 -32.88
C ALA C 251 -8.73 1.20 -32.73
N GLY C 252 -9.91 1.00 -33.33
CA GLY C 252 -10.59 -0.29 -33.28
C GLY C 252 -11.47 -0.44 -32.05
N ILE C 253 -12.17 0.63 -31.70
CA ILE C 253 -13.06 0.64 -30.53
C ILE C 253 -14.32 1.47 -30.81
N THR C 254 -15.28 1.41 -29.90
CA THR C 254 -16.48 2.22 -29.95
C THR C 254 -16.46 3.25 -28.83
N LEU C 255 -17.47 4.12 -28.79
CA LEU C 255 -17.59 5.13 -27.74
C LEU C 255 -17.87 4.51 -26.37
N GLY C 256 -18.49 3.33 -26.35
CA GLY C 256 -18.75 2.59 -25.11
C GLY C 256 -17.48 2.17 -24.39
N ASP C 257 -16.41 1.94 -25.15
CA ASP C 257 -15.12 1.55 -24.57
C ASP C 257 -14.38 2.71 -23.89
N ILE C 258 -14.77 3.94 -24.23
CA ILE C 258 -14.15 5.14 -23.65
C ILE C 258 -14.55 5.28 -22.17
N THR C 259 -13.54 5.41 -21.31
CA THR C 259 -13.75 5.54 -19.87
C THR C 259 -13.84 7.02 -19.48
N ARG C 260 -12.81 7.78 -19.86
CA ARG C 260 -12.75 9.21 -19.58
C ARG C 260 -12.53 10.02 -20.85
N VAL C 261 -12.76 11.33 -20.76
CA VAL C 261 -12.57 12.25 -21.88
C VAL C 261 -11.69 13.42 -21.43
N ALA C 262 -10.70 13.76 -22.23
CA ALA C 262 -9.74 14.83 -21.89
C ALA C 262 -9.87 16.01 -22.85
N TYR C 263 -10.81 16.90 -22.56
CA TYR C 263 -11.01 18.13 -23.30
C TYR C 263 -10.28 19.28 -22.59
N MET C 264 -9.97 20.35 -23.33
CA MET C 264 -9.28 21.51 -22.74
C MET C 264 -10.07 22.16 -21.62
N ASN C 265 -9.36 22.90 -20.77
CA ASN C 265 -9.93 23.48 -19.56
C ASN C 265 -10.65 24.80 -19.83
N PHE C 266 -11.73 24.72 -20.60
CA PHE C 266 -12.57 25.88 -20.93
C PHE C 266 -13.73 25.91 -19.94
N SER C 267 -14.56 26.95 -20.02
CA SER C 267 -15.71 27.10 -19.11
C SER C 267 -16.65 25.89 -19.18
N ARG C 268 -17.31 25.59 -18.07
CA ARG C 268 -18.23 24.45 -18.00
C ARG C 268 -19.21 24.43 -19.17
N GLU C 269 -19.83 25.58 -19.44
CA GLU C 269 -20.79 25.71 -20.55
C GLU C 269 -20.19 25.27 -21.88
N ILE C 270 -18.93 25.63 -22.12
CA ILE C 270 -18.21 25.26 -23.34
C ILE C 270 -17.82 23.77 -23.32
N VAL C 271 -17.33 23.30 -22.16
CA VAL C 271 -16.90 21.90 -22.02
C VAL C 271 -18.11 20.95 -22.08
N GLU C 272 -19.23 21.38 -21.53
CA GLU C 272 -20.44 20.57 -21.50
C GLU C 272 -21.09 20.47 -22.89
N GLN C 273 -21.33 21.63 -23.51
CA GLN C 273 -22.09 21.70 -24.76
C GLN C 273 -21.30 21.19 -25.97
N ARG C 274 -20.09 21.73 -26.17
CA ARG C 274 -19.31 21.43 -27.37
C ARG C 274 -18.70 20.02 -27.38
N CYS C 275 -18.28 19.54 -26.21
CA CYS C 275 -17.60 18.24 -26.12
C CYS C 275 -18.50 17.12 -25.59
N MET C 276 -18.89 17.21 -24.33
CA MET C 276 -19.56 16.09 -23.64
C MET C 276 -21.00 15.87 -24.12
N ALA C 277 -21.74 16.95 -24.33
CA ALA C 277 -23.10 16.86 -24.86
C ALA C 277 -23.11 16.45 -26.34
N ALA C 278 -22.05 16.81 -27.05
CA ALA C 278 -21.89 16.44 -28.46
C ALA C 278 -21.59 14.95 -28.64
N LEU C 279 -20.88 14.37 -27.66
CA LEU C 279 -20.57 12.94 -27.66
C LEU C 279 -21.65 12.10 -26.98
N GLY C 280 -22.48 12.75 -26.16
CA GLY C 280 -23.55 12.06 -25.44
C GLY C 280 -23.01 11.34 -24.22
N LEU C 281 -22.14 12.01 -23.47
CA LEU C 281 -21.53 11.46 -22.27
C LEU C 281 -21.71 12.45 -21.11
N PRO C 282 -21.73 11.95 -19.86
CA PRO C 282 -21.92 12.83 -18.71
C PRO C 282 -20.68 13.66 -18.39
N MET C 283 -20.89 14.77 -17.68
CA MET C 283 -19.80 15.66 -17.29
C MET C 283 -18.86 15.06 -16.23
N SER C 284 -19.33 14.02 -15.54
CA SER C 284 -18.49 13.28 -14.59
C SER C 284 -17.34 12.54 -15.30
N ALA C 285 -17.57 12.15 -16.55
CA ALA C 285 -16.56 11.43 -17.34
C ALA C 285 -15.47 12.35 -17.91
N SER C 286 -15.68 13.67 -17.85
CA SER C 286 -14.67 14.62 -18.31
C SER C 286 -13.61 14.87 -17.25
N THR C 287 -12.53 15.55 -17.64
CA THR C 287 -11.47 15.96 -16.72
C THR C 287 -11.61 17.47 -16.45
N TRP C 288 -12.81 17.86 -16.01
CA TRP C 288 -13.15 19.25 -15.78
C TRP C 288 -12.89 19.67 -14.32
N GLU C 289 -13.24 18.79 -13.39
CA GLU C 289 -13.03 19.04 -11.95
C GLU C 289 -11.56 19.26 -11.61
N PHE C 290 -10.67 18.54 -12.30
CA PHE C 290 -9.23 18.68 -12.12
C PHE C 290 -8.68 19.86 -12.93
N GLY C 291 -9.13 19.96 -14.18
CA GLY C 291 -8.62 20.98 -15.10
C GLY C 291 -9.02 22.41 -14.81
N ARG C 292 -10.20 22.59 -14.21
CA ARG C 292 -10.73 23.93 -13.91
C ARG C 292 -9.81 24.76 -13.01
N LYS C 293 -9.18 24.11 -12.04
CA LYS C 293 -8.26 24.79 -11.13
C LYS C 293 -6.95 25.19 -11.81
N LEU C 294 -6.50 24.37 -12.76
CA LEU C 294 -5.25 24.61 -13.47
C LEU C 294 -5.39 25.64 -14.59
N GLY C 295 -6.55 25.66 -15.25
CA GLY C 295 -6.80 26.57 -16.36
C GLY C 295 -6.26 26.02 -17.67
N HIS C 296 -6.36 26.82 -18.73
CA HIS C 296 -5.88 26.41 -20.05
C HIS C 296 -4.36 26.51 -20.12
N LEU C 297 -3.69 25.36 -20.17
CA LEU C 297 -2.22 25.29 -20.15
C LEU C 297 -1.64 25.23 -21.57
N GLY C 298 -2.06 26.15 -22.43
CA GLY C 298 -1.59 26.20 -23.81
C GLY C 298 -1.99 24.96 -24.60
N ALA C 299 -1.07 24.00 -24.68
CA ALA C 299 -1.30 22.73 -25.37
C ALA C 299 -0.95 21.55 -24.48
N SER C 300 -1.23 21.68 -23.18
CA SER C 300 -0.89 20.66 -22.19
C SER C 300 -2.10 20.15 -21.41
N ASP C 301 -3.30 20.52 -21.86
CA ASP C 301 -4.54 20.22 -21.11
C ASP C 301 -4.90 18.74 -21.07
N GLN C 302 -4.62 18.03 -22.16
CA GLN C 302 -5.01 16.61 -22.29
C GLN C 302 -3.93 15.66 -21.78
N VAL C 303 -2.66 16.07 -21.92
CA VAL C 303 -1.54 15.26 -21.43
C VAL C 303 -1.41 15.35 -19.91
N VAL C 304 -1.64 16.54 -19.34
CA VAL C 304 -1.65 16.70 -17.88
C VAL C 304 -2.86 15.99 -17.27
N ALA C 305 -3.97 15.95 -18.02
CA ALA C 305 -5.16 15.21 -17.62
C ALA C 305 -4.89 13.71 -17.68
N LEU C 306 -4.20 13.28 -18.74
CA LEU C 306 -3.77 11.88 -18.86
C LEU C 306 -2.81 11.51 -17.72
N ASP C 307 -1.89 12.42 -17.41
CA ASP C 307 -0.93 12.23 -16.33
C ASP C 307 -1.63 12.06 -14.99
N GLU C 308 -2.59 12.93 -14.71
CA GLU C 308 -3.34 12.90 -13.44
C GLU C 308 -4.17 11.63 -13.31
N LEU C 309 -4.85 11.24 -14.38
CA LEU C 309 -5.67 10.02 -14.38
C LEU C 309 -4.81 8.76 -14.25
N VAL C 310 -3.62 8.78 -14.86
CA VAL C 310 -2.71 7.64 -14.82
C VAL C 310 -2.03 7.51 -13.46
N THR C 311 -1.45 8.61 -12.97
CA THR C 311 -0.65 8.58 -11.73
C THR C 311 -1.47 8.28 -10.48
N THR C 312 -2.70 8.77 -10.43
CA THR C 312 -3.58 8.56 -9.26
C THR C 312 -4.17 7.15 -9.23
N GLY C 313 -4.28 6.52 -10.40
CA GLY C 313 -4.84 5.16 -10.51
C GLY C 313 -6.31 5.14 -10.86
N GLU C 314 -6.84 6.26 -11.37
CA GLU C 314 -8.22 6.33 -11.83
C GLU C 314 -8.41 5.61 -13.17
N LEU C 315 -7.41 5.75 -14.05
CA LEU C 315 -7.43 5.10 -15.35
C LEU C 315 -6.57 3.83 -15.33
N GLY C 316 -7.18 2.72 -14.91
CA GLY C 316 -6.47 1.46 -14.74
C GLY C 316 -6.34 0.66 -16.04
N PRO C 317 -5.71 -0.52 -15.97
CA PRO C 317 -5.53 -1.41 -17.12
C PRO C 317 -6.84 -1.77 -17.81
N GLY C 318 -6.88 -1.63 -19.14
CA GLY C 318 -8.08 -1.93 -19.93
C GLY C 318 -8.90 -0.70 -20.31
N ASP C 319 -8.74 0.38 -19.57
CA ASP C 319 -9.50 1.62 -19.80
C ASP C 319 -8.97 2.38 -21.01
N HIS C 320 -9.81 3.27 -21.55
CA HIS C 320 -9.46 4.10 -22.70
C HIS C 320 -9.73 5.57 -22.40
N LEU C 321 -8.82 6.44 -22.82
CA LEU C 321 -8.97 7.88 -22.68
C LEU C 321 -9.18 8.51 -24.07
N LEU C 322 -10.21 9.35 -24.19
CA LEU C 322 -10.51 10.05 -25.43
C LEU C 322 -10.03 11.49 -25.36
N MET C 323 -8.78 11.72 -25.79
CA MET C 323 -8.22 13.07 -25.83
C MET C 323 -8.77 13.82 -27.04
N LEU C 324 -9.27 15.03 -26.81
CA LEU C 324 -9.87 15.84 -27.87
C LEU C 324 -9.43 17.30 -27.74
N GLY C 325 -9.32 18.00 -28.87
CA GLY C 325 -8.88 19.39 -28.86
C GLY C 325 -9.25 20.18 -30.11
N MET C 326 -9.90 21.32 -29.90
CA MET C 326 -10.19 22.29 -30.97
C MET C 326 -9.27 23.49 -30.80
N GLY C 327 -8.60 23.90 -31.89
CA GLY C 327 -7.66 25.02 -31.86
C GLY C 327 -7.70 25.88 -33.11
N PRO C 328 -6.73 26.81 -33.24
CA PRO C 328 -6.59 27.68 -34.42
C PRO C 328 -6.46 26.90 -35.73
N GLY C 329 -7.13 27.37 -36.78
CA GLY C 329 -7.18 26.66 -38.06
C GLY C 329 -8.47 26.86 -38.83
N VAL C 330 -9.61 26.45 -38.27
CA VAL C 330 -9.66 25.75 -36.98
C VAL C 330 -9.40 24.27 -37.19
N THR C 331 -8.48 23.71 -36.39
CA THR C 331 -8.13 22.29 -36.51
C THR C 331 -8.72 21.51 -35.34
N LEU C 332 -9.26 20.34 -35.64
CA LEU C 332 -9.98 19.51 -34.68
C LEU C 332 -9.28 18.16 -34.55
N SER C 333 -8.47 18.02 -33.50
CA SER C 333 -7.69 16.82 -33.28
C SER C 333 -8.34 15.90 -32.25
N CYS C 334 -8.08 14.61 -32.37
CA CYS C 334 -8.60 13.61 -31.45
C CYS C 334 -7.67 12.40 -31.37
N ALA C 335 -7.44 11.91 -30.16
CA ALA C 335 -6.52 10.78 -29.94
C ALA C 335 -7.09 9.82 -28.90
N VAL C 336 -6.65 8.56 -28.99
CA VAL C 336 -7.09 7.51 -28.08
C VAL C 336 -5.88 6.83 -27.45
N VAL C 337 -5.87 6.78 -26.11
CA VAL C 337 -4.78 6.12 -25.36
C VAL C 337 -5.37 5.01 -24.49
N LYS C 338 -4.83 3.81 -24.64
CA LYS C 338 -5.26 2.65 -23.86
C LYS C 338 -4.20 2.29 -22.82
N VAL C 339 -4.63 2.17 -21.56
CA VAL C 339 -3.74 1.76 -20.48
C VAL C 339 -3.64 0.24 -20.46
N LEU C 340 -2.42 -0.28 -20.58
CA LEU C 340 -2.18 -1.73 -20.63
C LEU C 340 -1.76 -2.32 -19.28
N THR C 341 -0.98 -1.58 -18.51
CA THR C 341 -0.60 -1.99 -17.16
C THR C 341 -0.64 -0.79 -16.22
N PRO C 342 -0.58 -1.04 -14.89
CA PRO C 342 -0.45 0.08 -13.96
C PRO C 342 0.89 0.78 -14.15
N ALA C 343 0.89 2.11 -14.01
CA ALA C 343 2.10 2.91 -14.21
C ALA C 343 3.21 2.48 -13.24
N PRO C 344 4.46 2.34 -13.73
CA PRO C 344 5.60 1.99 -12.87
C PRO C 344 5.82 2.93 -11.67
N TRP C 345 5.41 4.19 -11.81
CA TRP C 345 5.63 5.22 -10.78
C TRP C 345 4.47 5.36 -9.80
N SER C 346 3.31 4.80 -10.14
CA SER C 346 2.14 4.86 -9.26
C SER C 346 2.22 3.78 -8.19
N PRO D 4 9.98 2.45 -49.06
CA PRO D 4 10.78 3.34 -48.21
C PRO D 4 11.46 4.51 -48.93
N ASP D 5 11.81 4.33 -50.21
CA ASP D 5 12.47 5.37 -51.00
C ASP D 5 11.61 6.63 -51.14
N ILE D 6 12.14 7.76 -50.67
CA ILE D 6 11.46 9.05 -50.75
C ILE D 6 11.99 9.83 -51.97
N PHE D 7 11.07 10.36 -52.76
CA PHE D 7 11.42 11.07 -53.99
C PHE D 7 10.88 12.50 -54.00
N ILE D 8 11.68 13.43 -54.50
CA ILE D 8 11.25 14.82 -54.67
C ILE D 8 10.54 14.95 -56.02
N LYS D 9 9.22 15.08 -55.97
CA LYS D 9 8.41 15.19 -57.18
C LYS D 9 8.64 16.52 -57.91
N ALA D 10 8.72 17.60 -57.14
CA ALA D 10 8.96 18.92 -57.71
C ALA D 10 9.44 19.92 -56.64
N THR D 11 9.92 21.06 -57.11
CA THR D 11 10.33 22.16 -56.22
C THR D 11 9.89 23.50 -56.81
N GLY D 12 9.81 24.52 -55.96
CA GLY D 12 9.39 25.85 -56.38
C GLY D 12 9.83 26.91 -55.39
N ARG D 13 9.85 28.16 -55.85
CA ARG D 13 10.24 29.28 -54.98
C ARG D 13 9.59 30.60 -55.41
N PHE D 14 9.68 31.59 -54.54
CA PHE D 14 9.29 32.97 -54.85
C PHE D 14 10.38 33.92 -54.38
N LEU D 15 10.95 34.67 -55.31
CA LEU D 15 12.01 35.64 -55.01
C LEU D 15 11.59 37.03 -55.50
N PRO D 16 11.47 38.00 -54.58
CA PRO D 16 11.09 39.35 -54.96
C PRO D 16 12.23 40.13 -55.62
N GLU D 17 11.98 41.41 -55.94
CA GLU D 17 12.97 42.25 -56.61
C GLU D 17 14.25 42.39 -55.79
N THR D 18 15.39 42.29 -56.46
CA THR D 18 16.70 42.33 -55.81
C THR D 18 17.17 43.77 -55.59
N VAL D 19 17.57 44.07 -54.36
CA VAL D 19 18.19 45.35 -54.02
C VAL D 19 19.71 45.14 -53.97
N SER D 20 20.43 45.90 -54.77
CA SER D 20 21.89 45.74 -54.88
C SER D 20 22.62 46.26 -53.64
N VAL D 21 23.83 45.76 -53.42
CA VAL D 21 24.67 46.19 -52.30
C VAL D 21 25.18 47.62 -52.49
N GLU D 22 25.40 48.02 -53.74
CA GLU D 22 25.86 49.37 -54.07
C GLU D 22 24.81 50.43 -53.70
N TRP D 23 23.53 50.05 -53.82
CA TRP D 23 22.42 50.91 -53.40
C TRP D 23 22.41 51.09 -51.89
N ALA D 24 22.63 50.01 -51.16
CA ALA D 24 22.62 50.03 -49.69
C ALA D 24 23.72 50.92 -49.10
N VAL D 25 24.88 50.96 -49.75
CA VAL D 25 26.00 51.78 -49.31
C VAL D 25 25.72 53.27 -49.56
N GLU D 26 25.03 53.57 -50.65
CA GLU D 26 24.68 54.95 -51.00
C GLU D 26 23.72 55.57 -50.00
N GLN D 27 22.73 54.80 -49.56
CA GLN D 27 21.71 55.29 -48.62
C GLN D 27 22.23 55.33 -47.18
N GLY D 28 23.24 54.52 -46.88
CA GLY D 28 23.85 54.48 -45.55
C GLY D 28 23.30 53.39 -44.65
N HIS D 29 22.79 52.32 -45.24
CA HIS D 29 22.30 51.16 -44.49
C HIS D 29 23.45 50.18 -44.23
N TYR D 30 24.14 49.81 -45.31
CA TYR D 30 25.24 48.86 -45.26
C TYR D 30 26.57 49.59 -45.41
N SER D 31 27.55 49.22 -44.59
CA SER D 31 28.86 49.90 -44.61
C SER D 31 29.68 49.51 -45.83
N ALA D 32 30.55 50.43 -46.26
CA ALA D 32 31.42 50.21 -47.42
C ALA D 32 32.52 49.19 -47.13
N GLU D 33 32.93 49.10 -45.86
CA GLU D 33 33.95 48.15 -45.44
C GLU D 33 33.45 46.71 -45.58
N ASP D 34 32.25 46.44 -45.06
CA ASP D 34 31.65 45.10 -45.12
C ASP D 34 31.29 44.69 -46.55
N ALA D 35 31.02 45.66 -47.42
CA ALA D 35 30.75 45.39 -48.83
C ALA D 35 31.97 44.82 -49.54
N GLU D 36 33.12 45.43 -49.31
CA GLU D 36 34.39 44.98 -49.89
C GLU D 36 34.92 43.71 -49.19
N LEU D 37 34.65 43.59 -47.90
CA LEU D 37 35.13 42.46 -47.10
C LEU D 37 34.38 41.18 -47.45
N HIS D 38 33.05 41.24 -47.39
CA HIS D 38 32.21 40.06 -47.60
C HIS D 38 31.98 39.74 -49.08
N GLU D 39 32.02 40.76 -49.94
CA GLU D 39 31.85 40.61 -51.39
C GLU D 39 30.48 40.05 -51.78
N LEU D 40 29.43 40.47 -51.07
CA LEU D 40 28.07 40.03 -51.36
C LEU D 40 27.44 40.88 -52.47
N GLY D 41 26.55 40.27 -53.23
CA GLY D 41 25.91 40.93 -54.36
C GLY D 41 24.80 41.88 -53.94
N GLY D 42 23.85 41.36 -53.16
CA GLY D 42 22.72 42.16 -52.69
C GLY D 42 21.77 41.36 -51.82
N ALA D 43 20.48 41.66 -51.94
CA ALA D 43 19.45 40.95 -51.17
C ALA D 43 18.07 41.14 -51.79
N ALA D 44 17.28 40.07 -51.79
CA ALA D 44 15.90 40.12 -52.30
C ALA D 44 15.00 40.75 -51.24
N VAL D 45 14.30 41.81 -51.62
CA VAL D 45 13.48 42.59 -50.69
C VAL D 45 12.02 42.63 -51.13
N ALA D 46 11.14 42.17 -50.25
CA ALA D 46 9.69 42.30 -50.45
C ALA D 46 9.21 43.51 -49.64
N GLY D 47 8.33 44.31 -50.24
CA GLY D 47 7.87 45.56 -49.63
C GLY D 47 7.00 45.34 -48.41
N ASP D 48 5.72 45.11 -48.63
CA ASP D 48 4.76 44.84 -47.55
C ASP D 48 4.02 43.53 -47.79
N THR D 49 4.62 42.63 -48.56
CA THR D 49 4.02 41.35 -48.89
C THR D 49 4.23 40.37 -47.73
N PRO D 50 3.14 39.80 -47.17
CA PRO D 50 3.28 38.82 -46.10
C PRO D 50 4.04 37.57 -46.51
N ALA D 51 4.71 36.93 -45.54
CA ALA D 51 5.46 35.70 -45.79
C ALA D 51 4.56 34.50 -46.15
N PRO D 52 3.36 34.41 -45.56
CA PRO D 52 2.41 33.36 -45.98
C PRO D 52 2.02 33.43 -47.45
N ASP D 53 1.90 34.63 -48.00
CA ASP D 53 1.62 34.83 -49.42
C ASP D 53 2.78 34.35 -50.29
N MET D 54 4.00 34.64 -49.86
CA MET D 54 5.21 34.19 -50.56
C MET D 54 5.34 32.66 -50.50
N ALA D 55 4.96 32.07 -49.36
CA ALA D 55 4.93 30.61 -49.21
C ALA D 55 3.87 29.98 -50.10
N LEU D 56 2.72 30.65 -50.23
CA LEU D 56 1.63 30.18 -51.08
C LEU D 56 2.04 30.15 -52.55
N TRP D 57 2.73 31.20 -53.01
CA TRP D 57 3.19 31.27 -54.39
C TRP D 57 4.29 30.27 -54.68
N ALA D 58 5.15 30.02 -53.68
CA ALA D 58 6.20 29.00 -53.79
C ALA D 58 5.61 27.60 -53.83
N ALA D 59 4.57 27.37 -53.03
CA ALA D 59 3.87 26.09 -53.00
C ALA D 59 3.08 25.85 -54.28
N GLN D 60 2.38 26.89 -54.76
CA GLN D 60 1.59 26.82 -56.00
C GLN D 60 2.45 26.45 -57.22
N GLN D 61 3.68 26.97 -57.26
CA GLN D 61 4.60 26.68 -58.35
C GLN D 61 5.06 25.22 -58.32
N ALA D 62 5.43 24.74 -57.13
CA ALA D 62 5.88 23.36 -56.95
C ALA D 62 4.80 22.34 -57.29
N VAL D 63 3.56 22.66 -56.93
CA VAL D 63 2.41 21.79 -57.21
C VAL D 63 2.06 21.80 -58.69
N LYS D 64 2.03 23.00 -59.29
CA LYS D 64 1.65 23.17 -60.69
C LYS D 64 2.68 22.62 -61.68
N ARG D 65 3.95 22.56 -61.25
CA ARG D 65 5.04 22.09 -62.12
C ARG D 65 4.93 20.61 -62.44
N CYS D 66 4.74 19.78 -61.41
CA CYS D 66 4.60 18.33 -61.59
C CYS D 66 3.18 17.91 -61.94
N GLY D 67 2.21 18.80 -61.75
CA GLY D 67 0.81 18.49 -62.01
C GLY D 67 0.19 17.66 -60.90
N HIS D 68 0.47 18.05 -59.67
CA HIS D 68 0.00 17.33 -58.48
C HIS D 68 -1.33 17.91 -58.00
N ARG D 69 -2.10 17.09 -57.29
CA ARG D 69 -3.37 17.52 -56.71
C ARG D 69 -3.16 17.93 -55.24
N PRO D 70 -3.42 19.20 -54.91
CA PRO D 70 -3.26 19.68 -53.52
C PRO D 70 -3.98 18.83 -52.46
N GLU D 71 -5.15 18.30 -52.81
CA GLU D 71 -5.93 17.46 -51.88
C GLU D 71 -5.27 16.11 -51.57
N ASP D 72 -4.43 15.63 -52.49
CA ASP D 72 -3.76 14.33 -52.31
C ASP D 72 -2.64 14.35 -51.28
N LEU D 73 -2.15 15.55 -50.93
CA LEU D 73 -1.12 15.69 -49.89
C LEU D 73 -1.60 15.14 -48.55
N GLY D 74 -0.68 14.52 -47.81
CA GLY D 74 -0.97 13.98 -46.47
C GLY D 74 -0.23 14.70 -45.35
N LEU D 75 0.50 15.76 -45.69
CA LEU D 75 1.29 16.51 -44.70
C LEU D 75 1.67 17.88 -45.26
N LEU D 76 1.71 18.87 -44.37
CA LEU D 76 2.16 20.23 -44.70
C LEU D 76 3.08 20.73 -43.59
N LEU D 77 4.33 21.03 -43.93
CA LEU D 77 5.31 21.50 -42.97
C LEU D 77 5.80 22.91 -43.33
N TYR D 78 5.23 23.90 -42.66
CA TYR D 78 5.61 25.30 -42.84
C TYR D 78 6.75 25.62 -41.88
N VAL D 79 7.92 25.98 -42.44
CA VAL D 79 9.09 26.30 -41.61
C VAL D 79 9.41 27.80 -41.71
N ASP D 80 10.00 28.35 -40.65
CA ASP D 80 10.39 29.76 -40.62
C ASP D 80 11.33 30.08 -39.45
N SER D 81 12.15 31.11 -39.63
CA SER D 81 13.11 31.55 -38.62
C SER D 81 12.69 32.84 -37.90
N TRP D 82 11.64 33.50 -38.39
CA TRP D 82 11.19 34.78 -37.82
C TRP D 82 9.66 34.90 -37.88
N HIS D 83 9.12 35.94 -37.27
CA HIS D 83 7.67 36.16 -37.19
C HIS D 83 7.01 36.20 -38.58
N GLN D 84 5.79 35.68 -38.65
CA GLN D 84 5.05 35.56 -39.91
C GLN D 84 3.86 36.51 -39.96
N GLY D 85 2.99 36.41 -38.96
CA GLY D 85 1.78 37.25 -38.90
C GLY D 85 1.34 37.51 -37.46
N PRO D 86 0.02 37.63 -37.25
CA PRO D 86 -0.54 37.84 -35.92
C PRO D 86 -0.19 36.72 -34.92
N ASP D 87 0.04 37.09 -33.67
CA ASP D 87 0.36 36.12 -32.62
C ASP D 87 -0.90 35.36 -32.22
N GLY D 88 -0.74 34.07 -31.91
CA GLY D 88 -1.87 33.19 -31.66
C GLY D 88 -2.51 32.72 -32.96
N TRP D 89 -1.73 32.75 -34.04
CA TRP D 89 -2.19 32.29 -35.35
C TRP D 89 -0.98 31.83 -36.16
N GLN D 90 -1.07 30.64 -36.73
CA GLN D 90 0.03 30.03 -37.46
C GLN D 90 -0.19 30.16 -38.98
N PRO D 91 0.92 30.25 -39.76
CA PRO D 91 0.85 30.57 -41.18
C PRO D 91 0.36 29.44 -42.10
N GLN D 92 0.52 28.19 -41.67
CA GLN D 92 0.13 27.04 -42.50
C GLN D 92 -1.36 27.00 -42.87
N TYR D 93 -2.20 27.64 -42.04
CA TYR D 93 -3.64 27.70 -42.29
C TYR D 93 -3.97 28.55 -43.52
N TYR D 94 -3.09 29.50 -43.84
CA TYR D 94 -3.25 30.34 -45.03
C TYR D 94 -3.06 29.53 -46.31
N LEU D 95 -2.00 28.70 -46.33
CA LEU D 95 -1.75 27.78 -47.45
C LEU D 95 -2.81 26.69 -47.51
N GLN D 96 -3.32 26.29 -46.35
CA GLN D 96 -4.41 25.32 -46.25
C GLN D 96 -5.64 25.90 -46.95
N ARG D 97 -6.08 27.07 -46.49
CA ARG D 97 -7.27 27.74 -47.03
C ARG D 97 -7.24 27.92 -48.56
N HIS D 98 -6.08 28.26 -49.10
CA HIS D 98 -5.96 28.64 -50.51
C HIS D 98 -5.32 27.57 -51.41
N LEU D 99 -5.13 26.35 -50.90
CA LEU D 99 -4.50 25.28 -51.70
C LEU D 99 -4.71 23.89 -51.13
N VAL D 100 -4.09 23.62 -49.98
CA VAL D 100 -3.99 22.26 -49.43
C VAL D 100 -5.06 21.99 -48.35
N GLY D 101 -6.12 22.80 -48.34
CA GLY D 101 -7.14 22.74 -47.29
C GLY D 101 -7.88 21.42 -47.18
N GLY D 102 -8.24 21.06 -45.95
CA GLY D 102 -9.10 19.92 -45.69
C GLY D 102 -8.53 18.88 -44.74
N ASP D 103 -8.03 17.79 -45.31
CA ASP D 103 -7.73 16.57 -44.55
C ASP D 103 -6.25 16.35 -44.23
N VAL D 104 -5.41 17.36 -44.43
CA VAL D 104 -3.97 17.22 -44.23
C VAL D 104 -3.54 17.62 -42.83
N LEU D 105 -2.38 17.11 -42.41
CA LEU D 105 -1.76 17.51 -41.15
C LEU D 105 -0.88 18.73 -41.40
N ALA D 106 -1.40 19.90 -41.04
CA ALA D 106 -0.66 21.16 -41.18
C ALA D 106 -0.05 21.55 -39.84
N VAL D 107 1.24 21.88 -39.84
CA VAL D 107 1.97 22.16 -38.60
C VAL D 107 3.21 23.02 -38.88
N GLU D 108 3.44 24.01 -38.02
CA GLU D 108 4.56 24.93 -38.17
C GLU D 108 5.83 24.38 -37.53
N ILE D 109 6.91 24.34 -38.30
CA ILE D 109 8.22 23.91 -37.83
C ILE D 109 9.09 25.13 -37.57
N GLN D 110 9.94 25.06 -36.55
CA GLN D 110 10.88 26.15 -36.24
C GLN D 110 12.21 25.60 -35.70
N GLN D 111 13.28 25.77 -36.48
CA GLN D 111 14.63 25.42 -36.04
C GLN D 111 15.66 26.32 -36.71
N GLY D 112 15.37 27.63 -36.72
CA GLY D 112 16.25 28.62 -37.35
C GLY D 112 16.36 28.43 -38.85
N CYS D 113 17.60 28.46 -39.35
CA CYS D 113 17.86 28.26 -40.78
C CYS D 113 17.89 26.78 -41.18
N ASN D 114 18.00 25.89 -40.19
CA ASN D 114 18.00 24.45 -40.44
C ASN D 114 16.61 23.81 -40.31
N GLY D 115 15.57 24.63 -40.23
CA GLY D 115 14.19 24.14 -40.14
C GLY D 115 13.74 23.32 -41.33
N MET D 116 14.29 23.65 -42.50
CA MET D 116 14.00 22.91 -43.74
C MET D 116 14.52 21.47 -43.66
N PHE D 117 15.73 21.31 -43.11
CA PHE D 117 16.35 19.99 -42.98
C PHE D 117 15.57 19.08 -42.03
N SER D 118 15.11 19.65 -40.92
CA SER D 118 14.30 18.91 -39.95
C SER D 118 12.94 18.54 -40.52
N ALA D 119 12.36 19.43 -41.34
CA ALA D 119 11.10 19.16 -42.02
C ALA D 119 11.24 18.02 -43.02
N LEU D 120 12.38 17.96 -43.72
CA LEU D 120 12.66 16.86 -44.65
C LEU D 120 12.77 15.51 -43.94
N GLU D 121 13.29 15.50 -42.72
CA GLU D 121 13.36 14.28 -41.90
C GLU D 121 11.97 13.84 -41.45
N LEU D 122 11.20 14.78 -40.90
CA LEU D 122 9.84 14.49 -40.42
C LEU D 122 8.89 14.14 -41.56
N ALA D 123 9.04 14.81 -42.70
CA ALA D 123 8.23 14.53 -43.88
C ALA D 123 8.56 13.16 -44.47
N ALA D 124 9.84 12.85 -44.57
CA ALA D 124 10.29 11.55 -45.08
C ALA D 124 9.78 10.41 -44.21
N ALA D 125 9.91 10.56 -42.89
CA ALA D 125 9.45 9.55 -41.94
C ALA D 125 7.92 9.40 -41.96
N HIS D 126 7.22 10.51 -42.19
CA HIS D 126 5.76 10.50 -42.29
C HIS D 126 5.29 9.73 -43.53
N LEU D 127 6.05 9.85 -44.62
CA LEU D 127 5.73 9.16 -45.87
C LEU D 127 6.03 7.66 -45.82
N ARG D 128 7.14 7.29 -45.17
CA ARG D 128 7.50 5.89 -45.00
C ARG D 128 6.50 5.15 -44.12
N ALA D 129 6.06 5.81 -43.05
CA ALA D 129 5.07 5.24 -42.13
C ALA D 129 3.66 5.20 -42.75
N GLY D 130 3.38 6.13 -43.66
CA GLY D 130 2.06 6.23 -44.30
C GLY D 130 1.76 5.08 -45.26
N PRO D 131 0.48 4.93 -45.65
CA PRO D 131 0.04 3.82 -46.49
C PRO D 131 0.00 4.17 -47.98
N ARG D 132 0.37 3.20 -48.82
CA ARG D 132 0.19 3.29 -50.27
C ARG D 132 0.89 4.54 -50.86
N PRO D 133 0.29 5.20 -51.89
CA PRO D 133 1.01 6.37 -52.41
C PRO D 133 0.82 7.60 -51.52
N GLY D 134 1.94 8.12 -51.02
CA GLY D 134 1.93 9.30 -50.15
C GLY D 134 2.59 10.50 -50.79
N SER D 135 2.32 11.68 -50.25
CA SER D 135 2.90 12.93 -50.73
C SER D 135 2.83 14.01 -49.65
N ALA D 136 3.92 14.76 -49.50
CA ALA D 136 4.03 15.78 -48.46
C ALA D 136 4.63 17.07 -49.02
N LEU D 137 4.10 18.21 -48.56
CA LEU D 137 4.59 19.52 -48.97
C LEU D 137 5.38 20.14 -47.83
N VAL D 138 6.59 20.61 -48.15
CA VAL D 138 7.44 21.31 -47.19
C VAL D 138 7.77 22.68 -47.78
N VAL D 139 7.58 23.73 -46.97
CA VAL D 139 7.77 25.10 -47.44
C VAL D 139 8.44 25.99 -46.40
N ALA D 140 9.20 26.97 -46.90
CA ALA D 140 9.86 27.98 -46.05
C ALA D 140 9.53 29.36 -46.59
N ALA D 141 9.42 30.33 -45.68
CA ALA D 141 9.14 31.71 -46.08
C ALA D 141 9.36 32.68 -44.91
N ASP D 142 9.99 33.82 -45.20
CA ASP D 142 10.23 34.85 -44.19
C ASP D 142 10.31 36.23 -44.84
N ASN D 143 9.81 37.24 -44.14
CA ASN D 143 9.93 38.63 -44.55
C ASN D 143 10.59 39.43 -43.43
N PHE D 144 11.88 39.72 -43.61
CA PHE D 144 12.66 40.44 -42.61
C PHE D 144 12.47 41.95 -42.66
N GLY D 145 11.80 42.44 -43.70
CA GLY D 145 11.50 43.87 -43.82
C GLY D 145 10.42 44.30 -42.84
N THR D 146 10.82 44.52 -41.59
CA THR D 146 9.90 44.89 -40.53
C THR D 146 10.67 45.41 -39.30
N PRO D 147 9.94 45.91 -38.28
CA PRO D 147 10.60 46.35 -37.05
C PRO D 147 11.30 45.24 -36.28
N LEU D 148 12.25 45.62 -35.42
CA LEU D 148 13.05 44.70 -34.61
C LEU D 148 13.96 43.78 -35.45
N PHE D 149 14.33 44.23 -36.64
CA PHE D 149 15.23 43.46 -37.50
C PHE D 149 15.77 44.35 -38.63
N ASP D 150 17.09 44.49 -38.69
CA ASP D 150 17.77 45.20 -39.77
C ASP D 150 18.49 44.19 -40.64
N ARG D 151 17.98 43.98 -41.85
CA ARG D 151 18.51 42.94 -42.76
C ARG D 151 20.01 43.06 -43.05
N TRP D 152 20.53 44.29 -43.01
CA TRP D 152 21.93 44.56 -43.37
C TRP D 152 22.89 44.36 -42.19
N THR D 153 22.42 44.66 -40.98
CA THR D 153 23.28 44.64 -39.79
C THR D 153 23.01 43.49 -38.80
N THR D 154 21.75 43.09 -38.65
CA THR D 154 21.33 42.10 -37.64
C THR D 154 22.29 40.90 -37.51
N GLY D 155 22.62 40.28 -38.63
CA GLY D 155 23.48 39.10 -38.65
C GLY D 155 24.79 39.34 -39.38
N PRO D 156 25.90 39.49 -38.64
CA PRO D 156 27.21 39.63 -39.29
C PRO D 156 27.60 38.40 -40.10
N GLY D 157 28.23 38.62 -41.25
CA GLY D 157 28.63 37.53 -42.15
C GLY D 157 27.67 37.30 -43.31
N TYR D 158 26.48 37.92 -43.25
CA TYR D 158 25.49 37.78 -44.32
C TYR D 158 24.51 38.95 -44.33
N ILE D 159 23.66 38.97 -45.34
CA ILE D 159 22.57 39.95 -45.45
C ILE D 159 21.26 39.17 -45.57
N ALA D 160 20.32 39.48 -44.69
CA ALA D 160 19.02 38.79 -44.69
C ALA D 160 18.22 39.15 -45.94
N GLY D 161 17.49 38.17 -46.46
CA GLY D 161 16.70 38.35 -47.68
C GLY D 161 15.32 37.77 -47.53
N ASP D 162 14.37 38.35 -48.27
CA ASP D 162 12.98 37.89 -48.26
C ASP D 162 12.73 36.96 -49.44
N GLY D 163 11.76 36.06 -49.27
CA GLY D 163 11.41 35.09 -50.30
C GLY D 163 10.74 33.87 -49.72
N ALA D 164 10.76 32.77 -50.48
CA ALA D 164 10.17 31.52 -50.03
C ALA D 164 10.67 30.35 -50.86
N GLY D 165 10.85 29.19 -50.22
CA GLY D 165 11.26 27.97 -50.89
C GLY D 165 10.23 26.87 -50.68
N ALA D 166 10.13 25.96 -51.64
CA ALA D 166 9.14 24.87 -51.59
C ALA D 166 9.71 23.57 -52.17
N VAL D 167 9.12 22.46 -51.75
CA VAL D 167 9.51 21.14 -52.25
C VAL D 167 8.40 20.12 -51.98
N VAL D 168 8.14 19.26 -52.96
CA VAL D 168 7.07 18.25 -52.87
C VAL D 168 7.67 16.85 -52.82
N LEU D 169 7.71 16.27 -51.61
CA LEU D 169 8.17 14.90 -51.42
C LEU D 169 7.06 13.92 -51.75
N THR D 170 7.44 12.68 -52.07
CA THR D 170 6.47 11.64 -52.41
C THR D 170 7.09 10.24 -52.33
N THR D 171 6.25 9.25 -52.04
CA THR D 171 6.67 7.84 -51.99
C THR D 171 6.87 7.28 -53.40
N GLU D 172 6.04 7.72 -54.33
CA GLU D 172 6.12 7.25 -55.72
C GLU D 172 7.31 7.89 -56.43
N PRO D 173 7.85 7.23 -57.47
CA PRO D 173 9.00 7.72 -58.22
C PRO D 173 8.87 9.16 -58.73
N GLY D 174 9.97 9.90 -58.74
CA GLY D 174 10.01 11.27 -59.23
C GLY D 174 11.27 11.54 -60.03
N PHE D 175 11.54 12.82 -60.29
CA PHE D 175 12.72 13.21 -61.07
C PHE D 175 13.99 13.15 -60.22
N ALA D 176 13.88 13.47 -58.94
CA ALA D 176 15.00 13.42 -58.00
C ALA D 176 14.66 12.51 -56.82
N ARG D 177 15.67 12.20 -56.01
CA ARG D 177 15.51 11.33 -54.85
C ARG D 177 16.28 11.85 -53.65
N LEU D 178 15.61 11.90 -52.50
CA LEU D 178 16.26 12.25 -51.23
C LEU D 178 16.92 11.02 -50.65
N LEU D 179 18.23 10.89 -50.87
CA LEU D 179 18.98 9.70 -50.43
C LEU D 179 19.13 9.64 -48.92
N ALA D 180 19.48 10.76 -48.30
CA ALA D 180 19.66 10.84 -46.86
C ALA D 180 19.56 12.27 -46.34
N VAL D 181 19.27 12.41 -45.06
CA VAL D 181 19.22 13.70 -44.39
C VAL D 181 19.37 13.52 -42.88
N ARG D 182 20.31 14.26 -42.29
CA ARG D 182 20.66 14.10 -40.87
C ARG D 182 20.58 15.45 -40.15
N SER D 183 20.74 15.40 -38.82
CA SER D 183 20.73 16.62 -38.00
C SER D 183 21.41 16.38 -36.65
N LEU D 184 22.67 16.79 -36.55
CA LEU D 184 23.43 16.73 -35.30
C LEU D 184 23.40 18.09 -34.63
N ALA D 185 23.91 18.18 -33.40
CA ALA D 185 23.91 19.43 -32.64
C ALA D 185 25.01 19.50 -31.59
N VAL D 186 25.43 20.72 -31.28
CA VAL D 186 26.35 20.99 -30.19
C VAL D 186 25.65 21.92 -29.20
N PRO D 187 24.90 21.33 -28.23
CA PRO D 187 24.07 22.13 -27.34
C PRO D 187 24.83 22.93 -26.27
N GLU D 188 26.13 22.68 -26.14
CA GLU D 188 26.98 23.48 -25.25
C GLU D 188 27.11 24.92 -25.72
N ALA D 189 27.01 25.13 -27.04
CA ALA D 189 27.08 26.47 -27.62
C ALA D 189 25.69 27.01 -28.00
N GLU D 190 24.71 26.78 -27.13
CA GLU D 190 23.33 27.26 -27.36
C GLU D 190 23.17 28.76 -27.05
N GLN D 191 24.05 29.29 -26.21
CA GLN D 191 24.03 30.72 -25.89
C GLN D 191 24.64 31.61 -26.99
N MET D 192 25.16 31.00 -28.05
CA MET D 192 25.66 31.73 -29.22
C MET D 192 24.60 32.66 -29.82
N HIS D 193 23.35 32.20 -29.83
CA HIS D 193 22.23 32.96 -30.39
C HIS D 193 21.24 33.43 -29.31
N ARG D 194 21.75 33.64 -28.09
CA ARG D 194 20.90 34.04 -26.97
C ARG D 194 21.73 34.65 -25.84
N GLY D 195 22.25 35.85 -26.08
CA GLY D 195 23.05 36.57 -25.10
C GLY D 195 22.21 37.19 -23.99
N ALA D 196 21.04 37.71 -24.36
CA ALA D 196 20.13 38.36 -23.41
C ALA D 196 19.50 37.32 -22.48
N PRO D 202 15.77 35.87 -20.96
CA PRO D 202 15.11 34.59 -20.76
C PRO D 202 13.60 34.73 -20.49
N GLY D 203 13.25 35.61 -19.55
CA GLY D 203 11.86 35.80 -19.15
C GLY D 203 11.24 37.07 -19.73
N ALA D 204 11.27 37.17 -21.05
CA ALA D 204 10.65 38.31 -21.75
C ALA D 204 10.41 38.01 -23.23
N THR D 205 11.33 38.44 -24.10
CA THR D 205 11.18 38.29 -25.56
C THR D 205 10.23 39.33 -26.20
N ILE D 206 9.78 40.31 -25.41
CA ILE D 206 8.89 41.36 -25.90
C ILE D 206 9.59 42.71 -25.85
N GLY D 207 9.58 43.42 -26.98
CA GLY D 207 10.11 44.78 -27.07
C GLY D 207 11.59 44.89 -27.41
N ARG D 208 12.29 43.76 -27.48
CA ARG D 208 13.73 43.76 -27.74
C ARG D 208 14.03 43.45 -29.20
N PRO D 209 14.93 44.22 -29.83
CA PRO D 209 15.31 43.97 -31.22
C PRO D 209 16.33 42.83 -31.35
N LEU D 210 16.32 42.15 -32.49
CA LEU D 210 17.23 41.03 -32.73
C LEU D 210 18.56 41.52 -33.31
N ASN D 211 19.67 41.05 -32.74
CA ASN D 211 21.00 41.35 -33.24
C ASN D 211 21.98 40.24 -32.87
N PHE D 212 22.32 39.41 -33.85
CA PHE D 212 23.23 38.27 -33.62
C PHE D 212 24.68 38.70 -33.40
N THR D 213 25.03 39.92 -33.81
CA THR D 213 26.37 40.46 -33.60
C THR D 213 26.70 40.58 -32.12
N SER D 214 25.81 41.21 -31.37
CA SER D 214 25.96 41.36 -29.92
C SER D 214 25.80 40.03 -29.19
N ARG D 215 24.96 39.16 -29.73
CA ARG D 215 24.74 37.82 -29.15
C ARG D 215 25.97 36.93 -29.29
N ASN D 216 26.60 36.98 -30.46
CA ASN D 216 27.82 36.21 -30.71
C ASN D 216 29.00 36.78 -29.92
N ALA D 217 29.08 38.11 -29.84
CA ALA D 217 30.13 38.79 -29.10
C ALA D 217 30.02 38.55 -27.59
N ALA D 218 28.79 38.53 -27.09
CA ALA D 218 28.52 38.24 -25.67
C ALA D 218 28.84 36.78 -25.32
N PHE D 219 28.60 35.88 -26.27
CA PHE D 219 28.90 34.46 -26.07
C PHE D 219 30.41 34.21 -25.97
N ARG D 220 31.19 34.90 -26.80
CA ARG D 220 32.64 34.78 -26.77
C ARG D 220 33.23 35.44 -25.52
N GLU D 221 33.20 34.69 -24.41
CA GLU D 221 33.71 35.18 -23.14
C GLU D 221 33.91 34.03 -22.15
N GLY D 231 36.14 24.32 -25.42
CA GLY D 231 36.28 23.83 -26.78
C GLY D 231 34.95 23.67 -27.47
N ALA D 232 34.14 24.73 -27.45
CA ALA D 232 32.83 24.72 -28.10
C ALA D 232 32.98 24.87 -29.61
N LEU D 233 33.75 25.87 -30.03
CA LEU D 233 33.93 26.19 -31.44
C LEU D 233 34.49 25.02 -32.25
N MET D 234 35.48 24.32 -31.69
CA MET D 234 36.08 23.16 -32.37
C MET D 234 35.10 21.99 -32.44
N ARG D 235 34.26 21.85 -31.42
CA ARG D 235 33.22 20.83 -31.39
C ARG D 235 32.21 21.04 -32.52
N VAL D 236 31.92 22.30 -32.83
CA VAL D 236 31.05 22.64 -33.95
C VAL D 236 31.70 22.23 -35.27
N HIS D 237 33.00 22.51 -35.41
CA HIS D 237 33.75 22.14 -36.61
C HIS D 237 33.87 20.62 -36.76
N GLN D 238 33.97 19.92 -35.63
CA GLN D 238 33.99 18.45 -35.64
C GLN D 238 32.66 17.87 -36.14
N ARG D 239 31.57 18.35 -35.57
CA ARG D 239 30.24 17.84 -35.91
C ARG D 239 29.72 18.36 -37.26
N THR D 240 30.37 19.39 -37.80
CA THR D 240 30.09 19.86 -39.17
C THR D 240 30.53 18.81 -40.19
N LEU D 241 31.68 18.20 -39.97
CA LEU D 241 32.20 17.16 -40.84
C LEU D 241 31.63 15.78 -40.50
N GLU D 242 31.25 15.59 -39.23
CA GLU D 242 30.66 14.33 -38.77
C GLU D 242 29.31 14.06 -39.42
N VAL D 243 28.45 15.07 -39.46
CA VAL D 243 27.12 14.94 -40.05
C VAL D 243 27.18 14.69 -41.56
N VAL D 244 28.21 15.23 -42.22
CA VAL D 244 28.41 15.00 -43.66
C VAL D 244 28.87 13.56 -43.90
N GLU D 245 29.78 13.08 -43.06
CA GLU D 245 30.23 11.68 -43.11
C GLU D 245 29.08 10.72 -42.88
N LYS D 246 28.19 11.07 -41.95
CA LYS D 246 27.02 10.25 -41.64
C LYS D 246 25.98 10.25 -42.75
N THR D 247 25.76 11.42 -43.36
CA THR D 247 24.78 11.56 -44.44
C THR D 247 25.25 10.85 -45.71
N LEU D 248 26.53 11.03 -46.05
CA LEU D 248 27.12 10.34 -47.21
C LEU D 248 27.14 8.83 -47.02
N SER D 249 27.37 8.37 -45.79
CA SER D 249 27.38 6.95 -45.47
C SER D 249 25.98 6.33 -45.59
N GLU D 250 24.97 7.05 -45.11
CA GLU D 250 23.58 6.59 -45.20
C GLU D 250 23.08 6.63 -46.64
N ALA D 251 23.45 7.69 -47.38
CA ALA D 251 23.07 7.83 -48.78
C ALA D 251 23.70 6.75 -49.66
N GLY D 252 24.87 6.26 -49.25
CA GLY D 252 25.58 5.21 -49.99
C GLY D 252 26.46 5.78 -51.08
N ILE D 253 27.14 6.88 -50.78
CA ILE D 253 28.04 7.54 -51.73
C ILE D 253 29.27 8.10 -51.02
N THR D 254 30.24 8.54 -51.82
CA THR D 254 31.44 9.21 -51.31
C THR D 254 31.39 10.70 -51.66
N LEU D 255 32.37 11.46 -51.19
CA LEU D 255 32.45 12.89 -51.48
C LEU D 255 32.79 13.17 -52.95
N GLY D 256 33.43 12.21 -53.61
CA GLY D 256 33.72 12.31 -55.04
C GLY D 256 32.49 12.31 -55.92
N ASP D 257 31.42 11.68 -55.45
CA ASP D 257 30.15 11.63 -56.18
C ASP D 257 29.37 12.95 -56.14
N ILE D 258 29.72 13.82 -55.19
CA ILE D 258 29.06 15.12 -55.05
C ILE D 258 29.45 16.04 -56.20
N THR D 259 28.45 16.60 -56.87
CA THR D 259 28.66 17.51 -58.00
C THR D 259 28.67 18.96 -57.53
N ARG D 260 27.62 19.36 -56.82
CA ARG D 260 27.50 20.72 -56.28
C ARG D 260 27.28 20.69 -54.77
N VAL D 261 27.52 21.82 -54.12
CA VAL D 261 27.33 21.97 -52.68
C VAL D 261 26.45 23.18 -52.40
N ALA D 262 25.45 23.01 -51.53
CA ALA D 262 24.52 24.08 -51.19
C ALA D 262 24.69 24.52 -49.74
N TYR D 263 25.58 25.50 -49.54
CA TYR D 263 25.75 26.16 -48.24
C TYR D 263 24.83 27.37 -48.21
N MET D 264 24.82 28.12 -47.12
CA MET D 264 23.99 29.33 -47.03
C MET D 264 24.60 30.44 -47.87
N ASN D 265 23.88 31.55 -47.99
CA ASN D 265 24.34 32.70 -48.75
C ASN D 265 25.07 33.70 -47.84
N PHE D 266 26.17 33.23 -47.26
CA PHE D 266 27.00 34.01 -46.34
C PHE D 266 28.14 34.67 -47.13
N SER D 267 28.99 35.40 -46.42
CA SER D 267 30.13 36.09 -47.04
C SER D 267 31.11 35.11 -47.68
N ARG D 268 31.82 35.58 -48.71
CA ARG D 268 32.75 34.74 -49.49
C ARG D 268 33.80 34.06 -48.62
N GLU D 269 34.28 34.75 -47.59
CA GLU D 269 35.28 34.20 -46.66
C GLU D 269 34.71 33.07 -45.82
N ILE D 270 33.47 33.25 -45.34
CA ILE D 270 32.79 32.26 -44.50
C ILE D 270 32.41 31.02 -45.31
N VAL D 271 31.87 31.22 -46.51
CA VAL D 271 31.46 30.11 -47.37
C VAL D 271 32.67 29.29 -47.83
N GLU D 272 33.78 29.96 -48.11
CA GLU D 272 35.00 29.30 -48.53
C GLU D 272 35.67 28.53 -47.39
N GLN D 273 35.82 29.20 -46.25
CA GLN D 273 36.57 28.64 -45.12
C GLN D 273 35.83 27.52 -44.38
N ARG D 274 34.61 27.81 -43.94
CA ARG D 274 33.85 26.88 -43.09
C ARG D 274 33.28 25.68 -43.84
N CYS D 275 32.89 25.88 -45.10
CA CYS D 275 32.22 24.84 -45.89
C CYS D 275 33.13 24.18 -46.92
N MET D 276 33.56 24.95 -47.92
CA MET D 276 34.24 24.39 -49.09
C MET D 276 35.68 23.97 -48.80
N ALA D 277 36.39 24.76 -48.00
CA ALA D 277 37.75 24.42 -47.58
C ALA D 277 37.75 23.29 -46.56
N ALA D 278 36.68 23.20 -45.78
CA ALA D 278 36.52 22.12 -44.80
C ALA D 278 36.18 20.78 -45.47
N LEU D 279 35.58 20.82 -46.65
CA LEU D 279 35.28 19.62 -47.43
C LEU D 279 36.31 19.34 -48.52
N GLY D 280 37.30 20.21 -48.66
CA GLY D 280 38.35 20.04 -49.66
C GLY D 280 37.84 20.14 -51.09
N LEU D 281 36.89 21.04 -51.32
CA LEU D 281 36.29 21.25 -52.63
C LEU D 281 36.46 22.70 -53.07
N PRO D 282 36.47 22.95 -54.38
CA PRO D 282 36.65 24.31 -54.89
C PRO D 282 35.41 25.19 -54.73
N MET D 283 35.59 26.50 -54.76
CA MET D 283 34.48 27.45 -54.62
C MET D 283 33.57 27.49 -55.85
N SER D 284 34.05 26.98 -56.98
CA SER D 284 33.23 26.87 -58.19
C SER D 284 32.08 25.86 -58.01
N ALA D 285 32.30 24.86 -57.15
CA ALA D 285 31.30 23.83 -56.88
C ALA D 285 30.18 24.31 -55.94
N SER D 286 30.38 25.44 -55.28
CA SER D 286 29.36 25.99 -54.38
C SER D 286 28.28 26.74 -55.17
N THR D 287 27.21 27.11 -54.47
CA THR D 287 26.13 27.92 -55.04
C THR D 287 26.16 29.33 -54.44
N TRP D 288 27.36 29.92 -54.41
CA TRP D 288 27.56 31.25 -53.83
C TRP D 288 27.32 32.36 -54.85
N GLU D 289 27.74 32.13 -56.09
CA GLU D 289 27.56 33.11 -57.16
C GLU D 289 26.09 33.48 -57.36
N PHE D 290 25.22 32.47 -57.34
CA PHE D 290 23.77 32.68 -57.44
C PHE D 290 23.20 33.20 -56.13
N GLY D 291 23.63 32.61 -55.01
CA GLY D 291 23.11 32.96 -53.69
C GLY D 291 23.50 34.34 -53.18
N ARG D 292 24.62 34.86 -53.66
CA ARG D 292 25.13 36.16 -53.21
C ARG D 292 24.15 37.31 -53.44
N LYS D 293 23.51 37.32 -54.61
CA LYS D 293 22.54 38.35 -54.96
C LYS D 293 21.24 38.24 -54.17
N LEU D 294 20.88 37.03 -53.79
CA LEU D 294 19.63 36.77 -53.05
C LEU D 294 19.76 37.04 -51.55
N GLY D 295 20.93 36.74 -50.98
CA GLY D 295 21.15 36.90 -49.55
C GLY D 295 20.62 35.72 -48.76
N HIS D 296 20.74 35.79 -47.44
CA HIS D 296 20.28 34.71 -46.56
C HIS D 296 18.76 34.72 -46.44
N LEU D 297 18.11 33.74 -47.06
CA LEU D 297 16.65 33.65 -47.11
C LEU D 297 16.08 32.81 -45.97
N GLY D 298 16.47 33.13 -44.74
CA GLY D 298 16.02 32.39 -43.56
C GLY D 298 16.44 30.93 -43.59
N ALA D 299 15.54 30.07 -44.06
CA ALA D 299 15.81 28.64 -44.17
C ALA D 299 15.49 28.13 -45.58
N SER D 300 15.71 28.98 -46.58
CA SER D 300 15.38 28.67 -47.96
C SER D 300 16.61 28.69 -48.88
N ASP D 301 17.81 28.79 -48.30
CA ASP D 301 19.04 28.94 -49.08
C ASP D 301 19.41 27.70 -49.89
N GLN D 302 19.17 26.52 -49.30
CA GLN D 302 19.59 25.26 -49.91
C GLN D 302 18.58 24.74 -50.93
N VAL D 303 17.29 24.95 -50.66
CA VAL D 303 16.21 24.50 -51.55
C VAL D 303 16.09 25.41 -52.78
N VAL D 304 16.28 26.72 -52.60
CA VAL D 304 16.28 27.65 -53.73
C VAL D 304 17.51 27.44 -54.62
N ALA D 305 18.62 27.02 -54.00
CA ALA D 305 19.83 26.66 -54.72
C ALA D 305 19.60 25.38 -55.52
N LEU D 306 18.93 24.42 -54.90
CA LEU D 306 18.53 23.17 -55.56
C LEU D 306 17.57 23.47 -56.71
N ASP D 307 16.64 24.39 -56.49
CA ASP D 307 15.68 24.81 -57.52
C ASP D 307 16.39 25.43 -58.72
N GLU D 308 17.35 26.32 -58.45
CA GLU D 308 18.09 27.01 -59.50
C GLU D 308 18.99 26.06 -60.29
N LEU D 309 19.59 25.09 -59.60
CA LEU D 309 20.43 24.09 -60.25
C LEU D 309 19.60 23.10 -61.08
N VAL D 310 18.42 22.76 -60.58
CA VAL D 310 17.51 21.84 -61.28
C VAL D 310 16.84 22.52 -62.49
N THR D 311 16.36 23.75 -62.30
CA THR D 311 15.60 24.45 -63.35
C THR D 311 16.44 24.83 -64.58
N THR D 312 17.69 25.22 -64.36
CA THR D 312 18.57 25.66 -65.44
C THR D 312 19.20 24.49 -66.20
N GLY D 313 19.29 23.34 -65.54
CA GLY D 313 19.88 22.14 -66.14
C GLY D 313 21.36 21.97 -65.83
N GLU D 314 21.86 22.69 -64.83
CA GLU D 314 23.25 22.54 -64.39
C GLU D 314 23.45 21.22 -63.63
N LEU D 315 22.43 20.82 -62.87
CA LEU D 315 22.47 19.57 -62.13
C LEU D 315 21.61 18.51 -62.84
N GLY D 316 22.22 17.83 -63.80
CA GLY D 316 21.53 16.85 -64.64
C GLY D 316 21.44 15.47 -64.01
N PRO D 317 20.86 14.50 -64.74
CA PRO D 317 20.73 13.11 -64.29
C PRO D 317 22.06 12.46 -63.91
N GLY D 318 22.08 11.80 -62.75
CA GLY D 318 23.29 11.15 -62.23
C GLY D 318 24.06 11.97 -61.22
N ASP D 319 23.83 13.28 -61.19
CA ASP D 319 24.55 14.19 -60.29
C ASP D 319 23.99 14.12 -58.87
N HIS D 320 24.77 14.66 -57.92
CA HIS D 320 24.38 14.69 -56.52
C HIS D 320 24.57 16.10 -55.95
N LEU D 321 23.68 16.51 -55.07
CA LEU D 321 23.74 17.82 -54.42
C LEU D 321 23.92 17.64 -52.91
N LEU D 322 25.01 18.18 -52.38
CA LEU D 322 25.30 18.11 -50.94
C LEU D 322 24.78 19.37 -50.24
N MET D 323 23.53 19.32 -49.78
CA MET D 323 22.96 20.42 -49.01
C MET D 323 23.48 20.36 -47.57
N LEU D 324 23.99 21.48 -47.08
CA LEU D 324 24.59 21.55 -45.74
C LEU D 324 24.02 22.72 -44.95
N GLY D 325 23.97 22.57 -43.63
CA GLY D 325 23.35 23.56 -42.75
C GLY D 325 24.13 23.83 -41.46
N MET D 326 23.81 24.97 -40.84
CA MET D 326 24.43 25.39 -39.58
C MET D 326 23.62 26.55 -39.00
N GLY D 327 22.88 26.29 -37.92
CA GLY D 327 22.02 27.30 -37.32
C GLY D 327 22.10 27.31 -35.79
N PRO D 328 21.13 27.97 -35.14
CA PRO D 328 21.01 28.00 -33.68
C PRO D 328 20.97 26.61 -33.05
N GLY D 329 21.61 26.47 -31.87
CA GLY D 329 21.74 25.18 -31.20
C GLY D 329 23.09 24.98 -30.53
N VAL D 330 24.19 24.95 -31.29
CA VAL D 330 24.16 25.09 -32.75
C VAL D 330 23.79 23.75 -33.39
N THR D 331 22.83 23.79 -34.30
CA THR D 331 22.37 22.57 -34.99
C THR D 331 23.01 22.47 -36.37
N LEU D 332 23.55 21.28 -36.67
CA LEU D 332 24.28 21.03 -37.90
C LEU D 332 23.57 19.96 -38.71
N SER D 333 22.99 20.37 -39.85
CA SER D 333 22.24 19.45 -40.70
C SER D 333 22.94 19.26 -42.04
N CYS D 334 22.66 18.14 -42.69
CA CYS D 334 23.22 17.83 -44.00
C CYS D 334 22.31 16.85 -44.73
N ALA D 335 22.11 17.08 -46.03
CA ALA D 335 21.23 16.25 -46.85
C ALA D 335 21.82 16.02 -48.24
N VAL D 336 21.46 14.89 -48.84
CA VAL D 336 21.94 14.52 -50.17
C VAL D 336 20.75 14.27 -51.10
N VAL D 337 20.73 14.98 -52.23
CA VAL D 337 19.69 14.83 -53.24
C VAL D 337 20.30 14.40 -54.57
N LYS D 338 19.84 13.25 -55.09
CA LYS D 338 20.31 12.73 -56.36
C LYS D 338 19.27 12.98 -57.45
N VAL D 339 19.71 13.58 -58.55
CA VAL D 339 18.84 13.80 -59.71
C VAL D 339 18.86 12.55 -60.58
N LEU D 340 17.69 11.92 -60.75
CA LEU D 340 17.57 10.67 -61.49
C LEU D 340 17.23 10.91 -62.96
N THR D 341 16.28 11.81 -63.21
CA THR D 341 15.89 12.19 -64.57
C THR D 341 15.75 13.72 -64.63
N PRO D 342 15.77 14.30 -65.85
CA PRO D 342 15.61 15.75 -65.95
C PRO D 342 14.23 16.22 -65.48
N ALA D 343 14.16 17.44 -64.96
CA ALA D 343 12.91 17.97 -64.40
C ALA D 343 11.82 18.03 -65.47
N PRO D 344 10.56 17.71 -65.08
CA PRO D 344 9.43 17.82 -66.03
C PRO D 344 9.04 19.25 -66.43
N TRP D 345 9.78 20.25 -65.96
CA TRP D 345 9.41 21.66 -66.14
C TRP D 345 10.64 22.51 -66.52
N SER D 346 11.57 21.90 -67.24
CA SER D 346 12.80 22.58 -67.68
C SER D 346 13.00 22.42 -69.18
N PRO E 4 -41.32 11.45 48.21
CA PRO E 4 -39.91 11.53 47.85
C PRO E 4 -39.67 12.32 46.57
N ASP E 5 -38.83 13.35 46.66
CA ASP E 5 -38.54 14.23 45.52
C ASP E 5 -37.40 13.67 44.68
N ILE E 6 -37.46 13.91 43.37
CA ILE E 6 -36.42 13.47 42.43
C ILE E 6 -35.90 14.68 41.66
N PHE E 7 -34.69 15.11 42.01
CA PHE E 7 -34.10 16.33 41.44
C PHE E 7 -33.15 16.04 40.29
N ILE E 8 -33.18 16.89 39.28
CA ILE E 8 -32.22 16.85 38.17
C ILE E 8 -30.98 17.63 38.58
N LYS E 9 -29.89 16.91 38.86
CA LYS E 9 -28.63 17.52 39.29
C LYS E 9 -27.96 18.30 38.15
N ALA E 10 -27.94 17.71 36.97
CA ALA E 10 -27.36 18.35 35.79
C ALA E 10 -27.83 17.69 34.50
N THR E 11 -27.49 18.32 33.37
CA THR E 11 -27.80 17.78 32.05
C THR E 11 -26.64 18.05 31.09
N GLY E 12 -26.57 17.25 30.03
CA GLY E 12 -25.52 17.38 29.02
C GLY E 12 -25.99 16.89 27.66
N ARG E 13 -25.23 17.24 26.62
CA ARG E 13 -25.59 16.84 25.26
C ARG E 13 -24.44 17.08 24.28
N PHE E 14 -24.30 16.16 23.32
CA PHE E 14 -23.33 16.29 22.23
C PHE E 14 -24.06 16.48 20.92
N LEU E 15 -23.63 17.49 20.14
CA LEU E 15 -24.24 17.80 18.85
C LEU E 15 -23.16 18.06 17.80
N PRO E 16 -23.11 17.23 16.75
CA PRO E 16 -22.12 17.41 15.68
C PRO E 16 -22.47 18.57 14.74
N GLU E 17 -21.64 18.78 13.72
CA GLU E 17 -21.82 19.88 12.77
C GLU E 17 -23.12 19.70 11.98
N THR E 18 -23.89 20.79 11.86
CA THR E 18 -25.20 20.76 11.22
C THR E 18 -25.09 20.94 9.70
N VAL E 19 -25.77 20.06 8.97
CA VAL E 19 -25.88 20.18 7.51
C VAL E 19 -27.20 20.87 7.18
N SER E 20 -27.13 21.89 6.33
CA SER E 20 -28.31 22.69 5.97
C SER E 20 -29.23 21.96 5.01
N VAL E 21 -30.45 22.48 4.87
CA VAL E 21 -31.46 21.90 3.98
C VAL E 21 -31.16 22.27 2.52
N GLU E 22 -30.70 23.51 2.30
CA GLU E 22 -30.32 23.97 0.97
C GLU E 22 -29.23 23.10 0.33
N TRP E 23 -28.34 22.56 1.17
CA TRP E 23 -27.32 21.62 0.71
C TRP E 23 -27.94 20.30 0.27
N ALA E 24 -28.89 19.80 1.07
CA ALA E 24 -29.57 18.54 0.77
C ALA E 24 -30.41 18.60 -0.52
N VAL E 25 -31.02 19.74 -0.78
CA VAL E 25 -31.82 19.94 -2.00
C VAL E 25 -30.93 19.99 -3.24
N GLU E 26 -29.74 20.57 -3.10
CA GLU E 26 -28.78 20.65 -4.21
C GLU E 26 -28.25 19.27 -4.60
N GLN E 27 -27.93 18.45 -3.60
CA GLN E 27 -27.41 17.10 -3.83
C GLN E 27 -28.49 16.13 -4.32
N GLY E 28 -29.75 16.42 -3.99
CA GLY E 28 -30.88 15.59 -4.43
C GLY E 28 -31.30 14.54 -3.42
N HIS E 29 -30.97 14.76 -2.15
CA HIS E 29 -31.35 13.85 -1.07
C HIS E 29 -32.75 14.18 -0.55
N TYR E 30 -33.02 15.47 -0.39
CA TYR E 30 -34.29 15.96 0.13
C TYR E 30 -34.99 16.81 -0.93
N SER E 31 -36.29 16.61 -1.10
CA SER E 31 -37.05 17.30 -2.14
C SER E 31 -37.27 18.77 -1.83
N ALA E 32 -37.46 19.57 -2.88
CA ALA E 32 -37.65 21.02 -2.74
C ALA E 32 -39.04 21.36 -2.19
N GLU E 33 -40.03 20.53 -2.53
CA GLU E 33 -41.40 20.73 -2.05
C GLU E 33 -41.51 20.55 -0.54
N ASP E 34 -40.87 19.51 -0.01
CA ASP E 34 -40.86 19.25 1.43
C ASP E 34 -40.03 20.27 2.21
N ALA E 35 -39.01 20.83 1.55
CA ALA E 35 -38.17 21.88 2.17
C ALA E 35 -38.97 23.15 2.45
N GLU E 36 -39.76 23.57 1.45
CA GLU E 36 -40.61 24.75 1.59
C GLU E 36 -41.83 24.50 2.46
N LEU E 37 -42.38 23.28 2.39
CA LEU E 37 -43.58 22.92 3.14
C LEU E 37 -43.30 22.77 4.63
N HIS E 38 -42.30 21.96 4.98
CA HIS E 38 -41.98 21.68 6.38
C HIS E 38 -41.20 22.82 7.05
N GLU E 39 -40.48 23.61 6.25
CA GLU E 39 -39.72 24.78 6.72
C GLU E 39 -38.63 24.39 7.73
N LEU E 40 -37.86 23.36 7.39
CA LEU E 40 -36.80 22.86 8.27
C LEU E 40 -35.54 23.71 8.16
N GLY E 41 -34.77 23.75 9.26
CA GLY E 41 -33.53 24.53 9.32
C GLY E 41 -32.32 23.74 8.88
N GLY E 42 -32.26 22.48 9.29
CA GLY E 42 -31.16 21.58 8.91
C GLY E 42 -31.19 20.27 9.66
N ALA E 43 -30.02 19.67 9.86
CA ALA E 43 -29.90 18.41 10.60
C ALA E 43 -28.47 18.18 11.04
N ALA E 44 -28.30 17.72 12.29
CA ALA E 44 -26.98 17.40 12.82
C ALA E 44 -26.50 16.08 12.25
N VAL E 45 -25.28 16.08 11.68
CA VAL E 45 -24.73 14.91 11.01
C VAL E 45 -23.35 14.55 11.55
N ALA E 46 -23.24 13.34 12.08
CA ALA E 46 -21.95 12.76 12.47
C ALA E 46 -21.46 11.88 11.33
N GLY E 47 -20.15 11.87 11.10
CA GLY E 47 -19.56 11.10 10.00
C GLY E 47 -19.59 9.61 10.28
N ASP E 48 -18.52 9.09 10.87
CA ASP E 48 -18.43 7.69 11.27
C ASP E 48 -18.22 7.56 12.77
N THR E 49 -18.68 8.57 13.52
CA THR E 49 -18.55 8.58 14.98
C THR E 49 -19.63 7.69 15.59
N PRO E 50 -19.22 6.65 16.34
CA PRO E 50 -20.22 5.77 16.97
C PRO E 50 -21.14 6.49 17.96
N ALA E 51 -22.36 6.00 18.10
CA ALA E 51 -23.34 6.56 19.03
C ALA E 51 -22.94 6.41 20.51
N PRO E 52 -22.29 5.28 20.87
CA PRO E 52 -21.75 5.14 22.23
C PRO E 52 -20.74 6.22 22.62
N ASP E 53 -19.91 6.64 21.67
CA ASP E 53 -18.97 7.73 21.90
C ASP E 53 -19.67 9.07 22.13
N MET E 54 -20.73 9.32 21.35
CA MET E 54 -21.53 10.53 21.51
C MET E 54 -22.28 10.53 22.85
N ALA E 55 -22.69 9.35 23.30
CA ALA E 55 -23.31 9.19 24.62
C ALA E 55 -22.30 9.41 25.74
N LEU E 56 -21.08 8.92 25.54
CA LEU E 56 -19.99 9.08 26.51
C LEU E 56 -19.63 10.56 26.71
N TRP E 57 -19.61 11.32 25.62
CA TRP E 57 -19.29 12.75 25.69
C TRP E 57 -20.45 13.55 26.30
N ALA E 58 -21.67 13.13 26.01
CA ALA E 58 -22.86 13.75 26.60
C ALA E 58 -22.95 13.44 28.09
N ALA E 59 -22.60 12.22 28.47
CA ALA E 59 -22.59 11.79 29.87
C ALA E 59 -21.46 12.48 30.64
N GLN E 60 -20.29 12.57 30.03
CA GLN E 60 -19.12 13.20 30.64
C GLN E 60 -19.35 14.69 30.94
N GLN E 61 -20.12 15.36 30.08
CA GLN E 61 -20.45 16.76 30.26
C GLN E 61 -21.40 16.96 31.45
N ALA E 62 -22.43 16.13 31.52
CA ALA E 62 -23.43 16.21 32.59
C ALA E 62 -22.83 15.93 33.97
N VAL E 63 -21.88 14.98 34.02
CA VAL E 63 -21.20 14.62 35.27
C VAL E 63 -20.21 15.72 35.69
N LYS E 64 -19.45 16.24 34.73
CA LYS E 64 -18.43 17.26 35.00
C LYS E 64 -19.03 18.63 35.36
N ARG E 65 -20.25 18.90 34.90
CA ARG E 65 -20.91 20.19 35.15
C ARG E 65 -21.27 20.40 36.62
N CYS E 66 -21.88 19.40 37.24
CA CYS E 66 -22.27 19.48 38.65
C CYS E 66 -21.18 18.99 39.61
N GLY E 67 -20.12 18.40 39.07
CA GLY E 67 -19.02 17.88 39.90
C GLY E 67 -19.41 16.60 40.60
N HIS E 68 -20.04 15.69 39.86
CA HIS E 68 -20.53 14.43 40.41
C HIS E 68 -19.48 13.34 40.24
N ARG E 69 -19.55 12.31 41.08
CA ARG E 69 -18.65 11.16 41.02
C ARG E 69 -19.31 10.03 40.22
N PRO E 70 -18.70 9.62 39.10
CA PRO E 70 -19.25 8.51 38.29
C PRO E 70 -19.51 7.22 39.08
N GLU E 71 -18.65 6.93 40.05
CA GLU E 71 -18.79 5.72 40.88
C GLU E 71 -20.00 5.77 41.83
N ASP E 72 -20.43 6.97 42.20
CA ASP E 72 -21.56 7.16 43.11
C ASP E 72 -22.92 6.84 42.49
N LEU E 73 -22.98 6.81 41.15
CA LEU E 73 -24.21 6.43 40.44
C LEU E 73 -24.68 5.03 40.84
N GLY E 74 -25.99 4.85 40.91
CA GLY E 74 -26.59 3.55 41.22
C GLY E 74 -27.41 2.96 40.08
N LEU E 75 -27.42 3.65 38.93
CA LEU E 75 -28.19 3.21 37.77
C LEU E 75 -27.71 3.91 36.50
N LEU E 76 -27.72 3.17 35.39
CA LEU E 76 -27.38 3.72 34.08
C LEU E 76 -28.42 3.25 33.06
N LEU E 77 -29.12 4.20 32.44
CA LEU E 77 -30.17 3.88 31.47
C LEU E 77 -29.83 4.46 30.10
N TYR E 78 -29.28 3.61 29.22
CA TYR E 78 -28.97 3.99 27.85
C TYR E 78 -30.20 3.76 26.98
N VAL E 79 -30.68 4.81 26.33
CA VAL E 79 -31.87 4.70 25.47
C VAL E 79 -31.51 4.97 24.01
N ASP E 80 -32.25 4.34 23.09
CA ASP E 80 -32.02 4.53 21.65
C ASP E 80 -33.16 3.95 20.81
N SER E 81 -33.29 4.47 19.59
CA SER E 81 -34.31 4.03 18.63
C SER E 81 -33.72 3.39 17.37
N TRP E 82 -32.40 3.22 17.33
CA TRP E 82 -31.72 2.67 16.16
C TRP E 82 -30.43 1.95 16.57
N HIS E 83 -29.95 1.05 15.71
CA HIS E 83 -28.75 0.25 15.96
C HIS E 83 -27.57 1.09 16.43
N GLN E 84 -26.83 0.57 17.40
CA GLN E 84 -25.72 1.27 18.03
C GLN E 84 -24.37 0.72 17.57
N GLY E 85 -24.18 -0.59 17.70
CA GLY E 85 -22.93 -1.24 17.32
C GLY E 85 -23.14 -2.70 16.93
N PRO E 86 -22.14 -3.55 17.20
CA PRO E 86 -22.23 -4.99 16.91
C PRO E 86 -23.41 -5.67 17.61
N ASP E 87 -24.03 -6.62 16.93
CA ASP E 87 -25.16 -7.38 17.49
C ASP E 87 -24.66 -8.39 18.51
N GLY E 88 -25.42 -8.56 19.59
CA GLY E 88 -24.99 -9.36 20.73
C GLY E 88 -24.09 -8.56 21.67
N TRP E 89 -24.16 -7.24 21.56
CA TRP E 89 -23.40 -6.32 22.41
C TRP E 89 -24.18 -5.01 22.52
N GLN E 90 -24.30 -4.49 23.73
CA GLN E 90 -25.09 -3.28 23.98
C GLN E 90 -24.19 -2.14 24.48
N PRO E 91 -24.60 -0.89 24.20
CA PRO E 91 -23.71 0.28 24.32
C PRO E 91 -23.37 0.75 25.74
N GLN E 92 -24.20 0.41 26.73
CA GLN E 92 -23.98 0.87 28.10
C GLN E 92 -22.67 0.39 28.74
N TYR E 93 -22.12 -0.71 28.22
CA TYR E 93 -20.82 -1.21 28.70
C TYR E 93 -19.67 -0.28 28.32
N TYR E 94 -19.84 0.43 27.21
CA TYR E 94 -18.85 1.41 26.76
C TYR E 94 -18.73 2.57 27.74
N LEU E 95 -19.87 3.02 28.26
CA LEU E 95 -19.89 4.07 29.28
C LEU E 95 -19.41 3.56 30.64
N GLN E 96 -19.70 2.30 30.94
CA GLN E 96 -19.20 1.67 32.17
C GLN E 96 -17.67 1.60 32.20
N ARG E 97 -17.07 1.29 31.05
CA ARG E 97 -15.61 1.14 30.95
C ARG E 97 -14.87 2.48 31.05
N HIS E 98 -15.41 3.50 30.36
CA HIS E 98 -14.72 4.79 30.24
C HIS E 98 -15.35 5.92 31.08
N LEU E 99 -16.14 5.56 32.09
CA LEU E 99 -16.79 6.58 32.93
C LEU E 99 -17.33 6.06 34.26
N VAL E 100 -18.44 5.33 34.21
CA VAL E 100 -19.22 5.00 35.41
C VAL E 100 -18.54 3.93 36.27
N GLY E 101 -18.09 2.85 35.64
CA GLY E 101 -17.51 1.70 36.35
C GLY E 101 -18.45 0.51 36.30
N GLY E 102 -18.04 -0.58 36.96
CA GLY E 102 -18.81 -1.83 36.96
C GLY E 102 -19.49 -2.15 38.28
N ASP E 103 -19.90 -1.12 39.01
CA ASP E 103 -20.60 -1.27 40.29
C ASP E 103 -22.02 -0.69 40.23
N VAL E 104 -22.58 -0.59 39.02
CA VAL E 104 -23.91 -0.02 38.82
C VAL E 104 -24.77 -0.94 37.97
N LEU E 105 -26.08 -0.68 37.97
CA LEU E 105 -27.02 -1.42 37.12
C LEU E 105 -27.14 -0.73 35.76
N ALA E 106 -26.36 -1.21 34.80
CA ALA E 106 -26.41 -0.68 33.44
C ALA E 106 -27.34 -1.54 32.58
N VAL E 107 -28.20 -0.89 31.81
CA VAL E 107 -29.23 -1.57 31.04
C VAL E 107 -29.76 -0.69 29.91
N GLU E 108 -29.95 -1.30 28.73
CA GLU E 108 -30.41 -0.58 27.55
C GLU E 108 -31.93 -0.50 27.49
N ILE E 109 -32.45 0.72 27.36
CA ILE E 109 -33.88 0.96 27.20
C ILE E 109 -34.19 1.18 25.72
N GLN E 110 -35.37 0.75 25.28
CA GLN E 110 -35.81 0.96 23.91
C GLN E 110 -37.32 1.15 23.83
N GLN E 111 -37.75 2.37 23.47
CA GLN E 111 -39.17 2.67 23.26
C GLN E 111 -39.33 3.79 22.22
N GLY E 112 -38.57 3.70 21.13
CA GLY E 112 -38.59 4.71 20.07
C GLY E 112 -38.07 6.05 20.55
N CYS E 113 -38.77 7.12 20.17
CA CYS E 113 -38.39 8.48 20.57
C CYS E 113 -38.84 8.82 22.00
N ASN E 114 -39.73 8.01 22.57
CA ASN E 114 -40.18 8.20 23.95
C ASN E 114 -39.42 7.35 24.98
N GLY E 115 -38.28 6.78 24.57
CA GLY E 115 -37.45 5.99 25.46
C GLY E 115 -36.87 6.78 26.62
N MET E 116 -36.65 8.08 26.41
CA MET E 116 -36.16 8.97 27.46
C MET E 116 -37.20 9.15 28.57
N PHE E 117 -38.46 9.30 28.18
CA PHE E 117 -39.56 9.45 29.15
C PHE E 117 -39.72 8.22 30.03
N SER E 118 -39.62 7.04 29.43
CA SER E 118 -39.69 5.78 30.17
C SER E 118 -38.50 5.58 31.10
N ALA E 119 -37.32 6.01 30.66
CA ALA E 119 -36.11 5.95 31.48
C ALA E 119 -36.23 6.86 32.71
N LEU E 120 -36.82 8.03 32.53
CA LEU E 120 -37.08 8.95 33.65
C LEU E 120 -38.04 8.38 34.69
N GLU E 121 -39.02 7.59 34.24
CA GLU E 121 -39.93 6.91 35.15
C GLU E 121 -39.23 5.79 35.93
N LEU E 122 -38.48 4.95 35.22
CA LEU E 122 -37.75 3.85 35.83
C LEU E 122 -36.62 4.34 36.74
N ALA E 123 -35.96 5.42 36.35
CA ALA E 123 -34.89 6.01 37.15
C ALA E 123 -35.43 6.65 38.43
N ALA E 124 -36.53 7.38 38.30
CA ALA E 124 -37.17 8.02 39.46
C ALA E 124 -37.69 7.00 40.45
N ALA E 125 -38.22 5.89 39.95
CA ALA E 125 -38.70 4.79 40.79
C ALA E 125 -37.54 4.05 41.45
N HIS E 126 -36.43 3.91 40.74
CA HIS E 126 -35.23 3.25 41.27
C HIS E 126 -34.61 4.07 42.42
N LEU E 127 -34.57 5.39 42.26
CA LEU E 127 -34.06 6.28 43.31
C LEU E 127 -35.02 6.36 44.50
N ARG E 128 -36.32 6.25 44.23
CA ARG E 128 -37.33 6.25 45.29
C ARG E 128 -37.29 4.95 46.11
N ALA E 129 -37.09 3.84 45.41
CA ALA E 129 -37.01 2.52 46.05
C ALA E 129 -35.75 2.36 46.89
N GLY E 130 -34.64 2.93 46.40
CA GLY E 130 -33.37 2.94 47.12
C GLY E 130 -33.02 4.33 47.62
N PRO E 131 -33.42 4.67 48.86
CA PRO E 131 -33.24 6.01 49.39
C PRO E 131 -31.80 6.29 49.84
N ARG E 132 -31.59 7.22 50.78
CA ARG E 132 -30.25 7.65 51.17
C ARG E 132 -29.71 8.56 50.05
N PRO E 133 -28.39 8.78 49.99
CA PRO E 133 -27.91 9.60 48.88
C PRO E 133 -27.74 8.78 47.60
N GLY E 134 -28.75 8.86 46.72
CA GLY E 134 -28.76 8.11 45.46
C GLY E 134 -28.62 9.02 44.25
N SER E 135 -28.25 8.43 43.12
CA SER E 135 -28.09 9.16 41.87
C SER E 135 -28.11 8.20 40.68
N ALA E 136 -28.73 8.64 39.58
CA ALA E 136 -28.89 7.82 38.39
C ALA E 136 -28.62 8.62 37.12
N LEU E 137 -27.94 7.98 36.17
CA LEU E 137 -27.63 8.60 34.87
C LEU E 137 -28.55 8.05 33.80
N VAL E 138 -29.14 8.95 33.01
CA VAL E 138 -29.98 8.58 31.87
C VAL E 138 -29.44 9.27 30.63
N VAL E 139 -29.21 8.50 29.57
CA VAL E 139 -28.60 9.03 28.35
C VAL E 139 -29.27 8.51 27.08
N ALA E 140 -29.24 9.32 26.04
CA ALA E 140 -29.76 8.96 24.72
C ALA E 140 -28.72 9.27 23.66
N ALA E 141 -28.65 8.44 22.62
CA ALA E 141 -27.72 8.64 21.52
C ALA E 141 -28.05 7.75 20.34
N ASP E 142 -27.99 8.33 19.13
CA ASP E 142 -28.27 7.60 17.89
C ASP E 142 -27.47 8.17 16.73
N ASN E 143 -27.13 7.31 15.78
CA ASN E 143 -26.43 7.72 14.56
C ASN E 143 -27.09 7.08 13.34
N PHE E 144 -27.68 7.93 12.49
CA PHE E 144 -28.34 7.49 11.27
C PHE E 144 -27.45 7.79 10.07
N GLY E 145 -26.19 7.36 10.14
CA GLY E 145 -25.16 7.71 9.15
C GLY E 145 -25.08 6.75 7.98
N THR E 146 -26.13 6.71 7.17
CA THR E 146 -26.18 5.91 5.95
C THR E 146 -25.91 4.41 6.18
N PRO E 147 -26.82 3.71 6.89
CA PRO E 147 -26.78 2.26 6.95
C PRO E 147 -27.95 1.64 6.16
N LEU E 148 -29.12 1.51 6.79
CA LEU E 148 -30.37 1.16 6.11
C LEU E 148 -31.40 2.18 6.57
N PHE E 149 -31.04 3.46 6.43
CA PHE E 149 -31.84 4.57 6.98
C PHE E 149 -31.45 5.87 6.28
N ASP E 150 -32.36 6.41 5.48
CA ASP E 150 -32.15 7.70 4.83
C ASP E 150 -32.73 8.80 5.73
N ARG E 151 -31.84 9.58 6.35
CA ARG E 151 -32.25 10.61 7.32
C ARG E 151 -33.25 11.63 6.77
N TRP E 152 -33.22 11.87 5.46
CA TRP E 152 -34.05 12.89 4.83
C TRP E 152 -35.44 12.39 4.46
N THR E 153 -35.52 11.15 3.96
CA THR E 153 -36.78 10.61 3.41
C THR E 153 -37.44 9.50 4.24
N THR E 154 -36.77 9.00 5.28
CA THR E 154 -37.31 7.92 6.10
C THR E 154 -38.56 8.36 6.87
N GLY E 155 -38.38 9.36 7.74
CA GLY E 155 -39.47 9.86 8.57
C GLY E 155 -40.30 10.93 7.88
N PRO E 156 -41.64 10.78 7.88
CA PRO E 156 -42.50 11.81 7.30
C PRO E 156 -42.72 12.97 8.26
N GLY E 157 -42.40 14.19 7.80
CA GLY E 157 -42.58 15.39 8.61
C GLY E 157 -41.41 15.76 9.50
N TYR E 158 -40.28 15.05 9.35
CA TYR E 158 -39.06 15.37 10.10
C TYR E 158 -37.82 14.80 9.44
N ILE E 159 -36.68 15.43 9.74
CA ILE E 159 -35.37 14.96 9.28
C ILE E 159 -34.62 14.38 10.48
N ALA E 160 -34.10 13.18 10.34
CA ALA E 160 -33.35 12.52 11.41
C ALA E 160 -32.00 13.20 11.60
N GLY E 161 -31.57 13.29 12.86
CA GLY E 161 -30.31 13.95 13.21
C GLY E 161 -29.51 13.13 14.21
N ASP E 162 -28.19 13.24 14.14
CA ASP E 162 -27.29 12.54 15.04
C ASP E 162 -26.94 13.43 16.22
N GLY E 163 -26.56 12.80 17.34
CA GLY E 163 -26.19 13.52 18.55
C GLY E 163 -26.43 12.69 19.79
N ALA E 164 -26.57 13.37 20.93
CA ALA E 164 -26.83 12.70 22.20
C ALA E 164 -27.39 13.67 23.25
N GLY E 165 -28.09 13.11 24.23
CA GLY E 165 -28.64 13.88 25.35
C GLY E 165 -28.46 13.12 26.64
N ALA E 166 -28.17 13.85 27.72
CA ALA E 166 -27.90 13.25 29.02
C ALA E 166 -28.61 14.00 30.14
N VAL E 167 -28.81 13.34 31.27
CA VAL E 167 -29.41 13.95 32.45
C VAL E 167 -29.08 13.15 33.71
N VAL E 168 -28.71 13.85 34.79
CA VAL E 168 -28.31 13.21 36.03
C VAL E 168 -29.38 13.43 37.11
N LEU E 169 -30.17 12.39 37.38
CA LEU E 169 -31.17 12.43 38.43
C LEU E 169 -30.53 12.14 39.79
N THR E 170 -31.17 12.62 40.87
CA THR E 170 -30.65 12.42 42.22
C THR E 170 -31.71 12.66 43.28
N THR E 171 -31.56 12.00 44.43
CA THR E 171 -32.48 12.16 45.55
C THR E 171 -32.23 13.46 46.31
N GLU E 172 -30.97 13.85 46.43
CA GLU E 172 -30.59 15.10 47.10
C GLU E 172 -30.99 16.32 46.25
N PRO E 173 -31.11 17.50 46.90
CA PRO E 173 -31.52 18.72 46.18
C PRO E 173 -30.60 19.09 45.01
N GLY E 174 -31.19 19.64 43.95
CA GLY E 174 -30.45 20.09 42.79
C GLY E 174 -30.98 21.42 42.28
N PHE E 175 -30.60 21.79 41.07
CA PHE E 175 -31.03 23.06 40.47
C PHE E 175 -32.47 22.99 39.94
N ALA E 176 -32.85 21.81 39.46
CA ALA E 176 -34.20 21.57 38.95
C ALA E 176 -34.84 20.37 39.64
N ARG E 177 -36.15 20.19 39.42
CA ARG E 177 -36.90 19.12 40.07
C ARG E 177 -37.90 18.49 39.11
N LEU E 178 -37.80 17.17 38.93
CA LEU E 178 -38.75 16.42 38.11
C LEU E 178 -40.04 16.21 38.91
N LEU E 179 -41.05 17.05 38.62
CA LEU E 179 -42.30 17.02 39.34
C LEU E 179 -43.14 15.79 39.00
N ALA E 180 -43.27 15.50 37.72
CA ALA E 180 -44.07 14.36 37.25
C ALA E 180 -43.65 13.89 35.86
N VAL E 181 -43.96 12.63 35.57
CA VAL E 181 -43.71 12.04 34.25
C VAL E 181 -44.57 10.79 34.08
N ARG E 182 -45.23 10.68 32.93
CA ARG E 182 -46.15 9.58 32.65
C ARG E 182 -46.08 9.14 31.19
N SER E 183 -46.69 7.99 30.90
CA SER E 183 -46.70 7.43 29.55
C SER E 183 -47.96 6.62 29.28
N LEU E 184 -48.81 7.16 28.41
CA LEU E 184 -50.01 6.44 27.94
C LEU E 184 -49.75 5.92 26.53
N ALA E 185 -50.61 5.01 26.07
CA ALA E 185 -50.43 4.38 24.76
C ALA E 185 -51.74 4.00 24.09
N VAL E 186 -51.75 4.05 22.76
CA VAL E 186 -52.86 3.55 21.95
C VAL E 186 -52.34 2.34 21.17
N PRO E 187 -52.50 1.13 21.75
CA PRO E 187 -51.95 -0.08 21.14
C PRO E 187 -52.67 -0.52 19.86
N GLU E 188 -53.88 -0.01 19.62
CA GLU E 188 -54.61 -0.27 18.38
C GLU E 188 -53.86 0.26 17.14
N ALA E 189 -53.08 1.31 17.32
CA ALA E 189 -52.27 1.89 16.24
C ALA E 189 -50.80 1.46 16.32
N GLU E 190 -50.54 0.24 16.77
CA GLU E 190 -49.18 -0.29 16.86
C GLU E 190 -48.62 -0.70 15.50
N GLN E 191 -49.51 -0.96 14.54
CA GLN E 191 -49.11 -1.35 13.19
C GLN E 191 -48.81 -0.14 12.29
N MET E 192 -48.93 1.06 12.83
CA MET E 192 -48.56 2.29 12.10
C MET E 192 -47.09 2.30 11.72
N HIS E 193 -46.23 1.85 12.63
CA HIS E 193 -44.78 1.87 12.42
C HIS E 193 -44.25 0.55 11.85
N ARG E 194 -45.05 -0.52 11.89
CA ARG E 194 -44.69 -1.77 11.22
C ARG E 194 -44.99 -1.66 9.73
N GLY E 195 -46.26 -1.45 9.40
CA GLY E 195 -46.69 -1.29 8.01
C GLY E 195 -46.56 -2.54 7.15
N ALA E 196 -46.85 -3.69 7.75
CA ALA E 196 -46.77 -4.98 7.07
C ALA E 196 -45.39 -5.24 6.46
N PRO E 201 -42.24 -10.93 11.43
CA PRO E 201 -41.23 -11.36 10.47
C PRO E 201 -39.80 -11.23 11.01
N PRO E 202 -38.80 -11.67 10.23
CA PRO E 202 -37.38 -11.59 10.66
C PRO E 202 -36.91 -10.18 10.97
N GLY E 203 -37.10 -9.25 10.02
CA GLY E 203 -36.74 -7.85 10.21
C GLY E 203 -35.33 -7.51 9.76
N ALA E 204 -34.45 -7.25 10.74
CA ALA E 204 -33.08 -6.81 10.47
C ALA E 204 -32.18 -7.91 9.89
N THR E 205 -32.53 -9.17 10.16
CA THR E 205 -31.78 -10.31 9.63
C THR E 205 -31.78 -10.29 8.10
N ILE E 206 -32.97 -10.16 7.53
CA ILE E 206 -33.12 -9.97 6.08
C ILE E 206 -33.12 -8.48 5.78
N GLY E 207 -31.94 -7.93 5.53
CA GLY E 207 -31.73 -6.48 5.33
C GLY E 207 -32.90 -5.73 4.72
N ARG E 208 -33.79 -5.23 5.57
CA ARG E 208 -34.94 -4.45 5.14
C ARG E 208 -34.75 -2.98 5.51
N PRO E 209 -34.97 -2.06 4.55
CA PRO E 209 -34.78 -0.64 4.82
C PRO E 209 -35.96 -0.03 5.57
N LEU E 210 -35.67 0.88 6.50
CA LEU E 210 -36.71 1.53 7.30
C LEU E 210 -37.24 2.76 6.54
N ASN E 211 -38.55 2.78 6.32
CA ASN E 211 -39.23 3.94 5.74
C ASN E 211 -40.60 4.11 6.38
N PHE E 212 -40.69 5.03 7.33
CA PHE E 212 -41.92 5.28 8.08
C PHE E 212 -43.05 5.85 7.21
N THR E 213 -42.68 6.56 6.15
CA THR E 213 -43.67 7.14 5.24
C THR E 213 -44.49 6.05 4.54
N SER E 214 -43.82 5.02 4.05
CA SER E 214 -44.47 3.88 3.42
C SER E 214 -45.22 3.03 4.44
N ARG E 215 -44.67 2.93 5.65
CA ARG E 215 -45.31 2.19 6.74
C ARG E 215 -46.60 2.87 7.20
N ASN E 216 -46.57 4.20 7.29
CA ASN E 216 -47.75 4.98 7.64
C ASN E 216 -48.78 4.95 6.50
N ALA E 217 -48.30 4.92 5.26
CA ALA E 217 -49.15 4.80 4.09
C ALA E 217 -49.80 3.43 4.00
N ALA E 218 -49.06 2.39 4.37
CA ALA E 218 -49.57 1.02 4.44
C ALA E 218 -50.64 0.90 5.53
N PHE E 219 -50.44 1.61 6.64
CA PHE E 219 -51.42 1.69 7.71
C PHE E 219 -52.64 2.49 7.25
N ARG E 220 -53.78 2.22 7.87
CA ARG E 220 -55.06 2.83 7.50
C ARG E 220 -55.63 2.22 6.22
N GLU E 221 -55.33 0.94 5.99
CA GLU E 221 -55.88 0.20 4.86
C GLU E 221 -57.27 -0.34 5.20
N LEU E 222 -57.44 -0.79 6.45
CA LEU E 222 -58.72 -1.28 6.92
C LEU E 222 -58.94 -0.92 8.39
N THR E 230 -58.17 3.71 10.84
CA THR E 230 -59.02 4.78 10.35
C THR E 230 -59.37 5.76 11.48
N GLY E 231 -59.94 5.23 12.55
CA GLY E 231 -60.32 6.03 13.72
C GLY E 231 -59.33 5.93 14.87
N ALA E 232 -58.10 5.52 14.57
CA ALA E 232 -57.05 5.41 15.57
C ALA E 232 -56.45 6.77 15.87
N LEU E 233 -56.17 7.55 14.81
CA LEU E 233 -55.55 8.87 14.94
C LEU E 233 -56.24 9.78 15.94
N MET E 234 -57.57 9.81 15.93
CA MET E 234 -58.32 10.67 16.86
C MET E 234 -58.20 10.18 18.31
N ARG E 235 -58.06 8.87 18.49
CA ARG E 235 -57.84 8.27 19.81
C ARG E 235 -56.45 8.66 20.33
N VAL E 236 -55.49 8.78 19.41
CA VAL E 236 -54.13 9.24 19.74
C VAL E 236 -54.15 10.71 20.15
N HIS E 237 -54.99 11.50 19.48
CA HIS E 237 -55.12 12.93 19.77
C HIS E 237 -55.73 13.17 21.15
N GLN E 238 -56.65 12.30 21.56
CA GLN E 238 -57.23 12.35 22.90
C GLN E 238 -56.18 12.03 23.96
N ARG E 239 -55.43 10.97 23.74
CA ARG E 239 -54.42 10.50 24.69
C ARG E 239 -53.22 11.45 24.80
N THR E 240 -53.01 12.26 23.75
CA THR E 240 -51.99 13.31 23.79
C THR E 240 -52.40 14.42 24.77
N LEU E 241 -53.68 14.77 24.77
CA LEU E 241 -54.21 15.75 25.71
C LEU E 241 -54.48 15.16 27.09
N GLU E 242 -54.81 13.87 27.13
CA GLU E 242 -55.10 13.17 28.38
C GLU E 242 -53.85 13.04 29.26
N VAL E 243 -52.75 12.61 28.67
CA VAL E 243 -51.49 12.43 29.40
C VAL E 243 -50.94 13.76 29.95
N VAL E 244 -51.22 14.86 29.26
CA VAL E 244 -50.82 16.19 29.73
C VAL E 244 -51.65 16.58 30.96
N GLU E 245 -52.96 16.39 30.87
CA GLU E 245 -53.87 16.66 31.99
C GLU E 245 -53.52 15.81 33.21
N LYS E 246 -53.11 14.57 32.96
CA LYS E 246 -52.79 13.62 34.03
C LYS E 246 -51.42 13.92 34.65
N THR E 247 -50.47 14.35 33.82
CA THR E 247 -49.13 14.71 34.31
C THR E 247 -49.13 16.05 35.04
N LEU E 248 -49.88 17.02 34.51
CA LEU E 248 -50.03 18.34 35.16
C LEU E 248 -50.72 18.21 36.52
N SER E 249 -51.71 17.33 36.59
CA SER E 249 -52.42 17.07 37.85
C SER E 249 -51.52 16.37 38.87
N GLU E 250 -50.66 15.47 38.39
CA GLU E 250 -49.71 14.76 39.23
C GLU E 250 -48.62 15.70 39.76
N ALA E 251 -48.14 16.60 38.89
CA ALA E 251 -47.13 17.59 39.26
C ALA E 251 -47.68 18.63 40.24
N GLY E 252 -48.97 18.91 40.16
CA GLY E 252 -49.63 19.88 41.03
C GLY E 252 -49.58 21.29 40.46
N ILE E 253 -49.80 21.40 39.15
CA ILE E 253 -49.80 22.69 38.46
C ILE E 253 -50.86 22.72 37.36
N THR E 254 -51.08 23.91 36.80
CA THR E 254 -51.99 24.10 35.67
C THR E 254 -51.19 24.43 34.41
N LEU E 255 -51.89 24.56 33.28
CA LEU E 255 -51.24 24.90 32.01
C LEU E 255 -50.70 26.33 32.01
N GLY E 256 -51.29 27.20 32.82
CA GLY E 256 -50.81 28.58 32.98
C GLY E 256 -49.43 28.69 33.59
N ASP E 257 -49.06 27.71 34.42
CA ASP E 257 -47.74 27.67 35.05
C ASP E 257 -46.62 27.28 34.09
N ILE E 258 -46.97 26.65 32.97
CA ILE E 258 -46.00 26.23 31.97
C ILE E 258 -45.41 27.43 31.25
N THR E 259 -44.09 27.50 31.21
CA THR E 259 -43.38 28.62 30.57
C THR E 259 -43.04 28.26 29.12
N ARG E 260 -42.37 27.13 28.93
CA ARG E 260 -41.99 26.65 27.61
C ARG E 260 -42.50 25.22 27.38
N VAL E 261 -42.52 24.80 26.12
CA VAL E 261 -42.95 23.45 25.74
C VAL E 261 -41.88 22.79 24.86
N ALA E 262 -41.51 21.56 25.21
CA ALA E 262 -40.46 20.83 24.49
C ALA E 262 -41.04 19.66 23.70
N TYR E 263 -41.47 19.94 22.47
CA TYR E 263 -41.97 18.92 21.55
C TYR E 263 -40.87 18.54 20.57
N MET E 264 -40.96 17.34 19.99
CA MET E 264 -39.94 16.88 19.03
C MET E 264 -39.78 17.80 17.83
N ASN E 265 -38.61 17.71 17.19
CA ASN E 265 -38.23 18.62 16.12
C ASN E 265 -38.80 18.20 14.77
N PHE E 266 -40.13 18.34 14.65
CA PHE E 266 -40.86 17.96 13.44
C PHE E 266 -41.15 19.21 12.62
N SER E 267 -41.84 19.04 11.50
CA SER E 267 -42.18 20.16 10.62
C SER E 267 -43.02 21.23 11.32
N ARG E 268 -42.91 22.47 10.85
CA ARG E 268 -43.59 23.61 11.45
C ARG E 268 -45.10 23.43 11.56
N GLU E 269 -45.70 22.78 10.56
CA GLU E 269 -47.13 22.50 10.56
C GLU E 269 -47.51 21.47 11.62
N ILE E 270 -46.69 20.43 11.76
CA ILE E 270 -46.93 19.37 12.75
C ILE E 270 -46.75 19.88 14.18
N VAL E 271 -45.66 20.62 14.42
CA VAL E 271 -45.38 21.15 15.76
C VAL E 271 -46.41 22.19 16.19
N GLU E 272 -46.91 22.97 15.23
CA GLU E 272 -47.91 23.99 15.50
C GLU E 272 -49.29 23.41 15.77
N GLN E 273 -49.73 22.48 14.93
CA GLN E 273 -51.09 21.95 15.01
C GLN E 273 -51.26 20.87 16.08
N ARG E 274 -50.39 19.86 16.07
CA ARG E 274 -50.50 18.71 16.97
C ARG E 274 -50.24 19.08 18.43
N CYS E 275 -49.25 19.93 18.68
CA CYS E 275 -48.83 20.26 20.04
C CYS E 275 -49.27 21.66 20.48
N MET E 276 -48.86 22.68 19.73
CA MET E 276 -49.08 24.08 20.11
C MET E 276 -50.56 24.48 20.10
N ALA E 277 -51.22 24.20 18.97
CA ALA E 277 -52.62 24.57 18.79
C ALA E 277 -53.57 23.70 19.62
N ALA E 278 -53.16 22.45 19.87
CA ALA E 278 -53.97 21.52 20.66
C ALA E 278 -54.05 21.96 22.14
N LEU E 279 -52.89 22.30 22.70
CA LEU E 279 -52.82 22.76 24.09
C LEU E 279 -53.38 24.17 24.25
N GLY E 280 -53.29 24.98 23.20
CA GLY E 280 -53.76 26.37 23.23
C GLY E 280 -52.66 27.32 23.68
N LEU E 281 -51.47 27.15 23.11
CA LEU E 281 -50.31 27.97 23.42
C LEU E 281 -49.64 28.42 22.12
N PRO E 282 -48.93 29.57 22.16
CA PRO E 282 -48.30 30.10 20.95
C PRO E 282 -47.05 29.32 20.53
N MET E 283 -46.64 29.50 19.27
CA MET E 283 -45.45 28.84 18.74
C MET E 283 -44.15 29.44 19.27
N SER E 284 -44.22 30.64 19.83
CA SER E 284 -43.07 31.25 20.50
C SER E 284 -42.66 30.49 21.76
N ALA E 285 -43.64 29.85 22.41
CA ALA E 285 -43.40 29.07 23.63
C ALA E 285 -42.79 27.69 23.36
N SER E 286 -42.80 27.24 22.10
CA SER E 286 -42.20 25.96 21.74
C SER E 286 -40.68 26.09 21.54
N THR E 287 -40.01 24.95 21.42
CA THR E 287 -38.58 24.90 21.16
C THR E 287 -38.30 24.45 19.72
N TRP E 288 -39.04 25.03 18.78
CA TRP E 288 -38.93 24.68 17.37
C TRP E 288 -37.81 25.48 16.68
N GLU E 289 -37.74 26.77 17.01
CA GLU E 289 -36.70 27.66 16.46
C GLU E 289 -35.27 27.13 16.65
N PHE E 290 -35.03 26.47 17.77
CA PHE E 290 -33.74 25.85 18.06
C PHE E 290 -33.67 24.44 17.48
N GLY E 291 -34.74 23.67 17.67
CA GLY E 291 -34.78 22.27 17.27
C GLY E 291 -34.78 22.02 15.76
N ARG E 292 -35.33 22.96 15.00
CA ARG E 292 -35.41 22.82 13.54
C ARG E 292 -34.05 22.65 12.86
N LYS E 293 -33.03 23.34 13.37
CA LYS E 293 -31.67 23.24 12.82
C LYS E 293 -30.99 21.92 13.17
N LEU E 294 -31.37 21.34 14.32
CA LEU E 294 -30.78 20.08 14.79
C LEU E 294 -31.47 18.86 14.19
N GLY E 295 -32.79 18.95 13.97
CA GLY E 295 -33.56 17.83 13.44
C GLY E 295 -33.99 16.87 14.55
N HIS E 296 -34.62 15.78 14.17
CA HIS E 296 -35.10 14.79 15.14
C HIS E 296 -33.94 13.93 15.64
N LEU E 297 -33.55 14.14 16.90
CA LEU E 297 -32.41 13.46 17.49
C LEU E 297 -32.81 12.17 18.21
N GLY E 298 -33.54 11.30 17.51
CA GLY E 298 -34.00 10.04 18.09
C GLY E 298 -34.92 10.25 19.27
N ALA E 299 -34.36 10.15 20.48
CA ALA E 299 -35.10 10.34 21.72
C ALA E 299 -34.42 11.40 22.60
N SER E 300 -33.77 12.39 21.96
CA SER E 300 -33.02 13.42 22.68
C SER E 300 -33.60 14.83 22.50
N ASP E 301 -34.68 14.95 21.72
CA ASP E 301 -35.22 16.27 21.35
C ASP E 301 -35.58 17.14 22.55
N GLN E 302 -36.25 16.56 23.54
CA GLN E 302 -36.76 17.33 24.68
C GLN E 302 -35.67 17.57 25.75
N VAL E 303 -34.75 16.64 25.91
CA VAL E 303 -33.64 16.81 26.85
C VAL E 303 -32.57 17.75 26.30
N VAL E 304 -32.32 17.69 25.00
CA VAL E 304 -31.43 18.65 24.34
C VAL E 304 -32.07 20.05 24.37
N ALA E 305 -33.39 20.10 24.25
CA ALA E 305 -34.13 21.35 24.41
C ALA E 305 -34.06 21.86 25.85
N LEU E 306 -34.14 20.93 26.81
CA LEU E 306 -33.96 21.26 28.23
C LEU E 306 -32.56 21.82 28.47
N ASP E 307 -31.57 21.17 27.88
CA ASP E 307 -30.17 21.59 28.00
C ASP E 307 -29.94 22.99 27.44
N GLU E 308 -30.46 23.24 26.24
CA GLU E 308 -30.30 24.54 25.57
C GLU E 308 -31.05 25.66 26.30
N LEU E 309 -32.22 25.35 26.83
CA LEU E 309 -33.02 26.32 27.57
C LEU E 309 -32.38 26.67 28.91
N VAL E 310 -31.81 25.67 29.58
CA VAL E 310 -31.16 25.87 30.89
C VAL E 310 -29.80 26.55 30.75
N THR E 311 -29.00 26.12 29.77
CA THR E 311 -27.64 26.63 29.61
C THR E 311 -27.59 28.12 29.22
N THR E 312 -28.53 28.56 28.40
CA THR E 312 -28.58 29.94 27.93
C THR E 312 -29.20 30.89 28.95
N GLY E 313 -29.96 30.34 29.89
CA GLY E 313 -30.62 31.14 30.93
C GLY E 313 -32.00 31.60 30.52
N GLU E 314 -32.66 30.84 29.65
CA GLU E 314 -34.03 31.13 29.23
C GLU E 314 -35.02 30.72 30.32
N LEU E 315 -34.78 29.53 30.91
CA LEU E 315 -35.61 29.01 31.98
C LEU E 315 -35.01 29.38 33.33
N GLY E 316 -35.57 30.42 33.96
CA GLY E 316 -35.10 30.89 35.26
C GLY E 316 -35.81 30.21 36.41
N PRO E 317 -35.44 30.58 37.66
CA PRO E 317 -36.07 30.04 38.87
C PRO E 317 -37.59 30.26 38.90
N GLY E 318 -38.34 29.18 39.14
CA GLY E 318 -39.80 29.24 39.21
C GLY E 318 -40.51 28.80 37.94
N ASP E 319 -39.79 28.76 36.82
CA ASP E 319 -40.38 28.41 35.53
C ASP E 319 -40.58 26.90 35.41
N HIS E 320 -41.50 26.50 34.53
CA HIS E 320 -41.81 25.10 34.28
C HIS E 320 -41.68 24.77 32.80
N LEU E 321 -41.14 23.59 32.50
CA LEU E 321 -41.01 23.11 31.12
C LEU E 321 -41.90 21.89 30.92
N LEU E 322 -42.78 21.96 29.91
CA LEU E 322 -43.67 20.85 29.58
C LEU E 322 -43.08 20.00 28.46
N MET E 323 -42.35 18.95 28.83
CA MET E 323 -41.79 18.01 27.86
C MET E 323 -42.89 17.07 27.38
N LEU E 324 -42.98 16.88 26.07
CA LEU E 324 -44.01 16.05 25.45
C LEU E 324 -43.45 15.30 24.25
N GLY E 325 -43.96 14.10 24.02
CA GLY E 325 -43.51 13.28 22.90
C GLY E 325 -44.45 12.15 22.52
N MET E 326 -44.73 12.04 21.22
CA MET E 326 -45.51 10.93 20.66
C MET E 326 -44.59 10.06 19.79
N GLY E 327 -44.59 8.75 20.05
CA GLY E 327 -43.72 7.80 19.34
C GLY E 327 -44.43 6.51 18.97
N PRO E 328 -43.66 5.48 18.60
CA PRO E 328 -44.19 4.14 18.29
C PRO E 328 -45.00 3.53 19.43
N GLY E 329 -46.06 2.80 19.08
CA GLY E 329 -47.00 2.25 20.07
C GLY E 329 -48.46 2.30 19.62
N VAL E 330 -48.99 3.50 19.37
CA VAL E 330 -48.28 4.76 19.57
C VAL E 330 -48.32 5.15 21.04
N THR E 331 -47.17 5.56 21.58
CA THR E 331 -47.05 5.92 22.99
C THR E 331 -46.95 7.44 23.15
N LEU E 332 -47.87 8.00 23.95
CA LEU E 332 -47.89 9.43 24.23
C LEU E 332 -47.34 9.68 25.63
N SER E 333 -46.14 10.25 25.70
CA SER E 333 -45.48 10.53 26.97
C SER E 333 -45.43 12.03 27.25
N CYS E 334 -45.40 12.38 28.53
CA CYS E 334 -45.32 13.78 28.96
C CYS E 334 -44.58 13.87 30.29
N ALA E 335 -43.92 15.01 30.52
CA ALA E 335 -43.16 15.23 31.74
C ALA E 335 -43.07 16.73 32.07
N VAL E 336 -42.89 17.03 33.36
CA VAL E 336 -42.80 18.40 33.84
C VAL E 336 -41.52 18.58 34.64
N VAL E 337 -40.73 19.59 34.28
CA VAL E 337 -39.47 19.91 34.96
C VAL E 337 -39.51 21.35 35.46
N LYS E 338 -39.39 21.53 36.78
CA LYS E 338 -39.39 22.85 37.40
C LYS E 338 -37.97 23.26 37.76
N VAL E 339 -37.58 24.47 37.36
CA VAL E 339 -36.28 25.03 37.71
C VAL E 339 -36.40 25.74 39.07
N LEU E 340 -35.64 25.28 40.06
CA LEU E 340 -35.69 25.83 41.40
C LEU E 340 -34.68 26.96 41.57
N THR E 341 -33.45 26.71 41.14
CA THR E 341 -32.37 27.71 41.19
C THR E 341 -31.64 27.73 39.83
N PRO E 342 -30.80 28.75 39.60
CA PRO E 342 -30.01 28.77 38.36
C PRO E 342 -29.01 27.62 38.29
N ALA E 343 -28.64 27.22 37.07
CA ALA E 343 -27.72 26.10 36.86
C ALA E 343 -26.34 26.43 37.41
N PRO E 344 -25.64 25.42 38.00
CA PRO E 344 -24.26 25.64 38.47
C PRO E 344 -23.20 25.75 37.36
N TRP E 345 -23.62 25.88 36.11
CA TRP E 345 -22.69 25.87 34.97
C TRP E 345 -23.17 26.83 33.87
N SER E 346 -23.72 27.98 34.29
CA SER E 346 -24.25 28.98 33.37
C SER E 346 -23.99 30.39 33.89
N PRO F 4 -40.68 -3.62 52.27
CA PRO F 4 -41.57 -3.95 51.17
C PRO F 4 -41.16 -5.22 50.42
N ASP F 5 -41.94 -6.28 50.58
CA ASP F 5 -41.66 -7.56 49.95
C ASP F 5 -42.17 -7.60 48.50
N ILE F 6 -41.48 -8.35 47.65
CA ILE F 6 -41.85 -8.51 46.25
C ILE F 6 -42.07 -10.00 45.94
N PHE F 7 -43.32 -10.38 45.76
CA PHE F 7 -43.70 -11.77 45.58
C PHE F 7 -43.88 -12.11 44.10
N ILE F 8 -43.46 -13.32 43.71
CA ILE F 8 -43.73 -13.84 42.38
C ILE F 8 -45.12 -14.47 42.40
N LYS F 9 -46.09 -13.82 41.76
CA LYS F 9 -47.46 -14.29 41.73
C LYS F 9 -47.59 -15.56 40.89
N ALA F 10 -46.94 -15.58 39.73
CA ALA F 10 -46.97 -16.74 38.84
C ALA F 10 -45.82 -16.72 37.84
N THR F 11 -45.64 -17.86 37.16
CA THR F 11 -44.62 -18.01 36.12
C THR F 11 -45.23 -18.71 34.92
N GLY F 12 -44.59 -18.56 33.77
CA GLY F 12 -45.06 -19.18 32.52
C GLY F 12 -44.01 -19.17 31.44
N ARG F 13 -44.13 -20.10 30.49
CA ARG F 13 -43.19 -20.17 29.37
C ARG F 13 -43.83 -20.77 28.12
N PHE F 14 -43.13 -20.63 27.00
CA PHE F 14 -43.50 -21.26 25.74
C PHE F 14 -42.27 -21.91 25.13
N LEU F 15 -42.30 -23.24 25.01
CA LEU F 15 -41.19 -24.00 24.44
C LEU F 15 -41.66 -24.81 23.24
N PRO F 16 -41.10 -24.55 22.05
CA PRO F 16 -41.48 -25.31 20.84
C PRO F 16 -40.87 -26.71 20.83
N GLU F 17 -41.13 -27.46 19.75
CA GLU F 17 -40.64 -28.83 19.61
C GLU F 17 -39.11 -28.87 19.58
N THR F 18 -38.54 -29.76 20.39
CA THR F 18 -37.08 -29.87 20.52
C THR F 18 -36.46 -30.71 19.41
N VAL F 19 -35.44 -30.16 18.76
CA VAL F 19 -34.65 -30.89 17.76
C VAL F 19 -33.45 -31.52 18.48
N SER F 20 -33.29 -32.83 18.29
CA SER F 20 -32.23 -33.57 18.97
C SER F 20 -30.84 -33.26 18.40
N VAL F 21 -29.81 -33.49 19.21
CA VAL F 21 -28.43 -33.28 18.78
C VAL F 21 -27.97 -34.35 17.79
N GLU F 22 -28.54 -35.54 17.91
CA GLU F 22 -28.24 -36.64 16.97
C GLU F 22 -28.70 -36.30 15.54
N TRP F 23 -29.82 -35.58 15.44
CA TRP F 23 -30.32 -35.10 14.16
C TRP F 23 -29.38 -34.07 13.54
N ALA F 24 -28.90 -33.14 14.36
CA ALA F 24 -28.02 -32.07 13.88
C ALA F 24 -26.70 -32.59 13.32
N VAL F 25 -26.15 -33.64 13.93
CA VAL F 25 -24.91 -34.25 13.48
C VAL F 25 -25.08 -35.00 12.15
N GLU F 26 -26.25 -35.60 11.97
CA GLU F 26 -26.53 -36.38 10.76
C GLU F 26 -26.67 -35.48 9.52
N GLN F 27 -27.29 -34.32 9.70
CA GLN F 27 -27.49 -33.37 8.61
C GLN F 27 -26.21 -32.59 8.28
N GLY F 28 -25.34 -32.43 9.27
CA GLY F 28 -24.08 -31.70 9.10
C GLY F 28 -24.12 -30.26 9.58
N HIS F 29 -24.99 -29.99 10.55
CA HIS F 29 -25.08 -28.66 11.16
C HIS F 29 -24.12 -28.57 12.35
N TYR F 30 -24.27 -29.51 13.28
CA TYR F 30 -23.46 -29.58 14.49
C TYR F 30 -22.39 -30.65 14.31
N SER F 31 -21.17 -30.36 14.74
CA SER F 31 -20.05 -31.29 14.60
C SER F 31 -20.16 -32.44 15.59
N ALA F 32 -19.62 -33.60 15.20
CA ALA F 32 -19.66 -34.80 16.03
C ALA F 32 -18.77 -34.69 17.27
N GLU F 33 -17.70 -33.91 17.16
CA GLU F 33 -16.77 -33.70 18.28
C GLU F 33 -17.42 -32.90 19.41
N ASP F 34 -18.10 -31.81 19.04
CA ASP F 34 -18.77 -30.94 20.01
C ASP F 34 -19.95 -31.62 20.71
N ALA F 35 -20.58 -32.58 20.04
CA ALA F 35 -21.67 -33.35 20.62
C ALA F 35 -21.18 -34.22 21.78
N GLU F 36 -20.05 -34.88 21.59
CA GLU F 36 -19.44 -35.71 22.63
C GLU F 36 -18.74 -34.86 23.70
N LEU F 37 -18.17 -33.73 23.29
CA LEU F 37 -17.42 -32.86 24.20
C LEU F 37 -18.35 -32.10 25.15
N HIS F 38 -19.34 -31.41 24.59
CA HIS F 38 -20.27 -30.61 25.40
C HIS F 38 -21.36 -31.48 26.05
N GLU F 39 -21.74 -32.56 25.38
CA GLU F 39 -22.74 -33.50 25.90
C GLU F 39 -24.15 -32.89 26.00
N LEU F 40 -24.49 -32.04 25.04
CA LEU F 40 -25.80 -31.38 25.02
C LEU F 40 -26.87 -32.34 24.50
N GLY F 41 -28.12 -32.10 24.91
CA GLY F 41 -29.24 -32.93 24.50
C GLY F 41 -29.81 -32.51 23.16
N GLY F 42 -30.13 -31.23 23.04
CA GLY F 42 -30.69 -30.69 21.79
C GLY F 42 -30.97 -29.20 21.88
N ALA F 43 -32.00 -28.75 21.17
CA ALA F 43 -32.39 -27.35 21.18
C ALA F 43 -33.84 -27.18 20.73
N ALA F 44 -34.56 -26.26 21.39
CA ALA F 44 -35.94 -25.95 21.04
C ALA F 44 -35.96 -25.04 19.81
N VAL F 45 -36.64 -25.49 18.76
CA VAL F 45 -36.64 -24.78 17.47
C VAL F 45 -38.06 -24.37 17.06
N ALA F 46 -38.26 -23.07 16.87
CA ALA F 46 -39.49 -22.54 16.30
C ALA F 46 -39.26 -22.28 14.82
N GLY F 47 -40.24 -22.64 13.98
CA GLY F 47 -40.10 -22.52 12.54
C GLY F 47 -40.07 -21.08 12.07
N ASP F 48 -41.25 -20.49 11.91
CA ASP F 48 -41.40 -19.09 11.50
C ASP F 48 -42.29 -18.30 12.47
N THR F 49 -42.39 -18.79 13.70
CA THR F 49 -43.21 -18.15 14.73
C THR F 49 -42.44 -16.95 15.30
N PRO F 50 -43.00 -15.73 15.20
CA PRO F 50 -42.33 -14.56 15.75
C PRO F 50 -42.10 -14.63 17.25
N ALA F 51 -41.04 -13.98 17.73
CA ALA F 51 -40.72 -13.94 19.15
C ALA F 51 -41.76 -13.20 20.00
N PRO F 52 -42.35 -12.12 19.46
CA PRO F 52 -43.47 -11.45 20.15
C PRO F 52 -44.66 -12.37 20.41
N ASP F 53 -44.96 -13.27 19.47
CA ASP F 53 -46.02 -14.27 19.65
C ASP F 53 -45.65 -15.27 20.74
N MET F 54 -44.39 -15.70 20.76
CA MET F 54 -43.90 -16.62 21.80
C MET F 54 -43.95 -15.96 23.19
N ALA F 55 -43.65 -14.67 23.25
CA ALA F 55 -43.78 -13.89 24.48
C ALA F 55 -45.24 -13.78 24.90
N LEU F 56 -46.14 -13.62 23.92
CA LEU F 56 -47.57 -13.53 24.17
C LEU F 56 -48.14 -14.84 24.73
N TRP F 57 -47.64 -15.98 24.25
CA TRP F 57 -48.08 -17.28 24.77
C TRP F 57 -47.61 -17.47 26.22
N ALA F 58 -46.37 -17.09 26.49
CA ALA F 58 -45.79 -17.20 27.83
C ALA F 58 -46.44 -16.23 28.81
N ALA F 59 -46.73 -15.02 28.35
CA ALA F 59 -47.38 -14.00 29.17
C ALA F 59 -48.83 -14.39 29.52
N GLN F 60 -49.53 -14.95 28.54
CA GLN F 60 -50.91 -15.42 28.75
C GLN F 60 -51.00 -16.55 29.76
N GLN F 61 -50.00 -17.44 29.76
CA GLN F 61 -49.95 -18.56 30.70
C GLN F 61 -49.74 -18.08 32.13
N ALA F 62 -48.77 -17.19 32.32
CA ALA F 62 -48.46 -16.65 33.65
C ALA F 62 -49.62 -15.88 34.25
N VAL F 63 -50.34 -15.13 33.41
CA VAL F 63 -51.50 -14.36 33.85
C VAL F 63 -52.70 -15.29 34.15
N LYS F 64 -52.92 -16.27 33.28
CA LYS F 64 -54.06 -17.19 33.42
C LYS F 64 -53.92 -18.16 34.59
N ARG F 65 -52.68 -18.48 34.98
CA ARG F 65 -52.43 -19.45 36.05
C ARG F 65 -52.88 -18.93 37.42
N CYS F 66 -52.49 -17.70 37.76
CA CYS F 66 -52.85 -17.10 39.05
C CYS F 66 -54.20 -16.38 39.01
N GLY F 67 -54.78 -16.20 37.82
CA GLY F 67 -56.05 -15.51 37.66
C GLY F 67 -55.91 -14.01 37.82
N HIS F 68 -54.86 -13.46 37.20
CA HIS F 68 -54.56 -12.03 37.30
C HIS F 68 -55.26 -11.26 36.18
N ARG F 69 -55.50 -9.96 36.42
CA ARG F 69 -56.10 -9.09 35.43
C ARG F 69 -55.01 -8.33 34.67
N PRO F 70 -54.93 -8.54 33.34
CA PRO F 70 -53.93 -7.84 32.52
C PRO F 70 -53.93 -6.31 32.66
N GLU F 71 -55.11 -5.72 32.84
CA GLU F 71 -55.24 -4.27 32.99
C GLU F 71 -54.68 -3.75 34.32
N ASP F 72 -54.65 -4.61 35.34
CA ASP F 72 -54.16 -4.22 36.67
C ASP F 72 -52.64 -4.06 36.75
N LEU F 73 -51.92 -4.59 35.75
CA LEU F 73 -50.46 -4.41 35.66
C LEU F 73 -50.08 -2.93 35.61
N GLY F 74 -48.96 -2.59 36.24
CA GLY F 74 -48.43 -1.23 36.23
C GLY F 74 -47.09 -1.10 35.51
N LEU F 75 -46.61 -2.20 34.92
CA LEU F 75 -45.32 -2.21 34.23
C LEU F 75 -45.20 -3.43 33.32
N LEU F 76 -44.54 -3.24 32.18
CA LEU F 76 -44.25 -4.34 31.25
C LEU F 76 -42.80 -4.22 30.79
N LEU F 77 -41.99 -5.23 31.10
CA LEU F 77 -40.58 -5.25 30.74
C LEU F 77 -40.27 -6.41 29.79
N TYR F 78 -40.21 -6.09 28.49
CA TYR F 78 -39.89 -7.06 27.46
C TYR F 78 -38.37 -7.11 27.26
N VAL F 79 -37.75 -8.25 27.56
CA VAL F 79 -36.30 -8.40 27.41
C VAL F 79 -35.97 -9.33 26.25
N ASP F 80 -34.80 -9.11 25.63
CA ASP F 80 -34.34 -9.96 24.52
C ASP F 80 -32.87 -9.73 24.21
N SER F 81 -32.23 -10.76 23.66
CA SER F 81 -30.81 -10.72 23.28
C SER F 81 -30.59 -10.56 21.78
N TRP F 82 -31.64 -10.72 20.98
CA TRP F 82 -31.53 -10.63 19.51
C TRP F 82 -32.76 -9.95 18.91
N HIS F 83 -32.71 -9.71 17.60
CA HIS F 83 -33.79 -9.00 16.88
C HIS F 83 -35.14 -9.72 17.04
N GLN F 84 -36.20 -8.91 17.05
CA GLN F 84 -37.56 -9.41 17.31
C GLN F 84 -38.44 -9.29 16.06
N GLY F 85 -38.56 -8.07 15.54
CA GLY F 85 -39.39 -7.81 14.37
C GLY F 85 -38.86 -6.67 13.52
N PRO F 86 -39.75 -5.93 12.84
CA PRO F 86 -39.35 -4.78 12.01
C PRO F 86 -38.60 -3.71 12.80
N ASP F 87 -37.64 -3.05 12.13
CA ASP F 87 -36.87 -1.98 12.75
C ASP F 87 -37.72 -0.71 12.86
N GLY F 88 -37.45 0.08 13.89
CA GLY F 88 -38.29 1.24 14.21
C GLY F 88 -39.60 0.81 14.85
N TRP F 89 -39.60 -0.35 15.49
CA TRP F 89 -40.76 -0.89 16.16
C TRP F 89 -40.33 -1.87 17.24
N GLN F 90 -40.89 -1.70 18.44
CA GLN F 90 -40.52 -2.52 19.60
C GLN F 90 -41.58 -3.58 19.87
N PRO F 91 -41.18 -4.73 20.44
CA PRO F 91 -42.07 -5.89 20.58
C PRO F 91 -43.14 -5.78 21.65
N GLN F 92 -42.90 -4.99 22.70
CA GLN F 92 -43.86 -4.86 23.82
C GLN F 92 -45.24 -4.33 23.40
N TYR F 93 -45.30 -3.59 22.30
CA TYR F 93 -46.58 -3.07 21.78
C TYR F 93 -47.50 -4.19 21.29
N TYR F 94 -46.89 -5.31 20.87
CA TYR F 94 -47.66 -6.48 20.45
C TYR F 94 -48.41 -7.11 21.64
N LEU F 95 -47.73 -7.24 22.77
CA LEU F 95 -48.36 -7.71 24.00
C LEU F 95 -49.31 -6.66 24.58
N GLN F 96 -49.00 -5.39 24.34
CA GLN F 96 -49.84 -4.28 24.81
C GLN F 96 -51.21 -4.27 24.14
N ARG F 97 -51.28 -4.72 22.88
CA ARG F 97 -52.56 -4.81 22.16
C ARG F 97 -53.33 -6.06 22.55
N HIS F 98 -52.67 -7.22 22.49
CA HIS F 98 -53.35 -8.51 22.64
C HIS F 98 -53.41 -9.06 24.07
N LEU F 99 -53.11 -8.23 25.08
CA LEU F 99 -53.13 -8.70 26.46
C LEU F 99 -53.25 -7.58 27.49
N VAL F 100 -52.18 -6.81 27.67
CA VAL F 100 -52.05 -5.91 28.82
C VAL F 100 -52.93 -4.67 28.69
N GLY F 101 -52.81 -3.97 27.56
CA GLY F 101 -53.53 -2.70 27.34
C GLY F 101 -52.60 -1.52 27.46
N GLY F 102 -53.05 -0.37 26.95
CA GLY F 102 -52.22 0.83 26.87
C GLY F 102 -52.24 1.75 28.09
N ASP F 103 -52.53 1.19 29.27
CA ASP F 103 -52.54 1.95 30.51
C ASP F 103 -51.33 1.62 31.40
N VAL F 104 -50.30 1.01 30.82
CA VAL F 104 -49.11 0.60 31.56
C VAL F 104 -47.85 1.19 30.94
N LEU F 105 -46.73 1.05 31.66
CA LEU F 105 -45.43 1.48 31.17
C LEU F 105 -44.74 0.32 30.45
N ALA F 106 -44.88 0.28 29.13
CA ALA F 106 -44.27 -0.76 28.31
C ALA F 106 -42.92 -0.28 27.77
N VAL F 107 -41.88 -1.09 27.97
CA VAL F 107 -40.51 -0.70 27.61
C VAL F 107 -39.63 -1.94 27.38
N GLU F 108 -38.81 -1.89 26.34
CA GLU F 108 -37.94 -3.00 25.98
C GLU F 108 -36.59 -2.90 26.69
N ILE F 109 -36.24 -3.96 27.42
CA ILE F 109 -34.95 -4.07 28.08
C ILE F 109 -33.99 -4.88 27.19
N GLN F 110 -32.71 -4.55 27.24
CA GLN F 110 -31.68 -5.29 26.51
C GLN F 110 -30.35 -5.31 27.26
N GLN F 111 -30.00 -6.48 27.81
CA GLN F 111 -28.69 -6.67 28.45
C GLN F 111 -28.19 -8.11 28.19
N GLY F 112 -28.36 -8.58 26.96
CA GLY F 112 -27.95 -9.93 26.59
C GLY F 112 -28.77 -11.01 27.28
N CYS F 113 -28.09 -12.02 27.81
CA CYS F 113 -28.75 -13.10 28.53
C CYS F 113 -29.09 -12.73 29.99
N ASN F 114 -28.49 -11.66 30.49
CA ASN F 114 -28.76 -11.17 31.84
C ASN F 114 -29.83 -10.07 31.89
N GLY F 115 -30.54 -9.85 30.78
CA GLY F 115 -31.61 -8.86 30.72
C GLY F 115 -32.77 -9.14 31.64
N MET F 116 -33.01 -10.43 31.90
CA MET F 116 -34.07 -10.84 32.83
C MET F 116 -33.76 -10.39 34.26
N PHE F 117 -32.51 -10.52 34.67
CA PHE F 117 -32.08 -10.12 36.01
C PHE F 117 -32.21 -8.62 36.22
N SER F 118 -31.84 -7.84 35.21
CA SER F 118 -31.97 -6.38 35.26
C SER F 118 -33.43 -5.95 35.30
N ALA F 119 -34.28 -6.66 34.57
CA ALA F 119 -35.72 -6.40 34.57
C ALA F 119 -36.33 -6.66 35.95
N LEU F 120 -35.86 -7.72 36.61
CA LEU F 120 -36.31 -8.03 37.98
C LEU F 120 -35.92 -6.94 38.99
N GLU F 121 -34.77 -6.31 38.79
CA GLU F 121 -34.34 -5.19 39.64
C GLU F 121 -35.21 -3.95 39.40
N LEU F 122 -35.41 -3.61 38.14
CA LEU F 122 -36.21 -2.44 37.76
C LEU F 122 -37.69 -2.63 38.12
N ALA F 123 -38.19 -3.86 37.94
CA ALA F 123 -39.58 -4.17 38.28
C ALA F 123 -39.81 -4.13 39.79
N ALA F 124 -38.90 -4.74 40.54
CA ALA F 124 -38.98 -4.74 42.01
C ALA F 124 -38.93 -3.33 42.59
N ALA F 125 -38.09 -2.49 42.00
CA ALA F 125 -37.98 -1.08 42.42
C ALA F 125 -39.22 -0.28 42.02
N HIS F 126 -39.78 -0.59 40.84
CA HIS F 126 -40.99 0.07 40.36
C HIS F 126 -42.21 -0.24 41.23
N LEU F 127 -42.34 -1.51 41.62
CA LEU F 127 -43.44 -1.95 42.49
C LEU F 127 -43.27 -1.47 43.93
N ARG F 128 -42.02 -1.44 44.41
CA ARG F 128 -41.72 -0.99 45.77
C ARG F 128 -42.07 0.48 45.97
N ALA F 129 -41.70 1.32 45.00
CA ALA F 129 -41.97 2.75 45.06
C ALA F 129 -43.33 3.10 44.47
N GLY F 130 -44.30 3.40 45.34
CA GLY F 130 -45.61 3.89 44.90
C GLY F 130 -46.79 3.09 45.46
N PRO F 131 -47.69 2.62 44.57
CA PRO F 131 -48.93 1.93 44.96
C PRO F 131 -48.78 0.81 46.00
N ARG F 132 -49.78 0.67 46.87
CA ARG F 132 -49.84 -0.44 47.82
C ARG F 132 -50.14 -1.75 47.10
N PRO F 133 -51.21 -1.79 46.28
CA PRO F 133 -51.43 -2.96 45.43
C PRO F 133 -50.79 -2.77 44.05
N GLY F 134 -49.70 -3.48 43.81
CA GLY F 134 -48.95 -3.37 42.56
C GLY F 134 -48.70 -4.71 41.90
N SER F 135 -48.43 -4.67 40.59
CA SER F 135 -48.14 -5.88 39.82
C SER F 135 -47.43 -5.53 38.52
N ALA F 136 -46.39 -6.28 38.20
CA ALA F 136 -45.57 -6.04 37.00
C ALA F 136 -45.29 -7.34 36.25
N LEU F 137 -45.29 -7.25 34.93
CA LEU F 137 -45.02 -8.39 34.06
C LEU F 137 -43.64 -8.27 33.43
N VAL F 138 -42.82 -9.30 33.59
CA VAL F 138 -41.49 -9.36 32.98
C VAL F 138 -41.45 -10.58 32.07
N VAL F 139 -41.03 -10.38 30.82
CA VAL F 139 -41.03 -11.45 29.82
C VAL F 139 -39.78 -11.43 28.94
N ALA F 140 -39.36 -12.62 28.52
CA ALA F 140 -38.23 -12.81 27.61
C ALA F 140 -38.67 -13.67 26.44
N ALA F 141 -38.13 -13.40 25.26
CA ALA F 141 -38.45 -14.18 24.06
C ALA F 141 -37.47 -13.88 22.92
N ASP F 142 -37.04 -14.94 22.24
CA ASP F 142 -36.12 -14.82 21.10
C ASP F 142 -36.30 -15.98 20.12
N ASN F 143 -36.15 -15.68 18.83
CA ASN F 143 -36.16 -16.69 17.78
C ASN F 143 -34.88 -16.57 16.96
N PHE F 144 -33.94 -17.49 17.21
CA PHE F 144 -32.63 -17.46 16.57
C PHE F 144 -32.61 -18.10 15.18
N GLY F 145 -33.71 -18.75 14.78
CA GLY F 145 -33.83 -19.33 13.45
C GLY F 145 -34.00 -18.25 12.40
N THR F 146 -32.87 -17.70 11.95
CA THR F 146 -32.87 -16.60 10.99
C THR F 146 -31.54 -16.53 10.22
N PRO F 147 -31.48 -15.70 9.15
CA PRO F 147 -30.30 -15.57 8.30
C PRO F 147 -28.97 -15.29 9.01
N LEU F 148 -28.96 -14.28 9.88
CA LEU F 148 -27.71 -13.83 10.52
C LEU F 148 -27.48 -14.47 11.90
N PHE F 149 -27.78 -15.76 12.03
CA PHE F 149 -27.54 -16.50 13.27
C PHE F 149 -27.63 -18.00 13.04
N ASP F 150 -26.54 -18.71 13.34
CA ASP F 150 -26.50 -20.17 13.26
C ASP F 150 -26.51 -20.73 14.69
N ARG F 151 -27.67 -21.21 15.12
CA ARG F 151 -27.87 -21.69 16.50
C ARG F 151 -26.83 -22.70 16.98
N TRP F 152 -26.32 -23.51 16.06
CA TRP F 152 -25.41 -24.61 16.40
C TRP F 152 -23.95 -24.16 16.56
N THR F 153 -23.54 -23.18 15.76
CA THR F 153 -22.12 -22.77 15.71
C THR F 153 -21.84 -21.29 16.05
N THR F 154 -22.86 -20.55 16.47
CA THR F 154 -22.69 -19.13 16.81
C THR F 154 -21.99 -18.98 18.16
N GLY F 155 -22.58 -19.56 19.20
CA GLY F 155 -22.07 -19.44 20.57
C GLY F 155 -21.08 -20.54 20.95
N PRO F 156 -20.04 -20.19 21.72
CA PRO F 156 -19.10 -21.20 22.20
C PRO F 156 -19.60 -21.94 23.44
N GLY F 157 -19.64 -23.26 23.37
CA GLY F 157 -20.04 -24.09 24.50
C GLY F 157 -21.53 -24.14 24.78
N TYR F 158 -22.35 -23.74 23.81
CA TYR F 158 -23.80 -23.84 23.94
C TYR F 158 -24.51 -23.77 22.59
N ILE F 159 -25.71 -24.35 22.54
CA ILE F 159 -26.56 -24.28 21.35
C ILE F 159 -27.72 -23.35 21.65
N ALA F 160 -27.97 -22.39 20.76
CA ALA F 160 -29.06 -21.43 20.93
C ALA F 160 -30.41 -22.12 20.74
N GLY F 161 -31.40 -21.66 21.49
CA GLY F 161 -32.74 -22.23 21.45
C GLY F 161 -33.82 -21.16 21.41
N ASP F 162 -34.95 -21.49 20.80
CA ASP F 162 -36.09 -20.58 20.70
C ASP F 162 -37.10 -20.86 21.79
N GLY F 163 -37.86 -19.85 22.16
CA GLY F 163 -38.88 -19.97 23.20
C GLY F 163 -39.17 -18.65 23.87
N ALA F 164 -39.71 -18.71 25.08
CA ALA F 164 -40.04 -17.51 25.85
C ALA F 164 -40.25 -17.85 27.32
N GLY F 165 -39.86 -16.93 28.20
CA GLY F 165 -40.06 -17.07 29.63
C GLY F 165 -40.82 -15.88 30.20
N ALA F 166 -41.65 -16.12 31.21
CA ALA F 166 -42.48 -15.08 31.80
C ALA F 166 -42.53 -15.19 33.33
N VAL F 167 -42.83 -14.08 33.98
CA VAL F 167 -42.97 -14.03 35.44
C VAL F 167 -43.77 -12.80 35.87
N VAL F 168 -44.67 -12.99 36.82
CA VAL F 168 -45.56 -11.92 37.29
C VAL F 168 -45.20 -11.53 38.72
N LEU F 169 -44.49 -10.41 38.88
CA LEU F 169 -44.16 -9.87 40.19
C LEU F 169 -45.35 -9.11 40.76
N THR F 170 -45.39 -8.98 42.09
CA THR F 170 -46.48 -8.28 42.77
C THR F 170 -46.12 -7.91 44.20
N THR F 171 -46.73 -6.83 44.71
CA THR F 171 -46.53 -6.38 46.08
C THR F 171 -47.31 -7.24 47.07
N GLU F 172 -48.48 -7.72 46.66
CA GLU F 172 -49.33 -8.56 47.50
C GLU F 172 -48.74 -9.97 47.61
N PRO F 173 -49.10 -10.72 48.67
CA PRO F 173 -48.56 -12.07 48.89
C PRO F 173 -48.79 -13.03 47.71
N GLY F 174 -47.86 -13.97 47.53
CA GLY F 174 -47.94 -14.98 46.48
C GLY F 174 -47.36 -16.30 46.93
N PHE F 175 -47.10 -17.20 45.99
CA PHE F 175 -46.57 -18.52 46.31
C PHE F 175 -45.06 -18.49 46.57
N ALA F 176 -44.36 -17.55 45.94
CA ALA F 176 -42.92 -17.39 46.12
C ALA F 176 -42.57 -15.93 46.40
N ARG F 177 -41.31 -15.68 46.79
CA ARG F 177 -40.84 -14.32 47.07
C ARG F 177 -39.45 -14.09 46.48
N LEU F 178 -39.25 -12.90 45.92
CA LEU F 178 -37.93 -12.46 45.45
C LEU F 178 -37.17 -11.86 46.63
N LEU F 179 -36.26 -12.65 47.20
CA LEU F 179 -35.49 -12.20 48.38
C LEU F 179 -34.46 -11.14 48.01
N ALA F 180 -33.73 -11.39 46.93
CA ALA F 180 -32.70 -10.45 46.47
C ALA F 180 -32.34 -10.68 45.01
N VAL F 181 -31.77 -9.65 44.39
CA VAL F 181 -31.28 -9.73 43.01
C VAL F 181 -30.25 -8.62 42.76
N ARG F 182 -29.08 -9.00 42.25
CA ARG F 182 -27.96 -8.07 42.08
C ARG F 182 -27.45 -8.10 40.64
N SER F 183 -26.53 -7.19 40.34
CA SER F 183 -25.92 -7.11 39.01
C SER F 183 -24.57 -6.37 39.05
N LEU F 184 -23.49 -7.14 39.06
CA LEU F 184 -22.13 -6.60 38.99
C LEU F 184 -21.62 -6.71 37.56
N ALA F 185 -20.47 -6.08 37.29
CA ALA F 185 -19.90 -6.09 35.93
C ALA F 185 -18.39 -5.89 35.93
N VAL F 186 -17.73 -6.49 34.94
CA VAL F 186 -16.31 -6.29 34.69
C VAL F 186 -16.18 -5.63 33.31
N PRO F 187 -16.20 -4.28 33.29
CA PRO F 187 -16.21 -3.54 32.02
C PRO F 187 -14.87 -3.52 31.26
N GLU F 188 -13.81 -4.04 31.87
CA GLU F 188 -12.52 -4.16 31.20
C GLU F 188 -12.57 -5.22 30.09
N ALA F 189 -13.41 -6.24 30.28
CA ALA F 189 -13.59 -7.30 29.28
C ALA F 189 -14.89 -7.11 28.49
N GLU F 190 -15.15 -5.87 28.07
CA GLU F 190 -16.33 -5.55 27.27
C GLU F 190 -16.13 -5.88 25.79
N GLN F 191 -14.87 -6.06 25.38
CA GLN F 191 -14.55 -6.46 24.01
C GLN F 191 -14.60 -7.98 23.80
N MET F 192 -15.04 -8.72 24.81
CA MET F 192 -15.19 -10.18 24.69
C MET F 192 -16.28 -10.57 23.69
N HIS F 193 -17.31 -9.72 23.58
CA HIS F 193 -18.44 -10.00 22.68
C HIS F 193 -18.45 -9.09 21.45
N ARG F 194 -17.28 -8.59 21.06
CA ARG F 194 -17.13 -7.80 19.82
C ARG F 194 -15.67 -7.78 19.36
N GLY F 195 -15.39 -7.05 18.29
CA GLY F 195 -14.02 -6.90 17.78
C GLY F 195 -14.00 -6.67 16.28
N PRO F 202 -17.15 0.31 17.38
CA PRO F 202 -18.31 -0.32 16.79
C PRO F 202 -18.31 -0.27 15.26
N GLY F 203 -18.01 0.91 14.71
CA GLY F 203 -17.96 1.10 13.26
C GLY F 203 -19.33 1.44 12.69
N ALA F 204 -19.67 0.82 11.56
CA ALA F 204 -20.95 1.07 10.88
C ALA F 204 -22.02 0.07 11.34
N THR F 205 -22.40 0.19 12.60
CA THR F 205 -23.42 -0.68 13.22
C THR F 205 -23.17 -2.18 13.00
N ILE F 206 -23.96 -2.82 12.14
CA ILE F 206 -23.84 -4.26 11.91
C ILE F 206 -24.70 -4.75 10.74
N GLY F 207 -24.04 -5.12 9.66
CA GLY F 207 -24.68 -5.79 8.52
C GLY F 207 -23.93 -7.06 8.19
N ARG F 208 -23.65 -7.85 9.24
CA ARG F 208 -22.84 -9.07 9.12
C ARG F 208 -23.36 -10.14 10.08
N PRO F 209 -23.01 -11.42 9.82
CA PRO F 209 -23.49 -12.50 10.68
C PRO F 209 -22.86 -12.50 12.08
N LEU F 210 -23.54 -13.12 13.03
CA LEU F 210 -23.12 -13.13 14.43
C LEU F 210 -22.40 -14.45 14.75
N ASN F 211 -21.25 -14.34 15.41
CA ASN F 211 -20.44 -15.51 15.75
C ASN F 211 -19.54 -15.25 16.96
N PHE F 212 -20.03 -15.58 18.15
CA PHE F 212 -19.31 -15.31 19.41
C PHE F 212 -17.99 -16.07 19.55
N THR F 213 -17.81 -17.17 18.82
CA THR F 213 -16.57 -17.93 18.86
C THR F 213 -15.37 -17.14 18.36
N SER F 214 -15.54 -16.47 17.22
CA SER F 214 -14.49 -15.63 16.64
C SER F 214 -14.29 -14.32 17.41
N ARG F 215 -15.33 -13.87 18.10
CA ARG F 215 -15.29 -12.64 18.88
C ARG F 215 -14.53 -12.85 20.18
N ASN F 216 -14.71 -14.01 20.79
CA ASN F 216 -13.96 -14.40 21.99
C ASN F 216 -12.50 -14.70 21.67
N ALA F 217 -12.25 -15.28 20.49
CA ALA F 217 -10.90 -15.58 20.04
C ALA F 217 -10.10 -14.32 19.74
N ALA F 218 -10.76 -13.30 19.19
CA ALA F 218 -10.12 -12.03 18.84
C ALA F 218 -9.98 -11.08 20.05
N PHE F 219 -10.55 -11.44 21.19
CA PHE F 219 -10.51 -10.61 22.39
C PHE F 219 -9.23 -10.81 23.20
N ARG F 220 -8.91 -12.07 23.51
CA ARG F 220 -7.82 -12.42 24.42
C ARG F 220 -6.61 -11.48 24.34
N GLU F 221 -5.78 -11.65 23.32
CA GLU F 221 -4.63 -10.77 23.05
C GLU F 221 -3.79 -10.50 24.33
N LEU F 222 -3.50 -9.24 24.64
CA LEU F 222 -2.68 -8.90 25.81
C LEU F 222 -2.88 -7.45 26.22
N GLY F 231 -5.81 -8.46 33.70
CA GLY F 231 -6.82 -9.13 34.52
C GLY F 231 -7.82 -9.87 33.66
N ALA F 232 -8.91 -9.20 33.30
CA ALA F 232 -9.99 -9.77 32.48
C ALA F 232 -10.65 -11.00 33.10
N LEU F 233 -10.19 -12.20 32.72
CA LEU F 233 -10.90 -13.44 33.07
C LEU F 233 -10.90 -13.81 34.55
N MET F 234 -9.85 -13.40 35.28
CA MET F 234 -9.79 -13.70 36.72
C MET F 234 -10.72 -12.77 37.49
N ARG F 235 -10.81 -11.51 37.06
CA ARG F 235 -11.79 -10.56 37.60
C ARG F 235 -13.22 -11.06 37.40
N VAL F 236 -13.48 -11.67 36.26
CA VAL F 236 -14.80 -12.23 35.96
C VAL F 236 -15.15 -13.33 36.96
N HIS F 237 -14.20 -14.22 37.23
CA HIS F 237 -14.40 -15.31 38.18
C HIS F 237 -14.51 -14.80 39.62
N GLN F 238 -13.79 -13.71 39.92
CA GLN F 238 -13.90 -13.05 41.23
C GLN F 238 -15.29 -12.46 41.45
N ARG F 239 -15.76 -11.69 40.46
CA ARG F 239 -17.06 -11.03 40.56
C ARG F 239 -18.25 -11.99 40.39
N THR F 240 -17.98 -13.18 39.86
CA THR F 240 -19.00 -14.24 39.80
C THR F 240 -19.34 -14.73 41.21
N LEU F 241 -18.32 -14.90 42.04
CA LEU F 241 -18.51 -15.33 43.42
C LEU F 241 -18.89 -14.15 44.33
N GLU F 242 -18.46 -12.94 43.95
CA GLU F 242 -18.76 -11.74 44.73
C GLU F 242 -20.25 -11.41 44.69
N VAL F 243 -20.86 -11.45 43.51
CA VAL F 243 -22.27 -11.15 43.34
C VAL F 243 -23.17 -12.18 44.05
N VAL F 244 -22.72 -13.44 44.09
CA VAL F 244 -23.45 -14.49 44.78
C VAL F 244 -23.37 -14.26 46.30
N GLU F 245 -22.20 -13.87 46.78
CA GLU F 245 -22.01 -13.53 48.20
C GLU F 245 -22.86 -12.32 48.59
N LYS F 246 -22.96 -11.35 47.69
CA LYS F 246 -23.75 -10.14 47.92
C LYS F 246 -25.26 -10.42 47.90
N THR F 247 -25.70 -11.28 46.98
CA THR F 247 -27.13 -11.62 46.86
C THR F 247 -27.60 -12.45 48.05
N LEU F 248 -26.79 -13.43 48.45
CA LEU F 248 -27.10 -14.25 49.62
C LEU F 248 -27.12 -13.42 50.91
N SER F 249 -26.24 -12.43 51.00
CA SER F 249 -26.17 -11.54 52.15
C SER F 249 -27.41 -10.64 52.25
N GLU F 250 -27.85 -10.11 51.11
CA GLU F 250 -29.05 -9.26 51.06
C GLU F 250 -30.31 -10.09 51.31
N ALA F 251 -30.36 -11.29 50.73
CA ALA F 251 -31.49 -12.20 50.91
C ALA F 251 -31.64 -12.66 52.35
N GLY F 252 -30.51 -12.74 53.07
CA GLY F 252 -30.51 -13.15 54.47
C GLY F 252 -30.43 -14.66 54.63
N ILE F 253 -29.59 -15.30 53.80
CA ILE F 253 -29.41 -16.74 53.83
C ILE F 253 -27.95 -17.11 53.55
N THR F 254 -27.62 -18.38 53.74
CA THR F 254 -26.31 -18.93 53.41
C THR F 254 -26.42 -19.85 52.20
N LEU F 255 -25.28 -20.37 51.75
CA LEU F 255 -25.26 -21.31 50.61
C LEU F 255 -25.89 -22.65 50.97
N GLY F 256 -25.88 -23.01 52.25
CA GLY F 256 -26.53 -24.22 52.73
C GLY F 256 -28.05 -24.23 52.56
N ASP F 257 -28.65 -23.05 52.58
CA ASP F 257 -30.09 -22.90 52.39
C ASP F 257 -30.52 -23.09 50.93
N ILE F 258 -29.58 -22.97 49.99
CA ILE F 258 -29.87 -23.12 48.57
C ILE F 258 -30.16 -24.59 48.25
N THR F 259 -31.32 -24.83 47.63
CA THR F 259 -31.74 -26.19 47.26
C THR F 259 -31.28 -26.52 45.84
N ARG F 260 -31.66 -25.67 44.89
CA ARG F 260 -31.27 -25.85 43.49
C ARG F 260 -30.54 -24.61 42.96
N VAL F 261 -29.85 -24.78 41.84
CA VAL F 261 -29.10 -23.69 41.19
C VAL F 261 -29.51 -23.60 39.72
N ALA F 262 -29.83 -22.39 39.26
CA ALA F 262 -30.25 -22.16 37.89
C ALA F 262 -29.20 -21.36 37.11
N TYR F 263 -28.29 -22.07 36.47
CA TYR F 263 -27.29 -21.47 35.58
C TYR F 263 -27.78 -21.61 34.14
N MET F 264 -27.12 -20.93 33.21
CA MET F 264 -27.49 -21.01 31.78
C MET F 264 -27.29 -22.43 31.25
N ASN F 265 -27.92 -22.72 30.12
CA ASN F 265 -27.84 -24.05 29.50
C ASN F 265 -26.61 -24.17 28.62
N PHE F 266 -25.44 -24.07 29.24
CA PHE F 266 -24.16 -24.18 28.56
C PHE F 266 -23.65 -25.61 28.69
N SER F 267 -22.54 -25.91 28.04
CA SER F 267 -21.98 -27.28 28.03
C SER F 267 -21.72 -27.81 29.43
N ARG F 268 -21.76 -29.13 29.56
CA ARG F 268 -21.60 -29.81 30.85
C ARG F 268 -20.33 -29.42 31.60
N GLU F 269 -19.25 -29.24 30.86
CA GLU F 269 -17.95 -28.87 31.44
C GLU F 269 -17.97 -27.42 31.97
N ILE F 270 -18.60 -26.52 31.23
CA ILE F 270 -18.71 -25.11 31.62
C ILE F 270 -19.64 -24.95 32.83
N VAL F 271 -20.77 -25.65 32.81
CA VAL F 271 -21.74 -25.58 33.91
C VAL F 271 -21.17 -26.19 35.19
N GLU F 272 -20.35 -27.24 35.05
CA GLU F 272 -19.71 -27.89 36.19
C GLU F 272 -18.57 -27.05 36.77
N GLN F 273 -17.68 -26.58 35.91
CA GLN F 273 -16.48 -25.86 36.34
C GLN F 273 -16.77 -24.41 36.74
N ARG F 274 -17.46 -23.68 35.87
CA ARG F 274 -17.70 -22.25 36.08
C ARG F 274 -18.69 -21.95 37.21
N CYS F 275 -19.74 -22.77 37.33
CA CYS F 275 -20.79 -22.55 38.31
C CYS F 275 -20.76 -23.54 39.46
N MET F 276 -20.91 -24.83 39.14
CA MET F 276 -21.06 -25.88 40.16
C MET F 276 -19.83 -26.02 41.06
N ALA F 277 -18.66 -26.14 40.44
CA ALA F 277 -17.40 -26.31 41.17
C ALA F 277 -16.95 -25.01 41.84
N ALA F 278 -17.33 -23.88 41.27
CA ALA F 278 -16.99 -22.56 41.82
C ALA F 278 -17.73 -22.29 43.13
N LEU F 279 -18.97 -22.78 43.24
CA LEU F 279 -19.78 -22.63 44.45
C LEU F 279 -19.55 -23.76 45.45
N GLY F 280 -19.03 -24.89 44.98
CA GLY F 280 -18.80 -26.05 45.83
C GLY F 280 -20.07 -26.84 46.05
N LEU F 281 -20.81 -27.07 44.96
CA LEU F 281 -22.06 -27.81 44.99
C LEU F 281 -22.06 -28.85 43.87
N PRO F 282 -22.81 -29.95 44.05
CA PRO F 282 -22.84 -31.02 43.04
C PRO F 282 -23.62 -30.65 41.79
N MET F 283 -23.37 -31.39 40.70
CA MET F 283 -24.06 -31.18 39.43
C MET F 283 -25.53 -31.65 39.47
N SER F 284 -25.87 -32.48 40.45
CA SER F 284 -27.26 -32.90 40.66
C SER F 284 -28.15 -31.74 41.12
N ALA F 285 -27.54 -30.77 41.81
CA ALA F 285 -28.27 -29.60 42.31
C ALA F 285 -28.51 -28.53 41.23
N SER F 286 -27.86 -28.65 40.08
CA SER F 286 -28.07 -27.71 38.98
C SER F 286 -29.27 -28.12 38.13
N THR F 287 -29.69 -27.21 37.26
CA THR F 287 -30.79 -27.48 36.31
C THR F 287 -30.21 -27.74 34.92
N TRP F 288 -29.29 -28.71 34.85
CA TRP F 288 -28.59 -29.08 33.62
C TRP F 288 -29.34 -30.19 32.88
N GLU F 289 -29.86 -31.16 33.63
CA GLU F 289 -30.61 -32.29 33.04
C GLU F 289 -31.83 -31.82 32.25
N PHE F 290 -32.48 -30.76 32.74
CA PHE F 290 -33.64 -30.17 32.05
C PHE F 290 -33.20 -29.16 30.99
N GLY F 291 -32.17 -28.37 31.31
CA GLY F 291 -31.71 -27.31 30.41
C GLY F 291 -30.97 -27.77 29.17
N ARG F 292 -30.31 -28.93 29.26
CA ARG F 292 -29.51 -29.46 28.14
C ARG F 292 -30.33 -29.77 26.88
N LYS F 293 -31.59 -30.18 27.06
CA LYS F 293 -32.45 -30.56 25.94
C LYS F 293 -33.22 -29.36 25.35
N LEU F 294 -33.20 -28.23 26.07
CA LEU F 294 -33.84 -26.99 25.60
C LEU F 294 -32.84 -26.06 24.91
N GLY F 295 -31.59 -26.04 25.39
CA GLY F 295 -30.57 -25.16 24.84
C GLY F 295 -30.61 -23.78 25.48
N HIS F 296 -29.73 -22.89 25.03
CA HIS F 296 -29.66 -21.53 25.55
C HIS F 296 -30.78 -20.68 24.96
N LEU F 297 -31.77 -20.36 25.79
CA LEU F 297 -32.97 -19.62 25.37
C LEU F 297 -32.82 -18.11 25.58
N GLY F 298 -31.72 -17.56 25.07
CA GLY F 298 -31.45 -16.13 25.20
C GLY F 298 -31.28 -15.70 26.66
N ALA F 299 -32.34 -15.15 27.23
CA ALA F 299 -32.34 -14.71 28.62
C ALA F 299 -33.47 -15.38 29.42
N SER F 300 -33.86 -16.59 29.01
CA SER F 300 -34.98 -17.31 29.61
C SER F 300 -34.55 -18.59 30.35
N ASP F 301 -33.25 -18.86 30.41
CA ASP F 301 -32.73 -20.11 30.97
C ASP F 301 -33.04 -20.29 32.45
N GLN F 302 -32.98 -19.20 33.21
CA GLN F 302 -33.14 -19.25 34.66
C GLN F 302 -34.62 -19.25 35.06
N VAL F 303 -35.44 -18.50 34.34
CA VAL F 303 -36.88 -18.40 34.64
C VAL F 303 -37.63 -19.66 34.19
N VAL F 304 -37.27 -20.23 33.06
CA VAL F 304 -37.85 -21.49 32.60
C VAL F 304 -37.45 -22.65 33.53
N ALA F 305 -36.25 -22.56 34.10
CA ALA F 305 -35.79 -23.51 35.10
C ALA F 305 -36.55 -23.32 36.41
N LEU F 306 -36.83 -22.07 36.75
CA LEU F 306 -37.68 -21.73 37.89
C LEU F 306 -39.08 -22.30 37.67
N ASP F 307 -39.61 -22.11 36.47
CA ASP F 307 -40.95 -22.58 36.11
C ASP F 307 -41.07 -24.10 36.18
N GLU F 308 -40.08 -24.80 35.63
CA GLU F 308 -40.08 -26.27 35.60
C GLU F 308 -40.02 -26.86 37.01
N LEU F 309 -39.11 -26.34 37.83
CA LEU F 309 -38.96 -26.82 39.22
C LEU F 309 -40.20 -26.53 40.07
N VAL F 310 -40.81 -25.37 39.85
CA VAL F 310 -42.01 -24.98 40.59
C VAL F 310 -43.24 -25.78 40.15
N THR F 311 -43.45 -25.90 38.84
CA THR F 311 -44.63 -26.55 38.29
C THR F 311 -44.67 -28.06 38.59
N THR F 312 -43.53 -28.72 38.43
CA THR F 312 -43.44 -30.16 38.67
C THR F 312 -43.54 -30.54 40.16
N GLY F 313 -43.18 -29.61 41.03
CA GLY F 313 -43.22 -29.82 42.47
C GLY F 313 -41.91 -30.30 43.06
N GLU F 314 -40.82 -30.09 42.34
CA GLU F 314 -39.48 -30.43 42.83
C GLU F 314 -39.02 -29.42 43.87
N LEU F 315 -39.31 -28.14 43.63
CA LEU F 315 -38.95 -27.06 44.53
C LEU F 315 -40.15 -26.68 45.40
N GLY F 316 -40.29 -27.37 46.53
CA GLY F 316 -41.44 -27.20 47.42
C GLY F 316 -41.28 -26.05 48.41
N PRO F 317 -42.26 -25.89 49.32
CA PRO F 317 -42.23 -24.84 50.36
C PRO F 317 -40.98 -24.87 51.23
N GLY F 318 -40.38 -23.70 51.44
CA GLY F 318 -39.17 -23.57 52.27
C GLY F 318 -37.87 -23.63 51.49
N ASP F 319 -37.92 -24.09 50.25
CA ASP F 319 -36.72 -24.24 49.41
C ASP F 319 -36.30 -22.90 48.81
N HIS F 320 -35.06 -22.83 48.37
CA HIS F 320 -34.49 -21.63 47.74
C HIS F 320 -33.85 -21.98 46.41
N LEU F 321 -33.95 -21.06 45.45
CA LEU F 321 -33.35 -21.25 44.12
C LEU F 321 -32.32 -20.15 43.87
N LEU F 322 -31.07 -20.54 43.64
CA LEU F 322 -30.00 -19.61 43.35
C LEU F 322 -29.85 -19.41 41.83
N MET F 323 -30.55 -18.42 41.30
CA MET F 323 -30.45 -18.08 39.88
C MET F 323 -29.16 -17.30 39.64
N LEU F 324 -28.35 -17.77 38.69
CA LEU F 324 -27.07 -17.15 38.36
C LEU F 324 -26.95 -16.94 36.85
N GLY F 325 -26.20 -15.92 36.45
CA GLY F 325 -26.02 -15.60 35.03
C GLY F 325 -24.76 -14.82 34.71
N MET F 326 -24.21 -15.08 33.52
CA MET F 326 -23.05 -14.35 33.01
C MET F 326 -23.30 -13.99 31.55
N GLY F 327 -23.22 -12.70 31.23
CA GLY F 327 -23.48 -12.21 29.87
C GLY F 327 -22.49 -11.14 29.42
N PRO F 328 -22.80 -10.47 28.29
CA PRO F 328 -22.00 -9.36 27.77
C PRO F 328 -21.76 -8.25 28.79
N GLY F 329 -20.57 -7.64 28.73
CA GLY F 329 -20.17 -6.62 29.71
C GLY F 329 -18.70 -6.71 30.13
N VAL F 330 -18.28 -7.83 30.73
CA VAL F 330 -19.17 -8.95 31.05
C VAL F 330 -19.97 -8.64 32.32
N THR F 331 -21.29 -8.81 32.24
CA THR F 331 -22.18 -8.54 33.36
C THR F 331 -22.49 -9.83 34.11
N LEU F 332 -22.46 -9.75 35.44
CA LEU F 332 -22.65 -10.91 36.31
C LEU F 332 -23.80 -10.66 37.26
N SER F 333 -24.91 -11.36 37.03
CA SER F 333 -26.13 -11.17 37.81
C SER F 333 -26.48 -12.44 38.58
N CYS F 334 -27.04 -12.26 39.77
CA CYS F 334 -27.47 -13.37 40.62
C CYS F 334 -28.74 -12.99 41.37
N ALA F 335 -29.61 -13.96 41.59
CA ALA F 335 -30.90 -13.73 42.26
C ALA F 335 -31.30 -14.94 43.09
N VAL F 336 -32.13 -14.69 44.11
CA VAL F 336 -32.61 -15.74 45.00
C VAL F 336 -34.14 -15.70 45.08
N VAL F 337 -34.77 -16.85 44.84
CA VAL F 337 -36.22 -16.97 44.89
C VAL F 337 -36.63 -18.05 45.87
N LYS F 338 -37.34 -17.66 46.93
CA LYS F 338 -37.81 -18.59 47.95
C LYS F 338 -39.26 -18.99 47.69
N VAL F 339 -39.53 -20.30 47.74
CA VAL F 339 -40.89 -20.81 47.59
C VAL F 339 -41.55 -20.87 48.97
N LEU F 340 -42.64 -20.12 49.13
CA LEU F 340 -43.35 -20.03 50.41
C LEU F 340 -44.44 -21.10 50.51
N THR F 341 -45.26 -21.19 49.47
CA THR F 341 -46.33 -22.20 49.39
C THR F 341 -46.24 -22.93 48.05
N PRO F 342 -46.97 -24.06 47.91
CA PRO F 342 -47.00 -24.74 46.61
C PRO F 342 -47.66 -23.92 45.52
N ALA F 343 -47.33 -24.22 44.26
CA ALA F 343 -47.89 -23.49 43.12
C ALA F 343 -49.38 -23.79 42.97
N PRO F 344 -50.21 -22.73 42.81
CA PRO F 344 -51.65 -22.93 42.62
C PRO F 344 -52.00 -23.82 41.42
N TRP F 345 -51.29 -23.62 40.31
CA TRP F 345 -51.53 -24.37 39.08
C TRP F 345 -51.03 -25.82 39.16
N SER F 346 -49.98 -26.05 39.94
CA SER F 346 -49.44 -27.40 40.13
C SER F 346 -50.35 -28.24 41.02
N PRO G 4 17.86 17.43 5.02
CA PRO G 4 19.25 17.87 5.10
C PRO G 4 20.23 16.85 4.49
N ASP G 5 21.04 17.31 3.53
CA ASP G 5 21.98 16.44 2.83
C ASP G 5 23.32 16.38 3.55
N ILE G 6 23.91 15.19 3.60
CA ILE G 6 25.23 14.98 4.19
C ILE G 6 26.20 14.54 3.10
N PHE G 7 27.17 15.42 2.79
CA PHE G 7 28.13 15.16 1.71
C PHE G 7 29.47 14.71 2.26
N ILE G 8 30.14 13.82 1.54
CA ILE G 8 31.50 13.40 1.86
C ILE G 8 32.48 14.35 1.17
N LYS G 9 33.17 15.17 1.96
CA LYS G 9 34.13 16.15 1.44
C LYS G 9 35.32 15.46 0.80
N ALA G 10 35.91 14.51 1.53
CA ALA G 10 37.06 13.74 1.05
C ALA G 10 37.29 12.49 1.88
N THR G 11 38.19 11.64 1.40
CA THR G 11 38.56 10.40 2.12
C THR G 11 40.07 10.18 2.02
N GLY G 12 40.62 9.46 2.99
CA GLY G 12 42.05 9.18 3.04
C GLY G 12 42.34 7.91 3.81
N ARG G 13 43.51 7.32 3.58
CA ARG G 13 43.92 6.09 4.28
C ARG G 13 45.43 5.95 4.39
N PHE G 14 45.85 5.09 5.31
CA PHE G 14 47.25 4.71 5.46
C PHE G 14 47.37 3.19 5.42
N LEU G 15 48.15 2.69 4.47
CA LEU G 15 48.37 1.26 4.31
C LEU G 15 49.87 0.95 4.29
N PRO G 16 50.35 0.15 5.26
CA PRO G 16 51.77 -0.22 5.29
C PRO G 16 52.14 -1.28 4.26
N GLU G 17 53.39 -1.70 4.26
CA GLU G 17 53.89 -2.70 3.30
C GLU G 17 53.18 -4.05 3.48
N THR G 18 52.72 -4.61 2.37
CA THR G 18 51.94 -5.85 2.38
C THR G 18 52.84 -7.09 2.43
N VAL G 19 52.59 -7.95 3.40
CA VAL G 19 53.27 -9.24 3.50
C VAL G 19 52.44 -10.28 2.74
N SER G 20 53.09 -10.99 1.81
CA SER G 20 52.41 -11.96 0.96
C SER G 20 52.01 -13.22 1.73
N VAL G 21 50.99 -13.91 1.22
CA VAL G 21 50.53 -15.17 1.82
C VAL G 21 51.54 -16.30 1.62
N GLU G 22 52.27 -16.26 0.51
CA GLU G 22 53.32 -17.25 0.22
C GLU G 22 54.45 -17.19 1.24
N TRP G 23 54.76 -15.99 1.71
CA TRP G 23 55.76 -15.79 2.77
C TRP G 23 55.30 -16.42 4.08
N ALA G 24 54.03 -16.23 4.42
CA ALA G 24 53.46 -16.74 5.67
C ALA G 24 53.49 -18.27 5.75
N VAL G 25 53.32 -18.93 4.61
CA VAL G 25 53.34 -20.40 4.54
C VAL G 25 54.75 -20.95 4.75
N GLU G 26 55.74 -20.26 4.20
CA GLU G 26 57.14 -20.68 4.32
C GLU G 26 57.65 -20.61 5.76
N GLN G 27 57.24 -19.59 6.50
CA GLN G 27 57.68 -19.41 7.89
C GLN G 27 56.91 -20.32 8.85
N GLY G 28 55.70 -20.72 8.46
CA GLY G 28 54.87 -21.61 9.27
C GLY G 28 53.85 -20.91 10.15
N HIS G 29 53.43 -19.71 9.72
CA HIS G 29 52.40 -18.95 10.44
C HIS G 29 51.01 -19.32 9.92
N TYR G 30 50.87 -19.31 8.58
CA TYR G 30 49.60 -19.58 7.91
C TYR G 30 49.69 -20.91 7.15
N SER G 31 48.69 -21.76 7.33
CA SER G 31 48.71 -23.10 6.73
C SER G 31 48.49 -23.07 5.22
N ALA G 32 48.98 -24.09 4.54
CA ALA G 32 48.86 -24.20 3.08
C ALA G 32 47.44 -24.54 2.64
N GLU G 33 46.71 -25.27 3.48
CA GLU G 33 45.32 -25.64 3.19
C GLU G 33 44.40 -24.42 3.17
N ASP G 34 44.58 -23.52 4.13
CA ASP G 34 43.80 -22.28 4.20
C ASP G 34 44.19 -21.29 3.11
N ALA G 35 45.44 -21.34 2.67
CA ALA G 35 45.92 -20.48 1.58
C ALA G 35 45.27 -20.85 0.25
N GLU G 36 45.18 -22.14 -0.04
CA GLU G 36 44.55 -22.62 -1.26
C GLU G 36 43.02 -22.51 -1.21
N LEU G 37 42.45 -22.71 -0.04
CA LEU G 37 40.99 -22.68 0.14
C LEU G 37 40.44 -21.26 0.06
N HIS G 38 40.98 -20.36 0.89
CA HIS G 38 40.48 -18.99 0.98
C HIS G 38 40.93 -18.11 -0.19
N GLU G 39 42.09 -18.43 -0.77
CA GLU G 39 42.62 -17.72 -1.94
C GLU G 39 42.92 -16.23 -1.66
N LEU G 40 43.40 -15.95 -0.45
CA LEU G 40 43.75 -14.58 -0.06
C LEU G 40 45.12 -14.20 -0.59
N GLY G 41 45.31 -12.92 -0.87
CA GLY G 41 46.58 -12.40 -1.40
C GLY G 41 47.65 -12.26 -0.34
N GLY G 42 47.31 -11.52 0.72
CA GLY G 42 48.25 -11.28 1.82
C GLY G 42 47.66 -10.45 2.93
N ALA G 43 48.47 -9.58 3.53
CA ALA G 43 48.01 -8.70 4.61
C ALA G 43 48.98 -7.53 4.81
N ALA G 44 48.41 -6.35 5.06
CA ALA G 44 49.21 -5.16 5.34
C ALA G 44 49.71 -5.20 6.77
N VAL G 45 51.03 -5.18 6.95
CA VAL G 45 51.65 -5.32 8.27
C VAL G 45 52.48 -4.10 8.64
N ALA G 46 52.11 -3.47 9.76
CA ALA G 46 52.91 -2.41 10.36
C ALA G 46 53.76 -3.00 11.47
N GLY G 47 55.03 -2.57 11.55
CA GLY G 47 55.97 -3.14 12.51
C GLY G 47 55.64 -2.78 13.94
N ASP G 48 56.10 -1.60 14.37
CA ASP G 48 55.83 -1.10 15.72
C ASP G 48 55.19 0.30 15.67
N THR G 49 54.58 0.63 14.53
CA THR G 49 53.91 1.92 14.35
C THR G 49 52.56 1.90 15.08
N PRO G 50 52.36 2.80 16.05
CA PRO G 50 51.08 2.84 16.77
C PRO G 50 49.88 3.12 15.86
N ALA G 51 48.72 2.60 16.26
CA ALA G 51 47.47 2.82 15.51
C ALA G 51 47.02 4.28 15.51
N PRO G 52 47.22 5.01 16.63
CA PRO G 52 46.94 6.45 16.65
C PRO G 52 47.74 7.24 15.60
N ASP G 53 49.00 6.86 15.38
CA ASP G 53 49.82 7.47 14.34
C ASP G 53 49.28 7.15 12.95
N MET G 54 48.85 5.91 12.73
CA MET G 54 48.27 5.50 11.45
C MET G 54 46.97 6.27 11.15
N ALA G 55 46.17 6.51 12.19
CA ALA G 55 44.97 7.34 12.07
C ALA G 55 45.35 8.79 11.79
N LEU G 56 46.42 9.26 12.42
CA LEU G 56 46.93 10.62 12.23
C LEU G 56 47.47 10.83 10.81
N TRP G 57 48.05 9.79 10.21
CA TRP G 57 48.47 9.87 8.80
C TRP G 57 47.25 9.91 7.87
N ALA G 58 46.28 9.05 8.15
CA ALA G 58 45.06 8.95 7.34
C ALA G 58 44.17 10.19 7.45
N ALA G 59 44.11 10.77 8.65
CA ALA G 59 43.31 11.97 8.90
C ALA G 59 43.86 13.19 8.15
N GLN G 60 45.18 13.34 8.16
CA GLN G 60 45.85 14.44 7.46
C GLN G 60 45.65 14.39 5.95
N GLN G 61 45.63 13.19 5.37
CA GLN G 61 45.43 13.01 3.94
C GLN G 61 44.04 13.45 3.51
N ALA G 62 43.03 13.01 4.26
CA ALA G 62 41.64 13.37 3.97
C ALA G 62 41.39 14.87 4.09
N VAL G 63 42.03 15.50 5.07
CA VAL G 63 41.91 16.94 5.29
C VAL G 63 42.66 17.74 4.22
N LYS G 64 43.90 17.33 3.93
CA LYS G 64 44.75 18.03 2.96
C LYS G 64 44.27 17.89 1.51
N ARG G 65 43.55 16.81 1.21
CA ARG G 65 43.06 16.56 -0.15
C ARG G 65 42.01 17.57 -0.60
N CYS G 66 41.01 17.82 0.25
CA CYS G 66 39.93 18.77 -0.07
C CYS G 66 40.28 20.22 0.31
N GLY G 67 41.35 20.40 1.09
CA GLY G 67 41.76 21.74 1.54
C GLY G 67 40.89 22.25 2.67
N HIS G 68 40.60 21.37 3.64
CA HIS G 68 39.76 21.70 4.77
C HIS G 68 40.61 22.19 5.94
N ARG G 69 40.02 23.01 6.80
CA ARG G 69 40.70 23.50 8.00
C ARG G 69 40.36 22.57 9.18
N PRO G 70 41.39 21.94 9.79
CA PRO G 70 41.16 21.05 10.94
C PRO G 70 40.35 21.67 12.08
N GLU G 71 40.58 22.95 12.35
CA GLU G 71 39.89 23.65 13.45
C GLU G 71 38.40 23.94 13.18
N ASP G 72 37.98 23.87 11.92
CA ASP G 72 36.56 24.05 11.56
C ASP G 72 35.69 22.82 11.89
N LEU G 73 36.32 21.67 12.11
CA LEU G 73 35.59 20.44 12.47
C LEU G 73 34.77 20.62 13.75
N GLY G 74 33.61 19.98 13.79
CA GLY G 74 32.74 20.00 14.97
C GLY G 74 32.53 18.64 15.62
N LEU G 75 33.27 17.63 15.13
CA LEU G 75 33.14 16.27 15.65
C LEU G 75 34.32 15.41 15.22
N LEU G 76 34.76 14.51 16.10
CA LEU G 76 35.82 13.55 15.80
C LEU G 76 35.40 12.18 16.33
N LEU G 77 35.25 11.21 15.43
CA LEU G 77 34.85 9.85 15.80
C LEU G 77 35.94 8.85 15.46
N TYR G 78 36.71 8.46 16.47
CA TYR G 78 37.77 7.47 16.33
C TYR G 78 37.18 6.07 16.59
N VAL G 79 37.20 5.20 15.59
CA VAL G 79 36.65 3.85 15.73
C VAL G 79 37.78 2.81 15.71
N ASP G 80 37.58 1.70 16.40
CA ASP G 80 38.57 0.61 16.43
C ASP G 80 37.99 -0.69 17.00
N SER G 81 38.59 -1.81 16.60
CA SER G 81 38.20 -3.14 17.07
C SER G 81 39.17 -3.70 18.12
N TRP G 82 40.44 -3.27 18.07
CA TRP G 82 41.50 -3.80 18.93
C TRP G 82 42.14 -2.69 19.74
N HIS G 83 42.86 -3.07 20.81
CA HIS G 83 43.55 -2.12 21.68
C HIS G 83 44.46 -1.16 20.90
N GLN G 84 44.52 0.08 21.36
CA GLN G 84 45.23 1.15 20.66
C GLN G 84 46.54 1.52 21.37
N GLY G 85 46.43 1.90 22.64
CA GLY G 85 47.59 2.33 23.43
C GLY G 85 47.43 2.03 24.91
N PRO G 86 47.99 2.89 25.78
CA PRO G 86 47.87 2.71 27.23
C PRO G 86 46.42 2.71 27.73
N ASP G 87 46.15 1.92 28.75
CA ASP G 87 44.81 1.84 29.34
C ASP G 87 44.54 3.09 30.17
N GLY G 88 43.29 3.53 30.19
CA GLY G 88 42.91 4.80 30.82
C GLY G 88 43.31 5.99 29.96
N TRP G 89 43.44 5.76 28.66
CA TRP G 89 43.78 6.81 27.70
C TRP G 89 43.21 6.45 26.34
N GLN G 90 42.48 7.38 25.73
CA GLN G 90 41.81 7.15 24.46
C GLN G 90 42.62 7.77 23.30
N PRO G 91 42.53 7.18 22.10
CA PRO G 91 43.40 7.56 20.98
C PRO G 91 43.05 8.89 20.28
N GLN G 92 41.79 9.32 20.37
CA GLN G 92 41.35 10.55 19.67
C GLN G 92 42.07 11.82 20.14
N TYR G 93 42.61 11.81 21.35
CA TYR G 93 43.35 12.96 21.88
C TYR G 93 44.67 13.17 21.14
N TYR G 94 45.21 12.10 20.56
CA TYR G 94 46.43 12.17 19.75
C TYR G 94 46.19 12.95 18.46
N LEU G 95 45.05 12.71 17.82
CA LEU G 95 44.64 13.46 16.64
C LEU G 95 44.18 14.87 17.02
N GLN G 96 43.58 14.99 18.19
CA GLN G 96 43.16 16.30 18.73
C GLN G 96 44.37 17.19 19.01
N ARG G 97 45.48 16.56 19.41
CA ARG G 97 46.75 17.25 19.64
C ARG G 97 47.36 17.74 18.33
N HIS G 98 47.64 16.80 17.42
CA HIS G 98 48.48 17.06 16.25
C HIS G 98 47.72 17.51 14.99
N LEU G 99 46.40 17.64 15.07
CA LEU G 99 45.61 17.96 13.87
C LEU G 99 44.39 18.85 14.15
N VAL G 100 43.37 18.29 14.79
CA VAL G 100 42.06 18.92 14.86
C VAL G 100 42.05 20.16 15.75
N GLY G 101 42.41 19.99 17.02
CA GLY G 101 42.40 21.09 17.99
C GLY G 101 41.45 20.82 19.13
N GLY G 102 41.60 21.59 20.21
CA GLY G 102 40.88 21.35 21.46
C GLY G 102 39.55 22.06 21.62
N ASP G 103 38.74 22.08 20.56
CA ASP G 103 37.39 22.66 20.62
C ASP G 103 36.41 21.89 19.73
N VAL G 104 36.50 20.56 19.79
CA VAL G 104 35.60 19.67 19.05
C VAL G 104 35.14 18.54 19.96
N LEU G 105 34.08 17.86 19.55
CA LEU G 105 33.60 16.69 20.28
C LEU G 105 34.42 15.47 19.85
N ALA G 106 35.36 15.06 20.70
CA ALA G 106 36.22 13.92 20.42
C ALA G 106 35.79 12.73 21.27
N VAL G 107 35.59 11.58 20.63
CA VAL G 107 35.04 10.41 21.32
C VAL G 107 35.40 9.11 20.56
N GLU G 108 35.73 8.07 21.31
CA GLU G 108 36.10 6.78 20.75
C GLU G 108 34.86 5.90 20.58
N ILE G 109 34.65 5.41 19.36
CA ILE G 109 33.56 4.50 19.03
C ILE G 109 34.10 3.07 18.96
N GLN G 110 33.29 2.10 19.38
CA GLN G 110 33.67 0.68 19.31
C GLN G 110 32.46 -0.20 19.05
N GLN G 111 32.41 -0.80 17.85
CA GLN G 111 31.37 -1.76 17.50
C GLN G 111 31.92 -2.81 16.53
N GLY G 112 33.12 -3.31 16.81
CA GLY G 112 33.79 -4.29 15.97
C GLY G 112 34.16 -3.73 14.61
N CYS G 113 33.93 -4.51 13.56
CA CYS G 113 34.20 -4.07 12.18
C CYS G 113 33.12 -3.13 11.64
N ASN G 114 31.94 -3.12 12.29
CA ASN G 114 30.85 -2.22 11.91
C ASN G 114 30.88 -0.86 12.63
N GLY G 115 31.97 -0.57 13.34
CA GLY G 115 32.13 0.69 14.06
C GLY G 115 32.13 1.91 13.14
N MET G 116 32.61 1.74 11.91
CA MET G 116 32.61 2.81 10.93
C MET G 116 31.19 3.18 10.51
N PHE G 117 30.34 2.19 10.30
CA PHE G 117 28.94 2.40 9.93
C PHE G 117 28.17 3.17 11.02
N SER G 118 28.41 2.81 12.27
CA SER G 118 27.79 3.49 13.40
C SER G 118 28.26 4.93 13.54
N ALA G 119 29.55 5.15 13.26
CA ALA G 119 30.13 6.50 13.29
C ALA G 119 29.51 7.40 12.21
N LEU G 120 29.26 6.83 11.04
CA LEU G 120 28.60 7.55 9.94
C LEU G 120 27.16 7.97 10.30
N GLU G 121 26.46 7.14 11.08
CA GLU G 121 25.12 7.49 11.55
C GLU G 121 25.16 8.61 12.59
N LEU G 122 26.05 8.46 13.58
CA LEU G 122 26.19 9.45 14.64
C LEU G 122 26.75 10.78 14.11
N ALA G 123 27.64 10.71 13.13
CA ALA G 123 28.19 11.90 12.50
C ALA G 123 27.16 12.64 11.67
N ALA G 124 26.43 11.89 10.84
CA ALA G 124 25.38 12.46 9.99
C ALA G 124 24.28 13.13 10.82
N ALA G 125 23.93 12.53 11.96
CA ALA G 125 22.95 13.09 12.87
C ALA G 125 23.48 14.33 13.58
N HIS G 126 24.77 14.31 13.93
CA HIS G 126 25.42 15.45 14.60
C HIS G 126 25.50 16.67 13.67
N LEU G 127 25.79 16.43 12.39
CA LEU G 127 25.84 17.50 11.39
C LEU G 127 24.46 18.04 11.06
N ARG G 128 23.46 17.15 10.99
CA ARG G 128 22.09 17.54 10.71
C ARG G 128 21.49 18.38 11.84
N ALA G 129 21.76 17.96 13.08
CA ALA G 129 21.29 18.68 14.27
C ALA G 129 22.10 19.96 14.51
N GLY G 130 23.41 19.89 14.25
CA GLY G 130 24.30 21.04 14.47
C GLY G 130 24.08 22.15 13.46
N PRO G 131 24.22 23.42 13.90
CA PRO G 131 24.01 24.57 13.02
C PRO G 131 25.27 24.98 12.26
N ARG G 132 25.09 25.75 11.18
CA ARG G 132 26.20 26.28 10.37
C ARG G 132 26.87 25.18 9.54
N PRO G 133 27.72 25.58 8.57
CA PRO G 133 28.54 24.65 7.78
C PRO G 133 29.33 23.67 8.65
N GLY G 134 28.67 22.62 9.09
CA GLY G 134 29.28 21.62 9.97
C GLY G 134 30.14 20.64 9.19
N SER G 135 31.19 20.14 9.84
CA SER G 135 32.07 19.14 9.25
C SER G 135 32.57 18.19 10.32
N ALA G 136 32.55 16.89 10.02
CA ALA G 136 32.91 15.85 10.98
C ALA G 136 33.96 14.91 10.39
N LEU G 137 34.93 14.53 11.22
CA LEU G 137 36.00 13.61 10.82
C LEU G 137 35.80 12.25 11.48
N VAL G 138 35.54 11.24 10.65
CA VAL G 138 35.41 9.86 11.12
C VAL G 138 36.63 9.08 10.66
N VAL G 139 37.27 8.37 11.59
CA VAL G 139 38.51 7.64 11.30
C VAL G 139 38.56 6.28 11.99
N ALA G 140 39.23 5.33 11.32
CA ALA G 140 39.46 3.99 11.86
C ALA G 140 40.94 3.67 11.78
N ALA G 141 41.45 2.89 12.73
CA ALA G 141 42.85 2.47 12.75
C ALA G 141 43.09 1.36 13.75
N ASP G 142 43.87 0.36 13.35
CA ASP G 142 44.21 -0.77 14.21
C ASP G 142 45.57 -1.36 13.85
N ASN G 143 46.28 -1.85 14.87
CA ASN G 143 47.54 -2.58 14.67
C ASN G 143 47.45 -3.92 15.39
N PHE G 144 47.18 -4.97 14.63
CA PHE G 144 46.98 -6.31 15.19
C PHE G 144 48.29 -7.04 15.52
N GLY G 145 49.43 -6.47 15.13
CA GLY G 145 50.74 -7.02 15.50
C GLY G 145 51.01 -6.82 16.98
N THR G 146 50.43 -7.69 17.80
CA THR G 146 50.53 -7.59 19.26
C THR G 146 50.65 -8.97 19.90
N PRO G 147 50.93 -9.02 21.22
CA PRO G 147 51.07 -10.30 21.93
C PRO G 147 49.80 -11.16 21.94
N LEU G 148 48.65 -10.55 22.21
CA LEU G 148 47.38 -11.28 22.36
C LEU G 148 46.53 -11.28 21.09
N PHE G 149 47.18 -11.42 19.92
CA PHE G 149 46.47 -11.48 18.64
C PHE G 149 47.37 -12.04 17.55
N ASP G 150 46.95 -13.14 16.94
CA ASP G 150 47.65 -13.72 15.79
C ASP G 150 46.85 -13.40 14.53
N ARG G 151 47.41 -12.54 13.69
CA ARG G 151 46.71 -12.04 12.49
C ARG G 151 46.28 -13.15 11.52
N TRP G 152 47.04 -14.25 11.48
CA TRP G 152 46.83 -15.31 10.51
C TRP G 152 45.79 -16.35 10.96
N THR G 153 45.79 -16.67 12.25
CA THR G 153 44.96 -17.78 12.78
C THR G 153 43.77 -17.37 13.67
N THR G 154 43.73 -16.11 14.10
CA THR G 154 42.68 -15.65 15.02
C THR G 154 41.30 -15.69 14.36
N GLY G 155 41.14 -14.92 13.28
CA GLY G 155 39.87 -14.82 12.58
C GLY G 155 39.67 -15.95 11.58
N PRO G 156 38.49 -16.62 11.63
CA PRO G 156 38.20 -17.67 10.67
C PRO G 156 37.71 -17.11 9.34
N GLY G 157 38.40 -17.44 8.25
CA GLY G 157 38.02 -17.01 6.92
C GLY G 157 38.57 -15.64 6.52
N TYR G 158 39.49 -15.10 7.31
CA TYR G 158 40.15 -13.83 6.97
C TYR G 158 41.47 -13.65 7.71
N ILE G 159 42.37 -12.88 7.12
CA ILE G 159 43.64 -12.51 7.73
C ILE G 159 43.55 -11.06 8.18
N ALA G 160 43.91 -10.80 9.43
CA ALA G 160 43.88 -9.44 9.98
C ALA G 160 44.99 -8.60 9.36
N GLY G 161 44.69 -7.32 9.15
CA GLY G 161 45.63 -6.38 8.53
C GLY G 161 45.70 -5.06 9.28
N ASP G 162 46.86 -4.42 9.23
CA ASP G 162 47.07 -3.14 9.87
C ASP G 162 46.89 -2.00 8.87
N GLY G 163 46.54 -0.83 9.38
CA GLY G 163 46.32 0.35 8.54
C GLY G 163 45.38 1.34 9.20
N ALA G 164 44.77 2.20 8.38
CA ALA G 164 43.82 3.19 8.88
C ALA G 164 42.99 3.77 7.74
N GLY G 165 41.72 4.05 8.03
CA GLY G 165 40.81 4.69 7.07
C GLY G 165 40.30 6.00 7.60
N ALA G 166 39.89 6.89 6.71
CA ALA G 166 39.40 8.23 7.08
C ALA G 166 38.35 8.73 6.10
N VAL G 167 37.48 9.62 6.58
CA VAL G 167 36.45 10.24 5.75
C VAL G 167 35.95 11.53 6.41
N VAL G 168 35.80 12.58 5.60
CA VAL G 168 35.38 13.90 6.08
C VAL G 168 33.96 14.20 5.61
N LEU G 169 33.00 14.06 6.53
CA LEU G 169 31.60 14.40 6.24
C LEU G 169 31.39 15.91 6.37
N THR G 170 30.35 16.42 5.71
CA THR G 170 30.03 17.84 5.75
C THR G 170 28.60 18.13 5.29
N THR G 171 28.05 19.24 5.75
CA THR G 171 26.71 19.69 5.36
C THR G 171 26.73 20.39 3.99
N GLU G 172 27.83 21.10 3.72
CA GLU G 172 27.99 21.81 2.45
C GLU G 172 28.28 20.82 1.31
N PRO G 173 28.00 21.22 0.05
CA PRO G 173 28.21 20.33 -1.10
C PRO G 173 29.64 19.79 -1.22
N GLY G 174 29.75 18.55 -1.70
CA GLY G 174 31.05 17.90 -1.92
C GLY G 174 31.05 17.07 -3.19
N PHE G 175 32.07 16.23 -3.36
CA PHE G 175 32.20 15.39 -4.55
C PHE G 175 31.26 14.18 -4.49
N ALA G 176 31.04 13.66 -3.29
CA ALA G 176 30.14 12.53 -3.08
C ALA G 176 29.07 12.86 -2.05
N ARG G 177 28.09 11.99 -1.91
CA ARG G 177 26.97 12.19 -0.99
C ARG G 177 26.59 10.88 -0.29
N LEU G 178 26.44 10.96 1.04
CA LEU G 178 25.98 9.82 1.83
C LEU G 178 24.46 9.80 1.82
N LEU G 179 23.88 8.96 0.98
CA LEU G 179 22.43 8.90 0.80
C LEU G 179 21.72 8.27 1.99
N ALA G 180 22.25 7.14 2.48
CA ALA G 180 21.66 6.44 3.62
C ALA G 180 22.67 5.53 4.31
N VAL G 181 22.39 5.21 5.56
CA VAL G 181 23.21 4.28 6.34
C VAL G 181 22.40 3.73 7.52
N ARG G 182 22.36 2.40 7.63
CA ARG G 182 21.52 1.72 8.62
C ARG G 182 22.36 0.76 9.47
N SER G 183 21.73 0.20 10.51
CA SER G 183 22.38 -0.77 11.38
C SER G 183 21.36 -1.64 12.12
N LEU G 184 21.15 -2.85 11.62
CA LEU G 184 20.28 -3.83 12.27
C LEU G 184 21.14 -4.85 13.02
N ALA G 185 20.51 -5.66 13.86
CA ALA G 185 21.23 -6.63 14.68
C ALA G 185 20.39 -7.86 15.02
N VAL G 186 21.08 -8.99 15.19
CA VAL G 186 20.47 -10.21 15.70
C VAL G 186 21.14 -10.52 17.04
N PRO G 187 20.58 -9.98 18.14
CA PRO G 187 21.23 -10.09 19.44
C PRO G 187 21.20 -11.50 20.06
N GLU G 188 20.37 -12.39 19.51
CA GLU G 188 20.33 -13.78 19.98
C GLU G 188 21.64 -14.52 19.71
N ALA G 189 22.36 -14.10 18.66
CA ALA G 189 23.67 -14.66 18.32
C ALA G 189 24.82 -13.75 18.76
N GLU G 190 24.67 -13.12 19.92
CA GLU G 190 25.73 -12.27 20.50
C GLU G 190 26.87 -13.10 21.10
N GLN G 191 26.57 -14.35 21.45
CA GLN G 191 27.56 -15.25 22.03
C GLN G 191 28.42 -15.94 20.96
N MET G 192 28.18 -15.62 19.68
CA MET G 192 29.02 -16.10 18.58
C MET G 192 30.47 -15.63 18.74
N HIS G 193 30.64 -14.39 19.21
CA HIS G 193 31.96 -13.83 19.49
C HIS G 193 32.22 -13.80 21.00
N ARG G 194 31.92 -14.92 21.67
CA ARG G 194 32.09 -15.03 23.11
C ARG G 194 32.19 -16.52 23.51
N GLY G 195 31.49 -16.96 24.55
CA GLY G 195 31.60 -18.34 25.03
C GLY G 195 32.93 -18.58 25.73
N ALA G 196 33.24 -17.73 26.70
CA ALA G 196 34.50 -17.82 27.45
C ALA G 196 34.30 -17.35 28.89
N GLY G 203 33.82 -9.38 36.72
CA GLY G 203 33.74 -10.60 35.92
C GLY G 203 35.10 -11.26 35.75
N ALA G 204 35.25 -12.00 34.65
CA ALA G 204 36.49 -12.69 34.34
C ALA G 204 37.57 -11.72 33.83
N THR G 205 37.14 -10.73 33.05
CA THR G 205 38.04 -9.68 32.53
C THR G 205 38.92 -10.20 31.38
N ILE G 206 40.23 -10.08 31.52
CA ILE G 206 41.17 -10.41 30.43
C ILE G 206 42.42 -11.10 30.97
N GLY G 207 43.41 -11.31 30.10
CA GLY G 207 44.62 -12.06 30.44
C GLY G 207 44.78 -13.34 29.64
N ARG G 208 44.26 -13.34 28.41
CA ARG G 208 44.37 -14.47 27.50
C ARG G 208 44.30 -13.99 26.05
N PRO G 209 44.73 -14.84 25.09
CA PRO G 209 44.70 -14.42 23.69
C PRO G 209 43.30 -14.51 23.07
N LEU G 210 43.11 -13.83 21.94
CA LEU G 210 41.83 -13.80 21.24
C LEU G 210 41.83 -14.84 20.11
N ASN G 211 40.75 -15.61 20.03
CA ASN G 211 40.60 -16.66 19.02
C ASN G 211 39.13 -16.82 18.61
N PHE G 212 38.74 -16.12 17.55
CA PHE G 212 37.35 -16.14 17.07
C PHE G 212 36.90 -17.51 16.55
N THR G 213 37.85 -18.29 16.03
CA THR G 213 37.54 -19.62 15.50
C THR G 213 36.97 -20.55 16.57
N SER G 214 37.58 -20.55 17.75
CA SER G 214 37.12 -21.35 18.88
C SER G 214 35.81 -20.80 19.46
N ARG G 215 35.63 -19.48 19.43
CA ARG G 215 34.40 -18.85 19.91
C ARG G 215 33.21 -19.15 18.98
N ASN G 216 33.48 -19.26 17.68
CA ASN G 216 32.47 -19.72 16.72
C ASN G 216 32.14 -21.20 16.90
N ALA G 217 33.17 -22.00 17.15
CA ALA G 217 33.00 -23.43 17.39
C ALA G 217 32.27 -23.71 18.71
N ALA G 218 32.56 -22.90 19.73
CA ALA G 218 31.91 -23.02 21.03
C ALA G 218 30.44 -22.59 20.98
N PHE G 219 30.13 -21.64 20.10
CA PHE G 219 28.76 -21.16 19.92
C PHE G 219 27.84 -22.21 19.28
N ARG G 220 28.42 -23.10 18.48
CA ARG G 220 27.64 -24.15 17.81
C ARG G 220 27.10 -25.17 18.81
N GLU G 221 25.92 -24.87 19.36
CA GLU G 221 25.25 -25.75 20.33
C GLU G 221 24.19 -26.61 19.64
N LEU G 222 24.03 -27.83 20.15
CA LEU G 222 22.97 -28.73 19.68
C LEU G 222 21.58 -28.25 20.07
N SER G 223 21.47 -27.52 21.17
CA SER G 223 20.20 -27.02 21.67
C SER G 223 19.87 -25.66 21.05
N LEU G 233 22.32 -18.19 13.01
CA LEU G 233 21.07 -18.80 12.54
C LEU G 233 20.64 -18.19 11.20
N MET G 234 19.48 -18.63 10.71
CA MET G 234 18.93 -18.13 9.45
C MET G 234 18.46 -16.67 9.53
N ARG G 235 18.15 -16.21 10.74
CA ARG G 235 17.70 -14.83 10.94
C ARG G 235 18.80 -13.82 10.60
N VAL G 236 20.06 -14.23 10.79
CA VAL G 236 21.21 -13.39 10.42
C VAL G 236 21.22 -13.15 8.91
N HIS G 237 20.94 -14.20 8.14
CA HIS G 237 20.88 -14.10 6.68
C HIS G 237 19.67 -13.28 6.24
N GLN G 238 18.57 -13.39 6.97
CA GLN G 238 17.37 -12.58 6.72
C GLN G 238 17.65 -11.09 6.94
N ARG G 239 18.28 -10.76 8.07
CA ARG G 239 18.55 -9.37 8.41
C ARG G 239 19.69 -8.76 7.60
N THR G 240 20.52 -9.61 6.98
CA THR G 240 21.56 -9.15 6.06
C THR G 240 20.93 -8.53 4.81
N LEU G 241 19.86 -9.15 4.32
CA LEU G 241 19.13 -8.65 3.15
C LEU G 241 18.12 -7.58 3.54
N GLU G 242 17.61 -7.65 4.77
CA GLU G 242 16.63 -6.69 5.27
C GLU G 242 17.22 -5.28 5.40
N VAL G 243 18.42 -5.18 5.96
CA VAL G 243 19.09 -3.89 6.14
C VAL G 243 19.44 -3.23 4.81
N VAL G 244 19.77 -4.04 3.79
CA VAL G 244 20.08 -3.52 2.46
C VAL G 244 18.82 -2.98 1.79
N GLU G 245 17.72 -3.71 1.93
CA GLU G 245 16.42 -3.27 1.41
C GLU G 245 16.00 -1.93 2.02
N LYS G 246 16.22 -1.79 3.33
CA LYS G 246 15.87 -0.55 4.05
C LYS G 246 16.84 0.60 3.75
N THR G 247 18.11 0.27 3.51
CA THR G 247 19.11 1.29 3.16
C THR G 247 18.86 1.82 1.74
N LEU G 248 18.59 0.91 0.81
CA LEU G 248 18.26 1.28 -0.57
C LEU G 248 16.94 2.06 -0.64
N SER G 249 15.98 1.68 0.19
CA SER G 249 14.69 2.37 0.26
C SER G 249 14.80 3.79 0.80
N GLU G 250 15.64 3.97 1.82
CA GLU G 250 15.87 5.29 2.41
C GLU G 250 16.68 6.17 1.45
N ALA G 251 17.67 5.58 0.79
CA ALA G 251 18.51 6.29 -0.18
C ALA G 251 17.72 6.75 -1.40
N GLY G 252 16.66 6.02 -1.74
CA GLY G 252 15.81 6.34 -2.89
C GLY G 252 16.34 5.75 -4.18
N ILE G 253 16.85 4.52 -4.10
CA ILE G 253 17.39 3.81 -5.25
C ILE G 253 17.04 2.33 -5.18
N THR G 254 17.36 1.60 -6.25
CA THR G 254 17.21 0.15 -6.30
C THR G 254 18.58 -0.50 -6.41
N LEU G 255 18.61 -1.84 -6.44
CA LEU G 255 19.86 -2.58 -6.58
C LEU G 255 20.48 -2.41 -7.97
N GLY G 256 19.66 -2.06 -8.96
CA GLY G 256 20.14 -1.79 -10.31
C GLY G 256 21.02 -0.55 -10.42
N ASP G 257 20.79 0.41 -9.53
CA ASP G 257 21.58 1.65 -9.50
C ASP G 257 22.97 1.43 -8.88
N ILE G 258 23.14 0.34 -8.14
CA ILE G 258 24.43 0.02 -7.51
C ILE G 258 25.46 -0.37 -8.56
N THR G 259 26.61 0.28 -8.53
CA THR G 259 27.70 0.00 -9.47
C THR G 259 28.67 -1.00 -8.87
N ARG G 260 29.17 -0.71 -7.67
CA ARG G 260 30.11 -1.59 -6.97
C ARG G 260 29.59 -1.93 -5.58
N VAL G 261 30.20 -2.97 -4.97
CA VAL G 261 29.86 -3.41 -3.62
C VAL G 261 31.13 -3.49 -2.77
N ALA G 262 31.07 -2.96 -1.56
CA ALA G 262 32.23 -2.93 -0.66
C ALA G 262 32.01 -3.78 0.59
N TYR G 263 32.22 -5.09 0.43
CA TYR G 263 32.15 -6.03 1.55
C TYR G 263 33.55 -6.20 2.14
N MET G 264 33.62 -6.64 3.40
CA MET G 264 34.91 -6.85 4.07
C MET G 264 35.78 -7.88 3.36
N ASN G 265 37.08 -7.83 3.64
CA ASN G 265 38.08 -8.64 2.96
C ASN G 265 38.19 -10.03 3.56
N PHE G 266 37.12 -10.80 3.46
CA PHE G 266 37.07 -12.18 3.95
C PHE G 266 37.40 -13.11 2.78
N SER G 267 37.50 -14.42 3.07
CA SER G 267 37.88 -15.41 2.06
C SER G 267 36.96 -15.38 0.84
N ARG G 268 37.51 -15.74 -0.32
CA ARG G 268 36.79 -15.69 -1.60
C ARG G 268 35.45 -16.42 -1.56
N GLU G 269 35.40 -17.56 -0.89
CA GLU G 269 34.17 -18.34 -0.75
C GLU G 269 33.13 -17.63 0.11
N ILE G 270 33.58 -16.96 1.17
CA ILE G 270 32.69 -16.22 2.06
C ILE G 270 32.14 -14.96 1.39
N VAL G 271 32.98 -14.27 0.63
CA VAL G 271 32.59 -13.02 -0.03
C VAL G 271 31.56 -13.29 -1.13
N GLU G 272 31.82 -14.30 -1.96
CA GLU G 272 30.92 -14.64 -3.07
C GLU G 272 29.59 -15.22 -2.59
N GLN G 273 29.62 -16.00 -1.51
CA GLN G 273 28.43 -16.70 -1.01
C GLN G 273 27.52 -15.80 -0.18
N ARG G 274 28.07 -15.22 0.89
CA ARG G 274 27.27 -14.46 1.85
C ARG G 274 26.81 -13.09 1.35
N CYS G 275 27.60 -12.47 0.47
CA CYS G 275 27.30 -11.12 0.00
C CYS G 275 26.82 -11.08 -1.45
N MET G 276 27.69 -11.44 -2.39
CA MET G 276 27.38 -11.27 -3.82
C MET G 276 26.30 -12.23 -4.34
N ALA G 277 26.35 -13.49 -3.91
CA ALA G 277 25.31 -14.46 -4.27
C ALA G 277 23.99 -14.17 -3.55
N ALA G 278 24.08 -13.59 -2.36
CA ALA G 278 22.90 -13.20 -1.58
C ALA G 278 22.19 -11.98 -2.16
N LEU G 279 22.94 -11.12 -2.85
CA LEU G 279 22.37 -9.94 -3.52
C LEU G 279 22.01 -10.23 -4.99
N GLY G 280 22.63 -11.25 -5.56
CA GLY G 280 22.42 -11.59 -6.97
C GLY G 280 23.25 -10.72 -7.89
N LEU G 281 24.50 -10.52 -7.52
CA LEU G 281 25.44 -9.71 -8.29
C LEU G 281 26.75 -10.48 -8.50
N PRO G 282 27.48 -10.17 -9.58
CA PRO G 282 28.73 -10.90 -9.88
C PRO G 282 29.89 -10.50 -8.96
N MET G 283 30.91 -11.34 -8.92
CA MET G 283 32.11 -11.08 -8.11
C MET G 283 33.00 -9.98 -8.69
N SER G 284 32.82 -9.67 -9.96
CA SER G 284 33.54 -8.56 -10.60
C SER G 284 33.12 -7.20 -10.03
N ALA G 285 31.88 -7.11 -9.54
CA ALA G 285 31.35 -5.87 -8.96
C ALA G 285 31.78 -5.65 -7.49
N SER G 286 32.47 -6.63 -6.91
CA SER G 286 32.96 -6.51 -5.53
C SER G 286 34.34 -5.85 -5.50
N THR G 287 34.80 -5.53 -4.28
CA THR G 287 36.14 -5.01 -4.06
C THR G 287 37.00 -6.10 -3.39
N TRP G 288 37.02 -7.27 -4.01
CA TRP G 288 37.73 -8.45 -3.49
C TRP G 288 39.16 -8.52 -4.03
N GLU G 289 39.34 -8.19 -5.31
CA GLU G 289 40.67 -8.20 -5.93
C GLU G 289 41.63 -7.25 -5.23
N PHE G 290 41.16 -6.06 -4.91
CA PHE G 290 41.94 -5.06 -4.19
C PHE G 290 42.08 -5.41 -2.70
N GLY G 291 40.98 -5.80 -2.08
CA GLY G 291 40.94 -6.08 -0.65
C GLY G 291 41.68 -7.33 -0.21
N ARG G 292 41.86 -8.29 -1.13
CA ARG G 292 42.52 -9.56 -0.81
C ARG G 292 43.96 -9.38 -0.33
N LYS G 293 44.71 -8.50 -0.99
CA LYS G 293 46.11 -8.24 -0.64
C LYS G 293 46.24 -7.48 0.69
N LEU G 294 45.26 -6.65 1.00
CA LEU G 294 45.28 -5.82 2.21
C LEU G 294 44.84 -6.60 3.46
N GLY G 295 43.88 -7.51 3.30
CA GLY G 295 43.34 -8.27 4.41
C GLY G 295 42.26 -7.51 5.16
N HIS G 296 41.78 -8.08 6.25
CA HIS G 296 40.74 -7.45 7.06
C HIS G 296 41.35 -6.35 7.94
N LEU G 297 41.05 -5.10 7.59
CA LEU G 297 41.63 -3.93 8.26
C LEU G 297 40.72 -3.40 9.38
N GLY G 298 40.32 -4.30 10.28
CA GLY G 298 39.44 -3.93 11.40
C GLY G 298 38.08 -3.46 10.94
N ALA G 299 37.92 -2.14 10.87
CA ALA G 299 36.66 -1.53 10.43
C ALA G 299 36.88 -0.54 9.28
N SER G 300 37.99 -0.69 8.56
CA SER G 300 38.34 0.21 7.47
C SER G 300 38.02 -0.34 6.08
N ASP G 301 37.76 -1.65 6.00
CA ASP G 301 37.60 -2.37 4.73
C ASP G 301 36.77 -1.67 3.66
N GLN G 302 35.65 -1.08 4.06
CA GLN G 302 34.71 -0.46 3.10
C GLN G 302 35.09 0.98 2.75
N VAL G 303 35.68 1.70 3.70
CA VAL G 303 36.11 3.09 3.46
C VAL G 303 37.39 3.14 2.62
N VAL G 304 38.33 2.23 2.89
CA VAL G 304 39.53 2.11 2.05
C VAL G 304 39.16 1.63 0.63
N ALA G 305 38.12 0.81 0.54
CA ALA G 305 37.57 0.39 -0.75
C ALA G 305 36.89 1.57 -1.46
N LEU G 306 36.20 2.40 -0.70
CA LEU G 306 35.62 3.65 -1.21
C LEU G 306 36.73 4.55 -1.74
N ASP G 307 37.81 4.67 -0.97
CA ASP G 307 38.96 5.50 -1.34
C ASP G 307 39.62 5.01 -2.63
N GLU G 308 39.84 3.70 -2.72
CA GLU G 308 40.50 3.11 -3.88
C GLU G 308 39.67 3.24 -5.17
N LEU G 309 38.35 3.09 -5.04
CA LEU G 309 37.45 3.23 -6.19
C LEU G 309 37.34 4.69 -6.63
N VAL G 310 37.36 5.61 -5.66
CA VAL G 310 37.28 7.05 -5.94
C VAL G 310 38.59 7.59 -6.52
N THR G 311 39.72 7.21 -5.90
CA THR G 311 41.03 7.74 -6.27
C THR G 311 41.47 7.33 -7.68
N THR G 312 41.16 6.09 -8.08
CA THR G 312 41.58 5.56 -9.37
C THR G 312 40.65 6.01 -10.51
N GLY G 313 39.43 6.42 -10.16
CA GLY G 313 38.45 6.87 -11.15
C GLY G 313 37.56 5.76 -11.67
N GLU G 314 37.52 4.64 -10.97
CA GLU G 314 36.64 3.53 -11.33
C GLU G 314 35.18 3.84 -10.98
N LEU G 315 34.97 4.59 -9.90
CA LEU G 315 33.63 5.00 -9.48
C LEU G 315 33.41 6.48 -9.80
N GLY G 316 32.97 6.75 -11.02
CA GLY G 316 32.79 8.12 -11.51
C GLY G 316 31.44 8.73 -11.17
N PRO G 317 31.16 9.93 -11.69
CA PRO G 317 29.89 10.65 -11.47
C PRO G 317 28.65 9.83 -11.82
N GLY G 318 27.67 9.83 -10.92
CA GLY G 318 26.42 9.11 -11.13
C GLY G 318 26.38 7.70 -10.57
N ASP G 319 27.55 7.14 -10.25
CA ASP G 319 27.64 5.77 -9.74
C ASP G 319 27.29 5.70 -8.25
N HIS G 320 26.96 4.50 -7.80
CA HIS G 320 26.62 4.25 -6.39
C HIS G 320 27.45 3.09 -5.85
N LEU G 321 27.90 3.23 -4.60
CA LEU G 321 28.63 2.17 -3.91
C LEU G 321 27.78 1.61 -2.76
N LEU G 322 27.65 0.30 -2.72
CA LEU G 322 26.89 -0.37 -1.66
C LEU G 322 27.84 -0.94 -0.61
N MET G 323 28.11 -0.16 0.43
CA MET G 323 28.95 -0.60 1.53
C MET G 323 28.14 -1.49 2.46
N LEU G 324 28.71 -2.65 2.81
CA LEU G 324 28.02 -3.63 3.65
C LEU G 324 29.01 -4.25 4.65
N GLY G 325 28.51 -4.62 5.82
CA GLY G 325 29.36 -5.18 6.87
C GLY G 325 28.64 -5.99 7.93
N MET G 326 29.06 -7.24 8.10
CA MET G 326 28.60 -8.11 9.18
C MET G 326 29.67 -8.19 10.27
N GLY G 327 29.28 -7.96 11.52
CA GLY G 327 30.21 -7.97 12.64
C GLY G 327 29.62 -8.56 13.91
N PRO G 328 30.31 -8.38 15.06
CA PRO G 328 29.82 -8.81 16.38
C PRO G 328 28.45 -8.22 16.72
N GLY G 329 27.61 -9.01 17.38
CA GLY G 329 26.23 -8.61 17.69
C GLY G 329 25.23 -9.74 17.61
N VAL G 330 25.05 -10.36 16.44
CA VAL G 330 25.75 -9.98 15.20
C VAL G 330 25.10 -8.76 14.57
N THR G 331 25.89 -7.71 14.35
CA THR G 331 25.40 -6.45 13.81
C THR G 331 25.55 -6.46 12.29
N LEU G 332 24.51 -6.02 11.60
CA LEU G 332 24.46 -6.02 10.15
C LEU G 332 24.19 -4.60 9.65
N SER G 333 25.25 -3.92 9.21
CA SER G 333 25.16 -2.54 8.76
C SER G 333 25.29 -2.45 7.24
N CYS G 334 24.66 -1.44 6.67
CA CYS G 334 24.73 -1.18 5.23
C CYS G 334 24.61 0.31 4.95
N ALA G 335 25.36 0.80 3.96
CA ALA G 335 25.38 2.21 3.60
C ALA G 335 25.50 2.40 2.10
N VAL G 336 25.03 3.56 1.63
CA VAL G 336 25.07 3.89 0.20
C VAL G 336 25.76 5.25 0.01
N VAL G 337 26.73 5.28 -0.91
CA VAL G 337 27.48 6.50 -1.20
C VAL G 337 27.42 6.78 -2.71
N LYS G 338 26.84 7.93 -3.07
CA LYS G 338 26.71 8.34 -4.47
C LYS G 338 27.78 9.37 -4.81
N VAL G 339 28.49 9.13 -5.92
CA VAL G 339 29.48 10.08 -6.42
C VAL G 339 28.81 11.08 -7.35
N LEU G 340 28.86 12.36 -6.98
CA LEU G 340 28.21 13.43 -7.76
C LEU G 340 29.15 13.98 -8.81
N THR G 341 30.37 14.35 -8.39
CA THR G 341 31.40 14.86 -9.29
C THR G 341 32.70 14.07 -9.07
N PRO G 342 33.68 14.24 -9.99
CA PRO G 342 34.99 13.60 -9.76
C PRO G 342 35.70 14.18 -8.54
N ALA G 343 36.58 13.39 -7.93
CA ALA G 343 37.30 13.82 -6.74
C ALA G 343 38.24 14.99 -7.07
N PRO G 344 38.37 15.96 -6.13
CA PRO G 344 39.32 17.07 -6.35
C PRO G 344 40.81 16.70 -6.22
N TRP G 345 41.12 15.41 -6.06
CA TRP G 345 42.49 14.96 -5.82
C TRP G 345 42.83 13.71 -6.67
N SER G 346 42.19 13.60 -7.84
CA SER G 346 42.42 12.48 -8.75
C SER G 346 42.83 12.99 -10.12
N PRO H 4 12.51 22.07 18.84
CA PRO H 4 13.25 20.85 19.11
C PRO H 4 13.79 20.80 20.54
N ASP H 5 13.13 20.02 21.39
CA ASP H 5 13.52 19.87 22.80
C ASP H 5 13.89 18.41 23.09
N ILE H 6 14.82 18.22 24.03
CA ILE H 6 15.24 16.90 24.46
C ILE H 6 14.96 16.74 25.95
N PHE H 7 14.01 15.86 26.28
CA PHE H 7 13.59 15.64 27.67
C PHE H 7 14.15 14.33 28.21
N ILE H 8 14.48 14.34 29.50
CA ILE H 8 14.91 13.12 30.20
C ILE H 8 13.67 12.41 30.75
N LYS H 9 13.35 11.25 30.16
CA LYS H 9 12.18 10.46 30.55
C LYS H 9 12.33 9.92 31.96
N ALA H 10 13.48 9.30 32.23
CA ALA H 10 13.76 8.72 33.54
C ALA H 10 15.25 8.42 33.70
N THR H 11 15.64 8.05 34.93
CA THR H 11 17.02 7.67 35.23
C THR H 11 17.04 6.51 36.22
N GLY H 12 18.13 5.74 36.18
CA GLY H 12 18.31 4.58 37.07
C GLY H 12 19.77 4.28 37.32
N ARG H 13 20.04 3.48 38.35
CA ARG H 13 21.43 3.12 38.67
C ARG H 13 21.54 1.77 39.39
N PHE H 14 22.75 1.22 39.36
CA PHE H 14 23.10 0.03 40.13
C PHE H 14 24.26 0.38 41.05
N LEU H 15 24.04 0.27 42.36
CA LEU H 15 25.08 0.53 43.34
C LEU H 15 25.21 -0.65 44.31
N PRO H 16 26.35 -1.36 44.27
CA PRO H 16 26.56 -2.50 45.16
C PRO H 16 26.89 -2.07 46.59
N GLU H 17 27.16 -3.05 47.45
CA GLU H 17 27.47 -2.78 48.87
C GLU H 17 28.74 -1.94 49.00
N THR H 18 28.68 -0.92 49.86
CA THR H 18 29.79 0.01 50.03
C THR H 18 30.78 -0.46 51.09
N VAL H 19 32.05 -0.55 50.70
CA VAL H 19 33.13 -0.87 51.61
C VAL H 19 33.67 0.42 52.21
N SER H 20 33.72 0.49 53.54
CA SER H 20 34.12 1.71 54.24
C SER H 20 35.62 1.96 54.12
N VAL H 21 36.02 3.21 54.29
CA VAL H 21 37.44 3.60 54.25
C VAL H 21 38.20 3.10 55.47
N GLU H 22 37.52 3.01 56.61
CA GLU H 22 38.12 2.52 57.85
C GLU H 22 38.52 1.05 57.73
N TRP H 23 37.74 0.28 56.97
CA TRP H 23 38.07 -1.12 56.67
C TRP H 23 39.33 -1.22 55.83
N ALA H 24 39.44 -0.35 54.82
CA ALA H 24 40.58 -0.36 53.89
C ALA H 24 41.91 -0.06 54.59
N VAL H 25 41.88 0.77 55.62
CA VAL H 25 43.09 1.15 56.37
C VAL H 25 43.60 -0.01 57.23
N GLU H 26 42.67 -0.76 57.83
CA GLU H 26 43.03 -1.90 58.68
C GLU H 26 43.67 -3.04 57.90
N GLN H 27 43.19 -3.28 56.68
CA GLN H 27 43.72 -4.36 55.84
C GLN H 27 45.04 -3.97 55.16
N GLY H 28 45.29 -2.67 55.04
CA GLY H 28 46.54 -2.17 54.45
C GLY H 28 46.46 -1.88 52.96
N HIS H 29 45.26 -1.59 52.48
CA HIS H 29 45.05 -1.22 51.08
C HIS H 29 45.19 0.29 50.91
N TYR H 30 44.50 1.04 51.75
CA TYR H 30 44.47 2.50 51.69
C TYR H 30 45.23 3.08 52.89
N SER H 31 46.06 4.08 52.64
CA SER H 31 46.88 4.69 53.69
C SER H 31 46.06 5.57 54.63
N ALA H 32 46.53 5.70 55.87
CA ALA H 32 45.85 6.50 56.89
C ALA H 32 45.98 8.01 56.63
N GLU H 33 47.07 8.40 55.98
CA GLU H 33 47.31 9.81 55.64
C GLU H 33 46.31 10.30 54.60
N ASP H 34 46.08 9.51 53.56
CA ASP H 34 45.12 9.85 52.51
C ASP H 34 43.67 9.80 53.00
N ALA H 35 43.40 8.96 54.00
CA ALA H 35 42.07 8.87 54.59
C ALA H 35 41.71 10.16 55.34
N GLU H 36 42.65 10.67 56.12
CA GLU H 36 42.45 11.91 56.87
C GLU H 36 42.51 13.14 55.97
N LEU H 37 43.35 13.09 54.94
CA LEU H 37 43.55 14.22 54.03
C LEU H 37 42.35 14.41 53.09
N HIS H 38 42.00 13.36 52.36
CA HIS H 38 40.92 13.44 51.35
C HIS H 38 39.53 13.41 51.98
N GLU H 39 39.40 12.81 53.16
CA GLU H 39 38.14 12.75 53.91
C GLU H 39 37.03 12.00 53.14
N LEU H 40 37.40 10.94 52.45
CA LEU H 40 36.44 10.14 51.69
C LEU H 40 35.74 9.13 52.61
N GLY H 41 34.51 8.78 52.25
CA GLY H 41 33.70 7.85 53.05
C GLY H 41 34.06 6.40 52.79
N GLY H 42 34.03 6.01 51.53
CA GLY H 42 34.35 4.63 51.14
C GLY H 42 34.27 4.42 49.64
N ALA H 43 33.82 3.24 49.23
CA ALA H 43 33.69 2.91 47.82
C ALA H 43 32.74 1.73 47.61
N ALA H 44 31.91 1.81 46.57
CA ALA H 44 31.00 0.73 46.20
C ALA H 44 31.77 -0.38 45.50
N VAL H 45 31.66 -1.60 46.01
CA VAL H 45 32.44 -2.74 45.50
C VAL H 45 31.53 -3.89 45.10
N ALA H 46 31.65 -4.30 43.83
CA ALA H 46 30.98 -5.50 43.32
C ALA H 46 32.02 -6.61 43.24
N GLY H 47 31.66 -7.81 43.69
CA GLY H 47 32.59 -8.93 43.77
C GLY H 47 33.05 -9.43 42.41
N ASP H 48 32.25 -10.28 41.79
CA ASP H 48 32.54 -10.82 40.46
C ASP H 48 31.39 -10.58 39.49
N THR H 49 30.57 -9.57 39.77
CA THR H 49 29.44 -9.21 38.92
C THR H 49 29.95 -8.43 37.71
N PRO H 50 29.70 -8.94 36.48
CA PRO H 50 30.16 -8.22 35.28
C PRO H 50 29.52 -6.84 35.13
N ALA H 51 30.24 -5.93 34.47
CA ALA H 51 29.75 -4.57 34.25
C ALA H 51 28.53 -4.51 33.32
N PRO H 52 28.46 -5.39 32.31
CA PRO H 52 27.25 -5.47 31.48
C PRO H 52 25.99 -5.81 32.26
N ASP H 53 26.11 -6.67 33.27
CA ASP H 53 24.99 -7.01 34.16
C ASP H 53 24.57 -5.81 35.00
N MET H 54 25.54 -5.03 35.46
CA MET H 54 25.26 -3.81 36.22
C MET H 54 24.60 -2.74 35.34
N ALA H 55 25.00 -2.68 34.08
CA ALA H 55 24.39 -1.77 33.11
C ALA H 55 22.96 -2.19 32.78
N LEU H 56 22.76 -3.49 32.58
CA LEU H 56 21.43 -4.05 32.31
C LEU H 56 20.48 -3.82 33.49
N TRP H 57 21.03 -3.86 34.70
CA TRP H 57 20.25 -3.63 35.93
C TRP H 57 19.83 -2.17 36.03
N ALA H 58 20.77 -1.27 35.75
CA ALA H 58 20.51 0.17 35.76
C ALA H 58 19.61 0.60 34.60
N ALA H 59 19.76 -0.08 33.46
CA ALA H 59 18.97 0.22 32.27
C ALA H 59 17.50 -0.15 32.45
N GLN H 60 17.23 -1.34 32.98
CA GLN H 60 15.86 -1.83 33.15
C GLN H 60 15.09 -1.05 34.22
N GLN H 61 15.81 -0.50 35.21
CA GLN H 61 15.21 0.34 36.24
C GLN H 61 14.71 1.65 35.64
N ALA H 62 15.55 2.28 34.82
CA ALA H 62 15.20 3.53 34.15
C ALA H 62 14.02 3.35 33.19
N VAL H 63 13.96 2.19 32.52
CA VAL H 63 12.87 1.87 31.61
C VAL H 63 11.58 1.56 32.37
N LYS H 64 11.68 0.76 33.43
CA LYS H 64 10.52 0.35 34.23
C LYS H 64 9.91 1.49 35.05
N ARG H 65 10.73 2.49 35.39
CA ARG H 65 10.28 3.62 36.21
C ARG H 65 9.28 4.52 35.46
N CYS H 66 9.59 4.86 34.22
CA CYS H 66 8.71 5.70 33.40
C CYS H 66 7.65 4.90 32.64
N GLY H 67 7.81 3.57 32.59
CA GLY H 67 6.88 2.71 31.87
C GLY H 67 7.10 2.76 30.37
N HIS H 68 8.37 2.74 29.96
CA HIS H 68 8.75 2.82 28.56
C HIS H 68 8.90 1.42 27.97
N ARG H 69 8.77 1.32 26.66
CA ARG H 69 8.95 0.05 25.94
C ARG H 69 10.36 0.00 25.36
N PRO H 70 11.18 -0.98 25.79
CA PRO H 70 12.54 -1.14 25.27
C PRO H 70 12.64 -1.17 23.74
N GLU H 71 11.67 -1.80 23.09
CA GLU H 71 11.66 -1.90 21.62
C GLU H 71 11.38 -0.58 20.89
N ASP H 72 10.83 0.42 21.59
CA ASP H 72 10.59 1.74 21.00
C ASP H 72 11.85 2.61 20.90
N LEU H 73 12.92 2.22 21.61
CA LEU H 73 14.18 2.96 21.56
C LEU H 73 14.76 2.98 20.14
N GLY H 74 15.47 4.07 19.81
CA GLY H 74 16.13 4.22 18.52
C GLY H 74 17.64 4.36 18.62
N LEU H 75 18.19 4.22 19.83
CA LEU H 75 19.62 4.37 20.04
C LEU H 75 20.02 3.79 21.41
N LEU H 76 21.22 3.20 21.46
CA LEU H 76 21.79 2.69 22.71
C LEU H 76 23.26 3.10 22.77
N LEU H 77 23.62 3.87 23.80
CA LEU H 77 24.99 4.35 23.96
C LEU H 77 25.58 3.83 25.28
N TYR H 78 26.36 2.76 25.18
CA TYR H 78 27.05 2.18 26.32
C TYR H 78 28.40 2.87 26.49
N VAL H 79 28.60 3.54 27.62
CA VAL H 79 29.87 4.23 27.89
C VAL H 79 30.64 3.53 29.00
N ASP H 80 31.97 3.65 28.97
CA ASP H 80 32.83 3.05 30.00
C ASP H 80 34.27 3.57 29.92
N SER H 81 34.95 3.55 31.07
CA SER H 81 36.34 4.00 31.16
C SER H 81 37.36 2.86 31.26
N TRP H 82 36.88 1.62 31.43
CA TRP H 82 37.77 0.46 31.57
C TRP H 82 37.16 -0.79 30.93
N HIS H 83 37.94 -1.88 30.92
CA HIS H 83 37.52 -3.14 30.30
C HIS H 83 36.20 -3.66 30.86
N GLN H 84 35.41 -4.29 30.00
CA GLN H 84 34.08 -4.77 30.34
C GLN H 84 34.02 -6.29 30.37
N GLY H 85 34.41 -6.93 29.27
CA GLY H 85 34.39 -8.39 29.16
C GLY H 85 35.47 -8.90 28.22
N PRO H 86 35.20 -10.04 27.55
CA PRO H 86 36.14 -10.61 26.57
C PRO H 86 36.46 -9.66 25.42
N ASP H 87 37.70 -9.72 24.93
CA ASP H 87 38.14 -8.87 23.82
C ASP H 87 37.51 -9.35 22.51
N GLY H 88 37.34 -8.43 21.56
CA GLY H 88 36.63 -8.73 20.32
C GLY H 88 35.14 -8.87 20.54
N TRP H 89 34.63 -8.19 21.57
CA TRP H 89 33.21 -8.21 21.91
C TRP H 89 32.91 -7.02 22.81
N GLN H 90 31.80 -6.33 22.52
CA GLN H 90 31.43 -5.12 23.25
C GLN H 90 30.12 -5.33 24.02
N PRO H 91 29.94 -4.59 25.14
CA PRO H 91 28.90 -4.88 26.12
C PRO H 91 27.47 -4.52 25.72
N GLN H 92 27.28 -3.65 24.74
CA GLN H 92 25.93 -3.22 24.34
C GLN H 92 25.05 -4.37 23.84
N TYR H 93 25.67 -5.42 23.30
CA TYR H 93 24.94 -6.59 22.79
C TYR H 93 24.28 -7.37 23.93
N TYR H 94 24.87 -7.29 25.13
CA TYR H 94 24.31 -7.93 26.31
C TYR H 94 22.96 -7.31 26.69
N LEU H 95 22.90 -5.99 26.67
CA LEU H 95 21.64 -5.27 26.89
C LEU H 95 20.70 -5.41 25.70
N GLN H 96 21.26 -5.53 24.51
CA GLN H 96 20.48 -5.71 23.28
C GLN H 96 19.73 -7.05 23.27
N ARG H 97 20.31 -8.07 23.89
CA ARG H 97 19.67 -9.38 23.99
C ARG H 97 18.63 -9.44 25.11
N HIS H 98 18.97 -8.86 26.26
CA HIS H 98 18.16 -9.00 27.47
C HIS H 98 17.26 -7.79 27.79
N LEU H 99 17.09 -6.88 26.83
CA LEU H 99 16.27 -5.69 27.07
C LEU H 99 15.79 -4.99 25.81
N VAL H 100 16.70 -4.33 25.11
CA VAL H 100 16.33 -3.38 24.04
C VAL H 100 15.85 -4.08 22.77
N GLY H 101 16.59 -5.08 22.33
CA GLY H 101 16.27 -5.80 21.08
C GLY H 101 17.12 -5.30 19.92
N GLY H 102 17.13 -6.06 18.84
CA GLY H 102 18.00 -5.78 17.70
C GLY H 102 17.40 -4.90 16.60
N ASP H 103 16.69 -3.85 17.01
CA ASP H 103 16.14 -2.88 16.07
C ASP H 103 16.57 -1.46 16.44
N VAL H 104 17.80 -1.35 16.99
CA VAL H 104 18.35 -0.06 17.41
C VAL H 104 19.81 0.05 17.01
N LEU H 105 20.35 1.27 17.08
CA LEU H 105 21.77 1.50 16.88
C LEU H 105 22.49 1.37 18.24
N ALA H 106 23.15 0.23 18.43
CA ALA H 106 23.89 -0.04 19.66
C ALA H 106 25.38 0.14 19.40
N VAL H 107 26.03 1.00 20.18
CA VAL H 107 27.43 1.37 19.96
C VAL H 107 28.10 1.78 21.27
N GLU H 108 29.35 1.33 21.46
CA GLU H 108 30.11 1.61 22.67
C GLU H 108 30.83 2.96 22.55
N ILE H 109 30.68 3.79 23.58
CA ILE H 109 31.34 5.09 23.68
C ILE H 109 32.48 4.99 24.69
N GLN H 110 33.58 5.70 24.43
CA GLN H 110 34.72 5.74 25.35
C GLN H 110 35.40 7.11 25.34
N GLN H 111 35.31 7.82 26.45
CA GLN H 111 36.01 9.10 26.63
C GLN H 111 36.32 9.34 28.11
N GLY H 112 36.81 8.29 28.78
CA GLY H 112 37.14 8.37 30.20
C GLY H 112 35.92 8.56 31.08
N CYS H 113 36.03 9.47 32.04
CA CYS H 113 34.92 9.79 32.94
C CYS H 113 33.89 10.75 32.32
N ASN H 114 34.28 11.42 31.23
CA ASN H 114 33.39 12.33 30.51
C ASN H 114 32.65 11.66 29.34
N GLY H 115 32.70 10.33 29.27
CA GLY H 115 32.00 9.58 28.22
C GLY H 115 30.49 9.73 28.25
N MET H 116 29.94 9.94 29.44
CA MET H 116 28.51 10.16 29.62
C MET H 116 28.08 11.49 28.97
N PHE H 117 28.90 12.52 29.15
CA PHE H 117 28.60 13.85 28.57
C PHE H 117 28.61 13.81 27.05
N SER H 118 29.58 13.10 26.48
CA SER H 118 29.67 12.93 25.03
C SER H 118 28.50 12.12 24.47
N ALA H 119 28.06 11.12 25.23
CA ALA H 119 26.89 10.31 24.86
C ALA H 119 25.61 11.14 24.85
N LEU H 120 25.48 12.05 25.82
CA LEU H 120 24.34 12.97 25.87
C LEU H 120 24.28 13.91 24.66
N GLU H 121 25.46 14.32 24.16
CA GLU H 121 25.53 15.15 22.94
C GLU H 121 25.12 14.35 21.71
N LEU H 122 25.69 13.16 21.56
CA LEU H 122 25.40 12.29 20.41
C LEU H 122 23.97 11.77 20.43
N ALA H 123 23.46 11.47 21.63
CA ALA H 123 22.08 11.00 21.80
C ALA H 123 21.08 12.11 21.50
N ALA H 124 21.35 13.31 21.98
CA ALA H 124 20.49 14.47 21.73
C ALA H 124 20.42 14.78 20.24
N ALA H 125 21.58 14.83 19.59
CA ALA H 125 21.65 15.09 18.16
C ALA H 125 20.97 14.00 17.32
N HIS H 126 21.03 12.76 17.80
CA HIS H 126 20.37 11.64 17.14
C HIS H 126 18.84 11.76 17.22
N LEU H 127 18.34 12.26 18.34
CA LEU H 127 16.91 12.47 18.55
C LEU H 127 16.38 13.68 17.78
N ARG H 128 17.16 14.75 17.72
CA ARG H 128 16.77 15.96 16.98
C ARG H 128 16.63 15.71 15.48
N ALA H 129 17.50 14.84 14.93
CA ALA H 129 17.49 14.51 13.51
C ALA H 129 16.70 13.23 13.18
N GLY H 130 15.91 12.74 14.14
CA GLY H 130 15.15 11.51 13.96
C GLY H 130 13.68 11.77 13.69
N PRO H 131 12.79 10.82 14.05
CA PRO H 131 11.35 10.96 13.83
C PRO H 131 10.70 11.85 14.89
N ARG H 132 9.37 11.98 14.83
CA ARG H 132 8.63 12.80 15.79
C ARG H 132 8.67 12.22 17.21
N PRO H 133 8.26 10.95 17.38
CA PRO H 133 8.42 10.30 18.68
C PRO H 133 9.72 9.50 18.76
N GLY H 134 10.73 10.10 19.37
CA GLY H 134 12.05 9.47 19.51
C GLY H 134 12.41 9.18 20.95
N SER H 135 13.33 8.23 21.15
CA SER H 135 13.80 7.86 22.48
C SER H 135 15.14 7.13 22.41
N ALA H 136 16.06 7.50 23.30
CA ALA H 136 17.40 6.93 23.32
C ALA H 136 17.83 6.56 24.74
N LEU H 137 18.56 5.45 24.86
CA LEU H 137 19.07 4.99 26.14
C LEU H 137 20.58 5.22 26.22
N VAL H 138 21.02 5.87 27.29
CA VAL H 138 22.44 6.10 27.55
C VAL H 138 22.79 5.49 28.90
N VAL H 139 23.85 4.67 28.94
CA VAL H 139 24.22 3.94 30.14
C VAL H 139 25.74 3.90 30.37
N ALA H 140 26.12 3.86 31.64
CA ALA H 140 27.53 3.73 32.04
C ALA H 140 27.66 2.59 33.04
N ALA H 141 28.78 1.89 33.00
CA ALA H 141 29.04 0.79 33.94
C ALA H 141 30.51 0.35 33.89
N ASP H 142 31.08 0.11 35.07
CA ASP H 142 32.46 -0.36 35.19
C ASP H 142 32.68 -1.15 36.48
N ASN H 143 33.48 -2.20 36.39
CA ASN H 143 33.90 -2.98 37.54
C ASN H 143 35.42 -2.98 37.64
N PHE H 144 35.94 -2.22 38.60
CA PHE H 144 37.38 -2.04 38.77
C PHE H 144 38.05 -3.16 39.57
N GLY H 145 37.24 -4.03 40.18
CA GLY H 145 37.77 -5.18 40.93
C GLY H 145 38.35 -6.23 39.99
N THR H 146 39.61 -6.03 39.60
CA THR H 146 40.28 -6.92 38.66
C THR H 146 41.80 -6.92 38.88
N PRO H 147 42.54 -7.78 38.15
CA PRO H 147 43.99 -7.90 38.34
C PRO H 147 44.79 -6.62 38.09
N LEU H 148 44.51 -5.93 36.97
CA LEU H 148 45.31 -4.78 36.55
C LEU H 148 44.71 -3.43 36.97
N PHE H 149 44.15 -3.37 38.17
CA PHE H 149 43.58 -2.12 38.69
C PHE H 149 43.36 -2.20 40.20
N ASP H 150 44.06 -1.36 40.96
CA ASP H 150 43.85 -1.23 42.40
C ASP H 150 42.99 0.01 42.65
N ARG H 151 41.76 -0.21 43.11
CA ARG H 151 40.79 0.88 43.27
C ARG H 151 41.24 1.98 44.25
N TRP H 152 42.07 1.62 45.21
CA TRP H 152 42.46 2.53 46.29
C TRP H 152 43.67 3.40 45.93
N THR H 153 44.65 2.82 45.24
CA THR H 153 45.93 3.50 44.95
C THR H 153 46.09 4.00 43.51
N THR H 154 45.27 3.51 42.58
CA THR H 154 45.39 3.89 41.18
C THR H 154 45.12 5.38 40.97
N GLY H 155 43.95 5.83 41.42
CA GLY H 155 43.54 7.22 41.26
C GLY H 155 44.07 8.12 42.36
N PRO H 156 44.77 9.21 42.00
CA PRO H 156 45.21 10.18 43.00
C PRO H 156 44.10 11.20 43.32
N GLY H 157 43.69 11.24 44.58
CA GLY H 157 42.63 12.14 45.02
C GLY H 157 41.22 11.58 44.89
N TYR H 158 41.11 10.29 44.57
CA TYR H 158 39.82 9.62 44.50
C TYR H 158 39.96 8.10 44.60
N ILE H 159 38.91 7.45 45.08
CA ILE H 159 38.86 5.99 45.17
C ILE H 159 37.87 5.49 44.11
N ALA H 160 38.32 4.54 43.29
CA ALA H 160 37.48 3.97 42.24
C ALA H 160 36.37 3.13 42.84
N GLY H 161 35.18 3.20 42.24
CA GLY H 161 34.01 2.46 42.72
C GLY H 161 33.29 1.76 41.59
N ASP H 162 32.66 0.63 41.92
CA ASP H 162 31.89 -0.15 40.96
C ASP H 162 30.43 0.26 41.00
N GLY H 163 29.75 0.12 39.86
CA GLY H 163 28.34 0.47 39.75
C GLY H 163 27.93 0.73 38.32
N ALA H 164 26.80 1.42 38.15
CA ALA H 164 26.30 1.76 36.83
C ALA H 164 25.28 2.89 36.91
N GLY H 165 25.24 3.73 35.86
CA GLY H 165 24.28 4.83 35.77
C GLY H 165 23.53 4.78 34.45
N ALA H 166 22.25 5.15 34.47
CA ALA H 166 21.40 5.09 33.29
C ALA H 166 20.54 6.33 33.15
N VAL H 167 20.11 6.62 31.93
CA VAL H 167 19.23 7.75 31.64
C VAL H 167 18.52 7.55 30.30
N VAL H 168 17.23 7.87 30.25
CA VAL H 168 16.41 7.69 29.05
C VAL H 168 16.00 9.04 28.47
N LEU H 169 16.68 9.45 27.40
CA LEU H 169 16.35 10.68 26.69
C LEU H 169 15.16 10.45 25.75
N THR H 170 14.46 11.52 25.40
CA THR H 170 13.30 11.44 24.51
C THR H 170 12.90 12.79 23.94
N THR H 171 12.26 12.76 22.77
CA THR H 171 11.76 13.97 22.12
C THR H 171 10.45 14.46 22.76
N GLU H 172 9.62 13.51 23.20
CA GLU H 172 8.34 13.83 23.83
C GLU H 172 8.56 14.38 25.24
N PRO H 173 7.58 15.15 25.78
CA PRO H 173 7.71 15.75 27.11
C PRO H 173 7.99 14.73 28.23
N GLY H 174 8.79 15.15 29.20
CA GLY H 174 9.14 14.31 30.35
C GLY H 174 9.14 15.13 31.64
N PHE H 175 9.69 14.53 32.70
CA PHE H 175 9.75 15.20 34.01
C PHE H 175 10.86 16.25 34.06
N ALA H 176 11.97 15.99 33.34
CA ALA H 176 13.10 16.90 33.28
C ALA H 176 13.44 17.24 31.84
N ARG H 177 14.33 18.22 31.66
CA ARG H 177 14.73 18.69 30.33
C ARG H 177 16.22 18.96 30.26
N LEU H 178 16.88 18.39 29.26
CA LEU H 178 18.30 18.64 29.01
C LEU H 178 18.43 19.94 28.21
N LEU H 179 18.74 21.03 28.91
CA LEU H 179 18.83 22.35 28.30
C LEU H 179 20.05 22.50 27.39
N ALA H 180 21.21 22.06 27.88
CA ALA H 180 22.45 22.17 27.12
C ALA H 180 23.51 21.18 27.62
N VAL H 181 24.48 20.89 26.76
CA VAL H 181 25.61 20.04 27.11
C VAL H 181 26.78 20.29 26.13
N ARG H 182 27.96 20.54 26.68
CA ARG H 182 29.14 20.93 25.90
C ARG H 182 30.32 20.02 26.21
N SER H 183 31.40 20.19 25.45
CA SER H 183 32.63 19.41 25.66
C SER H 183 33.84 20.09 25.02
N LEU H 184 34.61 20.81 25.85
CA LEU H 184 35.87 21.44 25.43
C LEU H 184 37.04 20.55 25.84
N ALA H 185 38.25 20.92 25.40
CA ALA H 185 39.43 20.11 25.69
C ALA H 185 40.73 20.93 25.70
N VAL H 186 41.74 20.37 26.35
CA VAL H 186 43.10 20.93 26.34
C VAL H 186 44.05 19.82 25.90
N PRO H 187 44.22 19.63 24.58
CA PRO H 187 45.01 18.52 24.04
C PRO H 187 46.53 18.66 24.22
N GLU H 188 46.99 19.82 24.71
CA GLU H 188 48.41 20.00 25.03
C GLU H 188 48.79 19.18 26.27
N ALA H 189 47.82 18.95 27.16
CA ALA H 189 48.02 18.14 28.36
C ALA H 189 47.42 16.74 28.21
N GLU H 190 47.55 16.15 27.02
CA GLU H 190 47.06 14.80 26.75
C GLU H 190 48.00 13.72 27.32
N GLN H 191 49.23 14.10 27.62
CA GLN H 191 50.19 13.20 28.28
C GLN H 191 50.02 13.13 29.80
N MET H 192 49.00 13.79 30.33
CA MET H 192 48.69 13.70 31.76
C MET H 192 48.24 12.29 32.17
N HIS H 193 47.61 11.57 31.24
CA HIS H 193 47.11 10.22 31.49
C HIS H 193 47.86 9.14 30.71
N ARG H 194 49.11 9.43 30.33
CA ARG H 194 49.99 8.44 29.70
C ARG H 194 51.47 8.83 29.85
N GLY H 195 52.35 7.94 29.39
CA GLY H 195 53.80 8.20 29.46
C GLY H 195 54.61 6.92 29.39
N GLY H 203 52.09 4.53 23.63
CA GLY H 203 53.02 3.41 23.56
C GLY H 203 52.63 2.38 22.51
N ALA H 204 53.62 1.69 21.97
CA ALA H 204 53.39 0.67 20.94
C ALA H 204 52.85 -0.62 21.55
N THR H 205 53.45 -1.06 22.65
CA THR H 205 53.05 -2.28 23.33
C THR H 205 51.75 -2.10 24.11
N ILE H 206 50.92 -3.14 24.13
CA ILE H 206 49.64 -3.13 24.83
C ILE H 206 49.68 -4.10 26.02
N GLY H 207 49.07 -3.69 27.12
CA GLY H 207 48.96 -4.54 28.32
C GLY H 207 49.92 -4.11 29.42
N ARG H 208 49.38 -3.48 30.46
CA ARG H 208 50.18 -3.03 31.60
C ARG H 208 49.28 -2.62 32.77
N PRO H 209 49.84 -2.59 34.00
CA PRO H 209 49.06 -2.15 35.17
C PRO H 209 48.78 -0.66 35.15
N LEU H 210 47.58 -0.27 35.57
CA LEU H 210 47.13 1.12 35.47
C LEU H 210 47.36 1.85 36.80
N ASN H 211 48.03 3.00 36.73
CA ASN H 211 48.32 3.82 37.91
C ASN H 211 48.44 5.29 37.52
N PHE H 212 47.36 6.04 37.70
CA PHE H 212 47.31 7.46 37.28
C PHE H 212 48.23 8.38 38.09
N THR H 213 48.61 7.97 39.29
CA THR H 213 49.51 8.76 40.13
C THR H 213 50.90 8.88 39.49
N SER H 214 51.44 7.75 39.04
CA SER H 214 52.73 7.71 38.35
C SER H 214 52.64 8.33 36.95
N ARG H 215 51.47 8.21 36.33
CA ARG H 215 51.20 8.83 35.03
C ARG H 215 51.26 10.35 35.13
N ASN H 216 50.58 10.90 36.14
CA ASN H 216 50.55 12.34 36.38
C ASN H 216 51.91 12.85 36.82
N ALA H 217 52.56 12.12 37.73
CA ALA H 217 53.89 12.49 38.24
C ALA H 217 54.94 12.57 37.13
N ALA H 218 54.84 11.68 36.15
CA ALA H 218 55.73 11.70 34.99
C ALA H 218 55.50 12.92 34.11
N PHE H 219 54.23 13.29 33.94
CA PHE H 219 53.85 14.43 33.10
C PHE H 219 54.36 15.78 33.62
N ARG H 220 54.59 15.88 34.93
CA ARG H 220 55.06 17.12 35.55
C ARG H 220 56.52 17.45 35.18
N GLU H 221 57.28 16.46 34.73
CA GLU H 221 58.72 16.60 34.53
C GLU H 221 59.14 17.04 33.13
N LEU H 222 58.30 16.79 32.12
CA LEU H 222 58.68 17.05 30.73
C LEU H 222 58.78 18.55 30.44
N SER H 223 60.00 18.99 30.10
CA SER H 223 60.27 20.38 29.73
C SER H 223 59.84 21.36 30.81
N LEU H 233 48.49 23.66 33.22
CA LEU H 233 47.39 23.43 34.13
C LEU H 233 46.43 24.62 34.21
N MET H 234 46.94 25.83 33.94
CA MET H 234 46.12 27.04 33.99
C MET H 234 45.14 27.10 32.83
N ARG H 235 45.54 26.57 31.67
CA ARG H 235 44.65 26.45 30.52
C ARG H 235 43.46 25.57 30.86
N VAL H 236 43.71 24.48 31.60
CA VAL H 236 42.67 23.56 32.04
C VAL H 236 41.68 24.30 32.96
N HIS H 237 42.21 25.09 33.89
CA HIS H 237 41.38 25.92 34.77
C HIS H 237 40.58 26.97 34.01
N GLN H 238 41.19 27.55 32.98
CA GLN H 238 40.51 28.53 32.12
C GLN H 238 39.34 27.89 31.36
N ARG H 239 39.60 26.73 30.75
CA ARG H 239 38.58 26.04 29.96
C ARG H 239 37.54 25.31 30.82
N THR H 240 37.83 25.14 32.11
CA THR H 240 36.85 24.62 33.06
C THR H 240 35.72 25.63 33.28
N LEU H 241 36.09 26.91 33.40
CA LEU H 241 35.13 27.99 33.56
C LEU H 241 34.51 28.41 32.21
N GLU H 242 35.26 28.21 31.13
CA GLU H 242 34.80 28.57 29.78
C GLU H 242 33.64 27.68 29.33
N VAL H 243 33.78 26.37 29.52
CA VAL H 243 32.74 25.41 29.10
C VAL H 243 31.44 25.60 29.88
N VAL H 244 31.53 26.03 31.15
CA VAL H 244 30.36 26.29 31.96
C VAL H 244 29.66 27.57 31.49
N GLU H 245 30.45 28.59 31.16
CA GLU H 245 29.92 29.83 30.60
C GLU H 245 29.18 29.56 29.28
N LYS H 246 29.74 28.67 28.46
CA LYS H 246 29.13 28.29 27.19
C LYS H 246 27.85 27.47 27.38
N THR H 247 27.87 26.56 28.35
CA THR H 247 26.71 25.69 28.62
C THR H 247 25.55 26.51 29.21
N LEU H 248 25.86 27.39 30.15
CA LEU H 248 24.85 28.26 30.76
C LEU H 248 24.27 29.25 29.74
N SER H 249 25.11 29.71 28.81
CA SER H 249 24.67 30.62 27.75
C SER H 249 23.75 29.93 26.75
N GLU H 250 24.08 28.69 26.38
CA GLU H 250 23.24 27.90 25.47
C GLU H 250 21.93 27.49 26.14
N ALA H 251 22.01 27.11 27.41
CA ALA H 251 20.82 26.72 28.18
C ALA H 251 19.86 27.90 28.39
N GLY H 252 20.40 29.10 28.43
CA GLY H 252 19.60 30.32 28.61
C GLY H 252 19.35 30.63 30.07
N ILE H 253 20.39 30.45 30.89
CA ILE H 253 20.31 30.71 32.34
C ILE H 253 21.61 31.30 32.85
N THR H 254 21.58 31.74 34.11
CA THR H 254 22.78 32.22 34.81
C THR H 254 23.15 31.24 35.91
N LEU H 255 24.26 31.50 36.59
CA LEU H 255 24.72 30.65 37.69
C LEU H 255 23.80 30.74 38.92
N GLY H 256 23.08 31.86 39.04
CA GLY H 256 22.09 32.03 40.11
C GLY H 256 20.93 31.07 40.03
N ASP H 257 20.59 30.64 38.81
CA ASP H 257 19.51 29.67 38.59
C ASP H 257 19.90 28.25 39.00
N ILE H 258 21.20 27.98 39.09
CA ILE H 258 21.71 26.65 39.47
C ILE H 258 21.41 26.38 40.95
N THR H 259 20.76 25.24 41.21
CA THR H 259 20.40 24.84 42.56
C THR H 259 21.49 23.95 43.17
N ARG H 260 21.82 22.87 42.45
CA ARG H 260 22.85 21.93 42.88
C ARG H 260 23.94 21.78 41.81
N VAL H 261 25.07 21.23 42.21
CA VAL H 261 26.21 21.00 41.30
C VAL H 261 26.66 19.54 41.43
N ALA H 262 26.79 18.86 40.28
CA ALA H 262 27.22 17.46 40.24
C ALA H 262 28.63 17.33 39.68
N TYR H 263 29.62 17.30 40.58
CA TYR H 263 31.01 17.10 40.23
C TYR H 263 31.39 15.66 40.57
N MET H 264 32.52 15.18 40.04
CA MET H 264 32.99 13.82 40.32
C MET H 264 33.30 13.63 41.80
N ASN H 265 33.34 12.37 42.23
CA ASN H 265 33.57 12.04 43.63
C ASN H 265 35.06 11.98 43.95
N PHE H 266 35.71 13.15 43.85
CA PHE H 266 37.13 13.30 44.16
C PHE H 266 37.25 13.79 45.61
N SER H 267 38.48 13.94 46.09
CA SER H 267 38.72 14.38 47.47
C SER H 267 38.12 15.76 47.74
N ARG H 268 37.71 15.98 49.00
CA ARG H 268 37.10 17.25 49.42
C ARG H 268 37.88 18.46 48.95
N GLU H 269 39.20 18.42 49.09
CA GLU H 269 40.08 19.51 48.68
C GLU H 269 39.92 19.85 47.20
N ILE H 270 39.77 18.83 46.36
CA ILE H 270 39.60 19.02 44.91
C ILE H 270 38.18 19.49 44.57
N VAL H 271 37.18 18.90 45.22
CA VAL H 271 35.78 19.24 44.95
C VAL H 271 35.44 20.65 45.45
N GLU H 272 35.96 21.01 46.62
CA GLU H 272 35.72 22.33 47.19
C GLU H 272 36.50 23.44 46.48
N GLN H 273 37.72 23.13 46.04
CA GLN H 273 38.60 24.12 45.42
C GLN H 273 38.39 24.23 43.91
N ARG H 274 38.56 23.12 43.21
CA ARG H 274 38.54 23.11 41.75
C ARG H 274 37.16 23.38 41.14
N CYS H 275 36.11 22.94 41.84
CA CYS H 275 34.73 23.08 41.33
C CYS H 275 33.93 24.12 42.12
N MET H 276 33.85 23.94 43.44
CA MET H 276 33.01 24.79 44.29
C MET H 276 33.52 26.23 44.38
N ALA H 277 34.80 26.37 44.75
CA ALA H 277 35.41 27.70 44.92
C ALA H 277 35.69 28.39 43.58
N ALA H 278 35.84 27.61 42.52
CA ALA H 278 36.06 28.16 41.18
C ALA H 278 34.81 28.88 40.66
N LEU H 279 33.65 28.24 40.83
CA LEU H 279 32.37 28.80 40.41
C LEU H 279 31.86 29.87 41.39
N GLY H 280 32.33 29.82 42.63
CA GLY H 280 31.89 30.76 43.66
C GLY H 280 30.60 30.31 44.32
N LEU H 281 30.54 29.02 44.66
CA LEU H 281 29.36 28.42 45.30
C LEU H 281 29.80 27.61 46.51
N PRO H 282 28.90 27.44 47.50
CA PRO H 282 29.26 26.71 48.71
C PRO H 282 29.33 25.19 48.50
N MET H 283 29.97 24.49 49.43
CA MET H 283 30.11 23.03 49.36
C MET H 283 28.82 22.30 49.71
N SER H 284 27.87 23.00 50.34
CA SER H 284 26.54 22.45 50.61
C SER H 284 25.76 22.21 49.31
N ALA H 285 26.03 23.03 48.29
CA ALA H 285 25.35 22.92 47.00
C ALA H 285 25.88 21.76 46.13
N SER H 286 27.06 21.23 46.48
CA SER H 286 27.64 20.12 45.74
C SER H 286 27.06 18.78 46.19
N THR H 287 27.24 17.75 45.37
CA THR H 287 26.82 16.39 45.70
C THR H 287 28.02 15.60 46.24
N TRP H 288 28.60 16.11 47.33
CA TRP H 288 29.81 15.54 47.93
C TRP H 288 29.48 14.56 49.06
N GLU H 289 28.51 14.92 49.89
CA GLU H 289 28.11 14.07 51.03
C GLU H 289 27.57 12.71 50.59
N PHE H 290 26.90 12.68 49.45
CA PHE H 290 26.38 11.44 48.87
C PHE H 290 27.46 10.71 48.07
N GLY H 291 28.21 11.47 47.27
CA GLY H 291 29.22 10.90 46.38
C GLY H 291 30.44 10.30 47.06
N ARG H 292 30.84 10.89 48.18
CA ARG H 292 32.02 10.42 48.93
C ARG H 292 31.92 8.97 49.38
N LYS H 293 30.71 8.52 49.70
CA LYS H 293 30.47 7.14 50.13
C LYS H 293 30.63 6.14 48.98
N LEU H 294 30.19 6.55 47.79
CA LEU H 294 30.19 5.69 46.59
C LEU H 294 31.55 5.65 45.89
N GLY H 295 32.28 6.77 45.93
CA GLY H 295 33.57 6.87 45.25
C GLY H 295 33.40 7.21 43.78
N HIS H 296 34.51 7.25 43.05
CA HIS H 296 34.49 7.58 41.62
C HIS H 296 33.99 6.39 40.81
N LEU H 297 32.77 6.51 40.29
CA LEU H 297 32.11 5.43 39.55
C LEU H 297 32.35 5.53 38.05
N GLY H 298 33.62 5.60 37.66
CA GLY H 298 34.00 5.71 36.24
C GLY H 298 33.45 6.96 35.59
N ALA H 299 32.31 6.82 34.91
CA ALA H 299 31.64 7.93 34.24
C ALA H 299 30.18 8.01 34.65
N SER H 300 29.89 7.63 35.90
CA SER H 300 28.52 7.58 36.41
C SER H 300 28.29 8.53 37.59
N ASP H 301 29.28 9.38 37.89
CA ASP H 301 29.23 10.23 39.09
C ASP H 301 28.14 11.29 39.04
N GLN H 302 27.91 11.85 37.85
CA GLN H 302 26.98 12.98 37.69
C GLN H 302 25.54 12.50 37.51
N VAL H 303 25.35 11.38 36.81
CA VAL H 303 24.02 10.83 36.57
C VAL H 303 23.46 10.15 37.82
N VAL H 304 24.31 9.46 38.59
CA VAL H 304 23.88 8.86 39.85
C VAL H 304 23.58 9.94 40.89
N ALA H 305 24.29 11.07 40.80
CA ALA H 305 24.03 12.22 41.65
C ALA H 305 22.69 12.86 41.25
N LEU H 306 22.45 12.96 39.95
CA LEU H 306 21.17 13.44 39.43
C LEU H 306 20.03 12.52 39.84
N ASP H 307 20.29 11.20 39.81
CA ASP H 307 19.31 10.21 40.22
C ASP H 307 18.95 10.36 41.70
N GLU H 308 19.96 10.52 42.54
CA GLU H 308 19.76 10.67 43.99
C GLU H 308 19.04 11.96 44.35
N LEU H 309 19.35 13.05 43.63
CA LEU H 309 18.68 14.33 43.85
C LEU H 309 17.24 14.30 43.37
N VAL H 310 16.98 13.60 42.27
CA VAL H 310 15.64 13.48 41.70
C VAL H 310 14.77 12.52 42.53
N THR H 311 15.32 11.37 42.90
CA THR H 311 14.54 10.33 43.58
C THR H 311 14.09 10.72 45.00
N THR H 312 14.95 11.43 45.72
CA THR H 312 14.66 11.82 47.11
C THR H 312 13.74 13.04 47.19
N GLY H 313 13.72 13.85 46.14
CA GLY H 313 12.90 15.06 46.09
C GLY H 313 13.62 16.32 46.53
N GLU H 314 14.95 16.26 46.56
CA GLU H 314 15.77 17.44 46.89
C GLU H 314 15.80 18.42 45.72
N LEU H 315 15.74 17.91 44.50
CA LEU H 315 15.72 18.73 43.29
C LEU H 315 14.32 18.73 42.68
N GLY H 316 13.48 19.66 43.16
CA GLY H 316 12.07 19.74 42.74
C GLY H 316 11.86 20.55 41.48
N PRO H 317 10.58 20.77 41.10
CA PRO H 317 10.20 21.56 39.93
C PRO H 317 10.80 22.97 39.92
N GLY H 318 11.37 23.37 38.78
CA GLY H 318 11.95 24.70 38.62
C GLY H 318 13.44 24.78 38.89
N ASP H 319 14.00 23.76 39.55
CA ASP H 319 15.41 23.75 39.91
C ASP H 319 16.28 23.35 38.73
N HIS H 320 17.57 23.66 38.83
CA HIS H 320 18.55 23.33 37.79
C HIS H 320 19.74 22.60 38.39
N LEU H 321 20.29 21.65 37.64
CA LEU H 321 21.46 20.89 38.08
C LEU H 321 22.63 21.14 37.12
N LEU H 322 23.73 21.65 37.65
CA LEU H 322 24.92 21.92 36.86
C LEU H 322 25.88 20.74 36.94
N MET H 323 25.75 19.81 35.99
CA MET H 323 26.66 18.66 35.88
C MET H 323 27.97 19.12 35.25
N LEU H 324 29.08 18.74 35.86
CA LEU H 324 30.41 19.15 35.39
C LEU H 324 31.37 17.97 35.42
N GLY H 325 32.38 17.99 34.55
CA GLY H 325 33.34 16.90 34.45
C GLY H 325 34.71 17.31 33.96
N MET H 326 35.73 16.53 34.36
CA MET H 326 37.10 16.70 33.88
C MET H 326 37.75 15.33 33.76
N GLY H 327 38.08 14.93 32.53
CA GLY H 327 38.67 13.63 32.26
C GLY H 327 39.90 13.69 31.38
N PRO H 328 40.37 12.53 30.89
CA PRO H 328 41.50 12.44 29.96
C PRO H 328 41.33 13.30 28.71
N GLY H 329 42.42 13.88 28.22
CA GLY H 329 42.38 14.83 27.10
C GLY H 329 43.37 15.98 27.23
N VAL H 330 43.23 16.81 28.28
CA VAL H 330 42.15 16.69 29.26
C VAL H 330 40.86 17.29 28.72
N THR H 331 39.79 16.51 28.76
CA THR H 331 38.49 16.94 28.24
C THR H 331 37.62 17.49 29.37
N LEU H 332 37.00 18.63 29.10
CA LEU H 332 36.19 19.34 30.08
C LEU H 332 34.75 19.45 29.58
N SER H 333 33.84 18.74 30.25
CA SER H 333 32.44 18.71 29.84
C SER H 333 31.55 19.31 30.92
N CYS H 334 30.45 19.92 30.48
CA CYS H 334 29.46 20.51 31.39
C CYS H 334 28.07 20.41 30.77
N ALA H 335 27.08 20.15 31.63
CA ALA H 335 25.70 19.99 31.17
C ALA H 335 24.72 20.57 32.19
N VAL H 336 23.56 21.00 31.70
CA VAL H 336 22.52 21.58 32.54
C VAL H 336 21.22 20.79 32.37
N VAL H 337 20.61 20.42 33.50
CA VAL H 337 19.35 19.67 33.50
C VAL H 337 18.33 20.38 34.39
N LYS H 338 17.21 20.76 33.78
CA LYS H 338 16.12 21.45 34.49
C LYS H 338 15.00 20.46 34.80
N VAL H 339 14.56 20.43 36.06
CA VAL H 339 13.44 19.61 36.48
C VAL H 339 12.14 20.39 36.29
N LEU H 340 11.26 19.89 35.44
CA LEU H 340 10.00 20.56 35.12
C LEU H 340 8.89 20.15 36.07
N THR H 341 8.73 18.83 36.26
CA THR H 341 7.73 18.28 37.17
C THR H 341 8.40 17.27 38.10
N PRO H 342 7.69 16.83 39.16
CA PRO H 342 8.24 15.77 40.01
C PRO H 342 8.35 14.44 39.27
N ALA H 343 9.29 13.59 39.69
CA ALA H 343 9.51 12.31 39.04
C ALA H 343 8.29 11.40 39.18
N PRO H 344 7.96 10.62 38.14
CA PRO H 344 6.85 9.65 38.24
C PRO H 344 7.09 8.45 39.15
N TRP H 345 8.24 8.40 39.83
CA TRP H 345 8.65 7.24 40.61
C TRP H 345 9.26 7.66 41.96
N SER H 346 8.76 8.76 42.51
CA SER H 346 9.23 9.28 43.80
C SER H 346 8.06 9.44 44.77
#